data_7RQ6
#
_entry.id   7RQ6
#
_cell.length_a   1.00
_cell.length_b   1.00
_cell.length_c   1.00
_cell.angle_alpha   90.00
_cell.angle_beta   90.00
_cell.angle_gamma   90.00
#
_symmetry.space_group_name_H-M   'P 1'
#
loop_
_entity.id
_entity.type
_entity.pdbx_description
1 polymer 'Spike glycoprotein'
2 polymer 'CV3-13 Fab heavy chain'
3 polymer 'CV3-13 Fab light chain'
4 branched 2-acetamido-2-deoxy-beta-D-glucopyranose-(1-4)-2-acetamido-2-deoxy-beta-D-glucopyranose
5 non-polymer 2-acetamido-2-deoxy-beta-D-glucopyranose
#
loop_
_entity_poly.entity_id
_entity_poly.type
_entity_poly.pdbx_seq_one_letter_code
_entity_poly.pdbx_strand_id
1 'polypeptide(L)'
;MFVFLVLLPLVSSQCVNLTTRTQLPPAYTNSFTRGVYYPDKVFRSSVLHSTQDLFLPFFSNVTWFHAIHVSGTNGTKRFD
NPVLPFNDGVYFASTEKSNIIRGWIFGTTLDSKTQSLLIVNNATNVVIKVCEFQFCNDPFLGVYYHKNNKSWMESEFRVY
SSANNCTFEYVSQPFLMDLEGKQGNFKNLREFVFKNIDGYFKIYSKHTPINLVRDLPQGFSALEPLVDLPIGINITRFQT
LLALHRSYLTPGDSSSGWTAGAAAYYVGYLQPRTFLLKYNENGTITDAVDCALDPLSETKCTLKSFTVEKGIYQTSNFRV
QPTESIVRFPNITNLCPFGEVFNATRFASVYAWNRKRISNCVADYSVLYNSASFSTFKCYGVSPTKLNDLCFTNVYADSF
VIRGDEVRQIAPGQTGKIADYNYKLPDDFTGCVIAWNSNNLDSKVGGNYNYLYRLFRKSNLKPFERDISTEIYQAGSTPC
NGVEGFNCYFPLQSYGFQPTNGVGYQPYRVVVLSFELLHAPATVCGPKKSTNLVKNKCVNFNFNGLTGTGVLTESNKKFL
PFQQFGRDIADTTDAVRDPQTLEILDITPCSFGGVSVITPGTNTSNQVAVLYQDVNCTEVPVAIHADQLTPTWRVYSTGS
NVFQTRAGCLIGAEHVNNSYECDIPIGAGICASYQTQTNSPGSASSVASQSIIAYTMSLGAENSVAYSNNSIAIPTNFTI
SVTTEILPVSMTKTSVDCTMYICGDSTECSNLLLQYGSFCTQLNRALTGIAVEQDKNTQEVFAQVKQIYKTPPIKDFGGF
NFSQILPDPSKPSKRSPIEDLLFNKVTLADAGFIKQYGDCLGDIAARDLICAQKFNGLTVLPPLLTDEMIAQYTSALLAG
TITSGWTFGAGPALQIPFPMQMAYRFNGIGVTQNVLYENQKLIANQFNSAIGKIQDSLSSTPSALGKLQDVVNQNAQALN
TLVKQLSSNFGAISSVLNDILSRLDPPEAEVQIDRLITGRLQSLQTYVTQQLIRAAEIRASANLAATKMSECVLGQSKRV
DFCGKGYHLMSFPQSAPHGVVFLHVTYVPAQEKNFTTAPAICHDGKAHFPREGVFVSNGTHWFVTQRNFYEPQIITTDNT
FVSGNCDVVIGIVNNTVYDPLQPELDSFKEELDKYFKNHTSPDVDLGDISGINASVVNIQKEIDRLNEVAKNLNESLIDL
QELGKYEQGSGYIPEAPRDGQAYVRKDGEWVLLSTFLGRSLEVLFQ
;
A,B,C
2 'polypeptide(L)'
;QVQLQQSGPGLVKPSQTLSLTCTVAGGSISSGTYYWSWIRQPAGKGLEWIGRIYTSGSANYNPSLKSRVTISVDTSKNQF
SLRLSSVTAEDTAVYYCAREYSSSYYYFYYMDVWGKGTTVTVSSASTKGPSVFPLAPSSKSTSGGTAALGCLVKDYFPEP
VTVSWNSGALTSGVHTFPAVLQSSGLYSLSSVVTVPSSSLGTQTYICNVNHKPSNTKVDKKVEPK
;
H,D,J
3 'polypeptide(L)'
;AIRMTQSPSSLSASVGDRVTITCQASQDISNYLNWYQQKPGKAPKLLIYVASNLETGVPSRFSGSGFGTDFTFTISSLQP
EDIATYYCQQFDNLPYTFGQGTKLEIKRTVAAPSVFIFPPSDEQLKSGTASVVCLLNNFYPREAKVQWKVDNALQSGNSQ
ESVTEQDSKDSTYSLSSTLTLSKADYEKHKVYACEVTHQGLSSPVTKSFNRG
;
L,E,K
#
# COMPACT_ATOMS: atom_id res chain seq x y z
N CYS A 15 43.36 -43.66 -34.12
CA CYS A 15 42.56 -42.47 -33.83
C CYS A 15 43.45 -41.28 -33.50
N VAL A 16 43.02 -40.49 -32.50
CA VAL A 16 43.55 -39.16 -32.22
C VAL A 16 44.01 -38.47 -33.50
N ASN A 17 45.31 -38.49 -33.78
CA ASN A 17 45.83 -37.96 -35.03
C ASN A 17 47.24 -38.53 -35.24
N LEU A 18 47.69 -38.46 -36.48
CA LEU A 18 49.06 -38.82 -36.84
C LEU A 18 49.99 -37.61 -36.80
N THR A 19 49.67 -36.61 -35.95
CA THR A 19 50.34 -35.32 -35.85
C THR A 19 50.73 -34.77 -37.21
N THR A 20 49.87 -34.97 -38.21
CA THR A 20 50.09 -34.47 -39.56
C THR A 20 49.55 -33.04 -39.69
N ARG A 21 50.10 -32.15 -38.87
CA ARG A 21 49.68 -30.75 -38.82
C ARG A 21 50.43 -29.97 -39.91
N THR A 22 50.03 -30.23 -41.15
CA THR A 22 50.71 -29.62 -42.30
C THR A 22 50.51 -28.11 -42.33
N GLN A 23 49.25 -27.66 -42.23
CA GLN A 23 48.97 -26.24 -42.32
C GLN A 23 47.61 -25.96 -41.70
N LEU A 24 47.45 -24.75 -41.17
CA LEU A 24 46.26 -24.35 -40.43
C LEU A 24 45.73 -23.02 -40.97
N PRO A 25 44.88 -23.03 -41.99
CA PRO A 25 44.28 -21.79 -42.48
C PRO A 25 43.04 -21.42 -41.69
N PRO A 26 43.07 -20.33 -40.92
CA PRO A 26 41.88 -19.94 -40.16
C PRO A 26 40.94 -19.05 -40.96
N ALA A 27 39.70 -19.51 -41.15
CA ALA A 27 38.69 -18.77 -41.89
C ALA A 27 37.54 -18.38 -40.98
N TYR A 28 37.02 -17.18 -41.19
CA TYR A 28 35.92 -16.65 -40.39
C TYR A 28 34.69 -16.47 -41.28
N THR A 29 33.53 -16.81 -40.72
CA THR A 29 32.26 -16.74 -41.45
C THR A 29 31.20 -16.08 -40.58
N ASN A 30 30.35 -15.28 -41.23
CA ASN A 30 29.28 -14.57 -40.53
C ASN A 30 28.10 -15.51 -40.31
N SER A 31 27.81 -15.77 -39.04
CA SER A 31 26.64 -16.57 -38.69
C SER A 31 25.39 -15.73 -38.83
N PHE A 32 24.46 -16.20 -39.65
CA PHE A 32 23.17 -15.54 -39.83
C PHE A 32 22.21 -16.05 -38.76
N THR A 33 20.92 -15.76 -38.93
CA THR A 33 19.93 -16.24 -37.97
C THR A 33 19.94 -17.77 -37.89
N ARG A 34 20.43 -18.28 -36.76
CA ARG A 34 20.64 -19.71 -36.57
C ARG A 34 20.56 -20.03 -35.08
N GLY A 35 20.50 -21.32 -34.78
CA GLY A 35 20.65 -21.79 -33.42
C GLY A 35 19.59 -21.38 -32.41
N VAL A 36 18.32 -21.49 -32.80
CA VAL A 36 17.21 -21.25 -31.88
C VAL A 36 16.60 -22.58 -31.50
N TYR A 37 16.49 -22.83 -30.20
CA TYR A 37 16.06 -24.12 -29.69
C TYR A 37 14.98 -23.91 -28.65
N TYR A 38 14.26 -24.99 -28.35
CA TYR A 38 13.17 -24.94 -27.38
C TYR A 38 13.73 -24.90 -25.96
N PRO A 39 13.40 -23.90 -25.15
CA PRO A 39 14.02 -23.79 -23.82
C PRO A 39 13.51 -24.86 -22.86
N ASP A 40 12.21 -25.07 -22.82
CA ASP A 40 11.60 -26.01 -21.90
C ASP A 40 10.47 -26.75 -22.58
N LYS A 41 10.18 -27.95 -22.09
CA LYS A 41 9.18 -28.83 -22.70
C LYS A 41 7.79 -28.49 -22.20
N VAL A 42 7.35 -27.26 -22.49
CA VAL A 42 6.02 -26.80 -22.16
C VAL A 42 5.36 -26.29 -23.43
N PHE A 43 4.09 -26.63 -23.62
CA PHE A 43 3.40 -26.27 -24.84
C PHE A 43 2.85 -24.85 -24.77
N ARG A 44 3.09 -24.09 -25.84
CA ARG A 44 2.53 -22.75 -26.00
C ARG A 44 2.16 -22.58 -27.46
N SER A 45 1.31 -21.59 -27.74
CA SER A 45 0.92 -21.34 -29.12
C SER A 45 0.39 -19.92 -29.27
N SER A 46 0.79 -19.26 -30.36
CA SER A 46 0.31 -17.94 -30.72
C SER A 46 0.53 -16.91 -29.61
N VAL A 47 1.72 -16.96 -29.00
CA VAL A 47 2.10 -16.03 -27.95
C VAL A 47 3.43 -15.38 -28.36
N LEU A 48 3.92 -14.50 -27.49
CA LEU A 48 5.18 -13.79 -27.70
C LEU A 48 6.03 -13.83 -26.44
N HIS A 49 6.13 -15.01 -25.84
CA HIS A 49 6.87 -15.15 -24.59
C HIS A 49 8.36 -14.85 -24.80
N SER A 50 8.94 -14.11 -23.86
CA SER A 50 10.34 -13.70 -23.93
C SER A 50 11.08 -14.21 -22.71
N THR A 51 12.31 -14.69 -22.90
CA THR A 51 13.05 -15.27 -21.80
C THR A 51 14.54 -15.14 -22.05
N GLN A 52 15.32 -15.27 -20.99
CA GLN A 52 16.78 -15.20 -21.06
C GLN A 52 17.36 -16.58 -20.78
N ASP A 53 18.37 -16.97 -21.56
CA ASP A 53 18.94 -18.29 -21.39
C ASP A 53 20.20 -18.39 -22.25
N LEU A 54 20.84 -19.55 -22.20
CA LEU A 54 22.03 -19.80 -23.01
C LEU A 54 21.66 -19.80 -24.48
N PHE A 55 22.37 -19.00 -25.27
CA PHE A 55 22.10 -18.88 -26.70
C PHE A 55 23.39 -18.49 -27.40
N LEU A 56 23.32 -18.36 -28.72
CA LEU A 56 24.39 -17.72 -29.46
C LEU A 56 23.86 -16.52 -30.23
N PRO A 57 24.68 -15.48 -30.39
CA PRO A 57 24.17 -14.23 -30.97
C PRO A 57 23.74 -14.42 -32.42
N PHE A 58 22.86 -13.53 -32.87
CA PHE A 58 22.29 -13.63 -34.21
C PHE A 58 23.37 -13.46 -35.29
N PHE A 59 24.28 -12.53 -35.08
CA PHE A 59 25.35 -12.27 -36.04
C PHE A 59 26.67 -12.24 -35.29
N SER A 60 27.31 -13.41 -35.18
CA SER A 60 28.62 -13.53 -34.54
C SER A 60 29.54 -14.31 -35.47
N ASN A 61 30.74 -13.77 -35.68
CA ASN A 61 31.72 -14.44 -36.51
C ASN A 61 32.10 -15.78 -35.88
N VAL A 62 32.15 -16.82 -36.70
CA VAL A 62 32.50 -18.16 -36.22
C VAL A 62 33.54 -18.76 -37.15
N THR A 63 34.25 -19.76 -36.64
CA THR A 63 35.30 -20.39 -37.43
C THR A 63 34.69 -21.30 -38.49
N TRP A 64 35.38 -21.38 -39.63
CA TRP A 64 35.04 -22.31 -40.70
C TRP A 64 36.25 -23.23 -40.85
N PHE A 65 36.24 -24.32 -40.09
CA PHE A 65 37.38 -25.23 -40.07
C PHE A 65 37.36 -26.08 -41.33
N HIS A 66 37.99 -25.57 -42.39
CA HIS A 66 38.02 -26.25 -43.69
C HIS A 66 38.97 -27.45 -43.59
N ALA A 67 38.48 -28.49 -42.93
CA ALA A 67 39.23 -29.73 -42.78
C ALA A 67 38.54 -30.88 -43.49
N ILE A 68 37.70 -30.56 -44.47
CA ILE A 68 37.01 -31.61 -45.21
C ILE A 68 37.93 -32.08 -46.32
N HIS A 69 38.85 -32.97 -45.99
CA HIS A 69 39.79 -33.51 -46.97
C HIS A 69 39.31 -34.87 -47.47
N VAL A 70 38.20 -34.85 -48.22
CA VAL A 70 37.67 -36.08 -48.82
C VAL A 70 38.72 -36.52 -49.81
N SER A 71 39.49 -37.54 -49.48
CA SER A 71 40.62 -37.96 -50.31
C SER A 71 41.47 -36.74 -50.58
N GLY A 72 41.88 -36.07 -49.51
CA GLY A 72 42.71 -34.87 -49.64
C GLY A 72 42.03 -33.64 -50.18
N THR A 73 42.68 -32.50 -50.01
CA THR A 73 42.14 -31.29 -50.60
C THR A 73 42.94 -31.14 -51.87
N ASN A 74 44.27 -31.27 -51.76
CA ASN A 74 45.15 -31.18 -52.93
C ASN A 74 46.43 -31.90 -52.56
N GLY A 75 46.64 -33.09 -53.14
CA GLY A 75 47.77 -33.91 -52.74
C GLY A 75 47.65 -34.36 -51.30
N THR A 76 46.62 -35.14 -51.01
CA THR A 76 46.27 -35.64 -49.67
C THR A 76 46.49 -34.56 -48.60
N LYS A 77 46.03 -33.35 -48.89
CA LYS A 77 46.14 -32.24 -47.95
C LYS A 77 45.09 -32.44 -46.87
N ARG A 78 45.49 -33.09 -45.78
CA ARG A 78 44.60 -33.44 -44.68
C ARG A 78 44.82 -32.45 -43.54
N PHE A 79 43.73 -32.05 -42.89
CA PHE A 79 43.80 -31.10 -41.79
C PHE A 79 43.36 -31.78 -40.50
N ASP A 80 44.12 -31.55 -39.43
CA ASP A 80 43.82 -32.15 -38.14
C ASP A 80 42.93 -31.22 -37.31
N ASN A 81 42.52 -31.73 -36.15
CA ASN A 81 41.65 -31.01 -35.22
C ASN A 81 41.96 -31.37 -33.76
N PRO A 82 43.20 -31.19 -33.30
CA PRO A 82 43.56 -31.75 -31.99
C PRO A 82 42.89 -31.05 -30.81
N VAL A 83 42.91 -29.73 -30.76
CA VAL A 83 42.50 -28.99 -29.57
C VAL A 83 41.30 -28.12 -29.92
N LEU A 84 40.25 -28.22 -29.11
CA LEU A 84 39.05 -27.42 -29.25
C LEU A 84 38.41 -27.26 -27.87
N PRO A 85 38.52 -26.08 -27.26
CA PRO A 85 38.02 -25.91 -25.89
C PRO A 85 36.50 -25.75 -25.84
N PHE A 86 35.92 -26.30 -24.78
CA PHE A 86 34.47 -26.30 -24.63
C PHE A 86 33.91 -24.88 -24.55
N ASN A 87 34.44 -24.06 -23.65
CA ASN A 87 34.04 -22.67 -23.51
C ASN A 87 32.56 -22.55 -23.17
N ASP A 88 32.16 -23.20 -22.09
CA ASP A 88 30.84 -23.06 -21.44
C ASP A 88 29.68 -23.40 -22.35
N GLY A 89 29.90 -24.07 -23.47
CA GLY A 89 28.84 -24.42 -24.40
C GLY A 89 29.41 -24.38 -25.80
N VAL A 90 28.78 -25.16 -26.69
CA VAL A 90 29.37 -25.43 -27.99
C VAL A 90 28.28 -25.42 -29.06
N TYR A 91 28.66 -25.03 -30.27
CA TYR A 91 27.86 -25.23 -31.47
C TYR A 91 28.51 -26.34 -32.29
N PHE A 92 27.74 -26.89 -33.23
CA PHE A 92 28.32 -27.81 -34.19
C PHE A 92 27.47 -27.85 -35.45
N ALA A 93 28.13 -28.06 -36.57
CA ALA A 93 27.46 -28.33 -37.83
C ALA A 93 28.44 -28.98 -38.79
N SER A 94 27.90 -29.69 -39.77
CA SER A 94 28.70 -30.31 -40.82
C SER A 94 27.78 -30.70 -41.96
N THR A 95 28.37 -30.92 -43.13
CA THR A 95 27.62 -31.37 -44.29
C THR A 95 28.52 -32.18 -45.20
N GLU A 96 28.07 -33.38 -45.56
CA GLU A 96 28.83 -34.28 -46.43
C GLU A 96 27.92 -35.45 -46.80
N LYS A 97 28.06 -35.92 -48.04
CA LYS A 97 27.31 -37.10 -48.45
C LYS A 97 27.70 -38.31 -47.62
N SER A 98 28.99 -38.60 -47.55
CA SER A 98 29.45 -39.78 -46.81
C SER A 98 29.19 -39.61 -45.32
N ASN A 99 28.67 -40.66 -44.70
CA ASN A 99 28.39 -40.60 -43.27
C ASN A 99 29.68 -40.76 -42.48
N ILE A 100 30.68 -39.94 -42.81
CA ILE A 100 31.99 -40.05 -42.16
C ILE A 100 31.91 -39.56 -40.73
N ILE A 101 30.97 -38.67 -40.42
CA ILE A 101 30.79 -38.14 -39.08
C ILE A 101 30.55 -39.30 -38.13
N ARG A 102 31.34 -39.37 -37.06
CA ARG A 102 31.25 -40.48 -36.10
C ARG A 102 31.61 -39.95 -34.71
N GLY A 103 30.58 -39.57 -33.96
CA GLY A 103 30.74 -39.31 -32.54
C GLY A 103 31.44 -38.01 -32.22
N TRP A 104 31.43 -37.70 -30.93
CA TRP A 104 32.12 -36.53 -30.38
C TRP A 104 32.82 -36.94 -29.09
N ILE A 105 33.85 -36.19 -28.74
CA ILE A 105 34.62 -36.44 -27.53
C ILE A 105 34.64 -35.17 -26.69
N PHE A 106 34.46 -35.33 -25.38
CA PHE A 106 34.46 -34.22 -24.46
C PHE A 106 35.30 -34.55 -23.24
N GLY A 107 35.85 -33.52 -22.62
CA GLY A 107 36.61 -33.68 -21.40
C GLY A 107 37.72 -32.66 -21.33
N THR A 108 38.41 -32.65 -20.19
CA THR A 108 39.49 -31.71 -19.94
C THR A 108 40.85 -32.28 -20.29
N THR A 109 41.25 -33.39 -19.67
CA THR A 109 42.55 -33.99 -19.88
C THR A 109 42.52 -35.13 -20.89
N LEU A 110 41.47 -35.95 -20.89
CA LEU A 110 41.32 -37.08 -21.80
C LEU A 110 42.48 -38.06 -21.67
N ASP A 111 42.96 -38.27 -20.45
CA ASP A 111 44.04 -39.21 -20.18
C ASP A 111 43.73 -40.01 -18.92
N SER A 112 42.49 -40.51 -18.84
CA SER A 112 42.01 -41.28 -17.69
C SER A 112 42.10 -40.48 -16.40
N LYS A 113 41.92 -39.17 -16.51
CA LYS A 113 41.84 -38.28 -15.36
C LYS A 113 40.46 -37.68 -15.14
N THR A 114 39.73 -37.41 -16.22
CA THR A 114 38.33 -37.01 -16.13
C THR A 114 37.52 -37.88 -17.08
N GLN A 115 36.29 -38.18 -16.66
CA GLN A 115 35.42 -38.99 -17.49
C GLN A 115 35.16 -38.28 -18.81
N SER A 116 35.31 -39.01 -19.91
CA SER A 116 35.17 -38.46 -21.25
C SER A 116 33.95 -39.03 -21.94
N LEU A 117 33.21 -38.17 -22.62
CA LEU A 117 32.00 -38.57 -23.33
C LEU A 117 32.39 -39.08 -24.71
N LEU A 118 32.13 -40.35 -24.97
CA LEU A 118 32.44 -40.98 -26.24
C LEU A 118 31.16 -41.47 -26.88
N ILE A 119 31.01 -41.20 -28.18
CA ILE A 119 29.82 -41.52 -28.94
C ILE A 119 30.22 -42.41 -30.10
N VAL A 120 29.54 -43.54 -30.27
CA VAL A 120 29.66 -44.37 -31.46
C VAL A 120 28.30 -44.44 -32.12
N ASN A 121 28.26 -44.16 -33.41
CA ASN A 121 27.03 -44.06 -34.16
C ASN A 121 26.98 -45.16 -35.22
N ASN A 122 25.90 -45.14 -36.00
CA ASN A 122 25.68 -46.09 -37.09
C ASN A 122 25.80 -47.52 -36.58
N ALA A 123 26.32 -48.41 -37.42
CA ALA A 123 26.54 -49.82 -37.09
C ALA A 123 25.21 -50.38 -36.57
N THR A 124 25.18 -51.00 -35.40
CA THR A 124 23.94 -51.55 -34.88
C THR A 124 23.04 -50.46 -34.30
N ASN A 125 23.50 -49.81 -33.23
CA ASN A 125 22.73 -48.77 -32.57
C ASN A 125 23.69 -47.80 -31.92
N VAL A 126 23.23 -46.57 -31.69
CA VAL A 126 24.11 -45.55 -31.12
C VAL A 126 24.39 -45.87 -29.66
N VAL A 127 25.66 -45.74 -29.27
CA VAL A 127 26.09 -46.02 -27.91
C VAL A 127 26.88 -44.83 -27.39
N ILE A 128 26.56 -44.43 -26.16
CA ILE A 128 27.18 -43.29 -25.49
C ILE A 128 27.79 -43.81 -24.20
N LYS A 129 29.05 -43.46 -23.96
CA LYS A 129 29.76 -43.90 -22.76
C LYS A 129 30.50 -42.74 -22.13
N VAL A 130 30.71 -42.84 -20.81
CA VAL A 130 31.39 -41.80 -20.05
C VAL A 130 32.58 -42.42 -19.34
N CYS A 131 33.18 -43.43 -19.97
CA CYS A 131 34.26 -44.19 -19.36
C CYS A 131 35.42 -43.28 -18.94
N GLU A 132 36.23 -43.79 -18.01
CA GLU A 132 37.44 -43.11 -17.56
C GLU A 132 38.68 -43.64 -18.25
N PHE A 133 38.55 -44.05 -19.52
CA PHE A 133 39.64 -44.66 -20.25
C PHE A 133 40.77 -43.66 -20.49
N GLN A 134 41.95 -44.21 -20.80
CA GLN A 134 43.10 -43.34 -21.04
C GLN A 134 42.93 -42.52 -22.31
N PHE A 135 42.84 -43.18 -23.46
CA PHE A 135 42.68 -42.50 -24.74
C PHE A 135 41.74 -43.33 -25.59
N CYS A 136 41.42 -42.81 -26.77
CA CYS A 136 40.56 -43.50 -27.73
C CYS A 136 41.06 -44.92 -27.98
N ASN A 137 40.27 -45.91 -27.54
CA ASN A 137 40.71 -47.30 -27.61
C ASN A 137 40.75 -47.79 -29.04
N ASP A 138 39.74 -47.44 -29.84
CA ASP A 138 39.55 -47.96 -31.19
C ASP A 138 39.71 -49.48 -31.22
N PRO A 139 38.96 -50.23 -30.41
CA PRO A 139 39.19 -51.68 -30.38
C PRO A 139 38.61 -52.40 -31.57
N PHE A 140 37.45 -51.95 -32.06
CA PHE A 140 36.74 -52.62 -33.14
C PHE A 140 36.15 -51.62 -34.12
N LEU A 141 36.67 -50.38 -34.12
CA LEU A 141 36.09 -49.33 -34.94
C LEU A 141 36.19 -49.64 -36.43
N GLY A 142 37.15 -50.46 -36.85
CA GLY A 142 37.16 -50.96 -38.21
C GLY A 142 36.71 -52.41 -38.24
N VAL A 143 35.47 -52.66 -38.66
CA VAL A 143 34.92 -54.00 -38.58
C VAL A 143 33.91 -54.25 -39.70
N TYR A 144 34.10 -55.36 -40.42
CA TYR A 144 33.15 -55.87 -41.40
C TYR A 144 32.69 -54.80 -42.36
N TYR A 145 33.61 -53.97 -42.81
CA TYR A 145 33.27 -52.83 -43.64
C TYR A 145 33.48 -53.16 -45.13
N HIS A 146 32.86 -52.34 -45.97
CA HIS A 146 32.81 -52.54 -47.43
C HIS A 146 32.22 -53.93 -47.67
N LYS A 147 32.90 -54.81 -48.41
CA LYS A 147 32.41 -56.16 -48.64
C LYS A 147 33.54 -57.16 -48.42
N ASN A 148 34.23 -57.03 -47.28
CA ASN A 148 35.17 -58.06 -46.87
C ASN A 148 34.47 -59.38 -46.59
N ASN A 149 33.22 -59.32 -46.13
CA ASN A 149 32.28 -60.45 -46.02
C ASN A 149 32.93 -61.71 -45.43
N LYS A 150 33.88 -61.53 -44.52
CA LYS A 150 34.45 -62.64 -43.77
C LYS A 150 34.68 -62.18 -42.34
N SER A 151 34.29 -63.01 -41.38
CA SER A 151 34.33 -62.64 -39.97
C SER A 151 35.56 -63.21 -39.28
N TRP A 152 36.73 -62.64 -39.60
CA TRP A 152 37.97 -63.09 -38.98
C TRP A 152 38.02 -62.72 -37.50
N MET A 153 37.74 -61.45 -37.19
CA MET A 153 37.69 -60.92 -35.84
C MET A 153 39.06 -60.98 -35.16
N GLU A 154 40.05 -61.54 -35.85
CA GLU A 154 41.38 -61.68 -35.26
C GLU A 154 42.14 -60.36 -35.27
N SER A 155 41.95 -59.55 -36.32
CA SER A 155 42.70 -58.32 -36.46
C SER A 155 42.18 -57.24 -35.51
N GLU A 156 43.02 -56.26 -35.23
CA GLU A 156 42.67 -55.14 -34.37
C GLU A 156 43.42 -53.89 -34.84
N PHE A 157 42.93 -52.74 -34.42
CA PHE A 157 43.51 -51.46 -34.83
C PHE A 157 44.90 -51.32 -34.23
N ARG A 158 45.88 -50.90 -35.06
CA ARG A 158 47.28 -51.16 -34.75
C ARG A 158 47.88 -50.11 -33.81
N VAL A 159 47.82 -48.83 -34.20
CA VAL A 159 48.76 -47.84 -33.68
C VAL A 159 48.58 -47.61 -32.18
N TYR A 160 47.39 -47.89 -31.64
CA TYR A 160 47.13 -47.61 -30.23
C TYR A 160 46.40 -48.78 -29.58
N SER A 161 46.51 -48.85 -28.27
CA SER A 161 45.94 -49.92 -27.46
C SER A 161 44.52 -49.56 -27.02
N SER A 162 44.01 -50.30 -26.03
CA SER A 162 42.66 -50.09 -25.51
C SER A 162 42.69 -50.11 -23.98
N ALA A 163 41.72 -49.42 -23.38
CA ALA A 163 41.56 -49.43 -21.93
C ALA A 163 40.34 -50.28 -21.56
N ASN A 164 40.03 -50.34 -20.26
CA ASN A 164 38.95 -51.19 -19.77
C ASN A 164 37.96 -50.49 -18.85
N ASN A 165 38.36 -49.46 -18.11
CA ASN A 165 37.47 -48.82 -17.14
C ASN A 165 36.32 -48.15 -17.87
N CYS A 166 35.09 -48.40 -17.41
CA CYS A 166 33.91 -47.83 -18.02
C CYS A 166 32.78 -47.73 -16.99
N THR A 167 31.84 -46.84 -17.29
CA THR A 167 30.65 -46.67 -16.47
C THR A 167 29.57 -45.98 -17.31
N PHE A 168 28.32 -46.25 -16.95
CA PHE A 168 27.16 -45.60 -17.55
C PHE A 168 27.14 -45.79 -19.07
N GLU A 169 26.97 -47.04 -19.47
CA GLU A 169 26.74 -47.35 -20.87
C GLU A 169 25.31 -47.06 -21.25
N TYR A 170 25.11 -46.37 -22.37
CA TYR A 170 23.79 -46.03 -22.84
C TYR A 170 23.66 -46.43 -24.31
N VAL A 171 22.55 -47.08 -24.66
CA VAL A 171 22.31 -47.54 -26.02
C VAL A 171 20.93 -47.09 -26.46
N SER A 172 20.83 -46.63 -27.70
CA SER A 172 19.54 -46.22 -28.25
C SER A 172 19.60 -46.29 -29.77
N GLN A 173 18.49 -45.96 -30.40
CA GLN A 173 18.45 -45.90 -31.86
C GLN A 173 19.37 -44.79 -32.35
N PRO A 174 20.18 -45.05 -33.38
CA PRO A 174 21.14 -44.04 -33.85
C PRO A 174 20.49 -42.72 -34.25
N PHE A 175 20.78 -41.66 -33.48
CA PHE A 175 20.25 -40.34 -33.81
C PHE A 175 21.08 -39.63 -34.88
N LEU A 176 22.31 -40.07 -35.10
CA LEU A 176 23.11 -39.52 -36.19
C LEU A 176 22.61 -40.09 -37.50
N MET A 177 21.44 -39.63 -37.94
CA MET A 177 20.74 -40.20 -39.07
C MET A 177 21.29 -39.60 -40.36
N ASP A 178 21.64 -40.46 -41.31
CA ASP A 178 22.13 -39.97 -42.60
C ASP A 178 20.99 -39.59 -43.53
N LEU A 179 19.75 -39.80 -43.10
CA LEU A 179 18.55 -39.53 -43.91
C LEU A 179 18.67 -40.37 -45.18
N GLU A 180 18.71 -39.76 -46.36
CA GLU A 180 18.82 -40.50 -47.62
C GLU A 180 20.17 -40.16 -48.23
N GLY A 181 21.12 -41.08 -48.11
CA GLY A 181 22.46 -40.82 -48.62
C GLY A 181 22.53 -41.14 -50.09
N LYS A 182 22.48 -40.11 -50.93
CA LYS A 182 22.32 -40.28 -52.36
C LYS A 182 22.97 -39.12 -53.08
N GLN A 183 23.18 -39.30 -54.38
CA GLN A 183 23.93 -38.36 -55.20
C GLN A 183 23.06 -37.14 -55.55
N GLY A 184 22.49 -36.53 -54.51
CA GLY A 184 21.66 -35.37 -54.71
C GLY A 184 22.49 -34.09 -54.83
N ASN A 185 21.77 -32.97 -54.99
CA ASN A 185 22.46 -31.68 -55.02
C ASN A 185 23.16 -31.40 -53.71
N PHE A 186 22.38 -31.16 -52.64
CA PHE A 186 22.86 -30.99 -51.28
C PHE A 186 21.69 -31.29 -50.36
N LYS A 187 21.84 -32.23 -49.42
CA LYS A 187 20.70 -32.68 -48.63
C LYS A 187 20.93 -32.74 -47.13
N ASN A 188 22.17 -32.84 -46.66
CA ASN A 188 22.43 -33.15 -45.25
C ASN A 188 23.05 -31.95 -44.56
N LEU A 189 22.43 -31.51 -43.46
CA LEU A 189 22.97 -30.52 -42.55
C LEU A 189 22.54 -30.87 -41.14
N ARG A 190 23.50 -31.25 -40.30
CA ARG A 190 23.22 -31.62 -38.92
C ARG A 190 23.65 -30.49 -38.00
N GLU A 191 22.80 -30.17 -37.03
CA GLU A 191 23.09 -29.07 -36.12
C GLU A 191 23.09 -29.61 -34.71
N PHE A 192 24.02 -30.53 -34.45
CA PHE A 192 24.08 -31.14 -33.14
C PHE A 192 24.56 -30.14 -32.10
N VAL A 193 23.64 -29.63 -31.28
CA VAL A 193 24.02 -28.63 -30.30
C VAL A 193 24.16 -29.28 -28.93
N PHE A 194 25.31 -29.07 -28.29
CA PHE A 194 25.57 -29.69 -27.00
C PHE A 194 25.63 -28.60 -25.93
N LYS A 195 24.92 -28.83 -24.83
CA LYS A 195 24.91 -27.94 -23.69
C LYS A 195 25.26 -28.73 -22.44
N ASN A 196 25.94 -28.08 -21.50
CA ASN A 196 26.31 -28.69 -20.23
C ASN A 196 25.69 -27.91 -19.10
N ILE A 197 24.82 -28.56 -18.33
CA ILE A 197 24.33 -28.02 -17.06
C ILE A 197 24.43 -29.13 -16.02
N ASP A 198 24.31 -28.73 -14.75
CA ASP A 198 24.44 -29.69 -13.65
C ASP A 198 23.38 -30.78 -13.74
N GLY A 199 22.16 -30.40 -14.11
CA GLY A 199 21.08 -31.38 -14.16
C GLY A 199 21.35 -32.49 -15.15
N TYR A 200 21.75 -32.13 -16.38
CA TYR A 200 21.97 -33.13 -17.42
C TYR A 200 22.62 -32.49 -18.63
N PHE A 201 23.46 -33.26 -19.30
CA PHE A 201 24.03 -32.85 -20.58
C PHE A 201 22.94 -32.86 -21.64
N LYS A 202 22.65 -31.70 -22.21
CA LYS A 202 21.50 -31.55 -23.10
C LYS A 202 21.96 -31.54 -24.55
N ILE A 203 21.16 -32.16 -25.42
CA ILE A 203 21.52 -32.33 -26.82
C ILE A 203 20.33 -31.92 -27.69
N TYR A 204 20.64 -31.23 -28.78
CA TYR A 204 19.64 -30.85 -29.76
C TYR A 204 20.13 -31.23 -31.15
N SER A 205 19.18 -31.39 -32.07
CA SER A 205 19.52 -31.76 -33.44
C SER A 205 18.45 -31.22 -34.37
N LYS A 206 18.84 -31.05 -35.64
CA LYS A 206 17.89 -30.65 -36.68
C LYS A 206 18.52 -30.99 -38.02
N HIS A 207 17.92 -31.92 -38.76
CA HIS A 207 18.42 -32.33 -40.06
C HIS A 207 17.70 -31.54 -41.14
N THR A 208 18.45 -30.73 -41.88
CA THR A 208 17.87 -29.83 -42.85
C THR A 208 18.53 -29.99 -44.22
N PRO A 209 17.75 -30.01 -45.29
CA PRO A 209 18.33 -29.95 -46.64
C PRO A 209 18.48 -28.53 -47.13
N ILE A 210 19.71 -28.14 -47.49
CA ILE A 210 20.01 -26.81 -48.00
C ILE A 210 20.85 -26.96 -49.25
N ASN A 211 20.62 -26.10 -50.24
CA ASN A 211 21.29 -26.25 -51.54
C ASN A 211 22.63 -25.51 -51.60
N LEU A 212 23.08 -24.88 -50.53
CA LEU A 212 24.37 -24.21 -50.51
C LEU A 212 25.31 -24.96 -49.58
N VAL A 213 26.55 -25.17 -50.02
CA VAL A 213 27.51 -25.92 -49.22
C VAL A 213 28.48 -24.98 -48.50
N ARG A 214 29.00 -23.98 -49.21
CA ARG A 214 29.90 -23.02 -48.56
C ARG A 214 29.14 -22.04 -47.68
N ASP A 215 27.96 -21.62 -48.13
CA ASP A 215 27.19 -20.59 -47.44
C ASP A 215 26.29 -21.24 -46.41
N LEU A 216 26.44 -20.85 -45.15
CA LEU A 216 25.56 -21.33 -44.10
C LEU A 216 24.15 -20.81 -44.36
N PRO A 217 23.13 -21.67 -44.30
CA PRO A 217 21.77 -21.23 -44.68
C PRO A 217 21.26 -20.11 -43.79
N GLN A 218 20.53 -19.19 -44.41
CA GLN A 218 19.92 -18.06 -43.73
C GLN A 218 18.48 -18.30 -43.34
N GLY A 219 17.92 -19.45 -43.69
CA GLY A 219 16.58 -19.79 -43.27
C GLY A 219 16.48 -19.99 -41.77
N PHE A 220 15.28 -19.80 -41.24
CA PHE A 220 15.08 -19.80 -39.78
C PHE A 220 14.50 -21.14 -39.33
N SER A 221 15.40 -22.05 -38.99
CA SER A 221 15.01 -23.34 -38.44
C SER A 221 15.17 -23.34 -36.92
N ALA A 222 14.58 -24.36 -36.29
CA ALA A 222 14.60 -24.49 -34.84
C ALA A 222 15.08 -25.89 -34.46
N LEU A 223 15.58 -26.00 -33.23
CA LEU A 223 16.08 -27.27 -32.73
C LEU A 223 15.01 -27.96 -31.88
N GLU A 224 15.23 -29.25 -31.63
CA GLU A 224 14.35 -30.06 -30.82
C GLU A 224 15.19 -30.88 -29.86
N PRO A 225 14.71 -31.12 -28.65
CA PRO A 225 15.50 -31.92 -27.70
C PRO A 225 15.61 -33.37 -28.16
N LEU A 226 16.71 -34.00 -27.76
CA LEU A 226 16.97 -35.37 -28.16
C LEU A 226 17.00 -36.34 -26.98
N VAL A 227 17.82 -36.07 -25.96
CA VAL A 227 18.00 -37.00 -24.86
C VAL A 227 18.26 -36.21 -23.59
N ASP A 228 18.00 -36.85 -22.44
CA ASP A 228 18.20 -36.28 -21.10
C ASP A 228 19.08 -37.24 -20.34
N LEU A 229 20.39 -37.07 -20.46
CA LEU A 229 21.35 -37.91 -19.76
C LEU A 229 21.90 -37.15 -18.57
N PRO A 230 21.70 -37.62 -17.34
CA PRO A 230 22.14 -36.86 -16.17
C PRO A 230 23.61 -37.11 -15.87
N ILE A 231 24.40 -36.04 -15.86
CA ILE A 231 25.82 -36.12 -15.51
C ILE A 231 26.24 -34.74 -15.04
N GLY A 232 27.22 -34.72 -14.13
CA GLY A 232 27.71 -33.46 -13.59
C GLY A 232 29.21 -33.34 -13.67
N ILE A 233 29.82 -33.98 -14.67
CA ILE A 233 31.26 -33.97 -14.84
C ILE A 233 31.68 -32.71 -15.58
N ASN A 234 32.92 -32.29 -15.35
CA ASN A 234 33.44 -31.06 -15.93
C ASN A 234 33.97 -31.32 -17.34
N ILE A 235 33.62 -30.43 -18.27
CA ILE A 235 34.07 -30.51 -19.65
C ILE A 235 34.74 -29.17 -20.00
N THR A 236 35.98 -29.24 -20.45
CA THR A 236 36.73 -28.06 -20.83
C THR A 236 37.14 -28.05 -22.30
N ARG A 237 37.23 -29.22 -22.94
CA ARG A 237 37.62 -29.30 -24.33
C ARG A 237 36.72 -30.32 -25.04
N PHE A 238 36.54 -30.12 -26.34
CA PHE A 238 35.79 -31.05 -27.15
C PHE A 238 36.57 -31.37 -28.41
N GLN A 239 36.09 -32.36 -29.14
CA GLN A 239 36.74 -32.82 -30.37
C GLN A 239 35.78 -33.79 -31.04
N THR A 240 36.19 -34.28 -32.22
CA THR A 240 35.50 -35.38 -32.87
C THR A 240 36.52 -36.24 -33.59
N LEU A 241 36.40 -37.54 -33.42
CA LEU A 241 37.31 -38.48 -34.07
C LEU A 241 36.56 -39.22 -35.17
N LEU A 242 36.79 -38.80 -36.40
CA LEU A 242 36.39 -39.53 -37.59
C LEU A 242 37.52 -40.41 -38.09
N ALA A 243 38.61 -40.50 -37.32
CA ALA A 243 39.82 -41.20 -37.70
C ALA A 243 39.73 -42.71 -37.53
N LEU A 244 38.54 -43.25 -37.26
CA LEU A 244 38.38 -44.68 -37.35
C LEU A 244 38.41 -45.09 -38.82
N HIS A 245 38.78 -46.35 -39.07
CA HIS A 245 39.14 -46.89 -40.37
C HIS A 245 40.11 -45.99 -41.14
N ARG A 246 40.91 -45.17 -40.44
CA ARG A 246 41.91 -44.37 -41.11
C ARG A 246 43.07 -45.22 -41.60
N SER A 247 43.31 -46.36 -40.97
CA SER A 247 44.31 -47.29 -41.45
C SER A 247 43.93 -47.81 -42.84
N TYR A 248 44.94 -48.10 -43.65
CA TYR A 248 44.75 -48.53 -45.02
C TYR A 248 44.21 -49.95 -45.13
N LEU A 249 43.80 -50.55 -43.99
CA LEU A 249 43.58 -51.99 -43.87
C LEU A 249 44.91 -52.64 -44.23
N THR A 250 45.00 -53.44 -45.27
CA THR A 250 46.31 -53.87 -45.75
C THR A 250 47.00 -52.68 -46.41
N PRO A 251 48.29 -52.46 -46.12
CA PRO A 251 48.99 -51.35 -46.77
C PRO A 251 48.95 -51.42 -48.29
N GLY A 252 49.03 -52.63 -48.85
CA GLY A 252 48.79 -52.80 -50.28
C GLY A 252 47.36 -52.51 -50.67
N ASP A 253 46.42 -52.85 -49.78
CA ASP A 253 45.00 -52.62 -50.08
C ASP A 253 44.72 -51.12 -50.24
N SER A 254 45.26 -50.30 -49.35
CA SER A 254 45.15 -48.85 -49.42
C SER A 254 43.69 -48.40 -49.51
N SER A 255 42.90 -48.84 -48.52
CA SER A 255 41.48 -48.49 -48.45
C SER A 255 41.15 -48.14 -46.99
N SER A 256 41.20 -46.84 -46.69
CA SER A 256 40.75 -46.32 -45.40
C SER A 256 39.36 -45.75 -45.59
N GLY A 257 38.36 -46.63 -45.58
CA GLY A 257 37.09 -46.25 -46.14
C GLY A 257 37.29 -46.07 -47.63
N TRP A 258 37.30 -44.82 -48.10
CA TRP A 258 37.90 -44.53 -49.41
C TRP A 258 39.41 -44.34 -49.22
N THR A 259 39.80 -43.29 -48.50
CA THR A 259 41.17 -42.97 -48.12
C THR A 259 41.12 -41.95 -47.00
N ALA A 260 41.72 -42.28 -45.86
CA ALA A 260 41.78 -41.41 -44.68
C ALA A 260 40.35 -41.00 -44.33
N GLY A 261 40.07 -39.70 -44.17
CA GLY A 261 38.73 -39.24 -43.87
C GLY A 261 38.51 -37.79 -44.23
N ALA A 262 37.44 -37.19 -43.71
CA ALA A 262 37.16 -35.77 -43.91
C ALA A 262 36.14 -35.32 -42.88
N ALA A 263 36.22 -34.04 -42.50
CA ALA A 263 35.32 -33.53 -41.46
C ALA A 263 35.21 -32.02 -41.59
N ALA A 264 33.99 -31.50 -41.43
CA ALA A 264 33.74 -30.07 -41.39
C ALA A 264 33.83 -29.50 -39.99
N TYR A 265 33.06 -30.04 -39.05
CA TYR A 265 33.00 -29.60 -37.66
C TYR A 265 33.06 -28.08 -37.55
N TYR A 266 32.22 -27.42 -38.34
CA TYR A 266 31.94 -26.00 -38.21
C TYR A 266 31.39 -25.71 -36.82
N VAL A 267 32.08 -24.86 -36.05
CA VAL A 267 31.76 -24.69 -34.63
C VAL A 267 31.60 -23.21 -34.26
N GLY A 268 31.32 -22.98 -32.98
CA GLY A 268 31.16 -21.66 -32.41
C GLY A 268 30.82 -21.75 -30.93
N TYR A 269 30.83 -20.59 -30.27
CA TYR A 269 30.58 -20.49 -28.84
C TYR A 269 29.33 -19.66 -28.57
N LEU A 270 28.82 -19.78 -27.34
CA LEU A 270 27.47 -19.33 -27.02
C LEU A 270 27.35 -17.84 -26.71
N GLN A 271 27.96 -17.39 -25.60
CA GLN A 271 27.75 -16.03 -25.10
C GLN A 271 26.28 -15.78 -24.82
N PRO A 272 25.74 -16.33 -23.72
CA PRO A 272 24.30 -16.28 -23.49
C PRO A 272 23.73 -14.87 -23.43
N ARG A 273 22.42 -14.78 -23.65
CA ARG A 273 21.73 -13.50 -23.69
C ARG A 273 20.23 -13.73 -23.42
N THR A 274 19.43 -12.73 -23.73
CA THR A 274 17.98 -12.77 -23.59
C THR A 274 17.33 -12.68 -24.97
N PHE A 275 16.45 -13.63 -25.28
CA PHE A 275 15.76 -13.68 -26.55
C PHE A 275 14.27 -13.49 -26.37
N LEU A 276 13.62 -13.13 -27.48
CA LEU A 276 12.16 -13.04 -27.56
C LEU A 276 11.72 -13.98 -28.68
N LEU A 277 11.04 -15.06 -28.31
CA LEU A 277 10.62 -16.09 -29.23
C LEU A 277 9.12 -15.96 -29.47
N LYS A 278 8.68 -16.12 -30.71
CA LYS A 278 7.26 -16.06 -31.03
C LYS A 278 6.81 -17.42 -31.54
N TYR A 279 6.10 -18.16 -30.69
CA TYR A 279 5.51 -19.42 -31.12
C TYR A 279 4.38 -19.14 -32.10
N ASN A 280 4.23 -20.03 -33.08
CA ASN A 280 3.22 -19.86 -34.11
C ASN A 280 1.89 -20.43 -33.63
N GLU A 281 0.92 -20.52 -34.54
CA GLU A 281 -0.37 -21.10 -34.21
C GLU A 281 -0.24 -22.57 -33.85
N ASN A 282 0.55 -23.32 -34.61
CA ASN A 282 0.63 -24.77 -34.40
C ASN A 282 1.48 -25.12 -33.18
N GLY A 283 2.56 -24.38 -32.93
CA GLY A 283 3.39 -24.66 -31.78
C GLY A 283 4.88 -24.63 -32.05
N THR A 284 5.28 -24.19 -33.24
CA THR A 284 6.68 -24.10 -33.60
C THR A 284 7.16 -22.65 -33.49
N ILE A 285 8.46 -22.44 -33.71
CA ILE A 285 9.08 -21.13 -33.63
C ILE A 285 9.15 -20.54 -35.02
N THR A 286 8.51 -19.40 -35.22
CA THR A 286 8.49 -18.72 -36.51
C THR A 286 9.46 -17.55 -36.57
N ASP A 287 9.57 -16.78 -35.49
CA ASP A 287 10.48 -15.65 -35.46
C ASP A 287 11.02 -15.43 -34.06
N ALA A 288 12.33 -15.27 -33.96
CA ALA A 288 13.00 -14.93 -32.71
C ALA A 288 13.81 -13.67 -32.93
N VAL A 289 13.88 -12.84 -31.88
CA VAL A 289 14.60 -11.58 -31.96
C VAL A 289 15.48 -11.42 -30.73
N ASP A 290 16.67 -10.88 -30.95
CA ASP A 290 17.59 -10.57 -29.87
C ASP A 290 17.19 -9.24 -29.22
N CYS A 291 17.80 -8.96 -28.07
CA CYS A 291 17.55 -7.74 -27.33
C CYS A 291 18.72 -6.77 -27.40
N ALA A 292 19.93 -7.22 -27.08
CA ALA A 292 21.10 -6.36 -27.02
C ALA A 292 21.81 -6.24 -28.36
N LEU A 293 21.27 -6.82 -29.43
CA LEU A 293 21.93 -6.76 -30.73
C LEU A 293 22.05 -5.32 -31.22
N ASP A 294 20.97 -4.55 -31.07
CA ASP A 294 20.94 -3.17 -31.56
C ASP A 294 19.90 -2.40 -30.76
N PRO A 295 19.97 -1.07 -30.77
CA PRO A 295 18.91 -0.30 -30.12
C PRO A 295 17.53 -0.61 -30.64
N LEU A 296 17.39 -0.90 -31.93
CA LEU A 296 16.10 -1.36 -32.44
C LEU A 296 15.70 -2.68 -31.80
N SER A 297 16.67 -3.57 -31.58
CA SER A 297 16.38 -4.82 -30.90
C SER A 297 15.92 -4.57 -29.47
N GLU A 298 16.57 -3.63 -28.77
CA GLU A 298 16.14 -3.30 -27.42
C GLU A 298 14.72 -2.76 -27.42
N THR A 299 14.39 -1.91 -28.40
CA THR A 299 13.03 -1.40 -28.50
C THR A 299 12.03 -2.51 -28.74
N LYS A 300 12.36 -3.43 -29.65
CA LYS A 300 11.46 -4.56 -29.93
C LYS A 300 11.24 -5.40 -28.68
N CYS A 301 12.32 -5.66 -27.93
CA CYS A 301 12.17 -6.46 -26.71
C CYS A 301 11.30 -5.74 -25.69
N THR A 302 11.52 -4.45 -25.48
CA THR A 302 10.75 -3.73 -24.48
C THR A 302 9.28 -3.66 -24.85
N LEU A 303 8.98 -3.40 -26.11
CA LEU A 303 7.58 -3.34 -26.53
C LEU A 303 6.92 -4.71 -26.64
N LYS A 304 7.70 -5.79 -26.60
CA LYS A 304 7.18 -7.15 -26.77
C LYS A 304 6.41 -7.29 -28.08
N SER A 305 6.95 -6.72 -29.15
CA SER A 305 6.28 -6.73 -30.45
C SER A 305 7.32 -6.89 -31.54
N PHE A 306 6.83 -6.95 -32.78
CA PHE A 306 7.69 -7.09 -33.95
C PHE A 306 7.70 -5.88 -34.87
N THR A 307 6.78 -4.94 -34.68
CA THR A 307 6.74 -3.72 -35.49
C THR A 307 6.51 -2.55 -34.57
N VAL A 308 7.54 -1.75 -34.34
CA VAL A 308 7.44 -0.56 -33.50
C VAL A 308 6.84 0.56 -34.33
N GLU A 309 5.78 1.19 -33.81
CA GLU A 309 5.03 2.16 -34.60
C GLU A 309 5.86 3.37 -35.01
N LYS A 310 6.23 4.21 -34.04
CA LYS A 310 7.02 5.40 -34.30
C LYS A 310 7.26 6.16 -32.99
N GLY A 311 8.04 7.23 -33.04
CA GLY A 311 8.13 8.12 -31.90
C GLY A 311 9.42 8.01 -31.12
N ILE A 312 9.31 8.04 -29.79
CA ILE A 312 10.45 7.99 -28.90
C ILE A 312 10.13 7.05 -27.75
N TYR A 313 11.12 6.25 -27.35
CA TYR A 313 10.94 5.26 -26.30
C TYR A 313 12.13 5.30 -25.36
N GLN A 314 11.89 5.00 -24.09
CA GLN A 314 12.93 4.96 -23.08
C GLN A 314 13.13 3.51 -22.67
N THR A 315 14.18 2.88 -23.20
CA THR A 315 14.43 1.47 -22.90
C THR A 315 15.08 1.31 -21.53
N SER A 316 16.26 1.86 -21.35
CA SER A 316 16.99 1.66 -20.10
C SER A 316 17.93 2.85 -19.88
N ASN A 317 18.82 2.71 -18.92
CA ASN A 317 19.77 3.75 -18.57
C ASN A 317 21.18 3.19 -18.61
N PHE A 318 22.14 4.06 -18.88
CA PHE A 318 23.54 3.69 -18.95
C PHE A 318 24.31 4.35 -17.82
N ARG A 319 25.25 3.61 -17.25
CA ARG A 319 26.09 4.08 -16.16
C ARG A 319 27.53 3.68 -16.46
N VAL A 320 28.47 4.50 -15.97
CA VAL A 320 29.88 4.21 -16.17
C VAL A 320 30.32 3.16 -15.16
N GLN A 321 30.89 2.07 -15.66
CA GLN A 321 31.31 1.00 -14.79
C GLN A 321 32.56 1.40 -14.02
N PRO A 322 32.71 0.93 -12.77
CA PRO A 322 33.92 1.24 -12.00
C PRO A 322 35.16 0.64 -12.64
N THR A 323 36.29 1.35 -12.48
CA THR A 323 37.54 0.95 -13.12
C THR A 323 38.39 0.05 -12.21
N GLU A 324 38.76 0.56 -11.05
CA GLU A 324 39.63 -0.16 -10.14
C GLU A 324 39.16 0.08 -8.72
N SER A 325 39.98 -0.31 -7.74
CA SER A 325 39.65 -0.22 -6.33
C SER A 325 40.65 0.67 -5.60
N ILE A 326 40.17 1.34 -4.57
CA ILE A 326 40.98 2.25 -3.76
C ILE A 326 40.79 1.86 -2.31
N VAL A 327 41.74 1.12 -1.76
CA VAL A 327 41.72 0.71 -0.36
C VAL A 327 42.69 1.60 0.40
N ARG A 328 42.18 2.25 1.46
CA ARG A 328 42.96 3.24 2.20
C ARG A 328 42.71 3.05 3.68
N PHE A 329 43.72 2.55 4.39
CA PHE A 329 43.63 2.28 5.82
C PHE A 329 44.79 2.94 6.54
N PRO A 330 44.60 3.31 7.81
CA PRO A 330 45.72 3.82 8.61
C PRO A 330 46.78 2.75 8.81
N ASN A 331 48.02 3.23 8.95
CA ASN A 331 49.19 2.34 9.02
C ASN A 331 49.50 2.01 10.47
N ILE A 332 49.10 0.82 10.90
CA ILE A 332 49.40 0.29 12.23
C ILE A 332 49.75 -1.18 12.09
N THR A 333 50.74 -1.63 12.86
CA THR A 333 51.15 -3.04 12.86
C THR A 333 51.03 -3.68 14.24
N ASN A 334 50.28 -3.07 15.15
CA ASN A 334 50.14 -3.62 16.49
C ASN A 334 49.26 -4.87 16.48
N LEU A 335 49.47 -5.73 17.47
CA LEU A 335 48.73 -6.97 17.64
C LEU A 335 48.03 -6.99 19.00
N CYS A 336 46.94 -7.75 19.08
CA CYS A 336 46.20 -7.86 20.32
C CYS A 336 45.58 -9.24 20.49
N PRO A 337 46.38 -10.30 20.64
CA PRO A 337 45.84 -11.66 20.82
C PRO A 337 45.69 -12.02 22.31
N PHE A 338 44.94 -11.19 23.03
CA PHE A 338 44.78 -11.39 24.48
C PHE A 338 43.64 -12.36 24.80
N GLY A 339 43.67 -13.53 24.15
CA GLY A 339 42.70 -14.57 24.40
C GLY A 339 43.25 -15.82 25.02
N GLU A 340 44.51 -15.82 25.48
CA GLU A 340 45.18 -16.98 26.05
C GLU A 340 45.24 -18.15 25.07
N VAL A 341 45.21 -17.86 23.77
CA VAL A 341 45.26 -18.87 22.72
C VAL A 341 44.18 -19.93 22.91
N ALA A 344 45.61 -20.40 32.96
CA ALA A 344 46.71 -19.62 33.54
C ALA A 344 46.18 -18.57 34.51
N THR A 345 45.09 -17.91 34.14
CA THR A 345 44.47 -16.90 34.99
C THR A 345 43.12 -17.32 35.56
N ARG A 346 42.48 -18.33 34.97
CA ARG A 346 41.20 -18.87 35.45
C ARG A 346 40.10 -17.81 35.47
N PHE A 347 40.30 -16.71 34.75
CA PHE A 347 39.36 -15.60 34.70
C PHE A 347 38.88 -15.19 36.08
N ALA A 348 37.57 -15.02 36.24
CA ALA A 348 36.98 -14.59 37.50
C ALA A 348 35.50 -14.98 37.48
N SER A 349 34.75 -14.45 38.45
CA SER A 349 33.34 -14.77 38.56
C SER A 349 32.53 -13.98 37.55
N VAL A 350 31.26 -14.38 37.40
CA VAL A 350 30.39 -13.74 36.41
C VAL A 350 30.02 -12.33 36.84
N TYR A 351 29.72 -12.14 38.12
CA TYR A 351 29.31 -10.82 38.61
C TYR A 351 30.45 -9.82 38.59
N ALA A 352 31.69 -10.26 38.41
CA ALA A 352 32.87 -9.41 38.49
C ALA A 352 33.71 -9.54 37.23
N TRP A 353 33.07 -9.43 36.08
CA TRP A 353 33.78 -9.56 34.81
C TRP A 353 34.69 -8.36 34.59
N ASN A 354 35.72 -8.57 33.77
CA ASN A 354 36.69 -7.54 33.43
C ASN A 354 36.41 -6.99 32.03
N ARG A 355 36.55 -5.68 31.89
CA ARG A 355 36.35 -4.98 30.62
C ARG A 355 37.70 -4.47 30.14
N LYS A 356 38.29 -5.17 29.18
CA LYS A 356 39.55 -4.78 28.59
C LYS A 356 39.27 -4.11 27.25
N ARG A 357 39.58 -2.83 27.14
CA ARG A 357 39.34 -2.08 25.92
C ARG A 357 40.58 -2.15 25.03
N ILE A 358 40.38 -2.56 23.78
CA ILE A 358 41.47 -2.76 22.83
C ILE A 358 41.29 -1.80 21.68
N SER A 359 42.35 -1.06 21.35
CA SER A 359 42.32 -0.12 20.25
C SER A 359 43.70 -0.04 19.61
N ASN A 360 43.74 0.50 18.40
CA ASN A 360 44.99 0.68 17.65
C ASN A 360 45.70 -0.66 17.45
N CYS A 361 44.94 -1.64 16.98
CA CYS A 361 45.45 -2.98 16.79
C CYS A 361 45.08 -3.48 15.41
N VAL A 362 45.96 -4.31 14.85
CA VAL A 362 45.74 -4.95 13.56
C VAL A 362 46.09 -6.42 13.73
N ALA A 363 45.07 -7.25 13.95
CA ALA A 363 45.26 -8.66 14.21
C ALA A 363 44.48 -9.50 13.21
N ASP A 364 44.99 -10.70 12.95
CA ASP A 364 44.35 -11.64 12.03
C ASP A 364 43.06 -12.16 12.65
N TYR A 365 41.93 -11.62 12.21
CA TYR A 365 40.65 -12.09 12.71
C TYR A 365 40.22 -13.33 11.93
N SER A 366 41.12 -14.29 11.78
CA SER A 366 40.82 -15.56 11.16
C SER A 366 41.03 -16.72 12.11
N VAL A 367 42.17 -16.73 12.83
CA VAL A 367 42.44 -17.77 13.81
C VAL A 367 41.45 -17.75 14.97
N LEU A 368 40.71 -16.66 15.13
CA LEU A 368 39.73 -16.56 16.21
C LEU A 368 38.62 -17.60 16.04
N TYR A 369 38.40 -18.10 14.83
CA TYR A 369 37.51 -19.23 14.61
C TYR A 369 38.24 -20.49 14.16
N ASN A 370 39.47 -20.37 13.67
CA ASN A 370 40.27 -21.54 13.32
C ASN A 370 40.66 -22.37 14.54
N SER A 371 40.50 -21.82 15.74
CA SER A 371 40.83 -22.54 16.96
C SER A 371 39.84 -23.66 17.16
N ALA A 372 40.29 -24.90 16.92
CA ALA A 372 39.42 -26.06 17.10
C ALA A 372 39.09 -26.32 18.56
N SER A 373 39.89 -25.76 19.49
CA SER A 373 39.60 -25.93 20.92
C SER A 373 38.28 -25.29 21.30
N PHE A 374 37.83 -24.30 20.53
CA PHE A 374 36.56 -23.63 20.81
C PHE A 374 35.42 -24.60 20.53
N SER A 375 34.60 -24.86 21.56
CA SER A 375 33.54 -25.85 21.43
C SER A 375 32.53 -25.44 20.35
N THR A 376 32.12 -24.17 20.37
CA THR A 376 31.16 -23.68 19.39
C THR A 376 31.32 -22.17 19.27
N PHE A 377 31.29 -21.67 18.03
CA PHE A 377 31.51 -20.26 17.73
C PHE A 377 30.20 -19.64 17.28
N LYS A 378 29.82 -18.53 17.89
CA LYS A 378 28.56 -17.86 17.61
C LYS A 378 28.79 -16.40 17.26
N CYS A 379 28.08 -15.91 16.25
CA CYS A 379 28.06 -14.49 15.92
C CYS A 379 26.61 -14.07 15.71
N TYR A 380 26.25 -12.91 16.24
CA TYR A 380 24.89 -12.42 16.19
C TYR A 380 24.70 -11.12 15.43
N GLY A 381 25.78 -10.38 15.17
CA GLY A 381 25.63 -9.08 14.54
C GLY A 381 26.28 -8.97 13.18
N VAL A 382 27.32 -9.77 12.93
CA VAL A 382 28.05 -9.72 11.68
C VAL A 382 28.27 -11.14 11.17
N SER A 383 28.57 -11.25 9.90
CA SER A 383 28.90 -12.54 9.32
C SER A 383 30.29 -12.96 9.78
N PRO A 384 30.46 -14.19 10.28
CA PRO A 384 31.76 -14.61 10.81
C PRO A 384 32.88 -14.53 9.78
N THR A 385 32.60 -14.84 8.52
CA THR A 385 33.64 -14.77 7.50
C THR A 385 34.04 -13.34 7.20
N LYS A 386 33.10 -12.41 7.29
CA LYS A 386 33.37 -11.00 6.99
C LYS A 386 33.74 -10.24 8.26
N LEU A 387 34.73 -10.74 8.99
CA LEU A 387 35.22 -10.04 10.17
C LEU A 387 36.38 -9.11 9.89
N ASN A 388 37.15 -9.36 8.83
CA ASN A 388 38.31 -8.54 8.54
C ASN A 388 37.95 -7.21 7.91
N ASP A 389 36.89 -7.17 7.09
CA ASP A 389 36.57 -5.97 6.32
C ASP A 389 36.17 -4.81 7.22
N LEU A 390 35.35 -5.08 8.23
CA LEU A 390 34.71 -4.02 8.99
C LEU A 390 35.73 -3.26 9.83
N CYS A 391 35.36 -2.04 10.20
CA CYS A 391 36.15 -1.19 11.07
C CYS A 391 35.45 -1.08 12.43
N PHE A 392 36.20 -1.31 13.50
CA PHE A 392 35.65 -1.43 14.84
C PHE A 392 35.94 -0.17 15.65
N THR A 393 35.42 -0.14 16.87
CA THR A 393 35.60 1.02 17.76
C THR A 393 35.40 0.56 19.19
N ASN A 394 36.47 0.64 20.00
CA ASN A 394 36.43 0.33 21.42
C ASN A 394 35.94 -1.10 21.67
N VAL A 395 36.72 -2.05 21.15
CA VAL A 395 36.40 -3.46 21.31
C VAL A 395 36.49 -3.86 22.78
N TYR A 396 35.53 -4.66 23.24
CA TYR A 396 35.48 -5.12 24.61
C TYR A 396 35.82 -6.60 24.69
N ALA A 397 36.36 -7.01 25.83
CA ALA A 397 36.91 -8.35 26.03
C ALA A 397 36.44 -8.96 27.35
N ASP A 398 35.14 -8.91 27.59
CA ASP A 398 34.59 -9.49 28.82
C ASP A 398 34.77 -11.00 28.82
N SER A 399 34.94 -11.57 30.01
CA SER A 399 35.18 -13.00 30.15
C SER A 399 34.57 -13.51 31.44
N PHE A 400 33.78 -14.59 31.33
CA PHE A 400 33.18 -15.23 32.49
C PHE A 400 32.82 -16.66 32.11
N VAL A 401 32.65 -17.50 33.12
CA VAL A 401 32.44 -18.93 32.91
C VAL A 401 31.12 -19.35 33.55
N ILE A 402 30.49 -20.37 32.96
CA ILE A 402 29.24 -20.91 33.44
C ILE A 402 29.33 -22.44 33.34
N ARG A 403 28.60 -23.13 34.22
CA ARG A 403 28.66 -24.60 34.30
C ARG A 403 27.66 -25.21 33.32
N GLY A 404 28.09 -25.36 32.07
CA GLY A 404 27.32 -26.13 31.10
C GLY A 404 26.19 -25.40 30.42
N ASP A 405 25.09 -25.19 31.13
CA ASP A 405 23.87 -24.61 30.55
C ASP A 405 24.10 -23.12 30.32
N GLU A 406 24.84 -22.82 29.25
CA GLU A 406 25.22 -21.45 28.93
C GLU A 406 24.35 -20.87 27.83
N VAL A 407 24.36 -21.48 26.65
CA VAL A 407 23.66 -20.93 25.49
C VAL A 407 22.17 -20.82 25.76
N ARG A 408 21.64 -21.68 26.63
CA ARG A 408 20.24 -21.59 27.00
C ARG A 408 19.93 -20.27 27.70
N GLN A 409 20.94 -19.62 28.27
CA GLN A 409 20.74 -18.37 28.99
C GLN A 409 21.43 -17.18 28.35
N ILE A 410 22.56 -17.36 27.68
CA ILE A 410 23.31 -16.25 27.10
C ILE A 410 22.83 -16.04 25.67
N ALA A 411 22.05 -14.99 25.46
CA ALA A 411 21.53 -14.60 24.15
C ALA A 411 20.81 -13.26 24.30
N PRO A 412 20.72 -12.47 23.24
CA PRO A 412 19.98 -11.20 23.33
C PRO A 412 18.52 -11.44 23.65
N GLY A 413 18.04 -10.76 24.68
CA GLY A 413 16.67 -10.95 25.12
C GLY A 413 16.37 -12.36 25.57
N GLN A 414 17.31 -13.00 26.26
CA GLN A 414 17.16 -14.36 26.77
C GLN A 414 17.10 -14.34 28.28
N THR A 415 16.06 -14.95 28.84
CA THR A 415 15.95 -15.05 30.28
C THR A 415 16.90 -16.13 30.81
N GLY A 416 16.89 -16.30 32.12
CA GLY A 416 17.75 -17.27 32.78
C GLY A 416 18.17 -16.71 34.12
N LYS A 417 18.16 -17.59 35.13
CA LYS A 417 18.40 -17.13 36.51
C LYS A 417 19.76 -16.47 36.63
N ILE A 418 20.82 -17.16 36.18
CA ILE A 418 22.14 -16.55 36.19
C ILE A 418 22.18 -15.35 35.24
N ALA A 419 21.61 -15.50 34.05
CA ALA A 419 21.63 -14.43 33.06
C ALA A 419 20.86 -13.21 33.53
N ASP A 420 19.72 -13.41 34.20
CA ASP A 420 18.92 -12.28 34.67
C ASP A 420 19.36 -11.76 36.02
N TYR A 421 20.27 -12.47 36.71
CA TYR A 421 20.75 -12.03 38.01
C TYR A 421 22.23 -11.62 38.00
N ASN A 422 22.95 -11.89 36.92
CA ASN A 422 24.37 -11.54 36.87
C ASN A 422 24.68 -10.51 35.79
N TYR A 423 24.33 -10.79 34.53
CA TYR A 423 24.77 -9.94 33.43
C TYR A 423 23.83 -10.14 32.26
N LYS A 424 23.10 -9.09 31.88
CA LYS A 424 22.17 -9.15 30.77
C LYS A 424 22.79 -8.56 29.51
N LEU A 425 22.39 -9.07 28.37
CA LEU A 425 22.88 -8.44 27.15
C LEU A 425 21.88 -7.41 26.65
N PRO A 426 22.36 -6.35 25.98
CA PRO A 426 21.43 -5.38 25.39
C PRO A 426 20.59 -6.03 24.30
N ASP A 427 19.36 -5.55 24.16
CA ASP A 427 18.49 -6.08 23.12
C ASP A 427 19.08 -5.84 21.74
N ASP A 428 19.62 -4.65 21.51
CA ASP A 428 20.37 -4.36 20.30
C ASP A 428 21.84 -4.60 20.61
N PHE A 429 22.31 -5.79 20.24
CA PHE A 429 23.66 -6.24 20.56
C PHE A 429 24.38 -6.64 19.28
N THR A 430 25.68 -6.37 19.24
CA THR A 430 26.50 -6.69 18.07
C THR A 430 27.83 -7.24 18.59
N GLY A 431 27.91 -8.57 18.72
CA GLY A 431 29.11 -9.21 19.21
C GLY A 431 29.15 -10.66 18.82
N CYS A 432 30.26 -11.30 19.18
CA CYS A 432 30.50 -12.71 18.84
C CYS A 432 31.02 -13.42 20.08
N VAL A 433 30.15 -14.17 20.75
CA VAL A 433 30.53 -14.89 21.96
C VAL A 433 31.09 -16.25 21.59
N ILE A 434 32.13 -16.68 22.32
CA ILE A 434 32.77 -17.97 22.10
C ILE A 434 32.75 -18.74 23.41
N ALA A 435 32.74 -20.07 23.30
CA ALA A 435 32.69 -20.94 24.46
C ALA A 435 33.53 -22.18 24.20
N TRP A 436 34.21 -22.65 25.25
CA TRP A 436 34.98 -23.88 25.15
C TRP A 436 35.27 -24.41 26.54
N ASN A 437 35.30 -25.74 26.66
CA ASN A 437 35.45 -26.39 27.95
C ASN A 437 36.83 -26.12 28.54
N SER A 438 36.87 -25.94 29.85
CA SER A 438 38.10 -25.75 30.60
C SER A 438 38.09 -26.57 31.88
N ASN A 439 37.44 -27.75 31.83
CA ASN A 439 37.35 -28.60 33.01
C ASN A 439 38.73 -29.11 33.42
N ASN A 440 39.57 -29.46 32.46
CA ASN A 440 40.90 -29.96 32.78
C ASN A 440 41.72 -28.93 33.53
N LEU A 441 41.58 -27.66 33.17
CA LEU A 441 42.34 -26.59 33.80
C LEU A 441 41.80 -26.31 35.20
N GLY A 447 36.37 -31.16 42.11
CA GLY A 447 37.80 -31.23 42.32
C GLY A 447 38.44 -29.87 42.49
N ASN A 448 37.87 -28.87 41.82
CA ASN A 448 38.36 -27.49 41.88
C ASN A 448 37.16 -26.59 42.18
N TYR A 449 36.92 -26.34 43.47
CA TYR A 449 35.81 -25.50 43.91
C TYR A 449 36.23 -24.05 44.07
N ASN A 450 36.85 -23.49 43.02
CA ASN A 450 37.36 -22.13 43.06
C ASN A 450 36.57 -21.15 42.20
N TYR A 451 35.76 -21.64 41.26
CA TYR A 451 34.95 -20.77 40.41
C TYR A 451 33.67 -20.43 41.16
N LEU A 452 33.80 -19.51 42.11
CA LEU A 452 32.66 -19.12 42.94
C LEU A 452 31.68 -18.29 42.14
N TYR A 453 30.39 -18.55 42.33
CA TYR A 453 29.33 -17.85 41.62
C TYR A 453 28.40 -17.16 42.61
N ARG A 454 27.76 -16.09 42.12
CA ARG A 454 26.71 -15.46 42.89
C ARG A 454 25.52 -16.41 43.03
N LEU A 455 24.84 -16.34 44.17
CA LEU A 455 23.74 -17.24 44.47
C LEU A 455 22.39 -16.66 44.02
N PHE A 456 22.01 -15.50 44.54
CA PHE A 456 20.77 -14.86 44.15
C PHE A 456 20.90 -13.35 44.34
N ARG A 457 20.16 -12.61 43.51
CA ARG A 457 20.04 -11.17 43.63
C ARG A 457 18.57 -10.78 43.67
N LYS A 458 18.25 -9.86 44.57
CA LYS A 458 16.84 -9.49 44.78
C LYS A 458 16.26 -8.79 43.56
N SER A 459 17.04 -7.97 42.88
CA SER A 459 16.57 -7.17 41.77
C SER A 459 17.25 -7.59 40.48
N ASN A 460 16.56 -7.40 39.36
CA ASN A 460 17.15 -7.69 38.07
C ASN A 460 18.31 -6.75 37.77
N LEU A 461 19.23 -7.21 36.93
CA LEU A 461 20.43 -6.45 36.63
C LEU A 461 20.33 -5.81 35.26
N LYS A 462 20.58 -4.50 35.20
CA LYS A 462 20.61 -3.80 33.94
C LYS A 462 21.81 -4.26 33.12
N PRO A 463 21.70 -4.36 31.80
CA PRO A 463 22.84 -4.78 30.99
C PRO A 463 24.02 -3.84 31.13
N PHE A 464 25.21 -4.42 31.27
CA PHE A 464 26.47 -3.69 31.37
C PHE A 464 26.56 -2.91 32.68
N GLU A 465 26.21 -3.56 33.78
CA GLU A 465 26.52 -3.07 35.12
C GLU A 465 27.02 -4.22 35.98
N ARG A 466 28.06 -3.95 36.76
CA ARG A 466 28.74 -4.97 37.57
C ARG A 466 28.60 -4.62 39.03
N ASP A 467 28.10 -5.57 39.83
CA ASP A 467 27.85 -5.37 41.25
C ASP A 467 28.73 -6.34 42.05
N ILE A 468 29.81 -5.80 42.64
CA ILE A 468 30.69 -6.62 43.46
C ILE A 468 30.13 -6.82 44.86
N SER A 469 29.32 -5.90 45.36
CA SER A 469 28.83 -5.95 46.73
C SER A 469 28.08 -7.25 46.99
N THR A 470 28.44 -7.93 48.07
CA THR A 470 27.85 -9.21 48.45
C THR A 470 27.35 -9.10 49.89
N GLU A 471 26.09 -8.72 50.05
CA GLU A 471 25.44 -8.63 51.34
C GLU A 471 24.33 -9.67 51.42
N ILE A 472 24.25 -10.34 52.55
CA ILE A 472 23.24 -11.40 52.74
C ILE A 472 21.87 -10.76 52.76
N TYR A 473 21.09 -11.00 51.71
CA TYR A 473 19.76 -10.41 51.60
C TYR A 473 18.82 -10.98 52.65
N GLN A 474 17.81 -10.20 53.01
CA GLN A 474 16.85 -10.58 54.04
C GLN A 474 15.77 -11.47 53.45
N ALA A 475 16.16 -12.71 53.15
CA ALA A 475 15.20 -13.67 52.62
C ALA A 475 14.11 -13.97 53.63
N GLY A 476 14.47 -14.08 54.91
CA GLY A 476 13.50 -14.30 55.97
C GLY A 476 12.77 -13.02 56.35
N SER A 477 11.80 -13.19 57.25
CA SER A 477 11.00 -12.05 57.68
C SER A 477 11.81 -11.08 58.53
N THR A 478 12.81 -11.57 59.25
CA THR A 478 13.56 -10.73 60.18
C THR A 478 14.60 -9.91 59.42
N PRO A 479 14.54 -8.57 59.48
CA PRO A 479 15.58 -7.76 58.88
C PRO A 479 16.68 -7.40 59.87
N CYS A 480 17.92 -7.45 59.40
CA CYS A 480 19.07 -7.14 60.24
C CYS A 480 20.09 -6.36 59.44
N ASN A 481 20.85 -5.52 60.14
CA ASN A 481 21.89 -4.69 59.54
C ASN A 481 23.23 -5.13 60.11
N GLY A 482 24.06 -5.75 59.27
CA GLY A 482 25.35 -6.23 59.71
C GLY A 482 25.34 -7.53 60.49
N VAL A 483 24.17 -8.14 60.66
CA VAL A 483 24.04 -9.38 61.42
C VAL A 483 23.33 -10.40 60.54
N GLU A 484 23.87 -11.61 60.48
CA GLU A 484 23.25 -12.68 59.70
C GLU A 484 21.87 -12.99 60.26
N GLY A 485 20.83 -12.65 59.52
CA GLY A 485 19.47 -12.81 60.00
C GLY A 485 18.94 -14.21 59.86
N PHE A 486 17.71 -14.40 60.31
CA PHE A 486 17.06 -15.70 60.24
C PHE A 486 16.64 -15.99 58.80
N ASN A 487 16.97 -17.20 58.33
CA ASN A 487 16.67 -17.63 56.96
C ASN A 487 17.28 -16.69 55.93
N CYS A 488 18.37 -16.03 56.29
CA CYS A 488 19.08 -15.14 55.36
C CYS A 488 20.04 -15.98 54.54
N TYR A 489 19.65 -16.28 53.30
CA TYR A 489 20.46 -17.14 52.45
C TYR A 489 21.78 -16.46 52.11
N PHE A 490 22.88 -17.10 52.46
CA PHE A 490 24.19 -16.53 52.20
C PHE A 490 24.49 -16.58 50.70
N PRO A 491 24.86 -15.45 50.09
CA PRO A 491 25.14 -15.47 48.65
C PRO A 491 26.57 -15.92 48.34
N LEU A 492 26.94 -15.88 47.06
CA LEU A 492 28.28 -16.22 46.61
C LEU A 492 28.65 -17.66 47.02
N GLN A 493 27.92 -18.59 46.42
CA GLN A 493 28.12 -20.01 46.66
C GLN A 493 29.01 -20.61 45.56
N SER A 494 29.98 -21.43 45.96
CA SER A 494 30.86 -22.08 45.01
C SER A 494 30.16 -23.30 44.41
N TYR A 495 30.12 -23.36 43.09
CA TYR A 495 29.36 -24.39 42.40
C TYR A 495 30.21 -25.63 42.19
N GLY A 496 29.55 -26.79 42.15
CA GLY A 496 30.26 -28.06 42.05
C GLY A 496 30.97 -28.20 40.71
N PHE A 497 32.25 -28.54 40.76
CA PHE A 497 33.07 -28.72 39.55
C PHE A 497 33.91 -29.98 39.68
N GLN A 498 33.28 -31.09 40.06
CA GLN A 498 33.98 -32.36 40.09
C GLN A 498 34.42 -32.75 38.69
N PRO A 499 35.67 -33.20 38.50
CA PRO A 499 36.12 -33.56 37.16
C PRO A 499 35.29 -34.65 36.50
N THR A 500 34.78 -35.60 37.27
CA THR A 500 33.98 -36.69 36.71
C THR A 500 32.53 -36.31 36.49
N ASN A 501 32.13 -35.11 36.89
CA ASN A 501 30.75 -34.67 36.68
C ASN A 501 30.45 -34.55 35.20
N GLY A 502 29.20 -34.84 34.82
CA GLY A 502 28.80 -34.84 33.44
C GLY A 502 28.54 -33.46 32.88
N VAL A 503 28.11 -33.43 31.62
CA VAL A 503 27.83 -32.17 30.96
C VAL A 503 26.68 -31.46 31.66
N GLY A 504 26.67 -30.13 31.58
CA GLY A 504 25.75 -29.31 32.33
C GLY A 504 26.19 -29.01 33.74
N TYR A 505 27.28 -29.62 34.19
CA TYR A 505 27.85 -29.35 35.51
C TYR A 505 29.34 -29.06 35.44
N GLN A 506 29.93 -29.05 34.23
CA GLN A 506 31.35 -28.86 33.99
C GLN A 506 31.65 -27.40 33.69
N PRO A 507 32.83 -26.91 34.08
CA PRO A 507 33.18 -25.52 33.79
C PRO A 507 33.60 -25.35 32.35
N TYR A 508 33.69 -24.08 31.94
CA TYR A 508 34.08 -23.74 30.58
C TYR A 508 35.07 -22.58 30.61
N ARG A 509 35.31 -21.99 29.44
CA ARG A 509 36.18 -20.81 29.32
C ARG A 509 35.52 -19.79 28.40
N VAL A 510 34.25 -19.51 28.66
CA VAL A 510 33.46 -18.64 27.79
C VAL A 510 34.04 -17.23 27.77
N VAL A 511 34.13 -16.65 26.58
CA VAL A 511 34.56 -15.27 26.40
C VAL A 511 33.60 -14.59 25.43
N VAL A 512 33.02 -13.48 25.86
CA VAL A 512 32.10 -12.71 25.03
C VAL A 512 32.86 -11.50 24.49
N LEU A 513 32.69 -11.23 23.19
CA LEU A 513 33.39 -10.16 22.51
C LEU A 513 32.37 -9.20 21.93
N SER A 514 32.19 -8.06 22.58
CA SER A 514 31.22 -7.05 22.17
C SER A 514 31.95 -5.81 21.65
N PHE A 515 31.32 -5.12 20.70
CA PHE A 515 31.96 -4.00 20.04
C PHE A 515 30.91 -3.02 19.55
N GLU A 516 31.39 -1.83 19.18
CA GLU A 516 30.55 -0.75 18.68
C GLU A 516 30.93 -0.44 17.24
N LEU A 517 29.92 -0.30 16.39
CA LEU A 517 30.15 0.05 14.99
C LEU A 517 29.80 1.51 14.72
N PRO A 521 36.18 7.90 12.57
CA PRO A 521 36.98 7.78 13.79
C PRO A 521 36.88 6.38 14.41
N ALA A 522 37.51 5.41 13.75
CA ALA A 522 37.45 4.02 14.19
C ALA A 522 38.79 3.48 14.67
N THR A 523 39.87 3.73 13.91
CA THR A 523 41.26 3.39 14.29
C THR A 523 41.41 1.95 14.79
N VAL A 524 40.51 1.06 14.37
CA VAL A 524 40.63 -0.37 14.66
C VAL A 524 40.63 -1.09 13.31
N CYS A 525 41.82 -1.37 12.79
CA CYS A 525 41.95 -1.96 11.46
C CYS A 525 42.06 -3.47 11.53
N GLY A 526 41.81 -4.11 10.39
CA GLY A 526 42.00 -5.53 10.24
C GLY A 526 43.18 -5.85 9.35
N PRO A 527 43.32 -7.11 8.96
CA PRO A 527 44.46 -7.55 8.15
C PRO A 527 44.28 -7.33 6.66
N LYS A 528 43.94 -6.10 6.28
CA LYS A 528 43.82 -5.70 4.88
C LYS A 528 44.91 -4.67 4.58
N LYS A 529 45.65 -4.90 3.50
CA LYS A 529 46.79 -4.05 3.18
C LYS A 529 46.33 -2.78 2.48
N SER A 530 46.83 -1.65 2.96
CA SER A 530 46.47 -0.35 2.37
C SER A 530 47.03 -0.25 0.95
N THR A 531 46.33 0.52 0.12
CA THR A 531 46.73 0.68 -1.27
C THR A 531 46.93 2.14 -1.62
N ASN A 532 47.14 2.43 -2.90
CA ASN A 532 47.41 3.78 -3.37
C ASN A 532 46.11 4.48 -3.75
N LEU A 533 46.22 5.79 -4.02
CA LEU A 533 45.08 6.64 -4.27
C LEU A 533 45.06 7.09 -5.72
N VAL A 534 43.85 7.18 -6.28
CA VAL A 534 43.64 7.62 -7.66
C VAL A 534 42.63 8.75 -7.64
N LYS A 535 42.93 9.83 -8.37
CA LYS A 535 42.08 11.01 -8.39
C LYS A 535 41.34 11.13 -9.72
N ASN A 536 40.15 11.71 -9.66
CA ASN A 536 39.37 12.07 -10.84
C ASN A 536 39.08 10.86 -11.74
N LYS A 537 38.79 9.71 -11.14
CA LYS A 537 38.43 8.52 -11.90
C LYS A 537 37.32 7.78 -11.17
N CYS A 538 36.49 7.08 -11.95
CA CYS A 538 35.38 6.31 -11.40
C CYS A 538 35.91 5.00 -10.83
N VAL A 539 35.97 4.91 -9.49
CA VAL A 539 36.58 3.78 -8.81
C VAL A 539 35.69 3.33 -7.67
N ASN A 540 35.98 2.13 -7.17
CA ASN A 540 35.36 1.57 -5.97
C ASN A 540 36.24 1.92 -4.78
N PHE A 541 35.82 2.93 -4.03
CA PHE A 541 36.61 3.40 -2.91
C PHE A 541 36.10 2.81 -1.60
N ASN A 542 37.05 2.44 -0.74
CA ASN A 542 36.72 1.95 0.58
C ASN A 542 37.63 2.76 1.51
N PHE A 543 37.05 3.70 2.23
CA PHE A 543 37.83 4.54 3.11
C PHE A 543 37.38 4.22 4.52
N ASN A 544 38.17 3.40 5.22
CA ASN A 544 37.81 2.98 6.57
C ASN A 544 36.44 2.37 6.70
N GLY A 545 35.66 2.84 7.66
CA GLY A 545 34.35 2.25 7.91
C GLY A 545 33.33 2.35 6.79
N LEU A 546 33.68 3.03 5.71
CA LEU A 546 32.71 3.21 4.64
C LEU A 546 33.30 2.82 3.29
N THR A 547 32.42 2.34 2.41
CA THR A 547 32.80 2.00 1.04
C THR A 547 31.68 2.40 0.11
N GLY A 548 32.02 2.54 -1.17
CA GLY A 548 31.08 2.95 -2.18
C GLY A 548 31.80 3.06 -3.51
N THR A 549 31.06 3.56 -4.50
CA THR A 549 31.61 3.75 -5.84
C THR A 549 31.38 5.18 -6.30
N GLY A 550 32.32 5.71 -7.06
CA GLY A 550 32.18 7.07 -7.56
C GLY A 550 33.52 7.63 -7.97
N VAL A 551 33.52 8.94 -8.21
CA VAL A 551 34.72 9.66 -8.63
C VAL A 551 35.14 10.60 -7.52
N LEU A 552 36.45 10.67 -7.28
CA LEU A 552 37.03 11.47 -6.21
C LEU A 552 37.65 12.72 -6.83
N THR A 553 37.14 13.87 -6.45
CA THR A 553 37.59 15.16 -6.98
C THR A 553 38.15 16.01 -5.85
N GLU A 554 38.61 17.20 -6.21
CA GLU A 554 39.16 18.15 -5.26
C GLU A 554 38.10 19.18 -4.87
N SER A 555 38.01 19.47 -3.57
CA SER A 555 37.10 20.49 -3.08
C SER A 555 37.76 21.20 -1.92
N ASN A 556 37.49 22.50 -1.80
CA ASN A 556 38.18 23.37 -0.84
C ASN A 556 37.14 24.05 0.05
N LYS A 557 36.81 23.38 1.16
CA LYS A 557 35.98 23.95 2.22
C LYS A 557 36.64 23.71 3.56
N LYS A 558 36.31 24.54 4.55
CA LYS A 558 36.91 24.42 5.87
C LYS A 558 36.28 23.27 6.64
N PHE A 559 37.11 22.28 6.99
CA PHE A 559 36.66 21.02 7.58
C PHE A 559 37.41 20.73 8.88
N LEU A 560 37.44 21.72 9.79
CA LEU A 560 37.97 21.45 11.13
C LEU A 560 37.30 20.27 11.82
N PRO A 561 35.97 20.09 11.79
CA PRO A 561 35.40 18.85 12.33
C PRO A 561 35.93 17.64 11.59
N PHE A 562 36.14 16.56 12.34
CA PHE A 562 36.86 15.42 11.82
C PHE A 562 35.97 14.54 10.96
N GLN A 563 36.60 13.81 10.03
CA GLN A 563 35.92 12.91 9.11
C GLN A 563 34.85 13.62 8.29
N GLN A 564 33.76 12.91 8.02
CA GLN A 564 32.76 13.34 7.05
C GLN A 564 32.02 14.61 7.47
N ARG A 567 25.90 13.96 5.36
CA ARG A 567 26.61 15.16 4.92
C ARG A 567 25.87 15.86 3.79
N ASP A 568 24.69 15.31 3.46
CA ASP A 568 23.82 15.84 2.42
C ASP A 568 22.39 15.89 2.96
N ILE A 569 21.46 16.34 2.12
CA ILE A 569 20.05 16.23 2.47
C ILE A 569 19.68 14.76 2.65
N ALA A 570 20.14 13.91 1.73
CA ALA A 570 19.93 12.47 1.85
C ALA A 570 20.97 11.81 2.74
N ASP A 571 21.82 12.59 3.41
CA ASP A 571 22.90 12.12 4.25
C ASP A 571 23.99 11.38 3.47
N THR A 572 23.98 11.50 2.15
CA THR A 572 25.04 10.90 1.36
C THR A 572 26.35 11.64 1.58
N THR A 573 27.43 10.87 1.68
CA THR A 573 28.73 11.43 2.00
C THR A 573 29.24 12.29 0.84
N ASP A 574 29.81 13.45 1.18
CA ASP A 574 30.35 14.37 0.18
C ASP A 574 31.83 14.65 0.35
N ALA A 575 32.45 14.21 1.45
CA ALA A 575 33.87 14.40 1.66
C ALA A 575 34.36 13.37 2.65
N VAL A 576 35.63 13.00 2.53
CA VAL A 576 36.24 12.00 3.39
C VAL A 576 37.63 12.48 3.80
N ARG A 577 37.97 12.21 5.06
CA ARG A 577 39.29 12.52 5.60
C ARG A 577 40.20 11.31 5.36
N ASP A 578 41.22 11.51 4.55
CA ASP A 578 42.11 10.41 4.21
C ASP A 578 42.85 9.93 5.46
N PRO A 579 42.81 8.63 5.77
CA PRO A 579 43.53 8.16 6.96
C PRO A 579 45.02 8.47 6.92
N GLN A 580 45.63 8.40 5.75
CA GLN A 580 47.01 8.79 5.56
C GLN A 580 47.05 9.93 4.54
N THR A 581 48.03 10.82 4.72
CA THR A 581 48.08 12.09 3.99
C THR A 581 46.75 12.83 4.16
N LEU A 582 46.47 13.19 5.40
CA LEU A 582 45.19 13.77 5.76
C LEU A 582 44.88 15.01 4.92
N GLU A 583 43.89 14.88 4.03
CA GLU A 583 43.45 15.98 3.20
C GLU A 583 41.95 15.82 2.99
N ILE A 584 41.42 16.56 2.02
CA ILE A 584 39.98 16.59 1.78
C ILE A 584 39.72 16.21 0.32
N LEU A 585 38.88 15.20 0.14
CA LEU A 585 38.44 14.76 -1.18
C LEU A 585 36.93 14.91 -1.27
N ASP A 586 36.42 14.87 -2.49
CA ASP A 586 34.99 14.99 -2.73
C ASP A 586 34.52 13.78 -3.53
N ILE A 587 33.29 13.35 -3.25
CA ILE A 587 32.71 12.17 -3.87
C ILE A 587 31.58 12.64 -4.78
N THR A 588 31.64 12.22 -6.05
CA THR A 588 30.60 12.52 -7.02
C THR A 588 30.19 11.23 -7.72
N PRO A 589 28.90 10.96 -7.85
CA PRO A 589 28.48 9.69 -8.46
C PRO A 589 28.92 9.60 -9.91
N CYS A 590 29.12 8.36 -10.36
CA CYS A 590 29.49 8.11 -11.73
C CYS A 590 28.42 8.65 -12.67
N SER A 591 28.86 9.24 -13.78
CA SER A 591 27.92 9.81 -14.74
C SER A 591 27.01 8.73 -15.29
N PHE A 592 25.70 8.91 -15.12
CA PHE A 592 24.74 7.98 -15.66
C PHE A 592 23.52 8.76 -16.16
N GLY A 593 22.76 8.12 -17.04
CA GLY A 593 21.58 8.79 -17.57
C GLY A 593 20.74 7.87 -18.41
N GLY A 594 19.51 8.33 -18.68
CA GLY A 594 18.59 7.57 -19.48
C GLY A 594 18.92 7.60 -20.95
N VAL A 595 18.45 6.58 -21.66
CA VAL A 595 18.71 6.41 -23.09
C VAL A 595 17.37 6.42 -23.82
N SER A 596 17.26 7.29 -24.82
CA SER A 596 16.06 7.37 -25.64
C SER A 596 16.40 6.83 -27.02
N VAL A 597 15.63 5.85 -27.48
CA VAL A 597 15.89 5.20 -28.76
C VAL A 597 14.87 5.76 -29.74
N ILE A 598 15.28 6.78 -30.50
CA ILE A 598 14.38 7.35 -31.50
C ILE A 598 14.44 6.51 -32.76
N THR A 599 13.26 6.19 -33.29
CA THR A 599 13.13 5.38 -34.49
C THR A 599 11.95 5.86 -35.32
N PRO A 600 12.02 5.71 -36.63
CA PRO A 600 10.83 5.90 -37.46
C PRO A 600 10.06 4.59 -37.58
N GLY A 601 8.99 4.59 -38.35
CA GLY A 601 8.23 3.36 -38.53
C GLY A 601 9.09 2.26 -39.15
N THR A 602 8.92 1.04 -38.62
CA THR A 602 9.67 -0.09 -39.16
C THR A 602 9.35 -0.32 -40.63
N ASN A 603 8.14 0.04 -41.06
CA ASN A 603 7.78 -0.06 -42.47
C ASN A 603 8.67 0.83 -43.33
N THR A 604 8.91 2.06 -42.88
CA THR A 604 9.70 2.99 -43.68
C THR A 604 11.16 2.58 -43.72
N SER A 605 11.75 2.23 -42.58
CA SER A 605 13.18 1.94 -42.51
C SER A 605 13.46 1.15 -41.23
N ASN A 606 14.75 1.04 -40.90
CA ASN A 606 15.17 0.40 -39.65
C ASN A 606 16.26 1.19 -38.94
N GLN A 607 16.59 2.40 -39.40
CA GLN A 607 17.69 3.15 -38.83
C GLN A 607 17.25 3.83 -37.54
N VAL A 608 17.96 3.53 -36.45
CA VAL A 608 17.63 4.07 -35.14
C VAL A 608 18.73 5.03 -34.73
N ALA A 609 18.38 6.00 -33.90
CA ALA A 609 19.35 6.92 -33.35
C ALA A 609 19.19 6.96 -31.84
N VAL A 610 20.28 7.22 -31.13
CA VAL A 610 20.27 7.18 -29.68
C VAL A 610 20.37 8.59 -29.14
N LEU A 611 19.77 8.81 -27.98
CA LEU A 611 19.80 10.08 -27.28
C LEU A 611 20.22 9.81 -25.85
N TYR A 612 21.27 10.50 -25.40
CA TYR A 612 21.73 10.42 -24.03
C TYR A 612 21.25 11.66 -23.30
N GLN A 613 20.51 11.45 -22.22
CA GLN A 613 19.79 12.54 -21.57
C GLN A 613 20.75 13.37 -20.72
N ASP A 614 20.90 14.64 -21.09
CA ASP A 614 21.61 15.62 -20.28
C ASP A 614 23.05 15.17 -19.99
N VAL A 615 23.66 14.51 -20.96
CA VAL A 615 25.06 14.12 -20.88
C VAL A 615 25.84 14.99 -21.85
N ASN A 616 26.89 15.63 -21.35
CA ASN A 616 27.65 16.59 -22.13
C ASN A 616 28.26 15.92 -23.35
N CYS A 617 27.93 16.44 -24.54
CA CYS A 617 28.55 15.94 -25.76
C CYS A 617 30.07 16.09 -25.72
N THR A 618 30.57 17.04 -24.93
CA THR A 618 32.01 17.16 -24.72
C THR A 618 32.55 16.08 -23.81
N GLU A 619 31.68 15.32 -23.14
CA GLU A 619 32.09 14.26 -22.24
C GLU A 619 31.56 12.89 -22.65
N VAL A 620 30.77 12.81 -23.72
CA VAL A 620 30.26 11.52 -24.20
C VAL A 620 31.38 10.57 -24.65
N PRO A 621 32.59 11.02 -24.99
CA PRO A 621 33.69 10.04 -25.15
C PRO A 621 33.84 9.14 -23.95
N VAL A 622 33.64 9.66 -22.74
CA VAL A 622 33.52 8.79 -21.57
C VAL A 622 32.29 7.89 -21.70
N ALA A 623 31.17 8.47 -22.14
CA ALA A 623 29.95 7.68 -22.33
C ALA A 623 30.13 6.66 -23.44
N ILE A 624 30.77 7.05 -24.54
CA ILE A 624 30.98 6.16 -25.66
C ILE A 624 32.47 5.91 -25.88
N VAL A 635 28.23 -0.02 -32.90
CA VAL A 635 28.39 0.55 -34.23
C VAL A 635 27.94 2.00 -34.22
N TYR A 636 27.12 2.37 -33.25
CA TYR A 636 26.66 3.74 -33.11
C TYR A 636 27.54 4.58 -32.20
N SER A 637 28.51 3.97 -31.52
CA SER A 637 29.42 4.71 -30.66
C SER A 637 30.43 5.54 -31.45
N THR A 638 30.50 5.35 -32.76
CA THR A 638 31.41 6.14 -33.58
C THR A 638 30.92 7.57 -33.72
N GLY A 639 31.86 8.48 -33.97
CA GLY A 639 31.50 9.86 -34.19
C GLY A 639 31.22 10.14 -35.66
N SER A 640 29.94 10.10 -36.03
CA SER A 640 29.53 10.36 -37.40
C SER A 640 28.80 11.69 -37.56
N ASN A 641 27.74 11.89 -36.79
CA ASN A 641 27.06 13.18 -36.74
C ASN A 641 26.51 13.33 -35.33
N VAL A 642 27.29 13.96 -34.46
CA VAL A 642 26.96 14.10 -33.05
C VAL A 642 26.45 15.53 -32.84
N PHE A 643 25.24 15.66 -32.32
CA PHE A 643 24.63 16.96 -32.13
C PHE A 643 24.38 17.17 -30.64
N GLN A 644 24.44 18.43 -30.21
CA GLN A 644 24.27 18.77 -28.81
C GLN A 644 23.02 19.61 -28.62
N THR A 645 22.14 19.15 -27.72
CA THR A 645 20.91 19.83 -27.37
C THR A 645 20.88 20.05 -25.87
N ARG A 646 20.06 21.00 -25.43
CA ARG A 646 19.89 21.19 -24.00
C ARG A 646 19.32 19.95 -23.34
N ALA A 647 18.71 19.04 -24.11
CA ALA A 647 18.20 17.79 -23.58
C ALA A 647 19.25 16.69 -23.53
N GLY A 648 20.39 16.86 -24.18
CA GLY A 648 21.45 15.88 -24.09
C GLY A 648 22.25 15.79 -25.38
N CYS A 649 22.81 14.62 -25.59
CA CYS A 649 23.69 14.36 -26.73
C CYS A 649 23.00 13.40 -27.67
N LEU A 650 22.86 13.79 -28.94
CA LEU A 650 22.14 13.01 -29.94
C LEU A 650 23.14 12.40 -30.90
N ILE A 651 23.12 11.07 -31.01
CA ILE A 651 24.09 10.33 -31.81
C ILE A 651 23.35 9.44 -32.80
N GLY A 652 23.69 9.56 -34.08
CA GLY A 652 23.06 8.79 -35.12
C GLY A 652 22.16 9.57 -36.05
N ALA A 653 22.15 10.90 -35.97
CA ALA A 653 21.34 11.71 -36.86
C ALA A 653 22.10 12.96 -37.24
N GLU A 654 22.06 13.30 -38.52
CA GLU A 654 22.69 14.52 -38.99
C GLU A 654 21.83 15.73 -38.63
N HIS A 655 22.46 16.89 -38.62
CA HIS A 655 21.78 18.14 -38.29
C HIS A 655 21.39 18.88 -39.55
N VAL A 656 20.19 19.44 -39.54
CA VAL A 656 19.68 20.20 -40.68
C VAL A 656 19.27 21.58 -40.18
N ASN A 657 19.28 22.54 -41.10
CA ASN A 657 19.09 23.94 -40.73
C ASN A 657 17.73 24.51 -41.12
N ASN A 658 16.95 23.81 -41.92
CA ASN A 658 15.67 24.34 -42.36
C ASN A 658 14.64 24.20 -41.24
N SER A 659 13.38 24.51 -41.54
CA SER A 659 12.31 24.52 -40.56
C SER A 659 11.18 23.62 -41.03
N TYR A 660 10.76 22.69 -40.16
CA TYR A 660 9.66 21.78 -40.46
C TYR A 660 8.77 21.66 -39.24
N GLU A 661 7.59 21.08 -39.45
CA GLU A 661 6.69 20.78 -38.36
C GLU A 661 7.24 19.63 -37.52
N CYS A 662 6.84 19.61 -36.25
CA CYS A 662 7.36 18.58 -35.35
C CYS A 662 6.73 17.23 -35.66
N ASP A 663 7.57 16.19 -35.64
CA ASP A 663 7.12 14.82 -35.84
C ASP A 663 7.42 13.96 -34.63
N ILE A 664 8.63 14.01 -34.09
CA ILE A 664 8.96 13.30 -32.86
C ILE A 664 9.66 14.27 -31.92
N PRO A 665 9.00 14.70 -30.85
CA PRO A 665 9.64 15.66 -29.94
C PRO A 665 10.87 15.07 -29.27
N ILE A 666 11.81 15.95 -28.94
CA ILE A 666 13.06 15.59 -28.28
C ILE A 666 13.26 16.38 -26.99
N GLY A 667 13.25 17.69 -27.09
CA GLY A 667 13.48 18.57 -25.96
C GLY A 667 14.03 19.89 -26.46
N ALA A 668 13.76 20.94 -25.69
CA ALA A 668 14.28 22.28 -25.98
C ALA A 668 13.94 22.73 -27.40
N GLY A 669 12.83 22.25 -27.93
CA GLY A 669 12.38 22.64 -29.24
C GLY A 669 12.98 21.86 -30.40
N ILE A 670 13.93 20.97 -30.16
CA ILE A 670 14.53 20.19 -31.23
C ILE A 670 13.54 19.10 -31.62
N CYS A 671 13.08 19.13 -32.88
CA CYS A 671 12.17 18.14 -33.39
C CYS A 671 12.85 17.35 -34.51
N ALA A 672 12.66 16.04 -34.49
CA ALA A 672 13.34 15.13 -35.40
C ALA A 672 12.34 14.53 -36.37
N SER A 673 12.83 14.16 -37.55
CA SER A 673 11.99 13.60 -38.58
C SER A 673 12.82 12.68 -39.47
N TYR A 674 12.12 11.99 -40.37
CA TYR A 674 12.74 11.07 -41.31
C TYR A 674 12.41 11.52 -42.73
N GLN A 675 13.42 11.98 -43.45
CA GLN A 675 13.24 12.49 -44.80
C GLN A 675 14.44 12.11 -45.64
N THR A 676 14.18 11.69 -46.87
CA THR A 676 15.26 11.35 -47.79
C THR A 676 15.76 12.59 -48.53
N SER A 689 21.37 8.92 -48.06
CA SER A 689 20.12 9.01 -48.80
C SER A 689 18.92 8.99 -47.86
N GLN A 690 18.84 7.96 -47.02
CA GLN A 690 17.74 7.79 -46.08
C GLN A 690 18.33 7.76 -44.67
N SER A 691 18.05 8.80 -43.89
CA SER A 691 18.60 8.93 -42.55
C SER A 691 17.68 9.82 -41.73
N ILE A 692 18.02 10.00 -40.46
CA ILE A 692 17.20 10.76 -39.52
C ILE A 692 17.79 12.16 -39.38
N ILE A 693 16.92 13.15 -39.22
CA ILE A 693 17.37 14.54 -39.07
C ILE A 693 16.72 15.14 -37.82
N ALA A 694 17.39 16.15 -37.28
CA ALA A 694 16.89 16.94 -36.15
C ALA A 694 17.03 18.42 -36.49
N TYR A 695 16.06 19.22 -36.07
CA TYR A 695 16.02 20.61 -36.52
C TYR A 695 15.26 21.45 -35.51
N THR A 696 15.36 22.76 -35.67
CA THR A 696 14.57 23.69 -34.87
C THR A 696 13.12 23.60 -35.30
N MET A 697 12.23 23.44 -34.32
CA MET A 697 10.82 23.29 -34.63
C MET A 697 10.28 24.60 -35.20
N SER A 698 9.45 24.50 -36.22
CA SER A 698 8.95 25.66 -36.94
C SER A 698 7.60 26.06 -36.37
N LEU A 699 7.55 27.22 -35.71
CA LEU A 699 6.29 27.69 -35.13
C LEU A 699 5.21 27.82 -36.18
N GLY A 700 5.60 28.04 -37.43
CA GLY A 700 4.65 28.15 -38.51
C GLY A 700 5.17 29.08 -39.58
N ALA A 701 4.45 29.12 -40.69
CA ALA A 701 4.81 30.01 -41.78
C ALA A 701 4.68 31.47 -41.33
N GLU A 702 5.51 32.32 -41.90
CA GLU A 702 5.47 33.73 -41.56
C GLU A 702 4.25 34.41 -42.19
N ASN A 703 3.70 35.38 -41.47
CA ASN A 703 2.66 36.23 -42.02
C ASN A 703 2.67 37.57 -41.30
N SER A 704 2.25 38.60 -42.03
CA SER A 704 2.12 39.94 -41.48
C SER A 704 0.92 40.61 -42.14
N VAL A 705 0.33 41.58 -41.44
CA VAL A 705 -0.85 42.27 -41.91
C VAL A 705 -0.58 43.77 -41.87
N ALA A 706 -0.96 44.47 -42.94
CA ALA A 706 -0.66 45.89 -43.10
C ALA A 706 -1.71 46.71 -42.36
N TYR A 707 -1.43 46.98 -41.10
CA TYR A 707 -2.24 47.91 -40.32
C TYR A 707 -2.20 49.30 -40.94
N SER A 708 -3.37 49.93 -41.02
CA SER A 708 -3.48 51.34 -41.36
C SER A 708 -4.88 51.80 -40.98
N ASN A 709 -4.99 53.06 -40.57
CA ASN A 709 -6.22 53.49 -39.90
C ASN A 709 -7.30 53.95 -40.87
N ASN A 710 -7.08 53.83 -42.18
CA ASN A 710 -8.09 54.22 -43.15
C ASN A 710 -8.31 53.13 -44.19
N SER A 711 -8.19 51.88 -43.78
CA SER A 711 -8.39 50.75 -44.68
C SER A 711 -9.22 49.69 -43.96
N ILE A 712 -9.90 48.86 -44.75
CA ILE A 712 -10.66 47.74 -44.21
C ILE A 712 -10.57 46.59 -45.20
N ALA A 713 -10.49 45.37 -44.67
CA ALA A 713 -10.43 44.16 -45.48
C ALA A 713 -11.64 43.29 -45.16
N ILE A 714 -12.46 43.02 -46.17
CA ILE A 714 -13.73 42.33 -45.97
C ILE A 714 -13.79 41.09 -46.86
N PRO A 715 -14.32 39.98 -46.37
CA PRO A 715 -14.51 38.80 -47.24
C PRO A 715 -15.59 39.04 -48.27
N THR A 716 -15.48 38.32 -49.40
CA THR A 716 -16.48 38.38 -50.45
C THR A 716 -17.00 37.01 -50.87
N ASN A 717 -16.52 35.94 -50.25
CA ASN A 717 -17.00 34.59 -50.56
C ASN A 717 -16.74 33.71 -49.36
N PHE A 718 -17.56 32.68 -49.20
CA PHE A 718 -17.50 31.87 -48.00
C PHE A 718 -17.31 30.40 -48.38
N THR A 719 -17.26 29.57 -47.34
CA THR A 719 -17.03 28.14 -47.49
C THR A 719 -17.61 27.42 -46.28
N ILE A 720 -18.43 26.41 -46.53
CA ILE A 720 -19.05 25.63 -45.45
C ILE A 720 -18.17 24.41 -45.21
N SER A 721 -17.38 24.44 -44.15
CA SER A 721 -16.53 23.31 -43.85
C SER A 721 -17.18 22.46 -42.78
N VAL A 722 -16.66 21.25 -42.59
CA VAL A 722 -17.22 20.29 -41.64
C VAL A 722 -16.09 19.53 -40.98
N THR A 723 -16.07 19.53 -39.66
CA THR A 723 -14.97 18.94 -38.90
C THR A 723 -15.49 17.97 -37.86
N THR A 724 -14.67 16.97 -37.55
CA THR A 724 -15.08 15.88 -36.68
C THR A 724 -14.43 16.02 -35.30
N GLU A 725 -15.24 15.85 -34.27
CA GLU A 725 -14.77 15.87 -32.88
C GLU A 725 -15.15 14.55 -32.22
N ILE A 726 -14.20 13.93 -31.55
CA ILE A 726 -14.39 12.59 -31.00
C ILE A 726 -14.30 12.65 -29.48
N LEU A 727 -15.35 12.18 -28.80
CA LEU A 727 -15.38 12.21 -27.34
C LEU A 727 -15.63 10.81 -26.79
N PRO A 728 -14.75 10.29 -25.95
CA PRO A 728 -15.08 9.08 -25.20
C PRO A 728 -16.22 9.38 -24.25
N VAL A 729 -16.99 8.33 -23.93
CA VAL A 729 -18.14 8.45 -23.04
C VAL A 729 -18.01 7.55 -21.82
N SER A 730 -17.86 6.25 -22.03
CA SER A 730 -17.79 5.32 -20.93
C SER A 730 -16.79 4.22 -21.24
N MET A 731 -16.18 3.67 -20.20
CA MET A 731 -15.26 2.57 -20.34
C MET A 731 -15.98 1.25 -20.09
N THR A 732 -15.25 0.16 -20.28
CA THR A 732 -15.85 -1.16 -20.16
C THR A 732 -16.23 -1.44 -18.72
N LYS A 733 -17.50 -1.77 -18.50
CA LYS A 733 -18.00 -2.00 -17.14
C LYS A 733 -17.40 -3.26 -16.56
N THR A 734 -16.34 -3.12 -15.79
CA THR A 734 -15.57 -4.24 -15.29
C THR A 734 -15.93 -4.54 -13.85
N SER A 735 -15.98 -5.83 -13.51
CA SER A 735 -16.19 -6.28 -12.14
C SER A 735 -15.15 -7.35 -11.81
N VAL A 736 -14.79 -7.43 -10.54
CA VAL A 736 -13.75 -8.32 -10.07
C VAL A 736 -14.25 -9.10 -8.87
N ASP A 737 -13.92 -10.38 -8.82
CA ASP A 737 -14.21 -11.22 -7.67
C ASP A 737 -12.98 -11.25 -6.76
N CYS A 738 -13.16 -10.82 -5.52
CA CYS A 738 -12.02 -10.70 -4.61
C CYS A 738 -11.53 -12.08 -4.18
N THR A 739 -12.38 -12.85 -3.52
CA THR A 739 -11.94 -14.11 -2.91
C THR A 739 -11.42 -15.08 -3.95
N MET A 740 -12.10 -15.18 -5.09
CA MET A 740 -11.67 -16.11 -6.13
C MET A 740 -10.29 -15.74 -6.64
N TYR A 741 -10.08 -14.47 -6.94
CA TYR A 741 -8.80 -14.04 -7.51
C TYR A 741 -7.67 -14.10 -6.51
N ILE A 742 -7.97 -13.98 -5.22
CA ILE A 742 -6.92 -13.98 -4.21
C ILE A 742 -6.66 -15.36 -3.62
N CYS A 743 -7.59 -16.29 -3.76
CA CYS A 743 -7.47 -17.59 -3.09
C CYS A 743 -7.86 -18.78 -3.94
N GLY A 744 -8.52 -18.59 -5.09
CA GLY A 744 -8.95 -19.74 -5.87
C GLY A 744 -9.98 -20.54 -5.12
N ASP A 745 -9.70 -21.83 -4.96
CA ASP A 745 -10.65 -22.74 -4.35
C ASP A 745 -10.06 -23.46 -3.15
N SER A 746 -9.42 -22.73 -2.25
CA SER A 746 -8.81 -23.28 -1.06
C SER A 746 -9.52 -22.73 0.18
N THR A 747 -9.89 -23.63 1.09
CA THR A 747 -10.57 -23.20 2.31
C THR A 747 -9.60 -22.50 3.26
N GLU A 748 -8.34 -22.94 3.29
CA GLU A 748 -7.37 -22.31 4.18
C GLU A 748 -7.14 -20.86 3.81
N CYS A 749 -7.01 -20.57 2.51
CA CYS A 749 -6.83 -19.19 2.08
C CYS A 749 -8.06 -18.35 2.42
N SER A 750 -9.25 -18.92 2.24
CA SER A 750 -10.47 -18.20 2.59
C SER A 750 -10.51 -17.88 4.08
N ASN A 751 -10.10 -18.82 4.93
CA ASN A 751 -10.06 -18.55 6.36
C ASN A 751 -9.04 -17.47 6.66
N LEU A 752 -7.85 -17.54 6.06
CA LEU A 752 -6.80 -16.58 6.37
C LEU A 752 -7.12 -15.18 5.88
N LEU A 753 -7.94 -15.04 4.84
CA LEU A 753 -8.35 -13.70 4.46
C LEU A 753 -9.30 -13.07 5.47
N LEU A 754 -10.00 -13.88 6.27
CA LEU A 754 -10.98 -13.35 7.21
C LEU A 754 -10.37 -12.47 8.29
N GLN A 755 -9.05 -12.51 8.45
CA GLN A 755 -8.38 -11.70 9.47
C GLN A 755 -7.96 -10.33 8.96
N TYR A 756 -8.44 -9.91 7.79
CA TYR A 756 -8.02 -8.66 7.19
C TYR A 756 -9.16 -7.67 7.03
N GLY A 757 -10.09 -7.62 7.97
CA GLY A 757 -11.15 -6.64 7.89
C GLY A 757 -12.04 -6.89 6.70
N SER A 758 -12.47 -5.81 6.05
CA SER A 758 -13.40 -5.87 4.94
C SER A 758 -12.81 -5.28 3.66
N PHE A 759 -11.56 -5.65 3.35
CA PHE A 759 -10.94 -5.16 2.14
C PHE A 759 -11.73 -5.55 0.91
N CYS A 760 -12.14 -6.83 0.85
CA CYS A 760 -12.86 -7.32 -0.31
C CYS A 760 -14.17 -6.57 -0.50
N THR A 761 -14.90 -6.32 0.58
CA THR A 761 -16.16 -5.59 0.47
C THR A 761 -15.92 -4.17 -0.03
N GLN A 762 -14.87 -3.51 0.46
CA GLN A 762 -14.56 -2.17 0.00
C GLN A 762 -14.28 -2.16 -1.50
N LEU A 763 -13.44 -3.08 -1.96
CA LEU A 763 -13.10 -3.11 -3.38
C LEU A 763 -14.32 -3.40 -4.23
N ASN A 764 -15.15 -4.36 -3.80
CA ASN A 764 -16.34 -4.69 -4.57
C ASN A 764 -17.29 -3.51 -4.64
N ARG A 765 -17.48 -2.80 -3.52
CA ARG A 765 -18.35 -1.65 -3.53
C ARG A 765 -17.81 -0.56 -4.45
N ALA A 766 -16.50 -0.33 -4.43
CA ALA A 766 -15.93 0.68 -5.30
C ALA A 766 -16.15 0.33 -6.76
N LEU A 767 -15.91 -0.93 -7.12
CA LEU A 767 -16.06 -1.33 -8.51
C LEU A 767 -17.52 -1.28 -8.96
N THR A 768 -18.43 -1.66 -8.08
CA THR A 768 -19.85 -1.55 -8.41
C THR A 768 -20.26 -0.10 -8.62
N GLY A 769 -19.76 0.81 -7.78
CA GLY A 769 -20.03 2.22 -7.99
C GLY A 769 -19.50 2.70 -9.33
N ILE A 770 -18.31 2.23 -9.71
CA ILE A 770 -17.77 2.54 -11.02
C ILE A 770 -18.73 2.10 -12.11
N ALA A 771 -19.14 0.83 -12.05
CA ALA A 771 -19.99 0.25 -13.08
C ALA A 771 -21.29 1.01 -13.20
N VAL A 772 -21.87 1.43 -12.07
CA VAL A 772 -23.09 2.22 -12.12
C VAL A 772 -22.82 3.56 -12.79
N GLU A 773 -21.70 4.21 -12.45
CA GLU A 773 -21.56 5.57 -12.92
C GLU A 773 -21.31 5.64 -14.43
N GLN A 774 -20.65 4.64 -15.03
CA GLN A 774 -20.52 4.74 -16.50
C GLN A 774 -21.88 4.71 -17.20
N ASP A 775 -22.77 3.78 -16.80
CA ASP A 775 -24.05 3.75 -17.49
C ASP A 775 -24.85 5.01 -17.18
N LYS A 776 -24.65 5.59 -16.00
CA LYS A 776 -25.25 6.88 -15.74
C LYS A 776 -24.75 7.94 -16.71
N ASN A 777 -23.44 7.93 -17.00
CA ASN A 777 -22.90 8.85 -18.00
C ASN A 777 -23.61 8.66 -19.32
N THR A 778 -23.76 7.41 -19.75
CA THR A 778 -24.38 7.15 -21.05
C THR A 778 -25.80 7.68 -21.09
N GLN A 779 -26.59 7.37 -20.06
CA GLN A 779 -27.98 7.82 -20.04
C GLN A 779 -28.05 9.34 -20.03
N GLU A 780 -27.11 10.00 -19.36
CA GLU A 780 -27.15 11.45 -19.29
C GLU A 780 -26.79 12.07 -20.63
N VAL A 781 -25.76 11.55 -21.30
CA VAL A 781 -25.28 12.19 -22.52
C VAL A 781 -26.23 11.91 -23.69
N PHE A 782 -26.82 10.72 -23.74
CA PHE A 782 -27.66 10.36 -24.88
C PHE A 782 -29.12 10.74 -24.67
N ALA A 783 -29.74 10.20 -23.63
CA ALA A 783 -31.19 10.31 -23.45
C ALA A 783 -31.52 11.66 -22.83
N GLN A 784 -31.74 12.65 -23.70
CA GLN A 784 -32.13 13.97 -23.26
C GLN A 784 -33.53 14.35 -23.68
N VAL A 785 -34.14 13.62 -24.60
CA VAL A 785 -35.53 13.85 -25.02
C VAL A 785 -36.29 12.55 -24.89
N LYS A 786 -37.50 12.62 -24.34
CA LYS A 786 -38.31 11.42 -24.08
C LYS A 786 -39.45 11.28 -25.09
N GLN A 787 -39.19 11.62 -26.34
CA GLN A 787 -40.16 11.43 -27.42
C GLN A 787 -39.36 10.92 -28.62
N ILE A 788 -39.35 9.61 -28.80
CA ILE A 788 -38.60 9.01 -29.92
C ILE A 788 -39.28 9.43 -31.21
N TYR A 789 -38.64 10.32 -31.96
CA TYR A 789 -39.21 10.81 -33.20
C TYR A 789 -38.98 9.82 -34.33
N LYS A 790 -39.90 9.84 -35.30
CA LYS A 790 -39.83 8.94 -36.44
C LYS A 790 -39.27 9.70 -37.64
N THR A 791 -38.30 9.09 -38.31
CA THR A 791 -37.69 9.72 -39.46
C THR A 791 -38.72 9.87 -40.58
N PRO A 792 -38.96 11.06 -41.08
CA PRO A 792 -39.88 11.22 -42.19
C PRO A 792 -39.24 10.76 -43.48
N PRO A 793 -40.02 10.21 -44.42
CA PRO A 793 -39.45 9.84 -45.72
C PRO A 793 -38.79 11.03 -46.38
N ILE A 794 -37.49 10.94 -46.62
CA ILE A 794 -36.72 12.08 -47.11
C ILE A 794 -37.08 12.32 -48.57
N LYS A 795 -37.73 13.45 -48.85
CA LYS A 795 -38.03 13.80 -50.23
C LYS A 795 -37.48 15.18 -50.63
N ASP A 796 -37.79 16.22 -49.86
CA ASP A 796 -37.44 17.59 -50.28
C ASP A 796 -36.12 18.04 -49.69
N PHE A 797 -36.07 18.17 -48.37
CA PHE A 797 -34.92 18.70 -47.64
C PHE A 797 -34.28 19.88 -48.37
N GLY A 798 -35.11 20.75 -48.94
CA GLY A 798 -34.66 21.95 -49.60
C GLY A 798 -33.52 21.80 -50.58
N GLY A 799 -33.26 20.56 -51.03
CA GLY A 799 -32.16 20.27 -51.91
C GLY A 799 -30.94 19.69 -51.24
N PHE A 800 -30.84 19.77 -49.91
CA PHE A 800 -29.71 19.18 -49.23
C PHE A 800 -29.86 17.67 -49.21
N ASN A 801 -28.74 16.97 -49.06
CA ASN A 801 -28.75 15.52 -49.03
C ASN A 801 -28.26 15.01 -47.68
N PHE A 802 -28.85 13.91 -47.21
CA PHE A 802 -28.54 13.37 -45.90
C PHE A 802 -28.44 11.86 -45.89
N SER A 803 -28.39 11.21 -47.04
CA SER A 803 -28.54 9.77 -47.09
C SER A 803 -27.39 9.04 -46.40
N GLN A 804 -26.30 9.74 -46.10
CA GLN A 804 -25.14 9.08 -45.54
C GLN A 804 -25.21 8.92 -44.03
N ILE A 805 -25.93 9.80 -43.32
CA ILE A 805 -25.92 9.78 -41.87
C ILE A 805 -27.25 9.34 -41.27
N LEU A 806 -28.36 9.51 -41.98
CA LEU A 806 -29.61 8.96 -41.50
C LEU A 806 -29.53 7.43 -41.49
N PRO A 807 -30.23 6.78 -40.57
CA PRO A 807 -30.24 5.31 -40.57
C PRO A 807 -30.82 4.79 -41.87
N ASP A 808 -30.27 3.68 -42.34
CA ASP A 808 -30.68 3.12 -43.61
C ASP A 808 -32.11 2.59 -43.51
N PRO A 809 -33.05 3.09 -44.31
CA PRO A 809 -34.40 2.50 -44.31
C PRO A 809 -34.46 1.15 -45.01
N SER A 810 -33.33 0.63 -45.49
CA SER A 810 -33.31 -0.64 -46.20
C SER A 810 -32.98 -1.80 -45.27
N LYS A 811 -31.79 -1.78 -44.68
CA LYS A 811 -31.39 -2.85 -43.76
C LYS A 811 -32.18 -2.73 -42.46
N PRO A 812 -32.61 -3.85 -41.86
CA PRO A 812 -33.36 -3.74 -40.59
C PRO A 812 -32.57 -3.06 -39.48
N SER A 813 -31.26 -3.24 -39.44
CA SER A 813 -30.45 -2.55 -38.44
C SER A 813 -30.45 -1.06 -38.73
N LYS A 814 -30.92 -0.27 -37.77
CA LYS A 814 -30.96 1.18 -37.93
C LYS A 814 -29.56 1.78 -37.83
N ARG A 815 -28.75 1.59 -38.87
CA ARG A 815 -27.41 2.16 -38.92
C ARG A 815 -27.24 2.95 -40.20
N SER A 816 -26.10 3.61 -40.32
CA SER A 816 -25.77 4.39 -41.50
C SER A 816 -24.36 4.05 -41.95
N PRO A 817 -24.06 4.21 -43.25
CA PRO A 817 -22.72 3.87 -43.73
C PRO A 817 -21.61 4.57 -42.97
N ILE A 818 -21.81 5.84 -42.60
CA ILE A 818 -20.85 6.50 -41.73
C ILE A 818 -20.76 5.76 -40.40
N GLU A 819 -21.90 5.44 -39.82
CA GLU A 819 -21.91 4.73 -38.55
C GLU A 819 -21.29 3.34 -38.68
N ASP A 820 -21.62 2.62 -39.75
CA ASP A 820 -21.08 1.28 -39.92
C ASP A 820 -19.58 1.31 -40.12
N LEU A 821 -19.09 2.24 -40.94
CA LEU A 821 -17.65 2.38 -41.11
C LEU A 821 -16.98 2.74 -39.80
N LEU A 822 -17.59 3.63 -39.02
CA LEU A 822 -17.03 3.99 -37.72
C LEU A 822 -16.94 2.77 -36.81
N PHE A 823 -18.00 1.96 -36.79
CA PHE A 823 -17.97 0.75 -35.96
C PHE A 823 -16.90 -0.22 -36.43
N ASN A 824 -16.74 -0.39 -37.74
CA ASN A 824 -15.79 -1.33 -38.28
C ASN A 824 -14.34 -0.89 -38.12
N LYS A 825 -14.07 0.41 -38.10
CA LYS A 825 -12.71 0.88 -37.95
C LYS A 825 -12.14 0.64 -36.56
N VAL A 826 -12.99 0.58 -35.55
CA VAL A 826 -12.53 0.38 -34.18
C VAL A 826 -12.26 -1.10 -33.95
N THR A 827 -11.07 -1.41 -33.47
CA THR A 827 -10.64 -2.79 -33.22
C THR A 827 -10.61 -3.01 -31.72
N LEU A 828 -11.67 -3.61 -31.19
CA LEU A 828 -11.76 -3.89 -29.76
C LEU A 828 -11.36 -5.33 -29.46
N GLY A 842 -15.88 -18.48 -24.95
CA GLY A 842 -14.76 -17.84 -25.62
C GLY A 842 -15.11 -16.52 -26.27
N ASP A 843 -16.14 -15.85 -25.75
CA ASP A 843 -16.57 -14.58 -26.30
C ASP A 843 -15.49 -13.53 -26.13
N ILE A 844 -15.21 -12.79 -27.21
CA ILE A 844 -14.13 -11.83 -27.22
C ILE A 844 -14.58 -10.55 -26.53
N ALA A 845 -13.73 -10.05 -25.62
CA ALA A 845 -14.02 -8.82 -24.89
C ALA A 845 -13.13 -7.65 -25.26
N ALA A 846 -11.94 -7.90 -25.81
CA ALA A 846 -11.04 -6.83 -26.22
C ALA A 846 -10.00 -7.44 -27.17
N ARG A 847 -8.94 -6.67 -27.46
CA ARG A 847 -7.94 -7.11 -28.41
C ARG A 847 -7.22 -8.38 -27.93
N ASP A 848 -6.83 -8.41 -26.66
CA ASP A 848 -6.15 -9.55 -26.07
C ASP A 848 -6.98 -10.25 -25.00
N LEU A 849 -8.27 -9.93 -24.91
CA LEU A 849 -9.15 -10.48 -23.89
C LEU A 849 -10.10 -11.46 -24.53
N ILE A 850 -9.93 -12.75 -24.25
CA ILE A 850 -10.85 -13.73 -24.80
C ILE A 850 -11.54 -14.58 -23.73
N CYS A 851 -10.80 -15.47 -23.06
CA CYS A 851 -11.44 -16.35 -22.09
C CYS A 851 -10.65 -16.60 -20.82
N ALA A 852 -9.35 -16.33 -20.78
CA ALA A 852 -8.58 -16.61 -19.57
C ALA A 852 -9.02 -15.74 -18.41
N GLN A 853 -9.23 -14.45 -18.67
CA GLN A 853 -9.71 -13.54 -17.64
C GLN A 853 -11.13 -13.87 -17.21
N LYS A 854 -11.98 -14.28 -18.16
CA LYS A 854 -13.33 -14.68 -17.79
C LYS A 854 -13.34 -15.93 -16.92
N PHE A 855 -12.21 -16.64 -16.83
CA PHE A 855 -12.09 -17.85 -16.02
C PHE A 855 -11.18 -17.66 -14.82
N ASN A 856 -11.03 -16.43 -14.34
CA ASN A 856 -10.29 -16.16 -13.11
C ASN A 856 -11.02 -15.12 -12.27
N GLY A 857 -12.34 -15.22 -12.22
CA GLY A 857 -13.14 -14.29 -11.45
C GLY A 857 -13.50 -13.02 -12.21
N LEU A 858 -12.63 -12.62 -13.13
CA LEU A 858 -12.84 -11.37 -13.85
C LEU A 858 -14.03 -11.51 -14.79
N THR A 859 -15.10 -10.79 -14.49
CA THR A 859 -16.30 -10.79 -15.32
C THR A 859 -16.45 -9.43 -15.99
N VAL A 860 -17.25 -9.40 -17.04
CA VAL A 860 -17.54 -8.17 -17.78
C VAL A 860 -19.06 -8.05 -17.86
N LEU A 861 -19.63 -7.27 -16.97
CA LEU A 861 -21.06 -7.03 -17.00
C LEU A 861 -21.43 -6.24 -18.25
N PRO A 862 -22.43 -6.69 -19.02
CA PRO A 862 -22.74 -6.00 -20.27
C PRO A 862 -23.29 -4.61 -20.01
N PRO A 863 -23.13 -3.68 -20.95
CA PRO A 863 -23.67 -2.34 -20.77
C PRO A 863 -25.19 -2.36 -20.72
N LEU A 864 -25.75 -1.37 -20.01
CA LEU A 864 -27.19 -1.31 -19.83
C LEU A 864 -27.91 -1.07 -21.15
N LEU A 865 -27.36 -0.23 -22.02
CA LEU A 865 -27.97 0.08 -23.30
C LEU A 865 -27.31 -0.71 -24.41
N THR A 866 -28.13 -1.32 -25.27
CA THR A 866 -27.62 -2.01 -26.43
C THR A 866 -27.35 -1.03 -27.54
N ASP A 867 -26.59 -1.48 -28.54
CA ASP A 867 -26.18 -0.59 -29.62
C ASP A 867 -27.39 -0.12 -30.42
N GLU A 868 -28.38 -1.00 -30.61
CA GLU A 868 -29.55 -0.63 -31.40
C GLU A 868 -30.32 0.51 -30.76
N MET A 869 -30.47 0.48 -29.44
CA MET A 869 -31.21 1.55 -28.76
C MET A 869 -30.46 2.87 -28.85
N ILE A 870 -29.13 2.84 -28.72
CA ILE A 870 -28.36 4.06 -28.88
C ILE A 870 -28.52 4.60 -30.29
N ALA A 871 -28.53 3.70 -31.28
CA ALA A 871 -28.77 4.13 -32.65
C ALA A 871 -30.14 4.76 -32.79
N GLN A 872 -31.13 4.21 -32.10
CA GLN A 872 -32.47 4.79 -32.14
C GLN A 872 -32.48 6.19 -31.54
N TYR A 873 -31.78 6.38 -30.42
CA TYR A 873 -31.66 7.72 -29.84
C TYR A 873 -30.99 8.70 -30.80
N THR A 874 -29.90 8.28 -31.45
CA THR A 874 -29.24 9.17 -32.39
C THR A 874 -30.14 9.50 -33.56
N SER A 875 -30.91 8.51 -34.02
CA SER A 875 -31.87 8.77 -35.09
C SER A 875 -32.92 9.77 -34.63
N ALA A 876 -33.37 9.66 -33.38
CA ALA A 876 -34.35 10.61 -32.87
C ALA A 876 -33.77 12.01 -32.81
N LEU A 877 -32.53 12.14 -32.32
CA LEU A 877 -31.91 13.45 -32.25
C LEU A 877 -31.75 14.06 -33.63
N LEU A 878 -31.36 13.25 -34.60
CA LEU A 878 -31.26 13.75 -35.97
C LEU A 878 -32.62 14.17 -36.50
N ALA A 879 -33.66 13.38 -36.23
CA ALA A 879 -34.98 13.73 -36.72
C ALA A 879 -35.43 15.06 -36.15
N GLY A 880 -35.19 15.28 -34.86
CA GLY A 880 -35.56 16.55 -34.25
C GLY A 880 -34.75 17.71 -34.80
N THR A 881 -33.44 17.50 -35.00
CA THR A 881 -32.60 18.55 -35.51
C THR A 881 -32.96 18.91 -36.95
N ILE A 882 -33.51 17.97 -37.70
CA ILE A 882 -33.82 18.24 -39.10
C ILE A 882 -35.21 18.84 -39.26
N THR A 883 -36.24 18.19 -38.73
CA THR A 883 -37.61 18.64 -38.99
C THR A 883 -38.14 19.61 -37.95
N SER A 884 -37.37 19.93 -36.93
CA SER A 884 -37.96 20.73 -35.87
C SER A 884 -37.15 21.98 -35.53
N GLY A 885 -35.82 21.88 -35.54
CA GLY A 885 -35.01 23.00 -35.10
C GLY A 885 -34.58 22.81 -33.66
N TRP A 886 -34.35 23.90 -32.95
CA TRP A 886 -33.98 23.84 -31.54
C TRP A 886 -35.17 23.73 -30.61
N THR A 887 -36.38 23.73 -31.15
CA THR A 887 -37.56 23.75 -30.29
C THR A 887 -37.67 22.47 -29.47
N PHE A 888 -37.37 21.31 -30.05
CA PHE A 888 -37.70 20.08 -29.34
C PHE A 888 -36.86 19.88 -28.09
N GLY A 889 -35.83 20.68 -27.89
CA GLY A 889 -35.08 20.61 -26.67
C GLY A 889 -35.65 21.40 -25.53
N ALA A 890 -36.80 22.05 -25.72
CA ALA A 890 -37.42 22.90 -24.73
C ALA A 890 -38.91 22.60 -24.61
N GLY A 891 -39.27 21.33 -24.65
CA GLY A 891 -40.65 20.93 -24.53
C GLY A 891 -41.22 20.42 -25.83
N PRO A 892 -42.46 20.80 -26.12
CA PRO A 892 -43.08 20.39 -27.39
C PRO A 892 -42.35 20.98 -28.58
N ALA A 893 -42.32 20.21 -29.67
CA ALA A 893 -41.61 20.56 -30.88
C ALA A 893 -42.53 21.23 -31.89
N LEU A 894 -41.92 21.88 -32.88
CA LEU A 894 -42.63 22.60 -33.93
C LEU A 894 -42.11 22.11 -35.27
N GLN A 895 -43.01 21.90 -36.22
CA GLN A 895 -42.56 21.49 -37.54
C GLN A 895 -42.30 22.72 -38.39
N ILE A 896 -41.19 22.71 -39.12
CA ILE A 896 -40.72 23.90 -39.83
C ILE A 896 -39.70 23.42 -40.87
N PRO A 897 -39.72 23.95 -42.09
CA PRO A 897 -38.92 23.36 -43.17
C PRO A 897 -37.43 23.48 -42.90
N PHE A 898 -36.64 22.91 -43.81
CA PHE A 898 -35.19 22.99 -43.63
C PHE A 898 -34.56 24.28 -44.17
N PRO A 899 -34.84 24.69 -45.42
CA PRO A 899 -34.18 25.91 -45.91
C PRO A 899 -34.47 27.12 -45.05
N MET A 900 -35.70 27.28 -44.60
CA MET A 900 -35.98 28.36 -43.69
C MET A 900 -35.63 28.01 -42.25
N GLN A 901 -34.82 26.97 -42.04
CA GLN A 901 -34.13 26.84 -40.77
C GLN A 901 -32.73 27.42 -40.84
N MET A 902 -31.95 27.07 -41.87
CA MET A 902 -30.68 27.76 -42.07
C MET A 902 -30.90 29.24 -42.32
N ALA A 903 -32.03 29.61 -42.90
CA ALA A 903 -32.31 31.03 -43.10
C ALA A 903 -32.35 31.76 -41.78
N TYR A 904 -32.77 31.10 -40.71
CA TYR A 904 -32.71 31.73 -39.41
C TYR A 904 -31.37 31.50 -38.72
N ARG A 905 -30.71 30.38 -38.99
CA ARG A 905 -29.43 30.12 -38.35
C ARG A 905 -28.38 31.13 -38.79
N PHE A 906 -28.36 31.48 -40.08
CA PHE A 906 -27.46 32.52 -40.55
C PHE A 906 -27.74 33.86 -39.88
N ASN A 907 -28.95 34.08 -39.39
CA ASN A 907 -29.20 35.28 -38.61
C ASN A 907 -28.45 35.26 -37.28
N GLY A 908 -27.89 34.12 -36.89
CA GLY A 908 -27.20 33.96 -35.63
C GLY A 908 -25.70 34.11 -35.65
N ILE A 909 -25.09 34.49 -36.78
CA ILE A 909 -23.65 34.72 -36.83
C ILE A 909 -23.31 36.11 -37.33
N GLY A 910 -24.24 36.83 -37.93
CA GLY A 910 -23.98 38.16 -38.42
C GLY A 910 -24.18 38.37 -39.91
N VAL A 911 -24.92 37.49 -40.59
CA VAL A 911 -25.24 37.66 -42.00
C VAL A 911 -26.73 37.48 -42.19
N THR A 912 -27.36 38.41 -42.90
CA THR A 912 -28.80 38.38 -43.05
C THR A 912 -29.22 37.25 -44.00
N GLN A 913 -30.44 36.77 -43.82
CA GLN A 913 -30.85 35.52 -44.43
C GLN A 913 -30.91 35.56 -45.96
N ASN A 914 -31.00 36.75 -46.57
CA ASN A 914 -31.18 36.79 -48.02
C ASN A 914 -30.00 36.15 -48.75
N VAL A 915 -28.85 36.03 -48.08
CA VAL A 915 -27.72 35.34 -48.67
C VAL A 915 -28.08 33.89 -48.96
N LEU A 916 -28.70 33.22 -47.99
CA LEU A 916 -29.00 31.79 -48.17
C LEU A 916 -29.94 31.56 -49.34
N TYR A 917 -31.00 32.36 -49.45
CA TYR A 917 -31.95 32.15 -50.52
C TYR A 917 -31.37 32.57 -51.86
N GLU A 918 -30.44 33.52 -51.85
CA GLU A 918 -29.84 33.86 -53.13
C GLU A 918 -28.72 32.90 -53.54
N ASN A 919 -28.26 32.05 -52.64
CA ASN A 919 -27.21 31.07 -52.99
C ASN A 919 -27.61 29.66 -52.60
N GLN A 920 -28.92 29.37 -52.60
CA GLN A 920 -29.42 28.05 -52.22
C GLN A 920 -28.72 26.93 -52.98
N LYS A 921 -28.66 27.03 -54.31
CA LYS A 921 -28.12 25.93 -55.10
C LYS A 921 -26.65 25.68 -54.77
N LEU A 922 -25.85 26.75 -54.76
CA LEU A 922 -24.43 26.59 -54.48
C LEU A 922 -24.22 26.03 -53.09
N ILE A 923 -24.98 26.51 -52.11
CA ILE A 923 -24.79 26.05 -50.74
C ILE A 923 -25.19 24.59 -50.60
N ALA A 924 -26.25 24.18 -51.30
CA ALA A 924 -26.63 22.78 -51.29
C ALA A 924 -25.51 21.91 -51.84
N ASN A 925 -24.96 22.31 -52.99
CA ASN A 925 -23.89 21.52 -53.58
C ASN A 925 -22.69 21.46 -52.63
N GLN A 926 -22.37 22.59 -51.99
CA GLN A 926 -21.23 22.64 -51.09
C GLN A 926 -21.43 21.72 -49.89
N PHE A 927 -22.63 21.74 -49.31
CA PHE A 927 -22.88 20.88 -48.16
C PHE A 927 -22.82 19.41 -48.54
N ASN A 928 -23.38 19.06 -49.69
CA ASN A 928 -23.32 17.66 -50.12
C ASN A 928 -21.89 17.22 -50.38
N SER A 929 -21.09 18.08 -51.03
CA SER A 929 -19.69 17.73 -51.26
C SER A 929 -18.94 17.62 -49.94
N ALA A 930 -19.28 18.46 -48.96
CA ALA A 930 -18.63 18.36 -47.66
C ALA A 930 -18.93 17.03 -46.99
N ILE A 931 -20.19 16.59 -47.05
CA ILE A 931 -20.53 15.28 -46.50
C ILE A 931 -19.76 14.19 -47.22
N GLY A 932 -19.69 14.27 -48.54
CA GLY A 932 -18.90 13.28 -49.28
C GLY A 932 -17.45 13.28 -48.88
N LYS A 933 -16.89 14.47 -48.61
CA LYS A 933 -15.50 14.55 -48.20
C LYS A 933 -15.29 13.90 -46.84
N ILE A 934 -16.22 14.12 -45.91
CA ILE A 934 -16.13 13.39 -44.64
C ILE A 934 -16.15 11.90 -44.89
N GLN A 935 -17.06 11.45 -45.75
CA GLN A 935 -17.17 10.01 -45.99
C GLN A 935 -15.88 9.43 -46.53
N ASP A 936 -15.27 10.12 -47.51
CA ASP A 936 -14.07 9.55 -48.12
C ASP A 936 -12.86 9.65 -47.19
N SER A 937 -12.73 10.76 -46.46
CA SER A 937 -11.60 10.89 -45.54
C SER A 937 -11.69 9.86 -44.42
N LEU A 938 -12.89 9.63 -43.90
CA LEU A 938 -13.07 8.55 -42.94
C LEU A 938 -12.81 7.20 -43.57
N SER A 939 -13.17 7.05 -44.85
CA SER A 939 -13.00 5.77 -45.53
C SER A 939 -11.53 5.43 -45.77
N SER A 940 -10.65 6.43 -45.83
CA SER A 940 -9.26 6.22 -46.21
C SER A 940 -8.33 6.88 -45.18
N THR A 941 -8.58 6.62 -43.90
CA THR A 941 -7.71 7.11 -42.84
C THR A 941 -7.25 5.94 -41.98
N PRO A 942 -5.93 5.73 -41.83
CA PRO A 942 -5.44 4.61 -41.01
C PRO A 942 -5.68 4.80 -39.52
N SER A 943 -5.25 5.94 -38.98
CA SER A 943 -5.29 6.22 -37.55
C SER A 943 -5.90 7.61 -37.33
N ALA A 944 -7.23 7.67 -37.27
CA ALA A 944 -7.93 8.89 -36.91
C ALA A 944 -8.79 8.72 -35.67
N LEU A 945 -8.78 7.54 -35.05
CA LEU A 945 -9.59 7.28 -33.88
C LEU A 945 -8.71 6.85 -32.71
N GLY A 946 -7.62 7.59 -32.48
CA GLY A 946 -6.80 7.33 -31.31
C GLY A 946 -7.52 7.63 -30.01
N LYS A 947 -8.33 8.70 -30.00
CA LYS A 947 -8.98 9.14 -28.78
C LYS A 947 -9.95 8.10 -28.23
N LEU A 948 -10.36 7.14 -29.05
CA LEU A 948 -11.19 6.04 -28.58
C LEU A 948 -10.39 4.76 -28.38
N GLN A 949 -9.46 4.46 -29.28
CA GLN A 949 -8.66 3.25 -29.15
C GLN A 949 -7.79 3.27 -27.91
N ASP A 950 -7.39 4.47 -27.47
CA ASP A 950 -6.50 4.57 -26.32
C ASP A 950 -7.16 4.04 -25.06
N VAL A 951 -8.44 4.34 -24.85
CA VAL A 951 -9.12 3.91 -23.64
C VAL A 951 -9.15 2.38 -23.57
N VAL A 952 -9.55 1.74 -24.68
CA VAL A 952 -9.62 0.29 -24.71
C VAL A 952 -8.22 -0.30 -24.53
N ASN A 953 -7.23 0.28 -25.20
CA ASN A 953 -5.87 -0.25 -25.08
C ASN A 953 -5.37 -0.17 -23.65
N GLN A 954 -5.59 0.97 -22.99
CA GLN A 954 -5.12 1.13 -21.62
C GLN A 954 -5.81 0.16 -20.69
N ASN A 955 -7.14 0.02 -20.82
CA ASN A 955 -7.85 -0.91 -19.95
C ASN A 955 -7.37 -2.33 -20.16
N ALA A 956 -7.20 -2.74 -21.42
CA ALA A 956 -6.75 -4.09 -21.70
C ALA A 956 -5.36 -4.34 -21.13
N GLN A 957 -4.44 -3.38 -21.32
CA GLN A 957 -3.09 -3.57 -20.83
C GLN A 957 -3.06 -3.65 -19.31
N ALA A 958 -3.85 -2.82 -18.64
CA ALA A 958 -3.91 -2.90 -17.19
C ALA A 958 -4.42 -4.25 -16.73
N LEU A 959 -5.46 -4.77 -17.38
CA LEU A 959 -5.99 -6.06 -16.96
C LEU A 959 -4.98 -7.17 -17.24
N ASN A 960 -4.28 -7.11 -18.36
CA ASN A 960 -3.26 -8.12 -18.64
C ASN A 960 -2.16 -8.08 -17.60
N THR A 961 -1.73 -6.88 -17.19
CA THR A 961 -0.73 -6.80 -16.15
C THR A 961 -1.23 -7.39 -14.85
N LEU A 962 -2.48 -7.10 -14.51
CA LEU A 962 -3.05 -7.65 -13.28
C LEU A 962 -3.07 -9.17 -13.32
N VAL A 963 -3.44 -9.75 -14.46
CA VAL A 963 -3.45 -11.21 -14.57
C VAL A 963 -2.04 -11.77 -14.48
N LYS A 964 -1.10 -11.16 -15.20
CA LYS A 964 0.27 -11.64 -15.18
C LYS A 964 0.91 -11.54 -13.81
N GLN A 965 0.41 -10.63 -12.97
CA GLN A 965 0.95 -10.51 -11.63
C GLN A 965 0.82 -11.80 -10.83
N LEU A 966 -0.11 -12.68 -11.21
CA LEU A 966 -0.27 -13.94 -10.47
C LEU A 966 0.99 -14.79 -10.54
N SER A 967 1.66 -14.82 -11.69
CA SER A 967 2.91 -15.56 -11.82
C SER A 967 4.04 -14.75 -11.18
N SER A 968 4.01 -14.73 -9.85
CA SER A 968 5.02 -13.99 -9.09
C SER A 968 5.13 -14.64 -7.72
N ASN A 969 6.29 -15.23 -7.43
CA ASN A 969 6.46 -15.96 -6.19
C ASN A 969 6.56 -15.05 -4.97
N PHE A 970 6.80 -13.75 -5.16
CA PHE A 970 6.84 -12.78 -4.06
C PHE A 970 7.80 -13.22 -2.97
N GLY A 971 8.85 -13.95 -3.34
CA GLY A 971 9.78 -14.47 -2.37
C GLY A 971 9.37 -15.79 -1.74
N ALA A 972 8.20 -16.32 -2.08
CA ALA A 972 7.79 -17.60 -1.54
C ALA A 972 8.43 -18.73 -2.35
N ILE A 973 8.22 -19.96 -1.85
CA ILE A 973 8.77 -21.14 -2.51
C ILE A 973 8.21 -21.33 -3.91
N SER A 974 6.93 -21.10 -4.12
CA SER A 974 6.33 -21.32 -5.43
C SER A 974 5.29 -20.24 -5.67
N SER A 975 4.92 -20.08 -6.94
CA SER A 975 3.91 -19.10 -7.32
C SER A 975 2.52 -19.71 -7.44
N VAL A 976 2.36 -20.99 -7.12
CA VAL A 976 1.06 -21.65 -7.14
C VAL A 976 0.73 -22.09 -5.73
N LEU A 977 -0.39 -21.58 -5.20
CA LEU A 977 -0.76 -21.86 -3.82
C LEU A 977 -1.05 -23.35 -3.61
N ASN A 978 -1.54 -24.02 -4.64
CA ASN A 978 -1.79 -25.45 -4.52
C ASN A 978 -0.51 -26.21 -4.25
N ASP A 979 0.58 -25.80 -4.90
CA ASP A 979 1.88 -26.40 -4.61
C ASP A 979 2.27 -26.17 -3.16
N ILE A 980 2.01 -24.98 -2.65
CA ILE A 980 2.34 -24.69 -1.25
C ILE A 980 1.54 -25.59 -0.33
N LEU A 981 0.24 -25.74 -0.60
CA LEU A 981 -0.62 -26.58 0.23
C LEU A 981 -0.16 -28.03 0.20
N SER A 982 0.16 -28.53 -0.99
CA SER A 982 0.54 -29.93 -1.13
C SER A 982 1.96 -30.20 -0.63
N ARG A 983 2.78 -29.16 -0.51
CA ARG A 983 4.17 -29.33 -0.10
C ARG A 983 4.40 -29.07 1.37
N LEU A 984 3.76 -28.04 1.94
CA LEU A 984 4.01 -27.63 3.31
C LEU A 984 2.74 -27.77 4.13
N ASP A 985 2.89 -28.32 5.33
CA ASP A 985 1.77 -28.46 6.25
C ASP A 985 1.38 -27.10 6.82
N PRO A 986 0.13 -26.97 7.28
CA PRO A 986 -0.38 -25.66 7.74
C PRO A 986 0.46 -25.01 8.82
N PRO A 987 1.03 -25.76 9.78
CA PRO A 987 1.73 -25.08 10.90
C PRO A 987 2.78 -24.05 10.48
N GLU A 988 3.37 -24.17 9.29
CA GLU A 988 4.32 -23.16 8.82
C GLU A 988 4.07 -22.74 7.38
N ALA A 989 2.92 -23.11 6.81
CA ALA A 989 2.56 -22.61 5.49
C ALA A 989 1.84 -21.27 5.56
N GLU A 990 1.37 -20.89 6.74
CA GLU A 990 0.63 -19.63 6.87
C GLU A 990 1.50 -18.43 6.55
N VAL A 991 2.80 -18.50 6.86
CA VAL A 991 3.68 -17.38 6.53
C VAL A 991 3.70 -17.15 5.02
N GLN A 992 3.90 -18.23 4.26
CA GLN A 992 3.95 -18.12 2.81
C GLN A 992 2.61 -17.62 2.29
N ILE A 993 1.51 -18.16 2.81
CA ILE A 993 0.20 -17.74 2.35
C ILE A 993 0.00 -16.26 2.62
N ASP A 994 0.43 -15.79 3.79
CA ASP A 994 0.26 -14.39 4.14
C ASP A 994 1.07 -13.49 3.22
N ARG A 995 2.28 -13.90 2.88
CA ARG A 995 3.07 -13.11 1.94
C ARG A 995 2.35 -12.99 0.60
N LEU A 996 1.86 -14.13 0.09
CA LEU A 996 1.18 -14.09 -1.21
C LEU A 996 -0.05 -13.19 -1.14
N ILE A 997 -0.82 -13.31 -0.07
CA ILE A 997 -2.02 -12.49 0.07
C ILE A 997 -1.67 -11.02 0.14
N THR A 998 -0.61 -10.68 0.87
CA THR A 998 -0.23 -9.28 0.98
C THR A 998 0.12 -8.71 -0.38
N GLY A 999 0.93 -9.44 -1.14
CA GLY A 999 1.33 -8.93 -2.45
C GLY A 999 0.16 -8.79 -3.40
N ARG A 1000 -0.67 -9.83 -3.49
CA ARG A 1000 -1.80 -9.76 -4.40
C ARG A 1000 -2.77 -8.68 -3.98
N LEU A 1001 -2.96 -8.49 -2.67
CA LEU A 1001 -3.79 -7.39 -2.20
C LEU A 1001 -3.26 -6.07 -2.70
N GLN A 1002 -1.98 -5.80 -2.47
CA GLN A 1002 -1.38 -4.55 -2.91
C GLN A 1002 -1.65 -4.33 -4.40
N SER A 1003 -1.54 -5.40 -5.19
CA SER A 1003 -1.89 -5.29 -6.59
C SER A 1003 -3.33 -4.87 -6.77
N LEU A 1004 -4.23 -5.44 -5.97
CA LEU A 1004 -5.64 -5.09 -6.08
C LEU A 1004 -5.86 -3.61 -5.81
N GLN A 1005 -5.32 -3.08 -4.71
CA GLN A 1005 -5.56 -1.67 -4.45
C GLN A 1005 -4.94 -0.79 -5.52
N THR A 1006 -3.77 -1.18 -6.04
CA THR A 1006 -3.17 -0.41 -7.12
C THR A 1006 -4.10 -0.34 -8.32
N TYR A 1007 -4.62 -1.50 -8.73
CA TYR A 1007 -5.50 -1.55 -9.89
C TYR A 1007 -6.77 -0.75 -9.65
N VAL A 1008 -7.35 -0.87 -8.45
CA VAL A 1008 -8.58 -0.17 -8.14
C VAL A 1008 -8.36 1.34 -8.16
N THR A 1009 -7.24 1.79 -7.59
CA THR A 1009 -6.94 3.21 -7.58
C THR A 1009 -6.80 3.74 -9.01
N GLN A 1010 -6.06 3.02 -9.85
CA GLN A 1010 -5.90 3.47 -11.22
C GLN A 1010 -7.24 3.53 -11.95
N GLN A 1011 -8.09 2.52 -11.72
CA GLN A 1011 -9.40 2.51 -12.36
C GLN A 1011 -10.25 3.69 -11.87
N LEU A 1012 -10.18 4.00 -10.58
CA LEU A 1012 -10.92 5.13 -10.04
C LEU A 1012 -10.50 6.42 -10.73
N ILE A 1013 -9.19 6.63 -10.85
CA ILE A 1013 -8.71 7.86 -11.49
C ILE A 1013 -9.22 7.92 -12.92
N ARG A 1014 -9.06 6.83 -13.68
CA ARG A 1014 -9.50 6.83 -15.07
C ARG A 1014 -10.99 7.10 -15.16
N ALA A 1015 -11.76 6.59 -14.21
CA ALA A 1015 -13.18 6.91 -14.17
C ALA A 1015 -13.39 8.40 -13.98
N ALA A 1016 -12.53 9.04 -13.18
CA ALA A 1016 -12.66 10.48 -13.00
C ALA A 1016 -12.44 11.21 -14.31
N GLU A 1017 -11.38 10.87 -15.05
CA GLU A 1017 -11.17 11.58 -16.32
C GLU A 1017 -12.32 11.30 -17.29
N ILE A 1018 -12.80 10.07 -17.34
CA ILE A 1018 -13.86 9.78 -18.31
C ILE A 1018 -15.13 10.50 -17.92
N ARG A 1019 -15.39 10.67 -16.61
CA ARG A 1019 -16.54 11.46 -16.17
C ARG A 1019 -16.41 12.90 -16.62
N ALA A 1020 -15.22 13.48 -16.47
CA ALA A 1020 -15.03 14.85 -16.92
C ALA A 1020 -15.29 14.97 -18.41
N SER A 1021 -14.77 14.03 -19.19
CA SER A 1021 -14.96 14.06 -20.64
C SER A 1021 -16.43 13.89 -20.99
N ALA A 1022 -17.14 13.02 -20.28
CA ALA A 1022 -18.55 12.81 -20.55
C ALA A 1022 -19.35 14.06 -20.26
N ASN A 1023 -19.04 14.75 -19.16
CA ASN A 1023 -19.73 16.00 -18.88
C ASN A 1023 -19.47 17.03 -19.96
N LEU A 1024 -18.23 17.13 -20.42
CA LEU A 1024 -17.94 18.04 -21.52
C LEU A 1024 -18.73 17.69 -22.76
N ALA A 1025 -18.81 16.39 -23.07
CA ALA A 1025 -19.58 15.97 -24.23
C ALA A 1025 -21.06 16.29 -24.07
N ALA A 1026 -21.59 16.11 -22.86
CA ALA A 1026 -22.98 16.42 -22.62
C ALA A 1026 -23.26 17.89 -22.87
N THR A 1027 -22.38 18.75 -22.37
CA THR A 1027 -22.55 20.19 -22.62
C THR A 1027 -22.46 20.48 -24.11
N LYS A 1028 -21.53 19.82 -24.82
CA LYS A 1028 -21.41 20.04 -26.26
C LYS A 1028 -22.69 19.65 -26.96
N MET A 1029 -23.26 18.50 -26.58
CA MET A 1029 -24.49 18.03 -27.22
C MET A 1029 -25.64 18.98 -26.94
N SER A 1030 -25.75 19.45 -25.70
CA SER A 1030 -26.88 20.29 -25.33
C SER A 1030 -26.74 21.71 -25.84
N GLU A 1031 -25.54 22.18 -26.14
CA GLU A 1031 -25.35 23.54 -26.59
C GLU A 1031 -25.15 23.68 -28.08
N CYS A 1032 -24.67 22.65 -28.77
CA CYS A 1032 -24.56 22.70 -30.21
C CYS A 1032 -25.81 22.16 -30.89
N VAL A 1033 -26.14 20.89 -30.64
CA VAL A 1033 -27.17 20.21 -31.42
C VAL A 1033 -28.52 20.86 -31.22
N LEU A 1034 -28.90 21.08 -29.97
CA LEU A 1034 -30.23 21.57 -29.61
C LEU A 1034 -30.35 23.07 -29.76
N GLY A 1035 -29.45 23.71 -30.49
CA GLY A 1035 -29.50 25.15 -30.62
C GLY A 1035 -28.37 25.65 -31.47
N GLN A 1036 -27.91 26.86 -31.16
CA GLN A 1036 -26.74 27.45 -31.81
C GLN A 1036 -25.96 28.24 -30.78
N SER A 1037 -24.69 27.90 -30.61
CA SER A 1037 -23.87 28.46 -29.54
C SER A 1037 -23.01 29.59 -30.09
N LYS A 1038 -23.19 30.78 -29.53
CA LYS A 1038 -22.40 31.94 -29.92
C LYS A 1038 -20.95 31.85 -29.45
N ARG A 1039 -20.62 30.88 -28.60
CA ARG A 1039 -19.23 30.68 -28.21
C ARG A 1039 -18.41 30.23 -29.41
N VAL A 1040 -17.12 30.50 -29.35
CA VAL A 1040 -16.18 30.09 -30.40
C VAL A 1040 -15.27 29.03 -29.81
N ASP A 1041 -14.76 28.17 -30.70
CA ASP A 1041 -13.90 27.03 -30.31
C ASP A 1041 -14.64 26.06 -29.40
N PHE A 1042 -15.97 26.10 -29.42
CA PHE A 1042 -16.77 25.12 -28.69
C PHE A 1042 -17.64 24.29 -29.62
N CYS A 1043 -18.46 24.93 -30.44
CA CYS A 1043 -19.19 24.22 -31.49
C CYS A 1043 -18.49 24.38 -32.83
N GLY A 1044 -17.28 23.83 -32.89
CA GLY A 1044 -16.50 23.87 -34.11
C GLY A 1044 -15.69 25.14 -34.26
N LYS A 1045 -14.86 25.16 -35.31
CA LYS A 1045 -13.93 26.24 -35.56
C LYS A 1045 -14.57 27.25 -36.49
N GLY A 1046 -14.78 28.46 -35.99
CA GLY A 1046 -15.44 29.50 -36.75
C GLY A 1046 -16.87 29.69 -36.33
N TYR A 1047 -17.56 30.55 -37.06
CA TYR A 1047 -18.97 30.77 -36.82
C TYR A 1047 -19.74 29.47 -37.06
N HIS A 1048 -20.45 29.00 -36.03
CA HIS A 1048 -21.05 27.67 -36.04
C HIS A 1048 -22.45 27.72 -36.65
N LEU A 1049 -22.88 26.58 -37.21
CA LEU A 1049 -24.27 26.49 -37.69
C LEU A 1049 -25.09 25.44 -36.95
N MET A 1050 -24.67 24.18 -36.93
CA MET A 1050 -25.45 23.15 -36.25
C MET A 1050 -24.51 21.98 -35.98
N SER A 1051 -25.09 20.82 -35.72
CA SER A 1051 -24.30 19.63 -35.47
C SER A 1051 -25.13 18.40 -35.84
N PHE A 1052 -24.46 17.26 -35.87
CA PHE A 1052 -25.08 15.97 -36.08
C PHE A 1052 -24.27 14.92 -35.34
N PRO A 1053 -24.84 14.23 -34.36
CA PRO A 1053 -24.09 13.24 -33.60
C PRO A 1053 -24.14 11.87 -34.25
N GLN A 1054 -23.12 11.07 -33.92
CA GLN A 1054 -23.08 9.66 -34.30
C GLN A 1054 -22.55 8.87 -33.12
N SER A 1055 -23.04 7.64 -32.99
CA SER A 1055 -22.61 6.73 -31.94
C SER A 1055 -21.42 5.92 -32.39
N ALA A 1056 -20.63 5.46 -31.42
CA ALA A 1056 -19.46 4.65 -31.72
C ALA A 1056 -19.11 3.87 -30.47
N PRO A 1057 -18.37 2.77 -30.60
CA PRO A 1057 -18.03 1.98 -29.41
C PRO A 1057 -17.43 2.83 -28.31
N HIS A 1058 -18.16 2.95 -27.20
CA HIS A 1058 -17.70 3.72 -26.04
C HIS A 1058 -17.36 5.16 -26.42
N GLY A 1059 -18.17 5.78 -27.27
CA GLY A 1059 -17.89 7.16 -27.59
C GLY A 1059 -18.88 7.73 -28.57
N VAL A 1060 -18.74 9.04 -28.80
CA VAL A 1060 -19.58 9.76 -29.72
C VAL A 1060 -18.69 10.57 -30.66
N VAL A 1061 -19.25 10.86 -31.84
CA VAL A 1061 -18.55 11.62 -32.87
C VAL A 1061 -19.47 12.72 -33.35
N PHE A 1062 -18.99 13.95 -33.27
CA PHE A 1062 -19.73 15.12 -33.70
C PHE A 1062 -19.21 15.61 -35.04
N LEU A 1063 -20.12 16.02 -35.91
CA LEU A 1063 -19.77 16.63 -37.19
C LEU A 1063 -20.17 18.11 -37.12
N HIS A 1064 -19.30 18.94 -36.58
CA HIS A 1064 -19.60 20.36 -36.56
C HIS A 1064 -19.60 20.90 -37.98
N VAL A 1065 -20.57 21.73 -38.28
CA VAL A 1065 -20.68 22.41 -39.56
C VAL A 1065 -20.42 23.89 -39.31
N THR A 1066 -19.35 24.40 -39.91
CA THR A 1066 -18.91 25.76 -39.65
C THR A 1066 -18.85 26.57 -40.94
N TYR A 1067 -18.92 27.88 -40.78
CA TYR A 1067 -18.93 28.84 -41.87
C TYR A 1067 -17.64 29.63 -41.81
N VAL A 1068 -16.87 29.62 -42.90
CA VAL A 1068 -15.54 30.22 -42.93
C VAL A 1068 -15.40 31.08 -44.17
N PRO A 1069 -15.16 32.38 -44.04
CA PRO A 1069 -14.88 33.22 -45.21
C PRO A 1069 -13.57 32.85 -45.86
N ALA A 1070 -13.49 33.04 -47.18
CA ALA A 1070 -12.29 32.61 -47.87
C ALA A 1070 -11.53 33.75 -48.54
N GLN A 1071 -12.13 34.43 -49.50
CA GLN A 1071 -11.40 35.44 -50.25
C GLN A 1071 -11.59 36.81 -49.61
N GLU A 1072 -10.62 37.69 -49.81
CA GLU A 1072 -10.57 38.96 -49.10
C GLU A 1072 -10.41 40.11 -50.08
N LYS A 1073 -10.97 41.27 -49.75
CA LYS A 1073 -10.91 42.43 -50.61
C LYS A 1073 -10.71 43.71 -49.81
N ASN A 1074 -10.00 44.65 -50.42
CA ASN A 1074 -9.64 45.92 -49.81
C ASN A 1074 -10.73 46.97 -50.03
N PHE A 1075 -10.87 47.86 -49.06
CA PHE A 1075 -11.73 49.04 -49.20
C PHE A 1075 -11.19 50.14 -48.29
N THR A 1076 -11.68 51.36 -48.53
CA THR A 1076 -11.27 52.52 -47.75
C THR A 1076 -12.39 52.90 -46.78
N THR A 1077 -12.03 53.02 -45.49
CA THR A 1077 -13.01 53.12 -44.42
C THR A 1077 -12.96 54.48 -43.72
N ALA A 1078 -14.03 54.78 -43.01
CA ALA A 1078 -14.16 55.98 -42.19
C ALA A 1078 -15.29 55.81 -41.19
N PRO A 1079 -15.05 56.00 -39.90
CA PRO A 1079 -16.04 55.56 -38.90
C PRO A 1079 -17.16 56.55 -38.66
N ALA A 1080 -17.31 57.55 -39.52
CA ALA A 1080 -18.39 58.51 -39.36
C ALA A 1080 -18.60 59.24 -40.67
N ILE A 1081 -19.74 59.92 -40.78
CA ILE A 1081 -20.06 60.70 -41.96
C ILE A 1081 -20.79 61.96 -41.52
N CYS A 1082 -20.43 63.09 -42.12
CA CYS A 1082 -21.11 64.36 -41.90
C CYS A 1082 -21.76 64.82 -43.18
N HIS A 1083 -23.04 65.20 -43.09
CA HIS A 1083 -23.79 65.64 -44.25
C HIS A 1083 -24.19 67.11 -44.20
N ASP A 1084 -24.87 67.53 -43.13
CA ASP A 1084 -25.37 68.89 -43.01
C ASP A 1084 -25.00 69.47 -41.66
N GLY A 1085 -23.73 69.34 -41.30
CA GLY A 1085 -23.26 69.81 -40.02
C GLY A 1085 -23.63 68.92 -38.86
N LYS A 1086 -24.23 67.76 -39.11
CA LYS A 1086 -24.60 66.80 -38.09
C LYS A 1086 -23.93 65.46 -38.40
N ALA A 1087 -23.42 64.83 -37.35
CA ALA A 1087 -22.74 63.56 -37.54
C ALA A 1087 -23.75 62.48 -37.95
N HIS A 1088 -23.22 61.41 -38.54
CA HIS A 1088 -24.01 60.23 -38.86
C HIS A 1088 -23.21 58.99 -38.47
N PHE A 1089 -23.93 57.98 -38.00
CA PHE A 1089 -23.30 56.72 -37.69
C PHE A 1089 -24.10 55.60 -38.34
N PRO A 1090 -23.42 54.53 -38.76
CA PRO A 1090 -24.11 53.46 -39.46
C PRO A 1090 -24.98 52.67 -38.50
N ARG A 1091 -26.07 52.11 -39.02
CA ARG A 1091 -26.92 51.31 -38.15
C ARG A 1091 -26.28 49.96 -37.85
N GLU A 1092 -26.09 49.13 -38.86
CA GLU A 1092 -25.54 47.80 -38.66
C GLU A 1092 -24.54 47.44 -39.75
N GLY A 1093 -23.64 48.37 -40.04
CA GLY A 1093 -22.56 48.11 -40.98
C GLY A 1093 -21.37 48.98 -40.62
N VAL A 1094 -20.32 48.88 -41.43
CA VAL A 1094 -19.16 49.75 -41.28
C VAL A 1094 -18.94 50.48 -42.60
N PHE A 1095 -18.72 51.78 -42.52
CA PHE A 1095 -18.70 52.61 -43.72
C PHE A 1095 -17.46 52.33 -44.55
N VAL A 1096 -17.64 51.80 -45.75
CA VAL A 1096 -16.54 51.47 -46.65
C VAL A 1096 -16.79 52.18 -47.97
N SER A 1097 -15.76 52.19 -48.82
CA SER A 1097 -15.91 52.74 -50.15
C SER A 1097 -14.79 52.22 -51.04
N ASN A 1098 -15.02 52.33 -52.35
CA ASN A 1098 -14.02 51.96 -53.34
C ASN A 1098 -13.34 53.17 -53.96
N GLY A 1099 -13.61 54.37 -53.46
CA GLY A 1099 -12.89 55.53 -53.92
C GLY A 1099 -13.73 56.74 -54.27
N THR A 1100 -14.90 56.53 -54.88
CA THR A 1100 -15.71 57.66 -55.35
C THR A 1100 -17.13 57.63 -54.80
N HIS A 1101 -17.67 56.44 -54.54
CA HIS A 1101 -18.98 56.29 -53.93
C HIS A 1101 -18.83 55.54 -52.62
N TRP A 1102 -19.49 56.04 -51.58
CA TRP A 1102 -19.43 55.41 -50.27
C TRP A 1102 -20.62 54.48 -50.09
N PHE A 1103 -20.41 53.43 -49.28
CA PHE A 1103 -21.43 52.42 -49.04
C PHE A 1103 -21.29 51.93 -47.62
N VAL A 1104 -22.35 51.28 -47.13
CA VAL A 1104 -22.37 50.63 -45.83
C VAL A 1104 -22.57 49.15 -46.06
N THR A 1105 -21.85 48.32 -45.32
CA THR A 1105 -21.97 46.89 -45.48
C THR A 1105 -21.94 46.20 -44.12
N GLN A 1106 -22.51 45.00 -44.10
CA GLN A 1106 -22.36 44.08 -43.00
C GLN A 1106 -20.95 43.50 -43.01
N ARG A 1107 -20.58 42.86 -41.92
CA ARG A 1107 -19.17 42.61 -41.62
C ARG A 1107 -18.74 41.17 -41.85
N ASN A 1108 -19.48 40.40 -42.65
CA ASN A 1108 -18.98 39.08 -43.02
C ASN A 1108 -19.33 38.70 -44.46
N PHE A 1109 -19.83 39.64 -45.25
CA PHE A 1109 -20.09 39.41 -46.66
C PHE A 1109 -20.24 40.73 -47.38
N TYR A 1110 -19.37 41.01 -48.35
CA TYR A 1110 -19.43 42.28 -49.07
C TYR A 1110 -20.77 42.43 -49.76
N GLU A 1111 -21.58 43.40 -49.33
CA GLU A 1111 -22.91 43.63 -49.90
C GLU A 1111 -23.26 45.09 -49.70
N PRO A 1112 -22.80 45.95 -50.58
CA PRO A 1112 -23.02 47.39 -50.41
C PRO A 1112 -24.44 47.80 -50.74
N GLN A 1113 -24.86 48.93 -50.15
CA GLN A 1113 -26.10 49.59 -50.48
C GLN A 1113 -25.88 51.10 -50.42
N ILE A 1114 -26.78 51.83 -51.07
CA ILE A 1114 -26.75 53.28 -50.99
C ILE A 1114 -27.18 53.73 -49.60
N ILE A 1115 -26.54 54.77 -49.09
CA ILE A 1115 -26.78 55.25 -47.74
C ILE A 1115 -27.93 56.25 -47.78
N THR A 1116 -28.97 55.99 -47.00
CA THR A 1116 -30.05 56.94 -46.79
C THR A 1116 -30.33 57.04 -45.29
N THR A 1117 -31.37 57.81 -44.94
CA THR A 1117 -31.67 58.03 -43.53
C THR A 1117 -32.03 56.73 -42.82
N ASP A 1118 -32.58 55.76 -43.54
CA ASP A 1118 -32.94 54.49 -42.93
C ASP A 1118 -31.73 53.72 -42.45
N ASN A 1119 -30.54 54.04 -42.93
CA ASN A 1119 -29.34 53.29 -42.61
C ASN A 1119 -28.47 53.94 -41.55
N THR A 1120 -28.74 55.20 -41.20
CA THR A 1120 -27.88 55.92 -40.29
C THR A 1120 -28.70 56.57 -39.19
N PHE A 1121 -28.05 56.80 -38.05
CA PHE A 1121 -28.65 57.60 -36.99
C PHE A 1121 -27.67 58.70 -36.59
N VAL A 1122 -28.21 59.84 -36.18
CA VAL A 1122 -27.41 61.04 -36.00
C VAL A 1122 -27.09 61.23 -34.52
N SER A 1123 -25.99 61.95 -34.26
CA SER A 1123 -25.61 62.29 -32.89
C SER A 1123 -24.67 63.49 -32.94
N GLY A 1124 -25.17 64.66 -32.55
CA GLY A 1124 -24.31 65.83 -32.44
C GLY A 1124 -23.92 66.45 -33.77
N ASN A 1125 -22.93 67.35 -33.70
CA ASN A 1125 -22.40 68.08 -34.84
C ASN A 1125 -21.10 67.44 -35.31
N CYS A 1126 -20.37 68.15 -36.18
CA CYS A 1126 -19.26 67.58 -36.92
C CYS A 1126 -17.91 68.18 -36.56
N ASP A 1127 -17.65 68.40 -35.27
CA ASP A 1127 -16.33 68.82 -34.80
C ASP A 1127 -15.91 68.05 -33.55
N VAL A 1128 -16.28 66.78 -33.47
CA VAL A 1128 -16.22 66.06 -32.20
C VAL A 1128 -15.25 64.88 -32.26
N VAL A 1129 -15.11 64.27 -33.44
CA VAL A 1129 -14.29 63.07 -33.58
C VAL A 1129 -13.50 63.15 -34.87
N ILE A 1130 -12.38 62.42 -34.90
CA ILE A 1130 -11.54 62.36 -36.09
C ILE A 1130 -12.06 61.27 -37.02
N GLY A 1131 -11.71 61.39 -38.30
CA GLY A 1131 -12.15 60.46 -39.32
C GLY A 1131 -13.34 60.94 -40.12
N ILE A 1132 -13.91 62.09 -39.77
CA ILE A 1132 -15.07 62.60 -40.49
C ILE A 1132 -14.73 62.74 -41.96
N VAL A 1133 -15.66 62.34 -42.82
CA VAL A 1133 -15.49 62.42 -44.26
C VAL A 1133 -16.72 63.10 -44.85
N ASN A 1134 -16.50 64.20 -45.57
CA ASN A 1134 -17.61 64.90 -46.20
C ASN A 1134 -18.27 64.00 -47.22
N ASN A 1135 -19.60 63.99 -47.21
CA ASN A 1135 -20.36 63.06 -48.04
C ASN A 1135 -21.77 63.61 -48.19
N THR A 1136 -22.58 62.92 -48.98
CA THR A 1136 -23.97 63.27 -49.15
C THR A 1136 -24.83 62.04 -48.91
N VAL A 1137 -26.00 62.25 -48.30
CA VAL A 1137 -26.95 61.18 -48.01
C VAL A 1137 -28.24 61.52 -48.73
N TYR A 1138 -28.65 60.65 -49.65
CA TYR A 1138 -29.90 60.86 -50.37
C TYR A 1138 -31.08 60.67 -49.43
N ASP A 1139 -32.07 61.55 -49.57
CA ASP A 1139 -33.28 61.46 -48.76
C ASP A 1139 -34.36 60.71 -49.53
N PRO A 1140 -34.82 59.57 -49.03
CA PRO A 1140 -35.87 58.81 -49.73
C PRO A 1140 -37.29 59.24 -49.41
N LEU A 1141 -37.50 60.38 -48.76
CA LEU A 1141 -38.82 60.75 -48.26
C LEU A 1141 -39.41 61.97 -48.97
N GLN A 1142 -38.72 63.10 -48.96
CA GLN A 1142 -39.34 64.33 -49.44
C GLN A 1142 -39.30 64.52 -50.96
N PRO A 1143 -38.18 64.27 -51.65
CA PRO A 1143 -38.14 64.63 -53.09
C PRO A 1143 -39.11 63.84 -53.94
N GLU A 1144 -39.59 62.69 -53.47
CA GLU A 1144 -40.44 61.84 -54.29
C GLU A 1144 -41.81 62.47 -54.54
N LEU A 1145 -42.38 63.12 -53.52
CA LEU A 1145 -43.74 63.64 -53.61
C LEU A 1145 -43.70 65.05 -54.19
N ASP A 1146 -44.10 65.18 -55.46
CA ASP A 1146 -44.22 66.51 -56.06
C ASP A 1146 -45.45 67.24 -55.56
N SER A 1147 -46.58 66.55 -55.45
CA SER A 1147 -47.83 67.18 -55.04
C SER A 1147 -47.83 67.52 -53.56
N GLN B 1 23.64 -66.98 -58.69
CA GLN B 1 23.61 -66.95 -60.15
C GLN B 1 22.38 -66.22 -60.68
N VAL B 2 22.24 -64.95 -60.33
CA VAL B 2 21.14 -64.14 -60.83
C VAL B 2 21.48 -63.69 -62.26
N GLN B 3 20.53 -63.90 -63.17
CA GLN B 3 20.73 -63.51 -64.56
C GLN B 3 19.54 -62.67 -65.02
N LEU B 4 19.80 -61.74 -65.93
CA LEU B 4 18.78 -60.83 -66.42
C LEU B 4 18.66 -60.99 -67.93
N GLN B 5 17.43 -61.21 -68.41
CA GLN B 5 17.19 -61.51 -69.82
C GLN B 5 16.18 -60.51 -70.36
N GLN B 6 16.43 -60.01 -71.57
CA GLN B 6 15.67 -58.87 -72.07
C GLN B 6 14.66 -59.30 -73.12
N SER B 7 13.46 -58.72 -73.05
CA SER B 7 12.43 -58.86 -74.07
C SER B 7 12.11 -57.48 -74.63
N GLY B 8 12.34 -57.32 -75.93
CA GLY B 8 12.11 -56.06 -76.61
C GLY B 8 11.49 -56.27 -77.98
N PRO B 9 11.10 -55.17 -78.64
CA PRO B 9 10.55 -55.29 -80.00
C PRO B 9 11.63 -55.37 -81.06
N GLY B 10 12.81 -54.84 -80.76
CA GLY B 10 13.92 -54.83 -81.69
C GLY B 10 13.87 -53.71 -82.72
N LEU B 11 12.67 -53.32 -83.13
CA LEU B 11 12.48 -52.26 -84.11
C LEU B 11 11.29 -51.41 -83.72
N VAL B 12 11.44 -50.09 -83.87
CA VAL B 12 10.38 -49.14 -83.55
C VAL B 12 10.38 -48.05 -84.62
N LYS B 13 9.20 -47.73 -85.15
CA LYS B 13 9.08 -46.68 -86.14
C LYS B 13 9.40 -45.32 -85.51
N PRO B 14 9.88 -44.37 -86.31
CA PRO B 14 10.17 -43.04 -85.77
C PRO B 14 8.93 -42.41 -85.15
N SER B 15 9.15 -41.70 -84.04
CA SER B 15 8.11 -40.97 -83.30
C SER B 15 7.12 -41.89 -82.62
N GLN B 16 7.49 -43.15 -82.40
CA GLN B 16 6.67 -44.08 -81.63
C GLN B 16 7.35 -44.40 -80.31
N THR B 17 6.62 -45.07 -79.43
CA THR B 17 7.08 -45.34 -78.08
C THR B 17 7.79 -46.69 -78.04
N LEU B 18 9.06 -46.68 -77.68
CA LEU B 18 9.82 -47.91 -77.48
C LEU B 18 9.53 -48.48 -76.09
N SER B 19 9.15 -49.75 -76.05
CA SER B 19 8.89 -50.44 -74.79
C SER B 19 9.84 -51.62 -74.66
N LEU B 20 10.54 -51.70 -73.53
CA LEU B 20 11.45 -52.79 -73.25
C LEU B 20 11.11 -53.38 -71.89
N THR B 21 11.51 -54.64 -71.68
CA THR B 21 11.30 -55.28 -70.38
C THR B 21 12.48 -56.17 -70.06
N CYS B 22 12.88 -56.20 -68.79
CA CYS B 22 13.99 -57.03 -68.34
C CYS B 22 13.49 -57.96 -67.25
N THR B 23 13.56 -59.27 -67.54
CA THR B 23 13.15 -60.34 -66.64
C THR B 23 14.33 -60.72 -65.76
N VAL B 24 14.15 -60.65 -64.44
CA VAL B 24 15.19 -60.97 -63.48
C VAL B 24 14.97 -62.38 -62.96
N ALA B 25 16.02 -63.19 -62.97
CA ALA B 25 15.95 -64.57 -62.51
C ALA B 25 17.09 -64.83 -61.53
N GLY B 26 16.87 -65.83 -60.67
CA GLY B 26 17.80 -66.11 -59.59
C GLY B 26 17.50 -65.39 -58.31
N GLY B 27 16.39 -64.65 -58.24
CA GLY B 27 16.04 -63.90 -57.06
C GLY B 27 14.98 -62.86 -57.33
N SER B 28 14.27 -62.42 -56.28
CA SER B 28 13.18 -61.46 -56.43
C SER B 28 13.72 -60.04 -56.43
N ILE B 29 13.17 -59.21 -57.31
CA ILE B 29 13.57 -57.80 -57.37
C ILE B 29 13.05 -57.00 -56.19
N SER B 30 12.14 -57.56 -55.39
CA SER B 30 11.59 -56.83 -54.26
C SER B 30 12.56 -56.69 -53.11
N SER B 31 13.77 -57.25 -53.23
CA SER B 31 14.79 -57.05 -52.20
C SER B 31 15.24 -55.59 -52.23
N GLY B 32 15.29 -54.98 -51.05
CA GLY B 32 15.67 -53.58 -50.97
C GLY B 32 17.14 -53.30 -51.15
N THR B 33 17.96 -54.33 -51.40
CA THR B 33 19.40 -54.14 -51.51
C THR B 33 19.84 -53.69 -52.89
N TYR B 34 18.96 -53.69 -53.90
CA TYR B 34 19.40 -53.46 -55.26
C TYR B 34 18.73 -52.22 -55.86
N TYR B 35 19.45 -51.61 -56.80
CA TYR B 35 18.96 -50.57 -57.69
C TYR B 35 18.95 -51.13 -59.11
N TRP B 36 17.83 -51.04 -59.81
CA TRP B 36 17.76 -51.66 -61.13
C TRP B 36 17.84 -50.56 -62.17
N SER B 37 18.75 -50.69 -63.12
CA SER B 37 19.00 -49.63 -64.08
C SER B 37 18.90 -50.11 -65.51
N TRP B 38 18.48 -49.19 -66.38
CA TRP B 38 18.70 -49.29 -67.81
C TRP B 38 19.89 -48.43 -68.25
N ILE B 39 20.71 -49.01 -69.13
CA ILE B 39 21.90 -48.39 -69.70
C ILE B 39 21.85 -48.67 -71.19
N ARG B 40 22.51 -47.83 -72.00
CA ARG B 40 22.55 -48.09 -73.43
C ARG B 40 23.93 -47.76 -73.99
N GLN B 41 24.24 -48.39 -75.13
CA GLN B 41 25.49 -48.22 -75.85
C GLN B 41 25.22 -48.17 -77.35
N PRO B 42 25.45 -47.03 -78.00
CA PRO B 42 25.30 -46.95 -79.45
C PRO B 42 26.36 -47.78 -80.15
N ALA B 43 26.03 -48.23 -81.37
CA ALA B 43 26.95 -49.02 -82.17
C ALA B 43 28.26 -48.27 -82.39
N GLY B 44 29.35 -48.77 -81.82
CA GLY B 44 30.65 -48.17 -81.97
C GLY B 44 30.96 -47.04 -81.00
N LYS B 45 30.02 -46.67 -80.14
CA LYS B 45 30.22 -45.59 -79.18
C LYS B 45 30.43 -46.17 -77.79
N GLY B 46 30.67 -45.27 -76.83
CA GLY B 46 30.88 -45.68 -75.45
C GLY B 46 29.56 -45.98 -74.76
N LEU B 47 29.65 -46.09 -73.44
CA LEU B 47 28.49 -46.42 -72.61
C LEU B 47 27.89 -45.14 -72.01
N GLU B 48 26.57 -45.06 -72.03
CA GLU B 48 25.84 -43.95 -71.42
C GLU B 48 24.72 -44.52 -70.55
N TRP B 49 24.79 -44.26 -69.27
CA TRP B 49 23.77 -44.70 -68.33
C TRP B 49 22.50 -43.89 -68.53
N ILE B 50 21.35 -44.56 -68.55
CA ILE B 50 20.07 -43.92 -68.82
C ILE B 50 19.33 -43.63 -67.53
N GLY B 51 19.21 -44.61 -66.65
CA GLY B 51 18.56 -44.32 -65.39
C GLY B 51 18.54 -45.54 -64.50
N ARG B 52 18.17 -45.29 -63.24
CA ARG B 52 17.91 -46.31 -62.25
C ARG B 52 16.52 -46.15 -61.65
N ILE B 53 16.11 -47.19 -60.94
CA ILE B 53 14.90 -47.20 -60.13
C ILE B 53 15.19 -48.04 -58.89
N TYR B 54 14.91 -47.47 -57.72
CA TYR B 54 14.96 -48.27 -56.51
C TYR B 54 13.76 -49.20 -56.46
N THR B 55 13.92 -50.32 -55.74
CA THR B 55 12.86 -51.31 -55.64
C THR B 55 11.60 -50.76 -54.99
N SER B 56 11.70 -49.65 -54.25
CA SER B 56 10.52 -49.06 -53.64
C SER B 56 9.66 -48.31 -54.64
N GLY B 57 10.22 -47.94 -55.79
CA GLY B 57 9.46 -47.25 -56.81
C GLY B 57 10.10 -45.95 -57.25
N SER B 58 10.99 -45.41 -56.41
CA SER B 58 11.67 -44.17 -56.74
C SER B 58 12.54 -44.35 -57.97
N ALA B 59 12.44 -43.40 -58.90
CA ALA B 59 13.14 -43.47 -60.18
C ALA B 59 14.01 -42.22 -60.38
N ASN B 60 15.07 -42.41 -61.16
CA ASN B 60 16.02 -41.35 -61.45
C ASN B 60 16.61 -41.60 -62.84
N TYR B 61 16.83 -40.53 -63.58
CA TYR B 61 17.20 -40.64 -64.98
C TYR B 61 18.31 -39.64 -65.31
N ASN B 62 19.05 -39.94 -66.36
CA ASN B 62 19.96 -38.96 -66.93
C ASN B 62 19.16 -37.71 -67.31
N PRO B 63 19.55 -36.53 -66.85
CA PRO B 63 18.75 -35.33 -67.14
C PRO B 63 18.51 -35.08 -68.62
N SER B 64 19.46 -35.44 -69.48
CA SER B 64 19.30 -35.19 -70.91
C SER B 64 18.13 -35.95 -71.51
N LEU B 65 17.60 -36.95 -70.80
CA LEU B 65 16.53 -37.80 -71.31
C LEU B 65 15.37 -37.93 -70.32
N LYS B 66 15.43 -37.22 -69.19
CA LYS B 66 14.44 -37.40 -68.13
C LYS B 66 13.02 -37.23 -68.64
N SER B 67 12.81 -36.28 -69.56
CA SER B 67 11.46 -35.98 -70.03
C SER B 67 10.85 -37.15 -70.80
N ARG B 68 11.65 -37.91 -71.56
CA ARG B 68 11.11 -38.92 -72.45
C ARG B 68 11.16 -40.34 -71.90
N VAL B 69 11.97 -40.59 -70.87
CA VAL B 69 12.20 -41.95 -70.39
C VAL B 69 11.34 -42.20 -69.15
N THR B 70 10.85 -43.42 -69.01
CA THR B 70 10.09 -43.85 -67.84
C THR B 70 10.48 -45.28 -67.51
N ILE B 71 10.98 -45.50 -66.31
CA ILE B 71 11.33 -46.84 -65.83
C ILE B 71 10.36 -47.24 -64.73
N SER B 72 9.85 -48.46 -64.81
CA SER B 72 8.91 -48.99 -63.83
C SER B 72 9.37 -50.36 -63.37
N VAL B 73 8.89 -50.78 -62.20
CA VAL B 73 9.21 -52.08 -61.63
C VAL B 73 7.92 -52.83 -61.31
N ASP B 74 7.97 -54.16 -61.44
CA ASP B 74 6.87 -55.06 -61.14
C ASP B 74 7.51 -56.20 -60.34
N THR B 75 7.49 -56.05 -59.02
CA THR B 75 8.07 -57.03 -58.13
C THR B 75 7.19 -58.27 -57.99
N SER B 76 5.88 -58.12 -58.22
CA SER B 76 4.98 -59.26 -58.16
C SER B 76 5.22 -60.23 -59.31
N LYS B 77 5.98 -59.83 -60.32
CA LYS B 77 6.28 -60.70 -61.45
C LYS B 77 7.77 -60.67 -61.73
N ASN B 78 8.53 -59.89 -60.95
CA ASN B 78 10.00 -59.86 -60.97
C ASN B 78 10.56 -59.37 -62.30
N GLN B 79 9.94 -58.35 -62.88
CA GLN B 79 10.48 -57.70 -64.06
C GLN B 79 10.51 -56.19 -63.86
N PHE B 80 11.32 -55.50 -64.68
CA PHE B 80 11.17 -54.06 -64.75
C PHE B 80 11.20 -53.61 -66.20
N SER B 81 10.56 -52.48 -66.48
CA SER B 81 10.31 -52.08 -67.85
C SER B 81 10.78 -50.67 -68.11
N LEU B 82 11.04 -50.40 -69.39
CA LEU B 82 11.47 -49.11 -69.90
C LEU B 82 10.47 -48.65 -70.96
N ARG B 83 10.18 -47.35 -70.95
CA ARG B 83 9.38 -46.73 -72.01
C ARG B 83 10.09 -45.46 -72.43
N LEU B 84 10.55 -45.42 -73.67
CA LEU B 84 11.27 -44.27 -74.22
C LEU B 84 10.47 -43.73 -75.39
N SER B 85 9.99 -42.50 -75.25
CA SER B 85 9.15 -41.88 -76.28
C SER B 85 10.00 -41.02 -77.20
N SER B 86 9.37 -40.57 -78.28
CA SER B 86 9.99 -39.71 -79.30
C SER B 86 11.33 -40.28 -79.76
N VAL B 87 11.29 -41.53 -80.20
CA VAL B 87 12.51 -42.21 -80.62
C VAL B 87 13.11 -41.51 -81.82
N THR B 88 14.44 -41.38 -81.83
CA THR B 88 15.17 -40.67 -82.86
C THR B 88 16.28 -41.57 -83.41
N ALA B 89 16.99 -41.07 -84.41
CA ALA B 89 18.04 -41.85 -85.06
C ALA B 89 19.18 -42.21 -84.11
N GLU B 90 19.36 -41.43 -83.04
CA GLU B 90 20.40 -41.74 -82.05
C GLU B 90 19.96 -42.77 -81.04
N ASP B 91 18.69 -43.19 -81.06
CA ASP B 91 18.18 -44.19 -80.13
C ASP B 91 18.54 -45.61 -80.54
N THR B 92 19.14 -45.80 -81.70
CA THR B 92 19.62 -47.12 -82.10
C THR B 92 20.84 -47.47 -81.27
N ALA B 93 20.73 -48.53 -80.47
CA ALA B 93 21.79 -48.90 -79.53
C ALA B 93 21.45 -50.25 -78.95
N VAL B 94 22.41 -50.85 -78.25
CA VAL B 94 22.12 -52.00 -77.39
C VAL B 94 21.74 -51.49 -76.01
N TYR B 95 20.62 -51.97 -75.49
CA TYR B 95 20.10 -51.55 -74.20
C TYR B 95 20.26 -52.69 -73.19
N TYR B 96 21.02 -52.43 -72.13
CA TYR B 96 21.29 -53.41 -71.09
C TYR B 96 20.45 -53.07 -69.86
N CYS B 97 19.97 -54.10 -69.17
CA CYS B 97 19.47 -53.91 -67.82
C CYS B 97 20.44 -54.51 -66.82
N ALA B 98 20.55 -53.89 -65.65
CA ALA B 98 21.58 -54.29 -64.71
C ALA B 98 21.15 -54.04 -63.27
N ARG B 99 21.66 -54.85 -62.34
CA ARG B 99 21.46 -54.59 -60.92
C ARG B 99 22.70 -53.93 -60.32
N GLU B 100 22.47 -52.90 -59.52
CA GLU B 100 23.41 -52.15 -58.70
C GLU B 100 23.23 -52.53 -57.24
N TYR B 101 24.34 -52.68 -56.52
CA TYR B 101 24.26 -52.95 -55.09
C TYR B 101 25.16 -51.97 -54.34
N SER B 102 24.67 -51.54 -53.18
CA SER B 102 25.32 -50.51 -52.39
C SER B 102 25.09 -50.78 -50.90
N SER B 103 25.99 -50.25 -50.08
CA SER B 103 25.82 -50.26 -48.63
C SER B 103 25.65 -48.84 -48.12
N SER B 104 25.15 -48.73 -46.89
CA SER B 104 24.89 -47.42 -46.30
C SER B 104 26.06 -46.94 -45.45
N TYR B 105 26.69 -47.85 -44.70
CA TYR B 105 27.89 -47.47 -43.96
C TYR B 105 28.98 -46.99 -44.90
N TYR B 106 29.00 -47.52 -46.11
CA TYR B 106 29.93 -47.10 -47.15
C TYR B 106 29.14 -46.97 -48.43
N TYR B 107 28.83 -45.74 -48.82
CA TYR B 107 27.99 -45.48 -50.00
C TYR B 107 28.81 -45.56 -51.28
N PHE B 108 29.41 -46.73 -51.51
CA PHE B 108 29.98 -47.03 -52.82
C PHE B 108 28.86 -47.59 -53.67
N TYR B 109 28.96 -47.45 -54.99
CA TYR B 109 27.89 -47.81 -55.90
C TYR B 109 28.46 -48.38 -57.20
N TYR B 110 28.04 -49.58 -57.58
CA TYR B 110 28.68 -50.29 -58.68
C TYR B 110 27.70 -51.27 -59.28
N MET B 111 27.93 -51.64 -60.53
CA MET B 111 27.03 -52.53 -61.27
C MET B 111 27.57 -53.96 -61.18
N ASP B 112 27.00 -54.81 -60.31
CA ASP B 112 27.68 -56.08 -60.07
C ASP B 112 27.13 -57.20 -60.97
N VAL B 113 25.97 -56.99 -61.58
CA VAL B 113 25.41 -57.92 -62.56
C VAL B 113 24.75 -57.15 -63.69
N TRP B 114 24.90 -57.65 -64.92
CA TRP B 114 24.38 -57.00 -66.11
C TRP B 114 23.52 -57.98 -66.90
N GLY B 115 22.61 -57.41 -67.70
CA GLY B 115 21.85 -58.19 -68.66
C GLY B 115 22.61 -58.41 -69.95
N LYS B 116 21.93 -59.00 -70.92
CA LYS B 116 22.53 -59.33 -72.20
C LYS B 116 22.42 -58.21 -73.23
N GLY B 117 21.44 -57.32 -73.09
CA GLY B 117 21.26 -56.24 -74.02
C GLY B 117 20.26 -56.57 -75.12
N THR B 118 19.73 -55.52 -75.74
CA THR B 118 18.79 -55.68 -76.84
C THR B 118 18.96 -54.53 -77.84
N THR B 119 19.05 -54.87 -79.12
CA THR B 119 19.32 -53.86 -80.13
C THR B 119 18.01 -53.14 -80.47
N VAL B 120 18.01 -51.82 -80.33
CA VAL B 120 16.88 -50.97 -80.72
C VAL B 120 17.31 -50.16 -81.94
N THR B 121 16.55 -50.30 -83.02
CA THR B 121 16.74 -49.52 -84.24
C THR B 121 15.51 -48.67 -84.49
N VAL B 122 15.72 -47.43 -84.91
CA VAL B 122 14.64 -46.50 -85.19
C VAL B 122 14.63 -46.25 -86.69
N SER B 123 13.67 -46.86 -87.39
CA SER B 123 13.55 -46.72 -88.83
C SER B 123 12.10 -46.90 -89.22
N SER B 124 11.73 -46.34 -90.37
CA SER B 124 10.38 -46.47 -90.89
C SER B 124 10.20 -47.79 -91.63
N ALA C 1 28.04 -32.39 -66.34
CA ALA C 1 28.41 -33.74 -65.89
C ALA C 1 29.91 -33.84 -65.67
N ILE C 2 30.32 -34.91 -65.00
CA ILE C 2 31.74 -35.16 -64.74
C ILE C 2 32.35 -35.82 -65.97
N ARG C 3 33.45 -35.24 -66.46
CA ARG C 3 34.11 -35.78 -67.64
C ARG C 3 35.33 -36.59 -67.22
N MET C 4 35.46 -37.78 -67.81
CA MET C 4 36.55 -38.69 -67.53
C MET C 4 37.43 -38.83 -68.77
N THR C 5 38.73 -38.66 -68.59
CA THR C 5 39.70 -38.70 -69.68
C THR C 5 40.78 -39.72 -69.37
N GLN C 6 40.92 -40.70 -70.26
CA GLN C 6 41.93 -41.74 -70.11
C GLN C 6 43.09 -41.39 -71.02
N SER C 7 44.32 -41.66 -70.57
CA SER C 7 45.48 -41.38 -71.41
C SER C 7 45.48 -42.18 -72.71
N PRO C 8 45.34 -43.51 -72.72
CA PRO C 8 45.20 -44.21 -74.00
C PRO C 8 43.75 -44.48 -74.37
N SER C 9 43.45 -44.25 -75.65
CA SER C 9 42.20 -44.71 -76.24
C SER C 9 42.35 -46.06 -76.92
N SER C 10 43.55 -46.42 -77.36
CA SER C 10 43.84 -47.68 -78.02
C SER C 10 45.30 -48.00 -77.73
N LEU C 11 45.60 -49.29 -77.58
CA LEU C 11 46.99 -49.67 -77.42
C LEU C 11 47.17 -51.13 -77.86
N SER C 12 48.38 -51.42 -78.33
CA SER C 12 48.80 -52.77 -78.69
C SER C 12 49.98 -53.15 -77.79
N ALA C 13 49.90 -54.32 -77.17
CA ALA C 13 50.96 -54.80 -76.30
C ALA C 13 51.16 -56.29 -76.53
N SER C 14 52.26 -56.81 -75.99
CA SER C 14 52.62 -58.20 -76.15
C SER C 14 52.28 -59.00 -74.89
N VAL C 15 52.28 -60.33 -75.03
CA VAL C 15 51.93 -61.20 -73.92
C VAL C 15 53.02 -61.16 -72.85
N GLY C 16 52.62 -60.90 -71.61
CA GLY C 16 53.51 -60.93 -70.47
C GLY C 16 53.97 -59.58 -69.96
N ASP C 17 53.75 -58.50 -70.71
CA ASP C 17 54.17 -57.18 -70.24
C ASP C 17 53.17 -56.63 -69.23
N ARG C 18 53.62 -55.68 -68.42
CA ARG C 18 52.77 -54.94 -67.49
C ARG C 18 52.26 -53.68 -68.18
N VAL C 19 50.94 -53.55 -68.27
CA VAL C 19 50.29 -52.42 -68.93
C VAL C 19 49.57 -51.59 -67.88
N THR C 20 49.71 -50.27 -67.98
CA THR C 20 49.05 -49.35 -67.05
C THR C 20 48.28 -48.29 -67.83
N ILE C 21 47.02 -48.10 -67.44
CA ILE C 21 46.12 -47.12 -68.04
C ILE C 21 45.69 -46.15 -66.95
N THR C 22 45.72 -44.86 -67.26
CA THR C 22 45.28 -43.85 -66.31
C THR C 22 43.91 -43.29 -66.67
N CYS C 23 43.22 -42.80 -65.64
CA CYS C 23 41.93 -42.15 -65.75
C CYS C 23 41.99 -40.88 -64.90
N GLN C 24 41.46 -39.79 -65.45
CA GLN C 24 41.43 -38.50 -64.76
C GLN C 24 40.05 -37.90 -64.83
N ALA C 25 39.48 -37.59 -63.67
CA ALA C 25 38.16 -37.01 -63.56
C ALA C 25 38.28 -35.49 -63.46
N SER C 26 37.27 -34.80 -63.98
CA SER C 26 37.33 -33.34 -64.09
C SER C 26 37.48 -32.65 -62.73
N GLN C 27 37.09 -33.30 -61.64
CA GLN C 27 37.28 -32.74 -60.31
C GLN C 27 37.36 -33.91 -59.33
N ASP C 28 37.76 -33.61 -58.10
CA ASP C 28 38.02 -34.65 -57.11
C ASP C 28 36.78 -35.52 -56.88
N ILE C 29 36.95 -36.82 -57.07
CA ILE C 29 35.87 -37.79 -56.90
C ILE C 29 36.18 -38.75 -55.75
N SER C 30 37.10 -38.36 -54.86
CA SER C 30 37.54 -39.21 -53.77
C SER C 30 38.11 -40.50 -54.33
N ASN C 31 37.46 -41.62 -54.02
CA ASN C 31 37.83 -42.92 -54.57
C ASN C 31 36.66 -43.59 -55.26
N TYR C 32 35.63 -42.83 -55.62
CA TYR C 32 34.42 -43.34 -56.25
C TYR C 32 34.70 -43.66 -57.72
N LEU C 33 35.52 -44.69 -57.94
CA LEU C 33 35.91 -45.08 -59.29
C LEU C 33 35.73 -46.57 -59.49
N ASN C 34 35.01 -46.93 -60.56
CA ASN C 34 34.70 -48.30 -60.88
C ASN C 34 35.33 -48.60 -62.24
N TRP C 35 35.66 -49.87 -62.47
CA TRP C 35 36.30 -50.30 -63.70
C TRP C 35 35.49 -51.43 -64.36
N TYR C 36 35.20 -51.24 -65.65
CA TYR C 36 34.43 -52.12 -66.52
C TYR C 36 35.27 -52.64 -67.68
N GLN C 37 34.92 -53.85 -68.10
CA GLN C 37 35.52 -54.57 -69.23
C GLN C 37 34.47 -54.80 -70.31
N GLN C 38 34.83 -54.50 -71.55
CA GLN C 38 33.98 -54.71 -72.72
C GLN C 38 34.74 -55.63 -73.66
N LYS C 39 34.34 -56.90 -73.65
CA LYS C 39 34.87 -57.89 -74.55
C LYS C 39 34.23 -57.74 -75.93
N PRO C 40 34.92 -58.15 -76.99
CA PRO C 40 34.31 -58.08 -78.34
C PRO C 40 33.01 -58.88 -78.39
N GLY C 41 31.93 -58.19 -78.75
CA GLY C 41 30.65 -58.84 -78.87
C GLY C 41 30.03 -59.32 -77.56
N LYS C 42 30.53 -58.85 -76.41
CA LYS C 42 30.03 -59.29 -75.13
C LYS C 42 29.40 -58.13 -74.37
N ALA C 43 28.66 -58.49 -73.31
CA ALA C 43 28.03 -57.53 -72.42
C ALA C 43 29.08 -56.93 -71.48
N PRO C 44 28.86 -55.71 -71.00
CA PRO C 44 29.79 -55.12 -70.02
C PRO C 44 29.88 -55.94 -68.75
N LYS C 45 31.09 -56.04 -68.21
CA LYS C 45 31.40 -56.85 -67.04
C LYS C 45 32.20 -56.00 -66.07
N LEU C 46 31.78 -56.01 -64.81
CA LEU C 46 32.44 -55.23 -63.76
C LEU C 46 33.74 -55.94 -63.40
N LEU C 47 34.83 -55.16 -63.34
CA LEU C 47 36.12 -55.75 -62.98
C LEU C 47 36.58 -55.24 -61.64
N ILE C 48 36.60 -53.92 -61.46
CA ILE C 48 37.12 -53.34 -60.21
C ILE C 48 36.08 -52.38 -59.66
N TYR C 49 35.19 -52.89 -58.79
CA TYR C 49 34.22 -52.02 -58.14
C TYR C 49 34.91 -51.00 -57.25
N VAL C 50 35.91 -51.44 -56.50
CA VAL C 50 36.77 -50.56 -55.73
C VAL C 50 38.22 -51.00 -55.96
N ALA C 51 39.11 -50.01 -56.03
CA ALA C 51 40.51 -50.29 -56.33
C ALA C 51 41.10 -51.32 -55.37
N SER C 52 40.66 -51.31 -54.12
CA SER C 52 41.25 -52.19 -53.11
C SER C 52 41.03 -53.66 -53.43
N ASN C 53 39.81 -54.03 -53.84
CA ASN C 53 39.43 -55.43 -53.97
C ASN C 53 39.10 -55.75 -55.43
N LEU C 54 39.09 -57.05 -55.72
CA LEU C 54 38.73 -57.52 -57.05
C LEU C 54 37.39 -58.26 -57.01
N GLU C 55 36.56 -58.01 -58.01
CA GLU C 55 35.25 -58.63 -58.10
C GLU C 55 35.39 -60.13 -58.43
N THR C 56 34.36 -60.90 -58.07
CA THR C 56 34.36 -62.33 -58.32
C THR C 56 34.62 -62.66 -59.79
N GLY C 57 35.50 -63.64 -60.01
CA GLY C 57 35.82 -64.08 -61.35
C GLY C 57 36.72 -63.16 -62.14
N VAL C 58 37.18 -62.07 -61.53
CA VAL C 58 38.10 -61.12 -62.17
C VAL C 58 39.52 -61.66 -62.02
N PRO C 59 40.27 -61.80 -63.10
CA PRO C 59 41.65 -62.30 -62.98
C PRO C 59 42.49 -61.45 -62.03
N SER C 60 43.35 -62.12 -61.26
CA SER C 60 44.17 -61.45 -60.27
C SER C 60 45.14 -60.44 -60.86
N ARG C 61 45.40 -60.51 -62.16
CA ARG C 61 46.39 -59.63 -62.77
C ARG C 61 45.92 -58.18 -62.79
N PHE C 62 44.65 -57.94 -62.47
CA PHE C 62 44.14 -56.58 -62.47
C PHE C 62 44.26 -55.96 -61.09
N SER C 63 44.80 -54.75 -61.04
CA SER C 63 44.97 -54.00 -59.80
C SER C 63 44.77 -52.53 -60.08
N GLY C 64 44.51 -51.75 -59.04
CA GLY C 64 44.33 -50.32 -59.17
C GLY C 64 45.00 -49.56 -58.03
N SER C 65 45.43 -48.34 -58.34
CA SER C 65 46.08 -47.44 -57.40
C SER C 65 45.81 -46.00 -57.84
N GLY C 66 46.27 -45.06 -57.02
CA GLY C 66 46.09 -43.66 -57.33
C GLY C 66 45.12 -42.96 -56.39
N PHE C 67 45.02 -41.65 -56.57
CA PHE C 67 44.49 -40.75 -55.55
C PHE C 67 43.76 -39.58 -56.19
N GLY C 68 42.89 -38.95 -55.41
CA GLY C 68 42.29 -37.68 -55.81
C GLY C 68 41.54 -37.77 -57.12
N THR C 69 42.14 -37.18 -58.16
CA THR C 69 41.48 -37.13 -59.47
C THR C 69 42.13 -38.10 -60.45
N ASP C 70 43.34 -38.56 -60.16
CA ASP C 70 44.07 -39.40 -61.09
C ASP C 70 44.22 -40.81 -60.51
N PHE C 71 43.87 -41.81 -61.32
CA PHE C 71 43.80 -43.21 -60.93
C PHE C 71 44.42 -44.06 -62.02
N THR C 72 45.02 -45.17 -61.62
CA THR C 72 45.74 -46.07 -62.50
C THR C 72 45.21 -47.48 -62.33
N PHE C 73 45.01 -48.15 -63.46
CA PHE C 73 44.64 -49.56 -63.54
C PHE C 73 45.80 -50.27 -64.21
N THR C 74 46.29 -51.33 -63.58
CA THR C 74 47.44 -52.07 -64.09
C THR C 74 47.13 -53.55 -64.24
N ILE C 75 47.64 -54.12 -65.32
CA ILE C 75 47.67 -55.56 -65.56
C ILE C 75 49.13 -55.98 -65.53
N SER C 76 49.49 -56.74 -64.49
CA SER C 76 50.89 -57.10 -64.26
C SER C 76 51.46 -57.96 -65.38
N SER C 77 50.63 -58.80 -66.00
CA SER C 77 51.09 -59.67 -67.07
C SER C 77 49.94 -59.90 -68.05
N LEU C 78 50.01 -59.26 -69.21
CA LEU C 78 48.97 -59.38 -70.21
C LEU C 78 48.96 -60.76 -70.86
N GLN C 79 47.76 -61.25 -71.12
CA GLN C 79 47.48 -62.51 -71.78
C GLN C 79 46.61 -62.22 -72.99
N PRO C 80 46.62 -63.10 -74.01
CA PRO C 80 45.80 -62.85 -75.20
C PRO C 80 44.33 -62.64 -74.90
N GLU C 81 43.80 -63.27 -73.86
CA GLU C 81 42.39 -63.12 -73.50
C GLU C 81 42.08 -61.74 -72.94
N ASP C 82 43.08 -60.92 -72.66
CA ASP C 82 42.84 -59.57 -72.14
C ASP C 82 42.52 -58.54 -73.21
N ILE C 83 42.47 -58.90 -74.49
CA ILE C 83 42.05 -57.94 -75.50
C ILE C 83 40.64 -57.49 -75.21
N ALA C 84 40.47 -56.19 -74.92
CA ALA C 84 39.16 -55.67 -74.55
C ALA C 84 39.19 -54.17 -74.38
N THR C 85 38.06 -53.55 -74.08
CA THR C 85 38.03 -52.11 -73.83
C THR C 85 37.72 -51.87 -72.35
N TYR C 86 38.58 -51.09 -71.70
CA TYR C 86 38.47 -50.82 -70.28
C TYR C 86 37.93 -49.41 -70.07
N TYR C 87 36.89 -49.30 -69.25
CA TYR C 87 36.29 -48.00 -68.98
C TYR C 87 36.31 -47.73 -67.48
N CYS C 88 36.70 -46.50 -67.11
CA CYS C 88 36.56 -46.05 -65.75
C CYS C 88 35.24 -45.30 -65.64
N GLN C 89 34.67 -45.25 -64.44
CA GLN C 89 33.39 -44.61 -64.23
C GLN C 89 33.28 -44.04 -62.81
N GLN C 90 32.95 -42.76 -62.71
CA GLN C 90 32.74 -42.12 -61.43
C GLN C 90 31.28 -42.26 -61.06
N PHE C 91 30.99 -42.13 -59.76
CA PHE C 91 29.60 -41.92 -59.34
C PHE C 91 29.51 -40.76 -58.36
N ASP C 92 30.43 -39.78 -58.47
CA ASP C 92 30.39 -38.64 -57.58
C ASP C 92 29.24 -37.70 -57.92
N ASN C 93 29.06 -37.41 -59.21
CA ASN C 93 27.90 -36.68 -59.65
C ASN C 93 26.70 -37.62 -59.71
N LEU C 94 25.50 -37.03 -59.84
CA LEU C 94 24.29 -37.84 -59.87
C LEU C 94 24.27 -38.86 -61.02
N PRO C 95 24.72 -38.56 -62.24
CA PRO C 95 24.73 -39.63 -63.26
C PRO C 95 25.89 -40.58 -63.05
N TYR C 96 25.64 -41.86 -63.33
CA TYR C 96 26.67 -42.88 -63.29
C TYR C 96 27.42 -42.82 -64.62
N THR C 97 28.18 -41.76 -64.81
CA THR C 97 28.87 -41.51 -66.06
C THR C 97 30.06 -42.43 -66.24
N PHE C 98 30.35 -42.76 -67.50
CA PHE C 98 31.43 -43.65 -67.87
C PHE C 98 32.45 -42.92 -68.72
N GLY C 99 33.68 -43.45 -68.73
CA GLY C 99 34.75 -42.91 -69.55
C GLY C 99 34.56 -43.22 -71.02
N GLN C 100 35.51 -42.72 -71.82
CA GLN C 100 35.50 -42.94 -73.27
C GLN C 100 36.03 -44.30 -73.68
N GLY C 101 36.72 -45.01 -72.79
CA GLY C 101 37.21 -46.34 -73.08
C GLY C 101 38.65 -46.36 -73.55
N THR C 102 39.34 -47.46 -73.25
CA THR C 102 40.71 -47.72 -73.69
C THR C 102 40.76 -49.12 -74.29
N LYS C 103 41.04 -49.21 -75.58
CA LYS C 103 41.13 -50.52 -76.22
C LYS C 103 42.53 -51.11 -76.03
N LEU C 104 42.59 -52.23 -75.32
CA LEU C 104 43.82 -52.96 -75.04
C LEU C 104 43.92 -54.16 -75.97
N GLU C 105 44.93 -54.15 -76.84
CA GLU C 105 45.16 -55.21 -77.82
C GLU C 105 46.42 -56.00 -77.47
N ILE C 106 46.44 -57.25 -77.91
CA ILE C 106 47.52 -58.20 -77.61
C ILE C 106 48.31 -58.49 -78.88
N LYS C 107 49.63 -58.35 -78.80
CA LYS C 107 50.51 -58.72 -79.89
C LYS C 107 50.94 -60.17 -79.74
N CYS D 15 43.80 20.56 51.11
CA CYS D 15 42.70 20.57 50.15
C CYS D 15 41.35 20.47 50.86
N VAL D 16 40.42 19.73 50.25
CA VAL D 16 39.01 19.70 50.60
C VAL D 16 38.57 21.08 51.11
N ASN D 17 38.44 21.23 52.43
CA ASN D 17 38.12 22.52 53.03
C ASN D 17 38.47 22.47 54.51
N LEU D 18 38.59 23.64 55.11
CA LEU D 18 38.78 23.78 56.54
C LEU D 18 37.44 23.87 57.28
N THR D 19 36.36 23.38 56.68
CA THR D 19 34.98 23.42 57.18
C THR D 19 34.63 24.77 57.80
N THR D 20 35.20 25.85 57.25
CA THR D 20 34.90 27.20 57.70
C THR D 20 33.69 27.76 56.92
N ARG D 21 32.56 27.07 57.07
CA ARG D 21 31.32 27.44 56.39
C ARG D 21 30.68 28.63 57.10
N THR D 22 31.30 29.81 56.88
CA THR D 22 30.88 31.01 57.59
C THR D 22 29.47 31.43 57.18
N GLN D 23 29.20 31.52 55.87
CA GLN D 23 27.90 31.98 55.40
C GLN D 23 27.70 31.52 53.97
N LEU D 24 26.44 31.30 53.63
CA LEU D 24 26.06 30.75 52.32
C LEU D 24 24.97 31.62 51.68
N PRO D 25 25.34 32.67 50.94
CA PRO D 25 24.31 33.46 50.25
C PRO D 25 23.98 32.86 48.90
N PRO D 26 22.75 32.36 48.72
CA PRO D 26 22.36 31.80 47.41
C PRO D 26 21.81 32.85 46.47
N ALA D 27 22.47 33.04 45.32
CA ALA D 27 22.01 33.99 44.32
C ALA D 27 21.58 33.26 43.05
N TYR D 28 20.51 33.74 42.45
CA TYR D 28 19.95 33.16 41.23
C TYR D 28 20.09 34.15 40.08
N THR D 29 20.51 33.65 38.93
CA THR D 29 20.73 34.46 37.74
C THR D 29 20.06 33.83 36.53
N ASN D 30 19.53 34.67 35.66
CA ASN D 30 18.86 34.21 34.45
C ASN D 30 19.89 33.86 33.39
N SER D 31 19.93 32.59 33.01
CA SER D 31 20.80 32.15 31.93
C SER D 31 20.20 32.58 30.59
N PHE D 32 20.99 33.25 29.78
CA PHE D 32 20.56 33.67 28.45
C PHE D 32 20.96 32.59 27.45
N THR D 33 20.88 32.91 26.17
CA THR D 33 21.24 31.94 25.13
C THR D 33 22.69 31.53 25.29
N ARG D 34 22.90 30.28 25.71
CA ARG D 34 24.21 29.76 26.05
C ARG D 34 24.20 28.24 25.87
N GLY D 35 25.40 27.65 25.91
CA GLY D 35 25.55 26.22 26.01
C GLY D 35 25.05 25.40 24.83
N VAL D 36 25.40 25.79 23.61
CA VAL D 36 25.10 25.01 22.43
C VAL D 36 26.39 24.39 21.91
N TYR D 37 26.39 23.08 21.75
CA TYR D 37 27.59 22.33 21.42
C TYR D 37 27.30 21.42 20.23
N TYR D 38 28.38 20.94 19.61
CA TYR D 38 28.25 20.09 18.44
C TYR D 38 27.84 18.68 18.84
N PRO D 39 26.73 18.15 18.33
CA PRO D 39 26.25 16.84 18.78
C PRO D 39 27.12 15.70 18.28
N ASP D 40 27.44 15.72 16.99
CA ASP D 40 28.19 14.63 16.36
C ASP D 40 29.24 15.22 15.44
N LYS D 41 30.30 14.45 15.20
CA LYS D 41 31.46 14.93 14.45
C LYS D 41 31.31 14.61 12.96
N VAL D 42 30.25 15.16 12.37
CA VAL D 42 30.00 15.04 10.94
C VAL D 42 29.75 16.43 10.38
N PHE D 43 30.41 16.75 9.27
CA PHE D 43 30.33 18.09 8.71
C PHE D 43 28.97 18.32 8.06
N ARG D 44 28.43 19.52 8.27
CA ARG D 44 27.25 19.99 7.55
C ARG D 44 27.43 21.48 7.29
N SER D 45 26.66 22.01 6.36
CA SER D 45 26.78 23.43 6.04
C SER D 45 25.51 23.92 5.37
N SER D 46 25.06 25.11 5.80
CA SER D 46 23.91 25.79 5.20
C SER D 46 22.66 24.91 5.22
N VAL D 47 22.43 24.23 6.33
CA VAL D 47 21.26 23.39 6.52
C VAL D 47 20.53 23.84 7.78
N LEU D 48 19.44 23.15 8.09
CA LEU D 48 18.62 23.44 9.26
C LEU D 48 18.27 22.14 9.99
N HIS D 49 19.27 21.29 10.19
CA HIS D 49 19.05 20.01 10.83
C HIS D 49 18.61 20.20 12.27
N SER D 50 17.62 19.41 12.68
CA SER D 50 17.03 19.49 14.02
C SER D 50 17.16 18.14 14.71
N THR D 51 17.51 18.14 15.99
CA THR D 51 17.73 16.89 16.70
C THR D 51 17.48 17.08 18.19
N GLN D 52 17.26 15.96 18.88
CA GLN D 52 17.03 15.95 20.31
C GLN D 52 18.24 15.35 21.00
N ASP D 53 18.65 15.93 22.13
CA ASP D 53 19.83 15.46 22.82
C ASP D 53 19.93 16.17 24.17
N LEU D 54 20.96 15.80 24.94
CA LEU D 54 21.22 16.45 26.21
C LEU D 54 21.58 17.91 25.98
N PHE D 55 20.90 18.81 26.67
CA PHE D 55 21.13 20.24 26.51
C PHE D 55 20.72 20.93 27.80
N LEU D 56 20.85 22.25 27.82
CA LEU D 56 20.25 23.04 28.88
C LEU D 56 19.33 24.11 28.28
N PRO D 57 18.24 24.45 28.96
CA PRO D 57 17.24 25.35 28.37
C PRO D 57 17.83 26.73 28.14
N PHE D 58 17.19 27.46 27.22
CA PHE D 58 17.67 28.79 26.85
C PHE D 58 17.57 29.77 28.02
N PHE D 59 16.48 29.71 28.77
CA PHE D 59 16.27 30.61 29.90
C PHE D 59 15.91 29.78 31.12
N SER D 60 16.93 29.38 31.88
CA SER D 60 16.73 28.65 33.12
C SER D 60 17.58 29.29 34.21
N ASN D 61 16.96 29.53 35.36
CA ASN D 61 17.67 30.14 36.48
C ASN D 61 18.80 29.23 36.95
N VAL D 62 19.95 29.83 37.21
CA VAL D 62 21.15 29.10 37.62
C VAL D 62 21.75 29.77 38.85
N THR D 63 22.55 29.02 39.58
CA THR D 63 23.20 29.58 40.75
C THR D 63 24.36 30.49 40.36
N TRP D 64 24.60 31.48 41.21
CA TRP D 64 25.75 32.37 41.11
C TRP D 64 26.53 32.19 42.41
N PHE D 65 27.42 31.22 42.43
CA PHE D 65 28.18 30.90 43.64
C PHE D 65 29.25 31.96 43.82
N HIS D 66 28.88 33.06 44.50
CA HIS D 66 29.79 34.18 44.71
C HIS D 66 30.80 33.78 45.78
N ALA D 67 31.73 32.91 45.37
CA ALA D 67 32.80 32.45 46.23
C ALA D 67 34.16 32.89 45.69
N ILE D 68 34.19 33.98 44.92
CA ILE D 68 35.45 34.47 44.40
C ILE D 68 36.06 35.35 45.49
N HIS D 69 36.73 34.71 46.43
CA HIS D 69 37.33 35.42 47.56
C HIS D 69 38.81 35.69 47.30
N VAL D 70 39.09 36.52 46.30
CA VAL D 70 40.48 36.92 46.04
C VAL D 70 40.92 37.70 47.27
N SER D 71 41.78 37.11 48.10
CA SER D 71 42.19 37.75 49.37
C SER D 71 40.97 38.17 50.16
N GLY D 72 39.96 37.30 50.23
CA GLY D 72 38.75 37.61 50.96
C GLY D 72 37.79 38.58 50.30
N THR D 73 36.50 38.39 50.55
CA THR D 73 35.54 39.35 50.02
C THR D 73 35.61 40.56 50.93
N ASN D 74 35.52 40.33 52.24
CA ASN D 74 35.60 41.41 53.22
C ASN D 74 36.04 40.79 54.54
N GLY D 75 37.29 41.04 54.92
CA GLY D 75 37.85 40.39 56.10
C GLY D 75 37.98 38.89 55.89
N THR D 76 38.82 38.50 54.94
CA THR D 76 39.06 37.11 54.53
C THR D 76 37.77 36.27 54.53
N LYS D 77 36.70 36.88 54.03
CA LYS D 77 35.41 36.20 53.90
C LYS D 77 35.50 35.23 52.73
N ARG D 78 35.96 34.02 53.01
CA ARG D 78 36.17 33.01 51.99
C ARG D 78 35.07 31.97 52.09
N PHE D 79 34.42 31.68 50.97
CA PHE D 79 33.30 30.74 50.94
C PHE D 79 33.80 29.37 50.48
N ASP D 80 33.16 28.32 51.01
CA ASP D 80 33.53 26.96 50.65
C ASP D 80 32.59 26.42 49.58
N ASN D 81 32.86 25.19 49.15
CA ASN D 81 32.08 24.51 48.12
C ASN D 81 32.08 23.00 48.31
N PRO D 82 31.63 22.50 49.46
CA PRO D 82 31.85 21.07 49.75
C PRO D 82 31.01 20.13 48.90
N VAL D 83 29.71 20.39 48.76
CA VAL D 83 28.79 19.43 48.15
C VAL D 83 28.20 20.05 46.88
N LEU D 84 28.27 19.30 45.79
CA LEU D 84 27.68 19.70 44.50
C LEU D 84 27.32 18.43 43.74
N PRO D 85 26.04 18.09 43.67
CA PRO D 85 25.64 16.83 43.03
C PRO D 85 25.69 16.90 41.51
N PHE D 86 26.06 15.78 40.90
CA PHE D 86 26.23 15.73 39.45
C PHE D 86 24.92 16.00 38.72
N ASN D 87 23.86 15.27 39.07
CA ASN D 87 22.53 15.46 38.50
C ASN D 87 22.54 15.27 36.98
N ASP D 88 23.00 14.09 36.55
CA ASP D 88 22.88 13.58 35.19
C ASP D 88 23.57 14.45 34.15
N GLY D 89 24.43 15.37 34.54
CA GLY D 89 25.09 16.27 33.61
C GLY D 89 25.29 17.61 34.30
N VAL D 90 26.31 18.34 33.86
CA VAL D 90 26.77 19.52 34.57
C VAL D 90 27.12 20.63 33.60
N TYR D 91 26.97 21.87 34.04
CA TYR D 91 27.52 23.04 33.39
C TYR D 91 28.67 23.57 34.23
N PHE D 92 29.50 24.40 33.61
CA PHE D 92 30.53 25.09 34.38
C PHE D 92 30.97 26.35 33.64
N ALA D 93 31.33 27.36 34.41
CA ALA D 93 31.98 28.56 33.88
C ALA D 93 32.67 29.27 35.02
N SER D 94 33.63 30.11 34.67
CA SER D 94 34.33 30.95 35.63
C SER D 94 35.06 32.05 34.87
N THR D 95 35.46 33.09 35.60
CA THR D 95 36.24 34.18 35.03
C THR D 95 37.09 34.82 36.11
N GLU D 96 38.40 34.92 35.84
CA GLU D 96 39.35 35.52 36.77
C GLU D 96 40.68 35.67 36.06
N LYS D 97 41.39 36.76 36.38
CA LYS D 97 42.71 36.95 35.81
C LYS D 97 43.67 35.85 36.26
N SER D 98 43.75 35.62 37.57
CA SER D 98 44.66 34.61 38.09
C SER D 98 44.21 33.22 37.67
N ASN D 99 45.15 32.41 37.22
CA ASN D 99 44.82 31.05 36.80
C ASN D 99 44.64 30.16 38.01
N ILE D 100 43.79 30.59 38.94
CA ILE D 100 43.59 29.85 40.18
C ILE D 100 42.81 28.57 39.91
N ILE D 101 42.01 28.55 38.85
CA ILE D 101 41.24 27.37 38.47
C ILE D 101 42.19 26.21 38.27
N ARG D 102 41.93 25.10 38.97
CA ARG D 102 42.80 23.93 38.93
C ARG D 102 41.95 22.69 39.10
N GLY D 103 41.56 22.09 37.98
CA GLY D 103 40.99 20.77 37.97
C GLY D 103 39.56 20.70 38.49
N TRP D 104 38.98 19.51 38.34
CA TRP D 104 37.65 19.20 38.82
C TRP D 104 37.67 17.80 39.44
N ILE D 105 36.73 17.56 40.34
CA ILE D 105 36.62 16.29 41.02
C ILE D 105 35.21 15.75 40.82
N PHE D 106 35.12 14.45 40.55
CA PHE D 106 33.84 13.80 40.32
C PHE D 106 33.80 12.49 41.09
N GLY D 107 32.60 12.07 41.45
CA GLY D 107 32.39 10.81 42.11
C GLY D 107 31.24 10.90 43.09
N THR D 108 30.90 9.74 43.68
CA THR D 108 29.79 9.65 44.61
C THR D 108 30.24 9.76 46.06
N THR D 109 31.11 8.86 46.51
CA THR D 109 31.56 8.86 47.90
C THR D 109 32.88 9.58 48.10
N LEU D 110 33.81 9.46 47.14
CA LEU D 110 35.11 10.11 47.21
C LEU D 110 35.89 9.70 48.47
N ASP D 111 35.77 8.43 48.85
CA ASP D 111 36.47 7.88 50.00
C ASP D 111 37.02 6.50 49.67
N SER D 112 37.65 6.38 48.50
CA SER D 112 38.23 5.12 48.02
C SER D 112 37.15 4.05 47.89
N LYS D 113 35.93 4.45 47.56
CA LYS D 113 34.84 3.53 47.29
C LYS D 113 34.40 3.55 45.83
N THR D 114 34.47 4.69 45.16
CA THR D 114 34.22 4.80 43.73
C THR D 114 35.38 5.57 43.10
N GLN D 115 35.72 5.19 41.87
CA GLN D 115 36.79 5.87 41.17
C GLN D 115 36.42 7.34 40.98
N SER D 116 37.36 8.22 41.31
CA SER D 116 37.14 9.65 41.25
C SER D 116 38.01 10.27 40.17
N LEU D 117 37.42 11.19 39.40
CA LEU D 117 38.11 11.85 38.30
C LEU D 117 38.84 13.06 38.85
N LEU D 118 40.16 13.03 38.80
CA LEU D 118 41.00 14.11 39.29
C LEU D 118 41.77 14.72 38.12
N ILE D 119 41.82 16.04 38.09
CA ILE D 119 42.45 16.80 37.00
C ILE D 119 43.52 17.68 37.61
N VAL D 120 44.73 17.66 37.04
CA VAL D 120 45.77 18.61 37.37
C VAL D 120 46.16 19.34 36.10
N ASN D 121 46.18 20.67 36.15
CA ASN D 121 46.41 21.50 34.99
C ASN D 121 47.69 22.29 35.17
N ASN D 122 47.98 23.13 34.17
CA ASN D 122 49.17 23.99 34.17
C ASN D 122 50.43 23.17 34.41
N ALA D 123 51.39 23.76 35.11
CA ALA D 123 52.66 23.11 35.46
C ALA D 123 53.27 22.56 34.16
N THR D 124 53.62 21.28 34.10
CA THR D 124 54.22 20.73 32.89
C THR D 124 53.17 20.47 31.82
N ASN D 125 52.25 19.55 32.10
CA ASN D 125 51.21 19.18 31.15
C ASN D 125 49.99 18.71 31.92
N VAL D 126 48.82 18.79 31.29
CA VAL D 126 47.60 18.41 31.98
C VAL D 126 47.56 16.90 32.16
N VAL D 127 47.19 16.46 33.37
CA VAL D 127 47.11 15.05 33.70
C VAL D 127 45.74 14.75 34.28
N ILE D 128 45.17 13.63 33.84
CA ILE D 128 43.85 13.20 34.24
C ILE D 128 44.00 11.80 34.82
N LYS D 129 43.42 11.59 36.01
CA LYS D 129 43.53 10.30 36.68
C LYS D 129 42.17 9.88 37.22
N VAL D 130 41.98 8.57 37.32
CA VAL D 130 40.73 8.00 37.81
C VAL D 130 41.03 7.09 39.00
N CYS D 131 42.03 7.47 39.79
CA CYS D 131 42.48 6.67 40.91
C CYS D 131 41.32 6.30 41.85
N GLU D 132 41.53 5.24 42.62
CA GLU D 132 40.62 4.87 43.69
C GLU D 132 41.10 5.37 45.05
N PHE D 133 41.76 6.53 45.07
CA PHE D 133 42.35 7.05 46.29
C PHE D 133 41.27 7.41 47.31
N GLN D 134 41.69 7.52 48.57
CA GLN D 134 40.76 7.87 49.63
C GLN D 134 40.27 9.31 49.49
N PHE D 135 41.19 10.27 49.52
CA PHE D 135 40.83 11.69 49.43
C PHE D 135 41.94 12.40 48.69
N CYS D 136 41.72 13.69 48.43
CA CYS D 136 42.70 14.53 47.77
C CYS D 136 44.07 14.41 48.45
N ASN D 137 45.03 13.83 47.73
CA ASN D 137 46.34 13.56 48.32
C ASN D 137 47.12 14.85 48.57
N ASP D 138 47.09 15.76 47.60
CA ASP D 138 47.91 16.96 47.60
C ASP D 138 49.36 16.61 47.90
N PRO D 139 49.98 15.71 47.13
CA PRO D 139 51.34 15.29 47.48
C PRO D 139 52.39 16.33 47.11
N PHE D 140 52.21 17.01 45.98
CA PHE D 140 53.18 17.96 45.47
C PHE D 140 52.49 19.20 44.88
N LEU D 141 51.23 19.42 45.27
CA LEU D 141 50.45 20.50 44.66
C LEU D 141 51.07 21.88 44.92
N GLY D 142 51.82 22.05 46.01
CA GLY D 142 52.59 23.25 46.18
C GLY D 142 54.06 23.00 45.93
N VAL D 143 54.56 23.41 44.77
CA VAL D 143 55.94 23.08 44.38
C VAL D 143 56.54 24.16 43.51
N TYR D 144 57.75 24.60 43.89
CA TYR D 144 58.58 25.49 43.08
C TYR D 144 57.80 26.70 42.60
N TYR D 145 56.98 27.27 43.47
CA TYR D 145 56.10 28.36 43.08
C TYR D 145 56.70 29.71 43.46
N HIS D 146 56.18 30.76 42.83
CA HIS D 146 56.70 32.13 42.96
C HIS D 146 58.17 32.11 42.57
N LYS D 147 59.08 32.58 43.40
CA LYS D 147 60.52 32.54 43.10
C LYS D 147 61.28 32.01 44.31
N ASN D 148 60.82 30.88 44.86
CA ASN D 148 61.61 30.19 45.87
C ASN D 148 62.92 29.69 45.29
N ASN D 149 62.93 29.33 44.01
CA ASN D 149 64.14 29.03 43.21
C ASN D 149 65.13 28.14 43.95
N LYS D 150 64.64 27.22 44.77
CA LYS D 150 65.46 26.21 45.40
C LYS D 150 64.68 24.90 45.44
N SER D 151 65.33 23.81 45.06
CA SER D 151 64.67 22.52 44.92
C SER D 151 64.91 21.64 46.15
N TRP D 152 64.26 22.01 47.25
CA TRP D 152 64.41 21.22 48.48
C TRP D 152 63.72 19.88 48.36
N MET D 153 62.47 19.87 47.91
CA MET D 153 61.66 18.68 47.69
C MET D 153 61.40 17.93 49.00
N GLU D 154 61.98 18.42 50.10
CA GLU D 154 61.82 17.73 51.38
C GLU D 154 60.44 17.99 51.97
N SER D 155 59.91 19.20 51.78
CA SER D 155 58.63 19.55 52.38
C SER D 155 57.48 18.89 51.64
N GLU D 156 56.34 18.80 52.32
CA GLU D 156 55.13 18.21 51.76
C GLU D 156 53.92 18.91 52.35
N PHE D 157 52.78 18.74 51.70
CA PHE D 157 51.55 19.36 52.16
C PHE D 157 51.14 18.75 53.49
N ARG D 158 50.77 19.60 54.45
CA ARG D 158 50.75 19.18 55.85
C ARG D 158 49.45 18.49 56.23
N VAL D 159 48.32 19.19 56.08
CA VAL D 159 47.12 18.84 56.85
C VAL D 159 46.55 17.48 56.47
N TYR D 160 46.92 16.94 55.31
CA TYR D 160 46.37 15.66 54.88
C TYR D 160 47.46 14.79 54.26
N SER D 161 47.21 13.49 54.26
CA SER D 161 48.14 12.49 53.77
C SER D 161 47.88 12.22 52.29
N SER D 162 48.45 11.12 51.77
CA SER D 162 48.32 10.75 50.37
C SER D 162 48.00 9.26 50.25
N ALA D 163 47.34 8.89 49.16
CA ALA D 163 47.06 7.50 48.84
C ALA D 163 47.95 7.03 47.71
N ASN D 164 47.75 5.78 47.28
CA ASN D 164 48.61 5.17 46.27
C ASN D 164 47.87 4.51 45.11
N ASN D 165 46.65 4.00 45.32
CA ASN D 165 45.95 3.24 44.29
C ASN D 165 45.57 4.17 43.14
N CYS D 166 45.92 3.77 41.92
CA CYS D 166 45.53 4.49 40.71
C CYS D 166 45.46 3.54 39.52
N THR D 167 44.77 4.04 38.49
CA THR D 167 44.68 3.37 37.20
C THR D 167 44.34 4.43 36.16
N PHE D 168 44.71 4.14 34.91
CA PHE D 168 44.36 4.98 33.76
C PHE D 168 44.87 6.41 33.94
N GLU D 169 46.19 6.54 33.93
CA GLU D 169 46.81 7.85 33.88
C GLU D 169 46.80 8.38 32.44
N TYR D 170 46.41 9.63 32.29
CA TYR D 170 46.36 10.26 30.96
C TYR D 170 47.08 11.59 31.02
N VAL D 171 47.91 11.88 30.02
CA VAL D 171 48.69 13.11 29.97
C VAL D 171 48.52 13.73 28.59
N SER D 172 48.36 15.05 28.55
CA SER D 172 48.26 15.77 27.28
C SER D 172 48.65 17.22 27.50
N GLN D 173 48.60 17.99 26.42
CA GLN D 173 48.86 19.42 26.51
C GLN D 173 47.77 20.08 27.34
N PRO D 174 48.13 20.98 28.27
CA PRO D 174 47.11 21.60 29.14
C PRO D 174 46.02 22.32 28.38
N PHE D 175 44.79 21.80 28.46
CA PHE D 175 43.66 22.44 27.81
C PHE D 175 43.09 23.58 28.63
N LEU D 176 43.39 23.63 29.92
CA LEU D 176 42.98 24.76 30.75
C LEU D 176 43.86 25.95 30.43
N MET D 177 43.67 26.54 29.26
CA MET D 177 44.56 27.56 28.73
C MET D 177 44.19 28.90 29.35
N ASP D 178 45.20 29.61 29.88
CA ASP D 178 44.95 30.93 30.43
C ASP D 178 44.92 32.00 29.36
N LEU D 179 45.17 31.64 28.10
CA LEU D 179 45.22 32.57 26.98
C LEU D 179 46.27 33.62 27.31
N GLU D 180 45.93 34.89 27.43
CA GLU D 180 46.88 35.92 27.81
C GLU D 180 46.52 36.42 29.20
N GLY D 181 47.35 36.11 30.18
CA GLY D 181 47.12 36.63 31.51
C GLY D 181 47.72 38.01 31.62
N LYS D 182 46.87 39.03 31.51
CA LYS D 182 47.33 40.39 31.41
C LYS D 182 46.32 41.28 32.10
N GLN D 183 46.77 42.47 32.50
CA GLN D 183 45.90 43.46 33.12
C GLN D 183 45.00 44.12 32.08
N GLY D 184 44.16 43.35 31.42
CA GLY D 184 43.25 43.94 30.46
C GLY D 184 41.84 44.00 30.96
N ASN D 185 40.91 44.40 30.09
CA ASN D 185 39.51 44.36 30.47
C ASN D 185 39.19 42.88 30.47
N PHE D 186 38.13 42.49 31.17
CA PHE D 186 37.80 41.07 31.28
C PHE D 186 38.03 40.32 29.97
N LYS D 187 38.93 39.35 30.00
CA LYS D 187 39.27 38.60 28.79
C LYS D 187 39.14 37.06 28.86
N ASN D 188 38.85 36.53 30.04
CA ASN D 188 38.82 35.07 30.18
C ASN D 188 37.41 34.63 30.58
N LEU D 189 36.86 33.69 29.81
CA LEU D 189 35.64 32.98 30.16
C LEU D 189 35.74 31.55 29.64
N ARG D 190 35.80 30.59 30.55
CA ARG D 190 35.91 29.18 30.19
C ARG D 190 34.56 28.51 30.39
N GLU D 191 34.15 27.70 29.43
CA GLU D 191 32.86 27.04 29.50
C GLU D 191 33.09 25.55 29.45
N PHE D 192 33.77 25.04 30.46
CA PHE D 192 34.08 23.62 30.48
C PHE D 192 32.82 22.81 30.75
N VAL D 193 32.28 22.19 29.70
CA VAL D 193 31.05 21.43 29.86
C VAL D 193 31.36 19.94 29.95
N PHE D 194 30.90 19.30 31.01
CA PHE D 194 31.17 17.90 31.23
C PHE D 194 29.89 17.10 31.07
N LYS D 195 29.94 16.03 30.29
CA LYS D 195 28.79 15.16 30.07
C LYS D 195 29.22 13.72 30.31
N ASN D 196 28.32 12.91 30.84
CA ASN D 196 28.60 11.52 31.18
C ASN D 196 27.68 10.61 30.38
N ILE D 197 28.27 9.78 29.53
CA ILE D 197 27.56 8.70 28.87
C ILE D 197 28.39 7.43 29.00
N ASP D 198 27.75 6.29 28.71
CA ASP D 198 28.42 5.01 28.86
C ASP D 198 29.64 4.92 27.95
N GLY D 199 29.52 5.43 26.73
CA GLY D 199 30.63 5.33 25.79
C GLY D 199 31.89 6.01 26.29
N TYR D 200 31.76 7.25 26.75
CA TYR D 200 32.91 8.02 27.19
C TYR D 200 32.47 9.31 27.86
N PHE D 201 33.24 9.74 28.86
CA PHE D 201 33.04 11.03 29.49
C PHE D 201 33.45 12.13 28.50
N LYS D 202 32.50 12.97 28.11
CA LYS D 202 32.71 13.93 27.05
C LYS D 202 32.92 15.32 27.63
N ILE D 203 33.84 16.08 27.02
CA ILE D 203 34.24 17.38 27.52
C ILE D 203 34.19 18.39 26.39
N TYR D 204 33.73 19.59 26.71
CA TYR D 204 33.71 20.69 25.75
C TYR D 204 34.29 21.92 26.40
N SER D 205 34.78 22.83 25.56
CA SER D 205 35.39 24.06 26.05
C SER D 205 35.19 25.16 25.02
N LYS D 206 35.24 26.40 25.49
CA LYS D 206 35.20 27.57 24.60
C LYS D 206 35.72 28.76 25.39
N HIS D 207 36.85 29.30 24.97
CA HIS D 207 37.47 30.44 25.63
C HIS D 207 37.03 31.72 24.93
N THR D 208 36.30 32.57 25.65
CA THR D 208 35.72 33.76 25.06
C THR D 208 36.06 35.00 25.87
N PRO D 209 36.44 36.09 25.21
CA PRO D 209 36.59 37.37 25.90
C PRO D 209 35.29 38.16 25.94
N ILE D 210 34.84 38.51 27.15
CA ILE D 210 33.62 39.29 27.35
C ILE D 210 33.95 40.42 28.32
N ASN D 211 33.33 41.59 28.10
CA ASN D 211 33.65 42.77 28.89
C ASN D 211 32.80 42.93 30.15
N LEU D 212 31.92 41.97 30.44
CA LEU D 212 31.12 42.02 31.67
C LEU D 212 31.51 40.87 32.58
N VAL D 213 31.63 41.16 33.88
CA VAL D 213 31.99 40.12 34.84
C VAL D 213 30.75 39.60 35.57
N ARG D 214 29.89 40.49 36.04
CA ARG D 214 28.70 40.06 36.78
C ARG D 214 27.65 39.51 35.83
N ASP D 215 27.53 40.10 34.65
CA ASP D 215 26.49 39.72 33.69
C ASP D 215 27.03 38.62 32.80
N LEU D 216 26.33 37.48 32.78
CA LEU D 216 26.68 36.42 31.85
C LEU D 216 26.47 36.91 30.44
N PRO D 217 27.43 36.73 29.53
CA PRO D 217 27.27 37.24 28.17
C PRO D 217 26.06 36.64 27.46
N GLN D 218 25.37 37.48 26.70
CA GLN D 218 24.20 37.06 25.92
C GLN D 218 24.54 36.73 24.48
N GLY D 219 25.81 36.87 24.09
CA GLY D 219 26.22 36.49 22.76
C GLY D 219 26.15 34.99 22.54
N PHE D 220 26.01 34.60 21.27
CA PHE D 220 25.78 33.21 20.92
C PHE D 220 27.06 32.56 20.42
N SER D 221 27.76 31.92 21.35
CA SER D 221 28.92 31.11 21.02
C SER D 221 28.57 29.63 21.07
N ALA D 222 29.48 28.81 20.55
CA ALA D 222 29.28 27.37 20.47
C ALA D 222 30.48 26.64 21.06
N LEU D 223 30.26 25.40 21.47
CA LEU D 223 31.29 24.59 22.06
C LEU D 223 31.93 23.68 21.01
N GLU D 224 33.11 23.16 21.34
CA GLU D 224 33.84 22.25 20.49
C GLU D 224 34.34 21.08 21.34
N PRO D 225 34.38 19.88 20.79
CA PRO D 225 34.84 18.73 21.58
C PRO D 225 36.32 18.85 21.89
N LEU D 226 36.72 18.24 23.01
CA LEU D 226 38.09 18.29 23.47
C LEU D 226 38.76 16.93 23.50
N VAL D 227 38.16 15.94 24.17
CA VAL D 227 38.79 14.64 24.35
C VAL D 227 37.72 13.57 24.43
N ASP D 228 38.12 12.34 24.11
CA ASP D 228 37.24 11.16 24.13
C ASP D 228 37.90 10.14 25.06
N LEU D 229 37.57 10.22 26.34
CA LEU D 229 38.11 9.29 27.32
C LEU D 229 37.06 8.27 27.67
N PRO D 230 37.28 6.98 27.41
CA PRO D 230 36.24 5.97 27.65
C PRO D 230 36.23 5.54 29.10
N ILE D 231 35.08 5.71 29.76
CA ILE D 231 34.91 5.25 31.13
C ILE D 231 33.42 5.08 31.36
N GLY D 232 33.06 4.14 32.24
CA GLY D 232 31.67 3.88 32.54
C GLY D 232 31.37 3.86 34.01
N ILE D 233 32.12 4.65 34.77
CA ILE D 233 31.96 4.72 36.22
C ILE D 233 30.84 5.69 36.57
N ASN D 234 30.22 5.47 37.72
CA ASN D 234 29.09 6.27 38.16
C ASN D 234 29.56 7.54 38.85
N ILE D 235 28.96 8.67 38.47
CA ILE D 235 29.26 9.97 39.07
C ILE D 235 27.97 10.57 39.60
N THR D 236 27.96 10.91 40.89
CA THR D 236 26.80 11.50 41.52
C THR D 236 27.05 12.90 42.06
N ARG D 237 28.30 13.25 42.33
CA ARG D 237 28.64 14.57 42.86
C ARG D 237 29.88 15.08 42.15
N PHE D 238 30.00 16.40 42.06
CA PHE D 238 31.19 17.03 41.51
C PHE D 238 31.64 18.13 42.44
N GLN D 239 32.82 18.66 42.14
CA GLN D 239 33.43 19.72 42.95
C GLN D 239 34.64 20.23 42.17
N THR D 240 35.32 21.22 42.74
CA THR D 240 36.61 21.66 42.23
C THR D 240 37.46 22.12 43.40
N LEU D 241 38.69 21.64 43.45
CA LEU D 241 39.62 21.99 44.52
C LEU D 241 40.67 22.95 43.96
N LEU D 242 40.49 24.23 44.26
CA LEU D 242 41.50 25.25 44.04
C LEU D 242 42.31 25.48 45.30
N ALA D 243 42.09 24.64 46.31
CA ALA D 243 42.68 24.78 47.64
C ALA D 243 44.12 24.29 47.71
N LEU D 244 44.75 23.98 46.59
CA LEU D 244 46.19 23.75 46.60
C LEU D 244 46.89 25.09 46.82
N HIS D 245 48.10 25.02 47.36
CA HIS D 245 48.86 26.13 47.91
C HIS D 245 48.02 27.01 48.83
N ARG D 246 46.98 26.47 49.45
CA ARG D 246 46.21 27.23 50.44
C ARG D 246 47.00 27.45 51.72
N SER D 247 47.95 26.56 52.02
CA SER D 247 48.81 26.75 53.16
C SER D 247 49.65 28.02 52.98
N TYR D 248 49.97 28.66 54.09
CA TYR D 248 50.70 29.93 54.10
C TYR D 248 52.18 29.73 53.75
N LEU D 249 52.57 28.54 53.30
CA LEU D 249 53.96 28.11 53.24
C LEU D 249 54.50 28.22 54.66
N THR D 250 55.49 29.05 54.94
CA THR D 250 55.83 29.33 56.33
C THR D 250 54.72 30.20 56.94
N PRO D 251 54.27 29.87 58.16
CA PRO D 251 53.24 30.72 58.79
C PRO D 251 53.66 32.18 58.88
N GLY D 252 54.93 32.44 59.15
CA GLY D 252 55.43 33.81 59.08
C GLY D 252 55.43 34.35 57.66
N ASP D 253 55.69 33.46 56.68
CA ASP D 253 55.71 33.89 55.28
C ASP D 253 54.33 34.40 54.85
N SER D 254 53.28 33.66 55.21
CA SER D 254 51.90 34.07 54.94
C SER D 254 51.68 34.35 53.45
N SER D 255 52.00 33.36 52.61
CA SER D 255 51.83 33.46 51.17
C SER D 255 51.22 32.16 50.66
N SER D 256 49.90 32.14 50.54
CA SER D 256 49.17 31.03 49.93
C SER D 256 48.85 31.42 48.49
N GLY D 257 49.85 31.30 47.63
CA GLY D 257 49.79 32.00 46.36
C GLY D 257 49.89 33.48 46.69
N TRP D 258 48.78 34.21 46.58
CA TRP D 258 48.70 35.51 47.26
C TRP D 258 48.25 35.28 48.70
N THR D 259 47.03 34.79 48.88
CA THR D 259 46.44 34.39 50.17
C THR D 259 45.23 33.53 49.87
N ALA D 260 45.22 32.30 50.39
CA ALA D 260 44.11 31.35 50.23
C ALA D 260 43.84 31.19 48.74
N GLY D 261 42.60 31.35 48.27
CA GLY D 261 42.28 31.23 46.86
C GLY D 261 41.03 32.00 46.48
N ALA D 262 40.40 31.60 45.38
CA ALA D 262 39.13 32.18 44.92
C ALA D 262 38.58 31.34 43.79
N ALA D 263 37.26 31.27 43.70
CA ALA D 263 36.64 30.44 42.67
C ALA D 263 35.21 30.90 42.43
N ALA D 264 34.81 30.95 41.16
CA ALA D 264 33.44 31.26 40.75
C ALA D 264 32.58 30.01 40.64
N TYR D 265 33.08 29.00 39.93
CA TYR D 265 32.37 27.75 39.63
C TYR D 265 30.87 27.99 39.43
N TYR D 266 30.58 28.93 38.54
CA TYR D 266 29.24 29.08 37.99
C TYR D 266 28.76 27.76 37.41
N VAL D 267 27.65 27.24 37.92
CA VAL D 267 27.21 25.89 37.56
C VAL D 267 25.73 25.87 37.18
N GLY D 268 25.27 24.70 36.74
CA GLY D 268 23.90 24.49 36.36
C GLY D 268 23.68 23.05 35.90
N TYR D 269 22.40 22.71 35.70
CA TYR D 269 22.01 21.36 35.31
C TYR D 269 21.31 21.37 33.95
N LEU D 270 21.24 20.20 33.34
CA LEU D 270 20.92 20.10 31.91
C LEU D 270 19.43 20.13 31.59
N GLN D 271 18.67 19.12 32.03
CA GLN D 271 17.27 18.96 31.63
C GLN D 271 17.17 18.84 30.12
N PRO D 272 17.53 17.69 29.55
CA PRO D 272 17.62 17.56 28.08
C PRO D 272 16.32 17.88 27.36
N ARG D 273 16.44 18.18 26.07
CA ARG D 273 15.31 18.56 25.25
C ARG D 273 15.67 18.35 23.77
N THR D 274 14.87 18.93 22.89
CA THR D 274 15.08 18.88 21.45
C THR D 274 15.37 20.28 20.93
N PHE D 275 16.47 20.42 20.19
CA PHE D 275 16.88 21.70 19.65
C PHE D 275 16.85 21.67 18.12
N LEU D 276 16.85 22.86 17.54
CA LEU D 276 16.97 23.05 16.11
C LEU D 276 18.17 23.96 15.87
N LEU D 277 19.23 23.40 15.27
CA LEU D 277 20.48 24.09 15.05
C LEU D 277 20.60 24.44 13.58
N LYS D 278 21.09 25.64 13.28
CA LYS D 278 21.29 26.06 11.90
C LYS D 278 22.77 26.28 11.65
N TYR D 279 23.40 25.33 10.96
CA TYR D 279 24.79 25.49 10.56
C TYR D 279 24.90 26.58 9.50
N ASN D 280 25.96 27.36 9.58
CA ASN D 280 26.16 28.47 8.66
C ASN D 280 26.78 27.97 7.36
N GLU D 281 27.21 28.91 6.51
CA GLU D 281 27.86 28.54 5.26
C GLU D 281 29.20 27.84 5.52
N ASN D 282 29.98 28.36 6.46
CA ASN D 282 31.32 27.81 6.67
C ASN D 282 31.29 26.49 7.43
N GLY D 283 30.37 26.34 8.38
CA GLY D 283 30.27 25.09 9.12
C GLY D 283 30.13 25.25 10.62
N THR D 284 29.85 26.47 11.09
CA THR D 284 29.65 26.74 12.50
C THR D 284 28.18 26.94 12.79
N ILE D 285 27.86 27.11 14.07
CA ILE D 285 26.49 27.29 14.52
C ILE D 285 26.21 28.78 14.67
N THR D 286 25.24 29.28 13.92
CA THR D 286 24.87 30.69 13.97
C THR D 286 23.62 30.94 14.78
N ASP D 287 22.61 30.07 14.68
CA ASP D 287 21.38 30.25 15.44
C ASP D 287 20.80 28.89 15.83
N ALA D 288 20.43 28.77 17.09
CA ALA D 288 19.77 27.59 17.62
C ALA D 288 18.49 28.02 18.30
N VAL D 289 17.45 27.21 18.16
CA VAL D 289 16.14 27.50 18.72
C VAL D 289 15.62 26.29 19.46
N ASP D 290 14.97 26.55 20.60
CA ASP D 290 14.33 25.50 21.37
C ASP D 290 12.95 25.19 20.78
N CYS D 291 12.37 24.08 21.24
CA CYS D 291 11.06 23.66 20.78
C CYS D 291 9.98 23.87 21.83
N ALA D 292 10.19 23.39 23.06
CA ALA D 292 9.19 23.46 24.11
C ALA D 292 9.26 24.74 24.92
N LEU D 293 10.12 25.68 24.53
CA LEU D 293 10.26 26.92 25.30
C LEU D 293 8.96 27.72 25.29
N ASP D 294 8.31 27.81 24.14
CA ASP D 294 7.10 28.60 24.00
C ASP D 294 6.30 28.05 22.82
N PRO D 295 5.01 28.37 22.74
CA PRO D 295 4.24 27.98 21.55
C PRO D 295 4.85 28.48 20.26
N LEU D 296 5.42 29.68 20.27
CA LEU D 296 6.15 30.15 19.09
C LEU D 296 7.34 29.26 18.80
N SER D 297 8.01 28.78 19.85
CA SER D 297 9.12 27.85 19.64
C SER D 297 8.64 26.55 19.03
N GLU D 298 7.50 26.03 19.49
CA GLU D 298 6.95 24.82 18.89
C GLU D 298 6.62 25.04 17.43
N THR D 299 6.05 26.20 17.10
CA THR D 299 5.75 26.51 15.71
C THR D 299 7.01 26.57 14.87
N LYS D 300 8.06 27.22 15.38
CA LYS D 300 9.33 27.29 14.65
C LYS D 300 9.90 25.91 14.41
N CYS D 301 9.85 25.04 15.43
CA CYS D 301 10.38 23.70 15.27
C CYS D 301 9.58 22.92 14.23
N THR D 302 8.25 23.00 14.29
CA THR D 302 7.44 22.23 13.35
C THR D 302 7.65 22.70 11.91
N LEU D 303 7.71 24.01 11.70
CA LEU D 303 7.92 24.52 10.35
C LEU D 303 9.36 24.36 9.87
N LYS D 304 10.29 24.02 10.76
CA LYS D 304 11.71 23.91 10.42
C LYS D 304 12.23 25.21 9.78
N SER D 305 11.86 26.34 10.36
CA SER D 305 12.23 27.64 9.82
C SER D 305 12.52 28.60 10.97
N PHE D 306 12.89 29.83 10.60
CA PHE D 306 13.19 30.88 11.56
C PHE D 306 12.22 32.05 11.51
N THR D 307 11.36 32.13 10.49
CA THR D 307 10.37 33.18 10.39
C THR D 307 9.06 32.56 9.94
N VAL D 308 8.10 32.46 10.85
CA VAL D 308 6.79 31.93 10.52
C VAL D 308 5.96 33.03 9.89
N GLU D 309 5.37 32.73 8.72
CA GLU D 309 4.70 33.76 7.93
C GLU D 309 3.52 34.38 8.66
N LYS D 310 2.45 33.61 8.84
CA LYS D 310 1.24 34.07 9.51
C LYS D 310 0.20 32.95 9.52
N GLY D 311 -0.94 33.19 10.18
CA GLY D 311 -2.05 32.28 10.04
C GLY D 311 -2.31 31.42 11.26
N ILE D 312 -2.59 30.14 11.02
CA ILE D 312 -2.90 29.18 12.08
C ILE D 312 -2.18 27.88 11.79
N TYR D 313 -1.65 27.25 12.82
CA TYR D 313 -0.89 26.01 12.68
C TYR D 313 -1.29 25.03 13.76
N GLN D 314 -1.21 23.75 13.44
CA GLN D 314 -1.53 22.68 14.38
C GLN D 314 -0.23 21.95 14.71
N THR D 315 0.33 22.25 15.88
CA THR D 315 1.60 21.62 16.25
C THR D 315 1.39 20.21 16.78
N SER D 316 0.65 20.07 17.87
CA SER D 316 0.48 18.77 18.50
C SER D 316 -0.84 18.76 19.25
N ASN D 317 -1.03 17.73 20.07
CA ASN D 317 -2.24 17.56 20.85
C ASN D 317 -1.88 17.38 22.32
N PHE D 318 -2.79 17.80 23.19
CA PHE D 318 -2.59 17.68 24.62
C PHE D 318 -3.58 16.68 25.21
N ARG D 319 -3.11 15.90 26.16
CA ARG D 319 -3.90 14.88 26.84
C ARG D 319 -3.65 15.00 28.34
N VAL D 320 -4.67 14.64 29.13
CA VAL D 320 -4.52 14.69 30.57
C VAL D 320 -3.78 13.44 31.04
N GLN D 321 -2.69 13.64 31.76
CA GLN D 321 -1.90 12.52 32.22
C GLN D 321 -2.62 11.79 33.36
N PRO D 322 -2.44 10.47 33.44
CA PRO D 322 -3.07 9.71 34.53
C PRO D 322 -2.52 10.12 35.89
N THR D 323 -3.39 10.04 36.90
CA THR D 323 -3.04 10.49 38.24
C THR D 323 -2.48 9.35 39.09
N GLU D 324 -3.27 8.30 39.30
CA GLU D 324 -2.88 7.18 40.17
C GLU D 324 -3.35 5.89 39.52
N SER D 325 -3.27 4.80 40.29
CA SER D 325 -3.61 3.48 39.81
C SER D 325 -4.76 2.90 40.64
N ILE D 326 -5.57 2.08 39.98
CA ILE D 326 -6.74 1.46 40.61
C ILE D 326 -6.65 -0.04 40.33
N VAL D 327 -6.16 -0.80 41.31
CA VAL D 327 -6.07 -2.25 41.21
C VAL D 327 -7.24 -2.85 41.98
N ARG D 328 -8.02 -3.69 41.32
CA ARG D 328 -9.25 -4.23 41.89
C ARG D 328 -9.35 -5.70 41.54
N PHE D 329 -9.13 -6.57 42.52
CA PHE D 329 -9.15 -8.01 42.34
C PHE D 329 -10.10 -8.65 43.34
N PRO D 330 -10.68 -9.79 42.99
CA PRO D 330 -11.51 -10.52 43.97
C PRO D 330 -10.68 -11.03 45.13
N ASN D 331 -11.37 -11.19 46.26
CA ASN D 331 -10.74 -11.56 47.53
C ASN D 331 -10.77 -13.06 47.78
N ILE D 332 -9.65 -13.71 47.48
CA ILE D 332 -9.44 -15.14 47.71
C ILE D 332 -8.03 -15.34 48.23
N THR D 333 -7.87 -16.26 49.18
CA THR D 333 -6.56 -16.58 49.74
C THR D 333 -6.20 -18.05 49.58
N ASN D 334 -6.88 -18.76 48.68
CA ASN D 334 -6.61 -20.18 48.47
C ASN D 334 -5.29 -20.39 47.75
N LEU D 335 -4.69 -21.56 47.97
CA LEU D 335 -3.44 -21.95 47.36
C LEU D 335 -3.62 -23.22 46.54
N CYS D 336 -2.75 -23.40 45.55
CA CYS D 336 -2.81 -24.59 44.70
C CYS D 336 -1.42 -25.03 44.23
N PRO D 337 -0.54 -25.45 45.15
CA PRO D 337 0.80 -25.91 44.75
C PRO D 337 0.86 -27.41 44.50
N PHE D 338 0.00 -27.89 43.60
CA PHE D 338 -0.09 -29.32 43.33
C PHE D 338 0.92 -29.78 42.29
N GLY D 339 2.19 -29.42 42.51
CA GLY D 339 3.27 -29.83 41.64
C GLY D 339 4.28 -30.74 42.29
N GLU D 340 4.00 -31.28 43.47
CA GLU D 340 4.91 -32.14 44.22
C GLU D 340 6.25 -31.45 44.51
N VAL D 341 6.25 -30.12 44.57
CA VAL D 341 7.44 -29.33 44.84
C VAL D 341 8.58 -29.68 43.88
N ALA D 344 6.68 -39.62 44.40
CA ALA D 344 5.67 -40.07 45.34
C ALA D 344 4.52 -40.77 44.62
N THR D 345 4.09 -40.19 43.49
CA THR D 345 3.01 -40.75 42.69
C THR D 345 3.47 -41.31 41.36
N ARG D 346 4.66 -40.93 40.88
CA ARG D 346 5.25 -41.43 39.64
C ARG D 346 4.37 -41.15 38.43
N PHE D 347 3.42 -40.22 38.56
CA PHE D 347 2.48 -39.86 37.51
C PHE D 347 1.85 -41.09 36.86
N ALA D 348 1.82 -41.12 35.54
CA ALA D 348 1.23 -42.21 34.79
C ALA D 348 1.80 -42.18 33.37
N SER D 349 1.18 -42.95 32.48
CA SER D 349 1.66 -43.04 31.10
C SER D 349 1.21 -41.81 30.31
N VAL D 350 1.80 -41.66 29.12
CA VAL D 350 1.51 -40.51 28.28
C VAL D 350 0.09 -40.59 27.72
N TYR D 351 -0.31 -41.77 27.26
CA TYR D 351 -1.63 -41.93 26.67
C TYR D 351 -2.76 -41.81 27.69
N ALA D 352 -2.44 -41.80 28.99
CA ALA D 352 -3.43 -41.77 30.05
C ALA D 352 -3.16 -40.63 31.01
N TRP D 353 -2.94 -39.43 30.45
CA TRP D 353 -2.65 -38.27 31.28
C TRP D 353 -3.89 -37.85 32.07
N ASN D 354 -3.64 -37.15 33.17
CA ASN D 354 -4.69 -36.64 34.05
C ASN D 354 -4.88 -35.15 33.83
N ARG D 355 -6.14 -34.71 33.84
CA ARG D 355 -6.50 -33.32 33.67
C ARG D 355 -7.07 -32.80 34.99
N LYS D 356 -6.27 -32.06 35.74
CA LYS D 356 -6.69 -31.46 36.99
C LYS D 356 -7.02 -29.99 36.76
N ARG D 357 -8.29 -29.63 36.96
CA ARG D 357 -8.73 -28.26 36.74
C ARG D 357 -8.62 -27.49 38.05
N ILE D 358 -7.91 -26.37 38.02
CA ILE D 358 -7.66 -25.56 39.20
C ILE D 358 -8.32 -24.20 39.02
N SER D 359 -9.10 -23.79 40.01
CA SER D 359 -9.76 -22.50 39.97
C SER D 359 -9.88 -21.96 41.39
N ASN D 360 -10.17 -20.66 41.48
CA ASN D 360 -10.34 -19.97 42.76
C ASN D 360 -9.10 -20.12 43.64
N CYS D 361 -7.95 -19.85 43.04
CA CYS D 361 -6.68 -20.00 43.73
C CYS D 361 -5.84 -18.75 43.55
N VAL D 362 -5.05 -18.44 44.57
CA VAL D 362 -4.13 -17.30 44.56
C VAL D 362 -2.79 -17.84 45.05
N ALA D 363 -1.89 -18.17 44.13
CA ALA D 363 -0.60 -18.75 44.46
C ALA D 363 0.53 -17.92 43.86
N ASP D 364 1.68 -17.96 44.54
CA ASP D 364 2.87 -17.24 44.09
C ASP D 364 3.40 -17.89 42.82
N TYR D 365 3.12 -17.26 41.68
CA TYR D 365 3.65 -17.77 40.42
C TYR D 365 5.07 -17.26 40.21
N SER D 366 5.91 -17.40 41.23
CA SER D 366 7.32 -17.06 41.15
C SER D 366 8.21 -18.26 41.42
N VAL D 367 7.91 -19.03 42.46
CA VAL D 367 8.68 -20.24 42.75
C VAL D 367 8.54 -21.29 41.67
N LEU D 368 7.54 -21.17 40.79
CA LEU D 368 7.36 -22.13 39.71
C LEU D 368 8.54 -22.14 38.75
N TYR D 369 9.31 -21.06 38.70
CA TYR D 369 10.57 -21.04 37.97
C TYR D 369 11.79 -20.92 38.87
N ASN D 370 11.63 -20.50 40.12
CA ASN D 370 12.74 -20.47 41.06
C ASN D 370 13.22 -21.87 41.43
N SER D 371 12.44 -22.90 41.13
CA SER D 371 12.82 -24.28 41.43
C SER D 371 14.00 -24.66 40.55
N ALA D 372 15.19 -24.73 41.15
CA ALA D 372 16.39 -25.10 40.39
C ALA D 372 16.36 -26.57 39.98
N SER D 373 15.52 -27.39 40.61
CA SER D 373 15.42 -28.80 40.22
C SER D 373 14.89 -28.93 38.80
N PHE D 374 14.17 -27.93 38.31
CA PHE D 374 13.62 -27.97 36.96
C PHE D 374 14.76 -27.85 35.96
N SER D 375 14.89 -28.84 35.07
CA SER D 375 16.01 -28.85 34.15
C SER D 375 16.00 -27.65 33.22
N THR D 376 14.83 -27.35 32.64
CA THR D 376 14.70 -26.19 31.76
C THR D 376 13.24 -25.76 31.74
N PHE D 377 13.02 -24.45 31.80
CA PHE D 377 11.69 -23.87 31.88
C PHE D 377 11.36 -23.20 30.55
N LYS D 378 10.21 -23.55 29.99
CA LYS D 378 9.81 -23.07 28.67
C LYS D 378 8.43 -22.44 28.75
N CYS D 379 8.28 -21.27 28.13
CA CYS D 379 6.98 -20.62 27.97
C CYS D 379 6.82 -20.22 26.50
N TYR D 380 5.61 -20.43 25.98
CA TYR D 380 5.33 -20.18 24.57
C TYR D 380 4.27 -19.13 24.32
N GLY D 381 3.44 -18.81 25.31
CA GLY D 381 2.34 -17.90 25.07
C GLY D 381 2.43 -16.58 25.81
N VAL D 382 3.12 -16.57 26.94
CA VAL D 382 3.25 -15.38 27.77
C VAL D 382 4.70 -15.23 28.21
N SER D 383 5.03 -14.02 28.63
CA SER D 383 6.36 -13.76 29.17
C SER D 383 6.48 -14.41 30.54
N PRO D 384 7.54 -15.18 30.80
CA PRO D 384 7.65 -15.88 32.10
C PRO D 384 7.64 -14.95 33.29
N THR D 385 8.26 -13.77 33.17
CA THR D 385 8.27 -12.84 34.30
C THR D 385 6.89 -12.25 34.54
N LYS D 386 6.10 -12.06 33.50
CA LYS D 386 4.76 -11.49 33.62
C LYS D 386 3.70 -12.56 33.79
N LEU D 387 3.90 -13.45 34.76
CA LEU D 387 2.91 -14.48 35.04
C LEU D 387 1.92 -14.08 36.12
N ASN D 388 2.29 -13.15 37.00
CA ASN D 388 1.40 -12.76 38.09
C ASN D 388 0.29 -11.83 37.64
N ASP D 389 0.56 -10.97 36.66
CA ASP D 389 -0.40 -9.93 36.29
C ASP D 389 -1.66 -10.52 35.66
N LEU D 390 -1.50 -11.50 34.78
CA LEU D 390 -2.60 -11.96 33.96
C LEU D 390 -3.64 -12.71 34.80
N CYS D 391 -4.85 -12.79 34.25
CA CYS D 391 -5.96 -13.52 34.86
C CYS D 391 -6.27 -14.74 34.02
N PHE D 392 -6.32 -15.90 34.66
CA PHE D 392 -6.49 -17.18 33.97
C PHE D 392 -7.91 -17.69 34.11
N THR D 393 -8.18 -18.82 33.47
CA THR D 393 -9.50 -19.44 33.48
C THR D 393 -9.35 -20.92 33.20
N ASN D 394 -9.72 -21.76 34.17
CA ASN D 394 -9.71 -23.21 34.02
C ASN D 394 -8.31 -23.73 33.68
N VAL D 395 -7.38 -23.49 34.60
CA VAL D 395 -6.00 -23.92 34.41
C VAL D 395 -5.93 -25.44 34.42
N TYR D 396 -5.13 -26.00 33.53
CA TYR D 396 -4.96 -27.43 33.40
C TYR D 396 -3.59 -27.86 33.91
N ALA D 397 -3.51 -29.11 34.37
CA ALA D 397 -2.32 -29.62 35.05
C ALA D 397 -1.96 -31.02 34.54
N ASP D 398 -1.89 -31.16 33.22
CA ASP D 398 -1.53 -32.45 32.64
C ASP D 398 -0.09 -32.81 32.98
N SER D 399 0.17 -34.11 33.09
CA SER D 399 1.50 -34.58 33.48
C SER D 399 1.80 -35.91 32.80
N PHE D 400 2.97 -36.00 32.17
CA PHE D 400 3.43 -37.22 31.55
C PHE D 400 4.94 -37.14 31.40
N VAL D 401 5.57 -38.30 31.23
CA VAL D 401 7.03 -38.39 31.20
C VAL D 401 7.47 -39.03 29.89
N ILE D 402 8.66 -38.66 29.44
CA ILE D 402 9.26 -39.19 28.22
C ILE D 402 10.74 -39.44 28.50
N ARG D 403 11.32 -40.39 27.77
CA ARG D 403 12.72 -40.80 27.99
C ARG D 403 13.65 -39.92 27.17
N GLY D 404 14.02 -38.77 27.74
CA GLY D 404 15.06 -37.95 27.17
C GLY D 404 14.66 -37.04 26.03
N ASP D 405 14.45 -37.61 24.84
CA ASP D 405 14.18 -36.82 23.64
C ASP D 405 12.76 -36.28 23.72
N GLU D 406 12.59 -35.23 24.52
CA GLU D 406 11.29 -34.64 24.77
C GLU D 406 11.08 -33.37 23.96
N VAL D 407 11.93 -32.36 24.17
CA VAL D 407 11.73 -31.05 23.55
C VAL D 407 11.77 -31.15 22.03
N ARG D 408 12.50 -32.14 21.52
CA ARG D 408 12.51 -32.36 20.07
C ARG D 408 11.12 -32.70 19.55
N GLN D 409 10.28 -33.29 20.39
CA GLN D 409 8.95 -33.70 19.96
C GLN D 409 7.82 -32.85 20.56
N ILE D 410 7.99 -32.33 21.77
CA ILE D 410 6.92 -31.57 22.42
C ILE D 410 7.09 -30.10 22.05
N ALA D 411 6.20 -29.61 21.19
CA ALA D 411 6.17 -28.22 20.74
C ALA D 411 4.94 -28.01 19.88
N PRO D 412 4.41 -26.80 19.79
CA PRO D 412 3.25 -26.56 18.92
C PRO D 412 3.61 -26.82 17.46
N GLY D 413 2.78 -27.62 16.80
CA GLY D 413 3.04 -27.98 15.41
C GLY D 413 4.34 -28.73 15.23
N GLN D 414 4.68 -29.60 16.18
CA GLN D 414 5.90 -30.39 16.13
C GLN D 414 5.55 -31.86 15.95
N THR D 415 6.16 -32.49 14.95
CA THR D 415 5.95 -33.91 14.74
C THR D 415 6.75 -34.72 15.76
N GLY D 416 6.70 -36.03 15.62
CA GLY D 416 7.38 -36.93 16.53
C GLY D 416 6.50 -38.15 16.74
N LYS D 417 7.13 -39.32 16.73
CA LYS D 417 6.37 -40.57 16.78
C LYS D 417 5.54 -40.65 18.05
N ILE D 418 6.16 -40.44 19.21
CA ILE D 418 5.41 -40.41 20.46
C ILE D 418 4.44 -39.24 20.46
N ALA D 419 4.91 -38.07 20.03
CA ALA D 419 4.04 -36.89 20.02
C ALA D 419 2.86 -37.03 19.07
N ASP D 420 3.07 -37.60 17.88
CA ASP D 420 1.99 -37.77 16.92
C ASP D 420 1.15 -39.01 17.16
N TYR D 421 1.58 -39.89 18.07
CA TYR D 421 0.84 -41.10 18.37
C TYR D 421 0.23 -41.09 19.77
N ASN D 422 0.62 -40.15 20.63
CA ASN D 422 0.07 -40.07 21.97
C ASN D 422 -0.74 -38.81 22.19
N TYR D 423 -0.15 -37.63 21.99
CA TYR D 423 -0.80 -36.39 22.38
C TYR D 423 -0.11 -35.23 21.67
N LYS D 424 -0.79 -34.61 20.71
CA LYS D 424 -0.28 -33.40 20.07
C LYS D 424 -0.87 -32.17 20.74
N LEU D 425 -0.20 -31.04 20.56
CA LEU D 425 -0.66 -29.79 21.13
C LEU D 425 -1.42 -28.98 20.07
N PRO D 426 -2.37 -28.15 20.48
CA PRO D 426 -3.06 -27.30 19.51
C PRO D 426 -2.07 -26.33 18.86
N ASP D 427 -2.35 -26.01 17.60
CA ASP D 427 -1.49 -25.06 16.89
C ASP D 427 -1.51 -23.71 17.58
N ASP D 428 -2.68 -23.26 17.99
CA ASP D 428 -2.80 -22.06 18.82
C ASP D 428 -2.82 -22.51 20.28
N PHE D 429 -1.66 -22.45 20.91
CA PHE D 429 -1.47 -22.94 22.27
C PHE D 429 -0.91 -21.83 23.14
N THR D 430 -1.30 -21.83 24.42
CA THR D 430 -0.84 -20.82 25.37
C THR D 430 -0.60 -21.52 26.71
N GLY D 431 0.65 -21.94 26.93
CA GLY D 431 1.00 -22.62 28.16
C GLY D 431 2.50 -22.59 28.39
N CYS D 432 2.90 -23.17 29.52
CA CYS D 432 4.30 -23.17 29.94
C CYS D 432 4.65 -24.58 30.41
N VAL D 433 5.33 -25.34 29.57
CA VAL D 433 5.71 -26.70 29.91
C VAL D 433 7.03 -26.69 30.67
N ILE D 434 7.16 -27.57 31.65
CA ILE D 434 8.36 -27.71 32.46
C ILE D 434 8.83 -29.15 32.38
N ALA D 435 10.14 -29.35 32.57
CA ALA D 435 10.75 -30.66 32.51
C ALA D 435 11.89 -30.76 33.50
N TRP D 436 12.03 -31.92 34.12
CA TRP D 436 13.14 -32.15 35.04
C TRP D 436 13.32 -33.65 35.25
N ASN D 437 14.58 -34.06 35.41
CA ASN D 437 14.91 -35.46 35.52
C ASN D 437 14.34 -36.07 36.79
N SER D 438 13.88 -37.31 36.68
CA SER D 438 13.37 -38.07 37.82
C SER D 438 13.90 -39.50 37.78
N ASN D 439 15.13 -39.67 37.30
CA ASN D 439 15.70 -41.01 37.20
C ASN D 439 15.95 -41.62 38.57
N ASN D 440 16.34 -40.79 39.54
CA ASN D 440 16.60 -41.30 40.88
C ASN D 440 15.32 -41.86 41.50
N LEU D 441 14.20 -41.21 41.26
CA LEU D 441 12.92 -41.65 41.81
C LEU D 441 12.42 -42.91 41.10
N GLY D 447 16.38 -50.33 35.65
CA GLY D 447 16.21 -50.72 37.04
C GLY D 447 14.78 -50.61 37.53
N ASN D 448 14.02 -49.71 36.90
CA ASN D 448 12.62 -49.48 37.23
C ASN D 448 11.82 -49.48 35.92
N TYR D 449 11.33 -50.66 35.54
CA TYR D 449 10.57 -50.82 34.29
C TYR D 449 9.07 -50.67 34.54
N ASN D 450 8.68 -49.58 35.18
CA ASN D 450 7.28 -49.34 35.53
C ASN D 450 6.64 -48.22 34.71
N TYR D 451 7.44 -47.37 34.06
CA TYR D 451 6.89 -46.28 33.24
C TYR D 451 6.56 -46.85 31.86
N LEU D 452 5.46 -47.59 31.80
CA LEU D 452 5.05 -48.22 30.56
C LEU D 452 4.56 -47.19 29.57
N TYR D 453 4.92 -47.36 28.30
CA TYR D 453 4.54 -46.45 27.23
C TYR D 453 3.77 -47.18 26.15
N ARG D 454 2.94 -46.44 25.43
CA ARG D 454 2.30 -46.96 24.24
C ARG D 454 3.35 -47.23 23.16
N LEU D 455 3.12 -48.28 22.38
CA LEU D 455 4.08 -48.70 21.37
C LEU D 455 3.79 -48.06 20.01
N PHE D 456 2.61 -48.29 19.46
CA PHE D 456 2.24 -47.70 18.18
C PHE D 456 0.72 -47.55 18.11
N ARG D 457 0.27 -46.54 17.37
CA ARG D 457 -1.13 -46.32 17.11
C ARG D 457 -1.34 -46.16 15.61
N LYS D 458 -2.39 -46.79 15.08
CA LYS D 458 -2.60 -46.80 13.63
C LYS D 458 -2.93 -45.42 13.10
N SER D 459 -3.70 -44.63 13.84
CA SER D 459 -4.17 -43.34 13.39
C SER D 459 -3.57 -42.23 14.26
N ASN D 460 -3.43 -41.05 13.67
CA ASN D 460 -2.98 -39.91 14.44
C ASN D 460 -4.01 -39.55 15.51
N LEU D 461 -3.52 -38.94 16.58
CA LEU D 461 -4.36 -38.58 17.72
C LEU D 461 -4.69 -37.09 17.69
N LYS D 462 -5.98 -36.77 17.73
CA LYS D 462 -6.44 -35.40 17.78
C LYS D 462 -5.99 -34.76 19.11
N PRO D 463 -5.50 -33.52 19.09
CA PRO D 463 -5.01 -32.89 20.33
C PRO D 463 -6.10 -32.80 21.37
N PHE D 464 -5.72 -33.08 22.62
CA PHE D 464 -6.63 -33.09 23.77
C PHE D 464 -7.68 -34.20 23.64
N GLU D 465 -7.22 -35.40 23.27
CA GLU D 465 -8.03 -36.61 23.34
C GLU D 465 -7.17 -37.75 23.86
N ARG D 466 -7.72 -38.50 24.80
CA ARG D 466 -7.01 -39.56 25.50
C ARG D 466 -7.66 -40.91 25.17
N ASP D 467 -6.84 -41.86 24.74
CA ASP D 467 -7.30 -43.20 24.36
C ASP D 467 -6.64 -44.24 25.26
N ILE D 468 -7.41 -44.78 26.20
CA ILE D 468 -6.90 -45.81 27.10
C ILE D 468 -6.94 -47.18 26.46
N SER D 469 -7.83 -47.40 25.48
CA SER D 469 -8.00 -48.72 24.88
C SER D 469 -6.69 -49.20 24.27
N THR D 470 -6.33 -50.45 24.59
CA THR D 470 -5.09 -51.08 24.13
C THR D 470 -5.45 -52.41 23.48
N GLU D 471 -5.66 -52.39 22.17
CA GLU D 471 -5.94 -53.57 21.40
C GLU D 471 -4.80 -53.81 20.42
N ILE D 472 -4.37 -55.07 20.31
CA ILE D 472 -3.26 -55.42 19.44
C ILE D 472 -3.70 -55.20 17.99
N TYR D 473 -3.13 -54.18 17.34
CA TYR D 473 -3.50 -53.86 15.98
C TYR D 473 -3.04 -54.95 15.02
N GLN D 474 -3.74 -55.05 13.88
CA GLN D 474 -3.48 -56.07 12.89
C GLN D 474 -2.35 -55.62 11.96
N ALA D 475 -1.14 -55.63 12.52
CA ALA D 475 0.04 -55.27 11.72
C ALA D 475 0.25 -56.25 10.58
N GLY D 476 0.04 -57.54 10.84
CA GLY D 476 0.16 -58.55 9.81
C GLY D 476 -1.06 -58.59 8.92
N SER D 477 -0.97 -59.44 7.88
CA SER D 477 -2.05 -59.56 6.92
C SER D 477 -3.29 -60.23 7.53
N THR D 478 -3.09 -61.10 8.51
CA THR D 478 -4.20 -61.86 9.07
C THR D 478 -4.97 -61.01 10.08
N PRO D 479 -6.27 -60.77 9.87
CA PRO D 479 -7.08 -60.06 10.86
C PRO D 479 -7.77 -61.03 11.80
N CYS D 480 -7.79 -60.67 13.08
CA CYS D 480 -8.43 -61.49 14.10
C CYS D 480 -9.16 -60.60 15.09
N ASN D 481 -10.22 -61.14 15.68
CA ASN D 481 -11.03 -60.44 16.67
C ASN D 481 -10.91 -61.19 17.99
N GLY D 482 -10.24 -60.57 18.96
CA GLY D 482 -10.04 -61.19 20.26
C GLY D 482 -8.95 -62.24 20.32
N VAL D 483 -8.23 -62.47 19.22
CA VAL D 483 -7.17 -63.46 19.15
C VAL D 483 -5.91 -62.77 18.65
N GLU D 484 -4.79 -63.01 19.34
CA GLU D 484 -3.52 -62.44 18.92
C GLU D 484 -3.15 -62.98 17.54
N GLY D 485 -3.18 -62.12 16.54
CA GLY D 485 -2.96 -62.54 15.16
C GLY D 485 -1.48 -62.67 14.83
N PHE D 486 -1.23 -63.09 13.59
CA PHE D 486 0.12 -63.26 13.12
C PHE D 486 0.77 -61.91 12.87
N ASN D 487 1.99 -61.74 13.37
CA ASN D 487 2.74 -60.48 13.26
C ASN D 487 1.96 -59.30 13.85
N CYS D 488 1.10 -59.58 14.83
CA CYS D 488 0.35 -58.53 15.51
C CYS D 488 1.21 -57.99 16.64
N TYR D 489 1.82 -56.82 16.41
CA TYR D 489 2.74 -56.25 17.38
C TYR D 489 1.97 -55.85 18.64
N PHE D 490 2.38 -56.40 19.77
CA PHE D 490 1.72 -56.10 21.03
C PHE D 490 2.02 -54.68 21.46
N PRO D 491 1.02 -53.86 21.79
CA PRO D 491 1.28 -52.48 22.19
C PRO D 491 1.57 -52.37 23.68
N LEU D 492 1.75 -51.14 24.17
CA LEU D 492 1.98 -50.85 25.58
C LEU D 492 3.24 -51.57 26.09
N GLN D 493 4.37 -51.14 25.53
CA GLN D 493 5.67 -51.71 25.86
C GLN D 493 6.38 -50.84 26.89
N SER D 494 6.96 -51.47 27.91
CA SER D 494 7.70 -50.74 28.92
C SER D 494 9.09 -50.41 28.41
N TYR D 495 9.48 -49.13 28.52
CA TYR D 495 10.72 -48.66 27.93
C TYR D 495 11.86 -48.79 28.93
N GLY D 496 13.07 -48.95 28.40
CA GLY D 496 14.23 -49.17 29.24
C GLY D 496 14.55 -47.96 30.09
N PHE D 497 14.71 -48.18 31.39
CA PHE D 497 15.03 -47.11 32.34
C PHE D 497 16.10 -47.58 33.32
N GLN D 498 17.17 -48.15 32.79
CA GLN D 498 18.30 -48.51 33.62
C GLN D 498 18.93 -47.26 34.23
N PRO D 499 19.23 -47.27 35.53
CA PRO D 499 19.79 -46.06 36.16
C PRO D 499 21.11 -45.61 35.53
N THR D 500 21.94 -46.54 35.06
CA THR D 500 23.21 -46.19 34.47
C THR D 500 23.09 -45.79 33.00
N ASN D 501 21.90 -45.87 32.42
CA ASN D 501 21.72 -45.49 31.03
C ASN D 501 21.95 -44.00 30.84
N GLY D 502 22.46 -43.63 29.68
CA GLY D 502 22.81 -42.25 29.40
C GLY D 502 21.62 -41.39 29.05
N VAL D 503 21.91 -40.12 28.74
CA VAL D 503 20.87 -39.18 28.38
C VAL D 503 20.18 -39.64 27.09
N GLY D 504 18.91 -39.26 26.95
CA GLY D 504 18.09 -39.75 25.86
C GLY D 504 17.43 -41.07 26.14
N TYR D 505 17.79 -41.73 27.25
CA TYR D 505 17.18 -43.00 27.65
C TYR D 505 16.72 -42.95 29.10
N GLN D 506 16.88 -41.82 29.80
CA GLN D 506 16.55 -41.62 31.20
C GLN D 506 15.17 -41.02 31.34
N PRO D 507 14.46 -41.36 32.41
CA PRO D 507 13.13 -40.79 32.63
C PRO D 507 13.21 -39.37 33.16
N TYR D 508 12.05 -38.70 33.14
CA TYR D 508 11.96 -37.32 33.62
C TYR D 508 10.70 -37.16 34.46
N ARG D 509 10.34 -35.91 34.74
CA ARG D 509 9.11 -35.59 35.47
C ARG D 509 8.41 -34.41 34.79
N VAL D 510 8.24 -34.51 33.47
CA VAL D 510 7.70 -33.42 32.68
C VAL D 510 6.27 -33.13 33.09
N VAL D 511 5.95 -31.84 33.22
CA VAL D 511 4.60 -31.38 33.52
C VAL D 511 4.27 -30.23 32.58
N VAL D 512 3.17 -30.35 31.85
CA VAL D 512 2.71 -29.31 30.93
C VAL D 512 1.56 -28.57 31.58
N LEU D 513 1.62 -27.24 31.55
CA LEU D 513 0.63 -26.37 32.18
C LEU D 513 -0.01 -25.51 31.10
N SER D 514 -1.26 -25.84 30.76
CA SER D 514 -2.01 -25.14 29.72
C SER D 514 -3.19 -24.39 30.35
N PHE D 515 -3.53 -23.24 29.77
CA PHE D 515 -4.56 -22.40 30.35
C PHE D 515 -5.27 -21.64 29.22
N GLU D 516 -6.41 -21.07 29.58
CA GLU D 516 -7.24 -20.30 28.65
C GLU D 516 -7.31 -18.85 29.10
N LEU D 517 -7.14 -17.93 28.15
CA LEU D 517 -7.23 -16.51 28.43
C LEU D 517 -8.54 -15.92 27.93
N PRO D 521 -15.08 -12.89 33.72
CA PRO D 521 -15.29 -14.18 34.39
C PRO D 521 -14.04 -15.06 34.37
N ALA D 522 -13.08 -14.72 35.21
CA ALA D 522 -11.81 -15.43 35.29
C ALA D 522 -11.56 -16.10 36.64
N THR D 523 -11.77 -15.37 37.73
CA THR D 523 -11.70 -15.88 39.11
C THR D 523 -10.42 -16.68 39.37
N VAL D 524 -9.36 -16.42 38.61
CA VAL D 524 -8.05 -17.02 38.85
C VAL D 524 -7.08 -15.87 39.08
N CYS D 525 -6.86 -15.51 40.33
CA CYS D 525 -6.04 -14.36 40.66
C CYS D 525 -4.59 -14.77 40.95
N GLY D 526 -3.70 -13.80 40.86
CA GLY D 526 -2.32 -13.98 41.23
C GLY D 526 -1.98 -13.26 42.51
N PRO D 527 -0.69 -13.17 42.84
CA PRO D 527 -0.24 -12.55 44.09
C PRO D 527 -0.13 -11.03 44.02
N LYS D 528 -1.20 -10.38 43.57
CA LYS D 528 -1.29 -8.92 43.54
C LYS D 528 -2.36 -8.48 44.52
N LYS D 529 -2.02 -7.55 45.39
CA LYS D 529 -2.94 -7.12 46.45
C LYS D 529 -3.95 -6.12 45.91
N SER D 530 -5.22 -6.36 46.22
CA SER D 530 -6.28 -5.46 45.78
C SER D 530 -6.15 -4.10 46.45
N THR D 531 -6.63 -3.07 45.75
CA THR D 531 -6.53 -1.71 46.25
C THR D 531 -7.90 -1.05 46.32
N ASN D 532 -7.91 0.24 46.61
CA ASN D 532 -9.15 0.99 46.77
C ASN D 532 -9.58 1.60 45.44
N LEU D 533 -10.79 2.15 45.43
CA LEU D 533 -11.42 2.67 44.23
C LEU D 533 -11.53 4.19 44.30
N VAL D 534 -11.34 4.83 43.15
CA VAL D 534 -11.44 6.28 43.01
C VAL D 534 -12.41 6.58 41.88
N LYS D 535 -13.33 7.52 42.12
CA LYS D 535 -14.36 7.86 41.14
C LYS D 535 -14.07 9.23 40.52
N ASN D 536 -14.50 9.38 39.27
CA ASN D 536 -14.49 10.66 38.57
C ASN D 536 -13.10 11.29 38.50
N LYS D 537 -12.08 10.46 38.29
CA LYS D 537 -10.71 10.95 38.14
C LYS D 537 -9.99 10.14 37.07
N CYS D 538 -9.06 10.79 36.38
CA CYS D 538 -8.29 10.14 35.32
C CYS D 538 -7.22 9.24 35.95
N VAL D 539 -7.43 7.93 35.89
CA VAL D 539 -6.57 6.97 36.57
C VAL D 539 -6.27 5.81 35.63
N ASN D 540 -5.25 5.04 36.02
CA ASN D 540 -4.87 3.79 35.34
C ASN D 540 -5.58 2.66 36.07
N PHE D 541 -6.67 2.18 35.47
CA PHE D 541 -7.47 1.15 36.10
C PHE D 541 -7.12 -0.22 35.53
N ASN D 542 -6.97 -1.18 36.44
CA ASN D 542 -6.71 -2.55 36.04
C ASN D 542 -7.79 -3.33 36.78
N PHE D 543 -8.94 -3.47 36.13
CA PHE D 543 -10.03 -4.20 36.75
C PHE D 543 -9.94 -5.63 36.31
N ASN D 544 -9.60 -6.53 37.23
CA ASN D 544 -9.41 -7.94 36.89
C ASN D 544 -8.47 -8.10 35.70
N GLY D 545 -8.95 -8.73 34.63
CA GLY D 545 -8.11 -8.95 33.48
C GLY D 545 -7.84 -7.70 32.66
N LEU D 546 -8.88 -6.92 32.39
CA LEU D 546 -8.71 -5.74 31.54
C LEU D 546 -8.06 -4.55 32.21
N THR D 547 -7.01 -4.00 31.60
CA THR D 547 -6.43 -2.78 32.14
C THR D 547 -6.50 -1.70 31.06
N GLY D 548 -6.39 -0.46 31.50
CA GLY D 548 -6.47 0.69 30.62
C GLY D 548 -6.39 1.96 31.43
N THR D 549 -6.57 3.08 30.74
CA THR D 549 -6.53 4.38 31.38
C THR D 549 -7.78 5.17 31.01
N GLY D 550 -8.25 5.99 31.95
CA GLY D 550 -9.42 6.79 31.71
C GLY D 550 -10.06 7.24 33.00
N VAL D 551 -11.27 7.78 32.88
CA VAL D 551 -12.03 8.27 34.02
C VAL D 551 -13.24 7.37 34.23
N LEU D 552 -13.52 7.08 35.50
CA LEU D 552 -14.61 6.18 35.88
C LEU D 552 -15.75 7.02 36.43
N THR D 553 -16.89 6.96 35.76
CA THR D 553 -18.07 7.73 36.12
C THR D 553 -19.22 6.78 36.47
N GLU D 554 -20.36 7.36 36.80
CA GLU D 554 -21.56 6.61 37.16
C GLU D 554 -22.48 6.49 35.95
N SER D 555 -22.95 5.28 35.69
CA SER D 555 -23.93 5.04 34.64
C SER D 555 -24.88 3.96 35.12
N ASN D 556 -26.14 4.06 34.67
CA ASN D 556 -27.23 3.22 35.17
C ASN D 556 -28.05 2.66 34.01
N LYS D 557 -27.68 1.47 33.57
CA LYS D 557 -28.45 0.70 32.60
C LYS D 557 -28.59 -0.73 33.10
N LYS D 558 -29.65 -1.42 32.66
CA LYS D 558 -29.89 -2.77 33.12
C LYS D 558 -28.84 -3.73 32.58
N PHE D 559 -28.07 -4.33 33.50
CA PHE D 559 -26.89 -5.14 33.18
C PHE D 559 -26.99 -6.52 33.81
N LEU D 560 -28.13 -7.19 33.61
CA LEU D 560 -28.23 -8.60 34.00
C LEU D 560 -27.12 -9.46 33.39
N PRO D 561 -26.76 -9.33 32.10
CA PRO D 561 -25.59 -10.07 31.62
C PRO D 561 -24.35 -9.67 32.38
N PHE D 562 -23.47 -10.64 32.59
CA PHE D 562 -22.38 -10.47 33.53
C PHE D 562 -21.19 -9.78 32.86
N GLN D 563 -20.40 -9.07 33.69
CA GLN D 563 -19.24 -8.32 33.24
C GLN D 563 -19.59 -7.30 32.16
N GLN D 564 -18.68 -7.12 31.21
CA GLN D 564 -18.75 -6.02 30.24
C GLN D 564 -19.95 -6.09 29.32
N ARG D 567 -18.07 -3.82 23.50
CA ARG D 567 -19.20 -3.15 24.14
C ARG D 567 -19.54 -1.86 23.41
N ASP D 568 -18.77 -1.56 22.36
CA ASP D 568 -18.96 -0.38 21.53
C ASP D 568 -18.95 -0.81 20.07
N ILE D 569 -19.07 0.17 19.17
CA ILE D 569 -18.85 -0.10 17.75
C ILE D 569 -17.42 -0.58 17.53
N ALA D 570 -16.46 0.10 18.16
CA ALA D 570 -15.07 -0.32 18.10
C ALA D 570 -14.75 -1.39 19.13
N ASP D 571 -15.76 -1.93 19.82
CA ASP D 571 -15.62 -2.94 20.87
C ASP D 571 -14.88 -2.41 22.09
N THR D 572 -14.72 -1.09 22.21
CA THR D 572 -14.10 -0.53 23.40
C THR D 572 -15.04 -0.67 24.59
N THR D 573 -14.45 -0.99 25.74
CA THR D 573 -15.23 -1.26 26.94
C THR D 573 -15.90 0.01 27.45
N ASP D 574 -17.16 -0.10 27.84
CA ASP D 574 -17.91 1.03 28.35
C ASP D 574 -18.42 0.84 29.78
N ALA D 575 -18.33 -0.36 30.34
CA ALA D 575 -18.74 -0.60 31.71
C ALA D 575 -18.03 -1.84 32.22
N VAL D 576 -17.79 -1.88 33.54
CA VAL D 576 -17.09 -2.98 34.17
C VAL D 576 -17.81 -3.36 35.46
N ARG D 577 -17.89 -4.67 35.70
CA ARG D 577 -18.47 -5.21 36.92
C ARG D 577 -17.37 -5.30 37.97
N ASP D 578 -17.53 -4.54 39.05
CA ASP D 578 -16.52 -4.52 40.09
C ASP D 578 -16.43 -5.89 40.74
N PRO D 579 -15.24 -6.49 40.83
CA PRO D 579 -15.12 -7.81 41.48
C PRO D 579 -15.61 -7.80 42.91
N GLN D 580 -15.36 -6.71 43.64
CA GLN D 580 -15.87 -6.53 44.99
C GLN D 580 -16.77 -5.30 44.99
N THR D 581 -17.79 -5.33 45.84
CA THR D 581 -18.88 -4.34 45.83
C THR D 581 -19.46 -4.25 44.42
N LEU D 582 -20.07 -5.36 43.99
CA LEU D 582 -20.53 -5.49 42.63
C LEU D 582 -21.50 -4.38 42.25
N GLU D 583 -21.05 -3.48 41.39
CA GLU D 583 -21.87 -2.38 40.88
C GLU D 583 -21.46 -2.13 39.44
N ILE D 584 -21.86 -0.97 38.92
CA ILE D 584 -21.63 -0.64 37.52
C ILE D 584 -20.93 0.70 37.44
N LEU D 585 -19.80 0.73 36.76
CA LEU D 585 -19.05 1.93 36.49
C LEU D 585 -18.98 2.15 34.97
N ASP D 586 -18.61 3.36 34.58
CA ASP D 586 -18.49 3.73 33.18
C ASP D 586 -17.10 4.25 32.90
N ILE D 587 -16.58 3.94 31.72
CA ILE D 587 -15.23 4.32 31.33
C ILE D 587 -15.33 5.37 30.24
N THR D 588 -14.67 6.51 30.46
CA THR D 588 -14.63 7.59 29.48
C THR D 588 -13.18 8.01 29.28
N PRO D 589 -12.72 8.18 28.05
CA PRO D 589 -11.31 8.52 27.84
C PRO D 589 -10.98 9.89 28.41
N CYS D 590 -9.71 10.03 28.80
CA CYS D 590 -9.23 11.29 29.34
C CYS D 590 -9.42 12.39 28.31
N SER D 591 -9.79 13.58 28.78
CA SER D 591 -10.01 14.71 27.88
C SER D 591 -8.71 15.05 27.16
N PHE D 592 -8.76 15.00 25.83
CA PHE D 592 -7.61 15.37 25.02
C PHE D 592 -8.10 16.10 23.79
N GLY D 593 -7.20 16.86 23.17
CA GLY D 593 -7.57 17.60 21.99
C GLY D 593 -6.39 18.26 21.32
N GLY D 594 -6.63 18.71 20.09
CA GLY D 594 -5.59 19.38 19.34
C GLY D 594 -5.36 20.80 19.78
N VAL D 595 -4.16 21.29 19.52
CA VAL D 595 -3.72 22.62 19.92
C VAL D 595 -3.39 23.42 18.68
N SER D 596 -3.99 24.60 18.55
CA SER D 596 -3.73 25.49 17.43
C SER D 596 -2.96 26.69 17.95
N VAL D 597 -1.81 26.97 17.35
CA VAL D 597 -0.94 28.05 17.79
C VAL D 597 -1.15 29.21 16.82
N ILE D 598 -2.03 30.13 17.16
CA ILE D 598 -2.26 31.29 16.31
C ILE D 598 -1.15 32.31 16.57
N THR D 599 -0.58 32.83 15.49
CA THR D 599 0.49 33.83 15.56
C THR D 599 0.34 34.83 14.42
N PRO D 600 0.76 36.06 14.63
CA PRO D 600 0.91 36.98 13.51
C PRO D 600 2.30 36.85 12.92
N GLY D 601 2.61 37.69 11.94
CA GLY D 601 3.94 37.65 11.34
C GLY D 601 5.02 37.93 12.37
N THR D 602 6.13 37.18 12.28
CA THR D 602 7.23 37.39 13.20
C THR D 602 7.81 38.79 13.05
N ASN D 603 7.71 39.38 11.85
CA ASN D 603 8.17 40.74 11.65
C ASN D 603 7.39 41.72 12.51
N THR D 604 6.07 41.56 12.58
CA THR D 604 5.25 42.50 13.33
C THR D 604 5.47 42.35 14.84
N SER D 605 5.47 41.12 15.34
CA SER D 605 5.56 40.88 16.78
C SER D 605 5.98 39.44 17.02
N ASN D 606 5.86 39.00 18.27
CA ASN D 606 6.13 37.62 18.63
C ASN D 606 5.06 37.04 19.56
N GLN D 607 3.97 37.75 19.80
CA GLN D 607 2.96 37.29 20.75
C GLN D 607 2.09 36.22 20.10
N VAL D 608 2.03 35.06 20.74
CA VAL D 608 1.28 33.92 20.23
C VAL D 608 0.12 33.66 21.18
N ALA D 609 -0.95 33.10 20.63
CA ALA D 609 -2.09 32.69 21.44
C ALA D 609 -2.42 31.25 21.13
N VAL D 610 -2.97 30.54 22.12
CA VAL D 610 -3.25 29.13 21.97
C VAL D 610 -4.74 28.92 21.86
N LEU D 611 -5.11 27.87 21.14
CA LEU D 611 -6.50 27.48 20.95
C LEU D 611 -6.61 25.99 21.29
N TYR D 612 -7.49 25.65 22.21
CA TYR D 612 -7.78 24.26 22.55
C TYR D 612 -9.06 23.87 21.85
N GLN D 613 -8.99 22.83 21.02
CA GLN D 613 -10.08 22.48 20.13
C GLN D 613 -11.19 21.78 20.92
N ASP D 614 -12.37 22.41 20.94
CA ASP D 614 -13.59 21.79 21.47
C ASP D 614 -13.40 21.33 22.91
N VAL D 615 -12.64 22.09 23.70
CA VAL D 615 -12.44 21.82 25.11
C VAL D 615 -13.19 22.90 25.88
N ASN D 616 -14.07 22.47 26.79
CA ASN D 616 -14.93 23.40 27.50
C ASN D 616 -14.10 24.39 28.31
N CYS D 617 -14.31 25.69 28.05
CA CYS D 617 -13.64 26.72 28.83
C CYS D 617 -13.99 26.62 30.31
N THR D 618 -15.13 26.00 30.63
CA THR D 618 -15.47 25.74 32.02
C THR D 618 -14.69 24.57 32.59
N GLU D 619 -14.00 23.80 31.74
CA GLU D 619 -13.21 22.66 32.18
C GLU D 619 -11.73 22.79 31.86
N VAL D 620 -11.32 23.87 31.20
CA VAL D 620 -9.91 24.09 30.89
C VAL D 620 -9.04 24.24 32.14
N PRO D 621 -9.57 24.58 33.33
CA PRO D 621 -8.72 24.43 34.53
C PRO D 621 -8.11 23.05 34.66
N VAL D 622 -8.84 22.00 34.29
CA VAL D 622 -8.24 20.69 34.16
C VAL D 622 -7.19 20.70 33.05
N ALA D 623 -7.51 21.33 31.92
CA ALA D 623 -6.55 21.43 30.83
C ALA D 623 -5.35 22.28 31.22
N ILE D 624 -5.59 23.39 31.92
CA ILE D 624 -4.51 24.28 32.33
C ILE D 624 -4.45 24.35 33.85
N VAL D 635 3.36 30.08 30.99
CA VAL D 635 3.08 31.50 31.21
C VAL D 635 1.72 31.85 30.60
N TYR D 636 1.26 31.03 29.65
CA TYR D 636 -0.04 31.23 29.03
C TYR D 636 -1.15 30.47 29.73
N SER D 637 -0.83 29.61 30.70
CA SER D 637 -1.85 28.88 31.43
C SER D 637 -2.62 29.77 32.40
N THR D 638 -2.16 31.00 32.62
CA THR D 638 -2.86 31.92 33.52
C THR D 638 -4.15 32.41 32.87
N GLY D 639 -5.11 32.80 33.72
CA GLY D 639 -6.34 33.36 33.22
C GLY D 639 -6.27 34.86 33.04
N SER D 640 -5.98 35.30 31.82
CA SER D 640 -5.87 36.72 31.51
C SER D 640 -7.02 37.21 30.65
N ASN D 641 -7.24 36.58 29.50
CA ASN D 641 -8.41 36.86 28.67
C ASN D 641 -8.79 35.55 27.99
N VAL D 642 -9.68 34.80 28.61
CA VAL D 642 -10.08 33.49 28.12
C VAL D 642 -11.44 33.64 27.45
N PHE D 643 -11.52 33.27 26.18
CA PHE D 643 -12.74 33.42 25.41
C PHE D 643 -13.24 32.03 25.00
N GLN D 644 -14.55 31.90 24.86
CA GLN D 644 -15.16 30.62 24.52
C GLN D 644 -15.84 30.71 23.15
N THR D 645 -15.46 29.81 22.25
CA THR D 645 -16.04 29.69 20.92
C THR D 645 -16.56 28.28 20.75
N ARG D 646 -17.47 28.11 19.78
CA ARG D 646 -17.94 26.77 19.45
C ARG D 646 -16.81 25.89 18.98
N ALA D 647 -15.69 26.48 18.55
CA ALA D 647 -14.52 25.71 18.15
C ALA D 647 -13.61 25.35 19.31
N GLY D 648 -13.79 25.94 20.48
CA GLY D 648 -13.00 25.56 21.63
C GLY D 648 -12.76 26.74 22.56
N CYS D 649 -11.64 26.66 23.27
CA CYS D 649 -11.27 27.64 24.28
C CYS D 649 -10.04 28.39 23.80
N LEU D 650 -10.14 29.72 23.74
CA LEU D 650 -9.08 30.56 23.20
C LEU D 650 -8.40 31.29 24.36
N ILE D 651 -7.09 31.10 24.49
CA ILE D 651 -6.32 31.65 25.61
C ILE D 651 -5.15 32.45 25.06
N GLY D 652 -5.04 33.69 25.50
CA GLY D 652 -3.99 34.57 25.05
C GLY D 652 -4.42 35.70 24.16
N ALA D 653 -5.72 35.89 23.96
CA ALA D 653 -6.20 37.00 23.14
C ALA D 653 -7.44 37.59 23.79
N GLU D 654 -7.48 38.92 23.85
CA GLU D 654 -8.64 39.60 24.39
C GLU D 654 -9.78 39.60 23.37
N HIS D 655 -10.98 39.84 23.86
CA HIS D 655 -12.17 39.84 23.03
C HIS D 655 -12.57 41.26 22.68
N VAL D 656 -12.96 41.47 21.43
CA VAL D 656 -13.38 42.78 20.94
C VAL D 656 -14.77 42.64 20.33
N ASN D 657 -15.51 43.74 20.31
CA ASN D 657 -16.92 43.70 19.94
C ASN D 657 -17.21 44.30 18.57
N ASN D 658 -16.25 44.95 17.94
CA ASN D 658 -16.50 45.58 16.66
C ASN D 658 -16.47 44.54 15.54
N SER D 659 -16.54 44.99 14.29
CA SER D 659 -16.61 44.10 13.14
C SER D 659 -15.48 44.44 12.17
N TYR D 660 -14.73 43.41 11.77
CA TYR D 660 -13.63 43.56 10.82
C TYR D 660 -13.66 42.41 9.84
N GLU D 661 -12.90 42.56 8.76
CA GLU D 661 -12.73 41.47 7.80
C GLU D 661 -11.86 40.38 8.40
N CYS D 662 -12.05 39.16 7.89
CA CYS D 662 -11.31 38.03 8.43
C CYS D 662 -9.85 38.06 7.98
N ASP D 663 -8.96 37.79 8.92
CA ASP D 663 -7.53 37.69 8.66
C ASP D 663 -6.98 36.30 8.94
N ILE D 664 -7.32 35.72 10.07
CA ILE D 664 -6.95 34.34 10.38
C ILE D 664 -8.19 33.62 10.88
N PRO D 665 -8.77 32.71 10.09
CA PRO D 665 -9.99 32.02 10.53
C PRO D 665 -9.73 31.14 11.74
N ILE D 666 -10.78 30.96 12.55
CA ILE D 666 -10.73 30.14 13.75
C ILE D 666 -11.80 29.05 13.73
N GLY D 667 -13.04 29.44 13.58
CA GLY D 667 -14.17 28.52 13.61
C GLY D 667 -15.41 29.26 14.05
N ALA D 668 -16.56 28.77 13.60
CA ALA D 668 -17.86 29.31 14.01
C ALA D 668 -17.96 30.80 13.73
N GLY D 669 -17.21 31.29 12.75
CA GLY D 669 -17.26 32.69 12.38
C GLY D 669 -16.35 33.61 13.16
N ILE D 670 -15.65 33.11 14.18
CA ILE D 670 -14.75 33.94 14.95
C ILE D 670 -13.47 34.14 14.15
N CYS D 671 -13.16 35.39 13.82
CA CYS D 671 -11.95 35.73 13.08
C CYS D 671 -11.05 36.59 13.95
N ALA D 672 -9.76 36.30 13.92
CA ALA D 672 -8.78 36.95 14.76
C ALA D 672 -7.85 37.80 13.92
N SER D 673 -7.32 38.86 14.56
CA SER D 673 -6.42 39.78 13.88
C SER D 673 -5.46 40.38 14.88
N TYR D 674 -4.52 41.16 14.35
CA TYR D 674 -3.49 41.83 15.15
C TYR D 674 -3.59 43.32 14.90
N GLN D 675 -3.99 44.06 15.93
CA GLN D 675 -4.19 45.50 15.81
C GLN D 675 -3.80 46.16 17.12
N THR D 676 -3.10 47.28 17.03
CA THR D 676 -2.71 48.03 18.21
C THR D 676 -3.81 49.00 18.63
N SER D 689 -1.12 47.35 24.56
CA SER D 689 -0.88 48.16 23.38
C SER D 689 -0.90 47.33 22.11
N GLN D 690 -0.09 46.28 22.08
CA GLN D 690 0.01 45.39 20.93
C GLN D 690 -0.35 43.97 21.40
N SER D 691 -1.46 43.45 20.89
CA SER D 691 -1.94 42.14 21.31
C SER D 691 -2.86 41.59 20.22
N ILE D 692 -3.37 40.39 20.45
CA ILE D 692 -4.19 39.67 19.48
C ILE D 692 -5.64 39.83 19.87
N ILE D 693 -6.52 40.00 18.87
CA ILE D 693 -7.95 40.16 19.11
C ILE D 693 -8.71 39.11 18.32
N ALA D 694 -9.89 38.76 18.81
CA ALA D 694 -10.82 37.86 18.13
C ALA D 694 -12.21 38.50 18.13
N TYR D 695 -12.94 38.33 17.04
CA TYR D 695 -14.18 39.08 16.89
C TYR D 695 -15.13 38.34 15.95
N THR D 696 -16.38 38.77 15.94
CA THR D 696 -17.34 38.26 14.98
C THR D 696 -16.97 38.74 13.58
N MET D 697 -16.91 37.82 12.63
CA MET D 697 -16.50 38.17 11.28
C MET D 697 -17.59 39.03 10.64
N SER D 698 -17.17 40.05 9.91
CA SER D 698 -18.08 41.02 9.33
C SER D 698 -18.39 40.63 7.90
N LEU D 699 -19.65 40.23 7.65
CA LEU D 699 -20.06 39.86 6.31
C LEU D 699 -19.85 41.01 5.33
N GLY D 700 -19.86 42.23 5.82
CA GLY D 700 -19.64 43.39 4.98
C GLY D 700 -20.44 44.56 5.50
N ALA D 701 -20.17 45.72 4.92
CA ALA D 701 -20.92 46.92 5.27
C ALA D 701 -22.38 46.76 4.88
N GLU D 702 -23.27 47.24 5.73
CA GLU D 702 -24.69 47.19 5.42
C GLU D 702 -25.02 48.15 4.29
N ASN D 703 -26.01 47.76 3.48
CA ASN D 703 -26.53 48.64 2.44
C ASN D 703 -27.98 48.29 2.18
N SER D 704 -28.73 49.29 1.73
CA SER D 704 -30.12 49.12 1.35
C SER D 704 -30.41 50.00 0.15
N VAL D 705 -31.41 49.60 -0.63
CA VAL D 705 -31.80 50.33 -1.83
C VAL D 705 -33.30 50.62 -1.77
N ALA D 706 -33.67 51.86 -2.05
CA ALA D 706 -35.05 52.32 -1.92
C ALA D 706 -35.87 51.84 -3.13
N TYR D 707 -36.39 50.62 -3.00
CA TYR D 707 -37.32 50.09 -3.99
C TYR D 707 -38.56 50.95 -4.08
N SER D 708 -39.02 51.18 -5.31
CA SER D 708 -40.28 51.87 -5.56
C SER D 708 -40.63 51.69 -7.02
N ASN D 709 -41.93 51.63 -7.30
CA ASN D 709 -42.35 51.18 -8.62
C ASN D 709 -42.46 52.30 -9.64
N ASN D 710 -42.07 53.53 -9.29
CA ASN D 710 -42.12 54.63 -10.23
C ASN D 710 -40.81 55.42 -10.25
N SER D 711 -39.70 54.74 -9.99
CA SER D 711 -38.39 55.38 -9.99
C SER D 711 -37.39 54.48 -10.70
N ILE D 712 -36.34 55.11 -11.22
CA ILE D 712 -35.26 54.37 -11.89
C ILE D 712 -33.94 55.07 -11.59
N ALA D 713 -32.89 54.27 -11.40
CA ALA D 713 -31.55 54.79 -11.15
C ALA D 713 -30.64 54.36 -12.29
N ILE D 714 -30.06 55.34 -12.99
CA ILE D 714 -29.26 55.06 -14.18
C ILE D 714 -27.87 55.66 -14.03
N PRO D 715 -26.82 54.96 -14.46
CA PRO D 715 -25.49 55.57 -14.43
C PRO D 715 -25.34 56.69 -15.43
N THR D 716 -24.41 57.61 -15.14
CA THR D 716 -24.11 58.73 -16.04
C THR D 716 -22.62 58.86 -16.35
N ASN D 717 -21.78 57.98 -15.82
CA ASN D 717 -20.35 58.01 -16.10
C ASN D 717 -19.79 56.63 -15.84
N PHE D 718 -18.72 56.30 -16.55
CA PHE D 718 -18.19 54.94 -16.50
C PHE D 718 -16.72 54.96 -16.12
N THR D 719 -16.13 53.76 -16.08
CA THR D 719 -14.75 53.57 -15.69
C THR D 719 -14.25 52.27 -16.30
N ILE D 720 -13.12 52.33 -16.99
CA ILE D 720 -12.53 51.16 -17.62
C ILE D 720 -11.49 50.60 -16.65
N SER D 721 -11.85 49.54 -15.96
CA SER D 721 -10.93 48.94 -15.01
C SER D 721 -10.26 47.74 -15.66
N VAL D 722 -9.19 47.26 -15.01
CA VAL D 722 -8.41 46.14 -15.52
C VAL D 722 -7.97 45.26 -14.36
N THR D 723 -8.25 43.97 -14.47
CA THR D 723 -8.01 43.04 -13.38
C THR D 723 -7.22 41.83 -13.88
N THR D 724 -6.41 41.28 -12.99
CA THR D 724 -5.48 40.22 -13.34
C THR D 724 -5.99 38.88 -12.85
N GLU D 725 -5.94 37.87 -13.72
CA GLU D 725 -6.29 36.50 -13.38
C GLU D 725 -5.09 35.61 -13.65
N ILE D 726 -4.82 34.67 -12.75
CA ILE D 726 -3.61 33.86 -12.84
C ILE D 726 -4.02 32.39 -12.91
N LEU D 727 -3.54 31.69 -13.94
CA LEU D 727 -3.89 30.29 -14.11
C LEU D 727 -2.62 29.45 -14.26
N PRO D 728 -2.40 28.46 -13.39
CA PRO D 728 -1.35 27.49 -13.66
C PRO D 728 -1.69 26.69 -14.91
N VAL D 729 -0.64 26.21 -15.58
CA VAL D 729 -0.79 25.46 -16.81
C VAL D 729 -0.20 24.06 -16.69
N SER D 730 1.07 23.96 -16.34
CA SER D 730 1.72 22.66 -16.26
C SER D 730 2.71 22.67 -15.10
N MET D 731 2.97 21.48 -14.57
CA MET D 731 3.94 21.31 -13.51
C MET D 731 5.26 20.83 -14.08
N THR D 732 6.25 20.70 -13.21
CA THR D 732 7.58 20.32 -13.65
C THR D 732 7.59 18.88 -14.13
N LYS D 733 8.01 18.68 -15.37
CA LYS D 733 8.01 17.35 -15.97
C LYS D 733 9.03 16.46 -15.29
N THR D 734 8.59 15.67 -14.33
CA THR D 734 9.49 14.88 -13.51
C THR D 734 9.51 13.43 -13.97
N SER D 735 10.69 12.81 -13.88
CA SER D 735 10.86 11.39 -14.16
C SER D 735 11.65 10.76 -13.04
N VAL D 736 11.43 9.46 -12.83
CA VAL D 736 12.04 8.74 -11.72
C VAL D 736 12.62 7.44 -12.25
N ASP D 737 13.80 7.09 -11.77
CA ASP D 737 14.43 5.82 -12.06
C ASP D 737 14.10 4.85 -10.94
N CYS D 738 13.43 3.76 -11.27
CA CYS D 738 12.96 2.83 -10.24
C CYS D 738 14.14 2.07 -9.62
N THR D 739 14.86 1.32 -10.44
CA THR D 739 15.88 0.41 -9.91
C THR D 739 16.98 1.18 -9.20
N MET D 740 17.41 2.31 -9.77
CA MET D 740 18.48 3.08 -9.15
C MET D 740 18.06 3.57 -7.76
N TYR D 741 16.84 4.10 -7.65
CA TYR D 741 16.38 4.66 -6.40
C TYR D 741 16.08 3.59 -5.37
N ILE D 742 15.72 2.38 -5.80
CA ILE D 742 15.35 1.34 -4.86
C ILE D 742 16.53 0.45 -4.48
N CYS D 743 17.59 0.42 -5.29
CA CYS D 743 18.68 -0.52 -5.06
C CYS D 743 20.08 0.06 -5.21
N GLY D 744 20.22 1.28 -5.74
CA GLY D 744 21.55 1.81 -5.95
C GLY D 744 22.31 0.98 -6.95
N ASP D 745 23.49 0.51 -6.57
CA ASP D 745 24.36 -0.22 -7.49
C ASP D 745 24.72 -1.58 -6.92
N SER D 746 23.73 -2.34 -6.47
CA SER D 746 23.93 -3.67 -5.93
C SER D 746 23.23 -4.69 -6.82
N THR D 747 23.95 -5.76 -7.15
CA THR D 747 23.36 -6.80 -8.00
C THR D 747 22.36 -7.64 -7.22
N GLU D 748 22.61 -7.86 -5.92
CA GLU D 748 21.69 -8.65 -5.12
C GLU D 748 20.33 -7.99 -5.02
N CYS D 749 20.31 -6.68 -4.80
CA CYS D 749 19.05 -5.96 -4.73
C CYS D 749 18.32 -6.00 -6.08
N SER D 750 19.07 -5.88 -7.17
CA SER D 750 18.46 -5.98 -8.49
C SER D 750 17.83 -7.34 -8.72
N ASN D 751 18.51 -8.40 -8.29
CA ASN D 751 17.94 -9.74 -8.41
C ASN D 751 16.68 -9.87 -7.55
N LEU D 752 16.73 -9.38 -6.31
CA LEU D 752 15.60 -9.54 -5.41
C LEU D 752 14.39 -8.72 -5.83
N LEU D 753 14.58 -7.62 -6.57
CA LEU D 753 13.42 -6.93 -7.09
C LEU D 753 12.72 -7.71 -8.19
N LEU D 754 13.42 -8.62 -8.86
CA LEU D 754 12.84 -9.34 -9.98
C LEU D 754 11.67 -10.23 -9.59
N GLN D 755 11.48 -10.49 -8.29
CA GLN D 755 10.39 -11.33 -7.83
C GLN D 755 9.13 -10.56 -7.53
N TYR D 756 9.06 -9.28 -7.90
CA TYR D 756 7.91 -8.46 -7.56
C TYR D 756 7.12 -8.00 -8.78
N GLY D 757 7.03 -8.84 -9.80
CA GLY D 757 6.23 -8.46 -10.96
C GLY D 757 6.84 -7.31 -11.70
N SER D 758 5.99 -6.41 -12.19
CA SER D 758 6.40 -5.27 -13.01
C SER D 758 6.02 -3.94 -12.37
N PHE D 759 6.30 -3.79 -11.07
CA PHE D 759 6.00 -2.54 -10.40
C PHE D 759 6.76 -1.39 -11.04
N CYS D 760 8.05 -1.59 -11.31
CA CYS D 760 8.87 -0.52 -11.87
C CYS D 760 8.35 -0.09 -13.23
N THR D 761 7.97 -1.04 -14.08
CA THR D 761 7.46 -0.70 -15.40
C THR D 761 6.17 0.10 -15.29
N GLN D 762 5.27 -0.31 -14.38
CA GLN D 762 4.03 0.43 -14.20
C GLN D 762 4.31 1.86 -13.78
N LEU D 763 5.20 2.03 -12.80
CA LEU D 763 5.49 3.36 -12.29
C LEU D 763 6.10 4.23 -13.38
N ASN D 764 7.06 3.68 -14.13
CA ASN D 764 7.69 4.45 -15.19
C ASN D 764 6.69 4.84 -16.26
N ARG D 765 5.80 3.91 -16.63
CA ARG D 765 4.79 4.24 -17.63
C ARG D 765 3.87 5.35 -17.14
N ALA D 766 3.46 5.29 -15.87
CA ALA D 766 2.59 6.33 -15.35
C ALA D 766 3.28 7.69 -15.38
N LEU D 767 4.54 7.74 -14.95
CA LEU D 767 5.25 9.01 -14.92
C LEU D 767 5.49 9.55 -16.32
N THR D 768 5.79 8.67 -17.28
CA THR D 768 5.95 9.11 -18.66
C THR D 768 4.65 9.67 -19.22
N GLY D 769 3.53 9.01 -18.91
CA GLY D 769 2.24 9.56 -19.32
C GLY D 769 1.99 10.93 -18.74
N ILE D 770 2.35 11.11 -17.47
CA ILE D 770 2.25 12.43 -16.84
C ILE D 770 3.06 13.45 -17.63
N ALA D 771 4.32 13.13 -17.89
CA ALA D 771 5.21 14.07 -18.57
C ALA D 771 4.68 14.43 -19.94
N VAL D 772 4.11 13.46 -20.65
CA VAL D 772 3.52 13.77 -21.95
C VAL D 772 2.33 14.71 -21.79
N GLU D 773 1.48 14.46 -20.80
CA GLU D 773 0.25 15.23 -20.76
C GLU D 773 0.48 16.68 -20.37
N GLN D 774 1.52 17.00 -19.57
CA GLN D 774 1.74 18.42 -19.34
C GLN D 774 2.08 19.18 -20.63
N ASP D 775 2.99 18.64 -21.43
CA ASP D 775 3.34 19.39 -22.64
C ASP D 775 2.18 19.43 -23.62
N LYS D 776 1.34 18.38 -23.60
CA LYS D 776 0.11 18.44 -24.38
C LYS D 776 -0.77 19.60 -23.91
N ASN D 777 -0.88 19.77 -22.58
CA ASN D 777 -1.63 20.90 -22.05
C ASN D 777 -1.09 22.21 -22.58
N THR D 778 0.23 22.36 -22.56
CA THR D 778 0.83 23.62 -23.01
C THR D 778 0.52 23.88 -24.47
N GLN D 779 0.70 22.86 -25.31
CA GLN D 779 0.42 23.03 -26.73
C GLN D 779 -1.04 23.39 -26.97
N GLU D 780 -1.94 22.80 -26.19
CA GLU D 780 -3.36 23.06 -26.36
C GLU D 780 -3.70 24.49 -25.95
N VAL D 781 -3.18 24.95 -24.82
CA VAL D 781 -3.60 26.25 -24.30
C VAL D 781 -2.96 27.38 -25.11
N PHE D 782 -1.72 27.21 -25.55
CA PHE D 782 -1.01 28.30 -26.22
C PHE D 782 -1.23 28.30 -27.73
N ALA D 783 -0.86 27.21 -28.39
CA ALA D 783 -0.79 27.17 -29.86
C ALA D 783 -2.18 26.88 -30.41
N GLN D 784 -2.93 27.96 -30.67
CA GLN D 784 -4.25 27.85 -31.25
C GLN D 784 -4.34 28.44 -32.65
N VAL D 785 -3.35 29.22 -33.07
CA VAL D 785 -3.30 29.77 -34.41
C VAL D 785 -1.96 29.40 -35.03
N LYS D 786 -1.99 28.97 -36.29
CA LYS D 786 -0.78 28.51 -36.98
C LYS D 786 -0.28 29.52 -37.98
N GLN D 787 -0.35 30.81 -37.64
CA GLN D 787 0.18 31.88 -38.48
C GLN D 787 0.83 32.89 -37.55
N ILE D 788 2.15 32.82 -37.39
CA ILE D 788 2.85 33.73 -36.49
C ILE D 788 2.83 35.12 -37.13
N TYR D 789 2.12 36.05 -36.50
CA TYR D 789 2.00 37.39 -37.04
C TYR D 789 3.16 38.27 -36.59
N LYS D 790 3.51 39.25 -37.42
CA LYS D 790 4.54 40.21 -37.10
C LYS D 790 3.90 41.41 -36.40
N THR D 791 4.50 41.84 -35.31
CA THR D 791 4.03 43.04 -34.64
C THR D 791 4.28 44.24 -35.54
N PRO D 792 3.25 44.97 -35.93
CA PRO D 792 3.46 46.15 -36.77
C PRO D 792 4.12 47.25 -35.98
N PRO D 793 4.95 48.09 -36.61
CA PRO D 793 5.51 49.25 -35.90
C PRO D 793 4.41 50.11 -35.32
N ILE D 794 4.39 50.23 -33.99
CA ILE D 794 3.29 50.92 -33.32
C ILE D 794 3.43 52.42 -33.58
N LYS D 795 2.48 52.98 -34.32
CA LYS D 795 2.48 54.43 -34.53
C LYS D 795 1.17 55.08 -34.11
N ASP D 796 0.04 54.59 -34.61
CA ASP D 796 -1.24 55.29 -34.39
C ASP D 796 -1.98 54.72 -33.18
N PHE D 797 -2.39 53.45 -33.27
CA PHE D 797 -3.21 52.79 -32.27
C PHE D 797 -4.28 53.73 -31.70
N GLY D 798 -4.89 54.53 -32.58
CA GLY D 798 -5.97 55.42 -32.20
C GLY D 798 -5.73 56.27 -30.96
N GLY D 799 -4.49 56.39 -30.52
CA GLY D 799 -4.16 57.10 -29.32
C GLY D 799 -3.91 56.23 -28.10
N PHE D 800 -4.29 54.96 -28.15
CA PHE D 800 -4.02 54.08 -27.02
C PHE D 800 -2.55 53.72 -27.00
N ASN D 801 -2.04 53.37 -25.82
CA ASN D 801 -0.64 53.00 -25.67
C ASN D 801 -0.50 51.55 -25.24
N PHE D 802 0.53 50.88 -25.77
CA PHE D 802 0.72 49.46 -25.52
C PHE D 802 2.17 49.10 -25.25
N SER D 803 3.04 50.09 -25.02
CA SER D 803 4.47 49.82 -24.98
C SER D 803 4.85 48.89 -23.84
N GLN D 804 3.97 48.70 -22.86
CA GLN D 804 4.35 47.91 -21.69
C GLN D 804 4.19 46.42 -21.89
N ILE D 805 3.27 45.98 -22.76
CA ILE D 805 2.98 44.57 -22.89
C ILE D 805 3.45 43.98 -24.22
N LEU D 806 3.60 44.78 -25.26
CA LEU D 806 4.20 44.28 -26.48
C LEU D 806 5.67 43.91 -26.21
N PRO D 807 6.20 42.91 -26.92
CA PRO D 807 7.61 42.59 -26.75
C PRO D 807 8.48 43.76 -27.13
N ASP D 808 9.59 43.91 -26.42
CA ASP D 808 10.47 45.05 -26.63
C ASP D 808 11.17 44.90 -27.98
N PRO D 809 11.01 45.87 -28.90
CA PRO D 809 11.77 45.81 -30.15
C PRO D 809 13.22 46.19 -29.99
N SER D 810 13.67 46.48 -28.77
CA SER D 810 15.05 46.88 -28.51
C SER D 810 15.93 45.70 -28.12
N LYS D 811 15.60 45.05 -27.01
CA LYS D 811 16.39 43.91 -26.56
C LYS D 811 16.12 42.72 -27.45
N PRO D 812 17.14 41.90 -27.78
CA PRO D 812 16.89 40.72 -28.60
C PRO D 812 15.90 39.75 -27.99
N SER D 813 15.90 39.61 -26.67
CA SER D 813 14.93 38.73 -26.02
C SER D 813 13.53 39.30 -26.18
N LYS D 814 12.65 38.53 -26.82
CA LYS D 814 11.33 39.03 -27.14
C LYS D 814 10.44 39.03 -25.91
N ARG D 815 10.68 39.97 -24.99
CA ARG D 815 9.93 40.06 -23.76
C ARG D 815 9.43 41.48 -23.56
N SER D 816 8.66 41.68 -22.50
CA SER D 816 8.11 42.97 -22.15
C SER D 816 8.35 43.25 -20.68
N PRO D 817 8.41 44.52 -20.29
CA PRO D 817 8.67 44.84 -18.87
C PRO D 817 7.69 44.19 -17.93
N ILE D 818 6.40 44.12 -18.31
CA ILE D 818 5.45 43.37 -17.50
C ILE D 818 5.86 41.91 -17.44
N GLU D 819 6.22 41.34 -18.59
CA GLU D 819 6.62 39.94 -18.63
C GLU D 819 7.91 39.73 -17.84
N ASP D 820 8.88 40.63 -17.99
CA ASP D 820 10.15 40.46 -17.28
C ASP D 820 9.95 40.56 -15.77
N LEU D 821 9.15 41.52 -15.32
CA LEU D 821 8.85 41.63 -13.90
C LEU D 821 8.14 40.39 -13.40
N LEU D 822 7.20 39.87 -14.19
CA LEU D 822 6.50 38.65 -13.79
C LEU D 822 7.47 37.49 -13.66
N PHE D 823 8.40 37.35 -14.60
CA PHE D 823 9.38 36.28 -14.51
C PHE D 823 10.28 36.45 -13.30
N ASN D 824 10.70 37.68 -13.01
CA ASN D 824 11.62 37.93 -11.90
C ASN D 824 10.96 37.80 -10.54
N LYS D 825 9.65 38.02 -10.43
CA LYS D 825 8.98 37.90 -9.14
C LYS D 825 8.84 36.45 -8.69
N VAL D 826 8.82 35.50 -9.61
CA VAL D 826 8.66 34.10 -9.26
C VAL D 826 10.00 33.52 -8.85
N THR D 827 10.06 32.91 -7.67
CA THR D 827 11.27 32.34 -7.11
C THR D 827 11.15 30.82 -7.19
N LEU D 828 11.76 30.24 -8.21
CA LEU D 828 11.74 28.79 -8.39
C LEU D 828 13.02 28.16 -7.87
N GLY D 842 25.46 21.19 -11.25
CA GLY D 842 24.81 21.88 -10.14
C GLY D 842 23.72 22.83 -10.58
N ASP D 843 23.09 22.53 -11.73
CA ASP D 843 22.03 23.37 -12.25
C ASP D 843 20.84 23.37 -11.31
N ILE D 844 20.30 24.55 -11.04
CA ILE D 844 19.22 24.71 -10.08
C ILE D 844 17.90 24.33 -10.74
N ALA D 845 17.12 23.49 -10.05
CA ALA D 845 15.83 23.04 -10.55
C ALA D 845 14.64 23.53 -9.73
N ALA D 846 14.85 23.92 -8.48
CA ALA D 846 13.77 24.42 -7.63
C ALA D 846 14.40 25.22 -6.48
N ARG D 847 13.58 25.60 -5.51
CA ARG D 847 14.06 26.41 -4.40
C ARG D 847 15.08 25.65 -3.56
N ASP D 848 14.75 24.43 -3.16
CA ASP D 848 15.63 23.61 -2.35
C ASP D 848 16.23 22.44 -3.13
N LEU D 849 16.04 22.41 -4.45
CA LEU D 849 16.52 21.32 -5.29
C LEU D 849 17.64 21.83 -6.16
N ILE D 850 18.85 21.29 -5.97
CA ILE D 850 19.97 21.70 -6.82
C ILE D 850 20.62 20.50 -7.51
N CYS D 851 21.29 19.61 -6.77
CA CYS D 851 22.03 18.53 -7.41
C CYS D 851 21.94 17.18 -6.71
N ALA D 852 21.52 17.12 -5.44
CA ALA D 852 21.45 15.82 -4.77
C ALA D 852 20.38 14.94 -5.42
N GLN D 853 19.24 15.53 -5.73
CA GLN D 853 18.17 14.79 -6.41
C GLN D 853 18.62 14.34 -7.80
N LYS D 854 19.31 15.20 -8.53
CA LYS D 854 19.80 14.81 -9.85
C LYS D 854 20.83 13.69 -9.77
N PHE D 855 21.35 13.39 -8.58
CA PHE D 855 22.34 12.34 -8.41
C PHE D 855 21.79 11.14 -7.63
N ASN D 856 20.48 10.94 -7.67
CA ASN D 856 19.84 9.76 -7.09
C ASN D 856 18.76 9.23 -8.00
N GLY D 857 19.00 9.26 -9.32
CA GLY D 857 18.05 8.77 -10.28
C GLY D 857 17.03 9.81 -10.71
N LEU D 858 16.74 10.75 -9.81
CA LEU D 858 15.71 11.75 -10.09
C LEU D 858 16.19 12.69 -11.17
N THR D 859 15.60 12.59 -12.35
CA THR D 859 15.92 13.47 -13.47
C THR D 859 14.77 14.44 -13.70
N VAL D 860 15.07 15.52 -14.41
CA VAL D 860 14.09 16.53 -14.75
C VAL D 860 14.16 16.74 -16.26
N LEU D 861 13.28 16.08 -16.99
CA LEU D 861 13.25 16.26 -18.43
C LEU D 861 12.81 17.68 -18.76
N PRO D 862 13.54 18.39 -19.62
CA PRO D 862 13.19 19.78 -19.89
C PRO D 862 11.88 19.89 -20.63
N PRO D 863 11.17 21.01 -20.48
CA PRO D 863 9.90 21.17 -21.20
C PRO D 863 10.12 21.21 -22.70
N LEU D 864 9.09 20.76 -23.43
CA LEU D 864 9.20 20.69 -24.88
C LEU D 864 9.32 22.08 -25.50
N LEU D 865 8.61 23.06 -24.97
CA LEU D 865 8.64 24.41 -25.52
C LEU D 865 9.55 25.29 -24.66
N THR D 866 10.43 26.03 -25.31
CA THR D 866 11.28 26.98 -24.63
C THR D 866 10.52 28.27 -24.38
N ASP D 867 11.07 29.10 -23.48
CA ASP D 867 10.38 30.32 -23.10
C ASP D 867 10.26 31.28 -24.28
N GLU D 868 11.27 31.31 -25.14
CA GLU D 868 11.26 32.25 -26.26
C GLU D 868 10.10 31.96 -27.21
N MET D 869 9.86 30.69 -27.51
CA MET D 869 8.75 30.35 -28.42
C MET D 869 7.40 30.68 -27.80
N ILE D 870 7.26 30.45 -26.49
CA ILE D 870 6.02 30.83 -25.82
C ILE D 870 5.83 32.33 -25.92
N ALA D 871 6.91 33.09 -25.73
CA ALA D 871 6.82 34.54 -25.89
C ALA D 871 6.42 34.91 -27.31
N GLN D 872 6.93 34.17 -28.30
CA GLN D 872 6.56 34.43 -29.68
C GLN D 872 5.07 34.16 -29.91
N TYR D 873 4.55 33.08 -29.35
CA TYR D 873 3.12 32.80 -29.45
C TYR D 873 2.30 33.92 -28.82
N THR D 874 2.68 34.37 -27.62
CA THR D 874 1.93 35.44 -26.98
C THR D 874 2.00 36.71 -27.80
N SER D 875 3.16 36.99 -28.39
CA SER D 875 3.27 38.15 -29.27
C SER D 875 2.35 38.01 -30.46
N ALA D 876 2.26 36.81 -31.02
CA ALA D 876 1.36 36.58 -32.15
C ALA D 876 -0.09 36.81 -31.76
N LEU D 877 -0.49 36.27 -30.60
CA LEU D 877 -1.86 36.45 -30.14
C LEU D 877 -2.17 37.92 -29.92
N LEU D 878 -1.23 38.66 -29.34
CA LEU D 878 -1.42 40.10 -29.17
C LEU D 878 -1.54 40.80 -30.52
N ALA D 879 -0.69 40.43 -31.47
CA ALA D 879 -0.74 41.07 -32.77
C ALA D 879 -2.10 40.86 -33.43
N GLY D 880 -2.61 39.63 -33.36
CA GLY D 880 -3.92 39.37 -33.92
C GLY D 880 -5.03 40.10 -33.20
N THR D 881 -4.96 40.14 -31.87
CA THR D 881 -6.00 40.81 -31.09
C THR D 881 -5.99 42.31 -31.34
N ILE D 882 -4.84 42.88 -31.71
CA ILE D 882 -4.77 44.31 -31.91
C ILE D 882 -5.13 44.71 -33.33
N THR D 883 -4.48 44.11 -34.33
CA THR D 883 -4.67 44.56 -35.70
C THR D 883 -5.77 43.81 -36.44
N SER D 884 -6.39 42.83 -35.82
CA SER D 884 -7.32 42.03 -36.62
C SER D 884 -8.70 41.93 -35.99
N GLY D 885 -8.80 41.85 -34.67
CA GLY D 885 -10.08 41.63 -34.03
C GLY D 885 -10.24 40.17 -33.65
N TRP D 886 -11.48 39.68 -33.69
CA TRP D 886 -11.74 38.28 -33.41
C TRP D 886 -11.69 37.39 -34.64
N THR D 887 -11.40 37.97 -35.81
CA THR D 887 -11.49 37.19 -37.02
C THR D 887 -10.42 36.11 -37.10
N PHE D 888 -9.20 36.39 -36.62
CA PHE D 888 -8.13 35.44 -36.92
C PHE D 888 -8.32 34.12 -36.21
N GLY D 889 -9.25 34.03 -35.27
CA GLY D 889 -9.54 32.75 -34.64
C GLY D 889 -10.50 31.88 -35.40
N ALA D 890 -10.94 32.31 -36.57
CA ALA D 890 -11.90 31.59 -37.39
C ALA D 890 -11.43 31.50 -38.84
N GLY D 891 -10.13 31.28 -39.04
CA GLY D 891 -9.59 31.16 -40.36
C GLY D 891 -8.74 32.36 -40.76
N PRO D 892 -8.91 32.81 -41.99
CA PRO D 892 -8.16 33.99 -42.46
C PRO D 892 -8.55 35.24 -41.68
N ALA D 893 -7.58 36.12 -41.49
CA ALA D 893 -7.74 37.34 -40.71
C ALA D 893 -8.10 38.52 -41.60
N LEU D 894 -8.59 39.57 -40.96
CA LEU D 894 -8.99 40.81 -41.63
C LEU D 894 -8.32 41.96 -40.91
N GLN D 895 -7.99 43.01 -41.64
CA GLN D 895 -7.36 44.15 -40.99
C GLN D 895 -8.36 45.29 -40.84
N ILE D 896 -8.46 45.82 -39.62
CA ILE D 896 -9.40 46.87 -39.24
C ILE D 896 -8.72 47.70 -38.15
N PRO D 897 -8.85 49.02 -38.16
CA PRO D 897 -8.14 49.86 -37.18
C PRO D 897 -8.53 49.51 -35.76
N PHE D 898 -7.86 50.16 -34.81
CA PHE D 898 -8.16 49.89 -33.41
C PHE D 898 -9.38 50.66 -32.88
N PRO D 899 -9.47 51.99 -33.06
CA PRO D 899 -10.64 52.69 -32.49
C PRO D 899 -11.96 52.14 -32.99
N MET D 900 -12.04 51.81 -34.26
CA MET D 900 -13.26 51.19 -34.74
C MET D 900 -13.29 49.70 -34.47
N GLN D 901 -12.46 49.22 -33.55
CA GLN D 901 -12.69 47.90 -32.98
C GLN D 901 -13.40 47.99 -31.64
N MET D 902 -12.93 48.86 -30.73
CA MET D 902 -13.73 49.16 -29.56
C MET D 902 -15.08 49.73 -29.94
N ALA D 903 -15.15 50.45 -31.05
CA ALA D 903 -16.43 50.98 -31.49
C ALA D 903 -17.44 49.87 -31.73
N TYR D 904 -16.97 48.70 -32.17
CA TYR D 904 -17.88 47.58 -32.32
C TYR D 904 -18.00 46.77 -31.05
N ARG D 905 -16.94 46.71 -30.23
CA ARG D 905 -17.02 45.95 -28.99
C ARG D 905 -18.04 46.55 -28.03
N PHE D 906 -18.08 47.88 -27.93
CA PHE D 906 -19.11 48.53 -27.13
C PHE D 906 -20.51 48.19 -27.61
N ASN D 907 -20.67 47.86 -28.89
CA ASN D 907 -21.97 47.37 -29.33
C ASN D 907 -22.33 46.03 -28.72
N GLY D 908 -21.39 45.36 -28.07
CA GLY D 908 -21.59 44.06 -27.49
C GLY D 908 -21.91 44.01 -26.00
N ILE D 909 -22.13 45.15 -25.35
CA ILE D 909 -22.52 45.17 -23.95
C ILE D 909 -23.81 45.94 -23.71
N GLY D 910 -24.26 46.75 -24.66
CA GLY D 910 -25.47 47.52 -24.49
C GLY D 910 -25.31 49.03 -24.58
N VAL D 911 -24.23 49.52 -25.18
CA VAL D 911 -24.05 50.95 -25.41
C VAL D 911 -23.66 51.17 -26.86
N THR D 912 -24.32 52.14 -27.50
CA THR D 912 -24.07 52.36 -28.92
C THR D 912 -22.73 53.06 -29.11
N GLN D 913 -22.12 52.83 -30.29
CA GLN D 913 -20.72 53.18 -30.49
C GLN D 913 -20.45 54.67 -30.43
N ASN D 914 -21.46 55.53 -30.58
CA ASN D 914 -21.17 56.97 -30.65
C ASN D 914 -20.55 57.46 -29.35
N VAL D 915 -20.75 56.75 -28.24
CA VAL D 915 -20.11 57.12 -27.00
C VAL D 915 -18.59 57.09 -27.13
N LEU D 916 -18.06 56.00 -27.69
CA LEU D 916 -16.62 55.84 -27.75
C LEU D 916 -15.96 56.92 -28.58
N TYR D 917 -16.54 57.22 -29.75
CA TYR D 917 -15.95 58.26 -30.58
C TYR D 917 -16.11 59.62 -29.94
N GLU D 918 -17.22 59.85 -29.23
CA GLU D 918 -17.35 61.15 -28.60
C GLU D 918 -16.46 61.32 -27.39
N ASN D 919 -15.90 60.24 -26.84
CA ASN D 919 -15.04 60.38 -25.66
C ASN D 919 -13.67 59.75 -25.89
N GLN D 920 -13.29 59.57 -27.16
CA GLN D 920 -12.03 58.92 -27.52
C GLN D 920 -10.87 59.36 -26.63
N LYS D 921 -10.69 60.65 -26.42
CA LYS D 921 -9.56 61.13 -25.63
C LYS D 921 -9.63 60.60 -24.20
N LEU D 922 -10.81 60.66 -23.59
CA LEU D 922 -10.94 60.22 -22.21
C LEU D 922 -10.69 58.73 -22.09
N ILE D 923 -11.26 57.93 -22.99
CA ILE D 923 -10.98 56.49 -22.93
C ILE D 923 -9.49 56.22 -23.14
N ALA D 924 -8.84 56.97 -24.03
CA ALA D 924 -7.42 56.77 -24.24
C ALA D 924 -6.65 57.00 -22.94
N ASN D 925 -6.88 58.15 -22.31
CA ASN D 925 -6.17 58.45 -21.09
C ASN D 925 -6.47 57.42 -20.01
N GLN D 926 -7.73 57.01 -19.90
CA GLN D 926 -8.12 56.07 -18.85
C GLN D 926 -7.45 54.72 -19.05
N PHE D 927 -7.41 54.25 -20.30
CA PHE D 927 -6.79 52.95 -20.55
C PHE D 927 -5.28 53.02 -20.29
N ASN D 928 -4.64 54.11 -20.68
CA ASN D 928 -3.20 54.23 -20.42
C ASN D 928 -2.92 54.27 -18.93
N SER D 929 -3.72 55.03 -18.17
CA SER D 929 -3.54 55.08 -16.73
C SER D 929 -3.80 53.71 -16.09
N ALA D 930 -4.78 52.97 -16.62
CA ALA D 930 -5.04 51.63 -16.10
C ALA D 930 -3.85 50.72 -16.30
N ILE D 931 -3.24 50.77 -17.49
CA ILE D 931 -2.05 49.96 -17.73
C ILE D 931 -0.94 50.36 -16.77
N GLY D 932 -0.74 51.66 -16.58
CA GLY D 932 0.26 52.11 -15.63
C GLY D 932 -0.02 51.63 -14.22
N LYS D 933 -1.29 51.59 -13.85
CA LYS D 933 -1.66 51.12 -12.51
C LYS D 933 -1.34 49.64 -12.35
N ILE D 934 -1.62 48.84 -13.38
CA ILE D 934 -1.21 47.44 -13.34
C ILE D 934 0.29 47.35 -13.16
N GLN D 935 1.04 48.14 -13.92
CA GLN D 935 2.49 48.05 -13.85
C GLN D 935 2.99 48.37 -12.45
N ASP D 936 2.46 49.42 -11.83
CA ASP D 936 2.97 49.80 -10.52
C ASP D 936 2.51 48.83 -9.43
N SER D 937 1.27 48.38 -9.49
CA SER D 937 0.79 47.44 -8.47
C SER D 937 1.56 46.12 -8.55
N LEU D 938 1.83 45.66 -9.76
CA LEU D 938 2.70 44.48 -9.91
C LEU D 938 4.11 44.78 -9.43
N SER D 939 4.59 46.00 -9.66
CA SER D 939 5.95 46.37 -9.27
C SER D 939 6.12 46.42 -7.76
N SER D 940 5.06 46.65 -7.00
CA SER D 940 5.16 46.88 -5.56
C SER D 940 4.19 45.97 -4.81
N THR D 941 4.19 44.68 -5.15
CA THR D 941 3.39 43.70 -4.43
C THR D 941 4.27 42.57 -3.92
N PRO D 942 4.26 42.28 -2.62
CA PRO D 942 5.10 41.20 -2.08
C PRO D 942 4.63 39.82 -2.48
N SER D 943 3.35 39.52 -2.24
CA SER D 943 2.78 38.19 -2.45
C SER D 943 1.47 38.33 -3.21
N ALA D 944 1.58 38.35 -4.55
CA ALA D 944 0.41 38.34 -5.42
C ALA D 944 0.42 37.15 -6.36
N LEU D 945 1.44 36.29 -6.29
CA LEU D 945 1.54 35.15 -7.17
C LEU D 945 1.59 33.85 -6.38
N GLY D 946 0.68 33.72 -5.40
CA GLY D 946 0.58 32.48 -4.66
C GLY D 946 0.11 31.34 -5.53
N LYS D 947 -0.83 31.62 -6.43
CA LYS D 947 -1.44 30.57 -7.25
C LYS D 947 -0.42 29.86 -8.14
N LEU D 948 0.73 30.47 -8.38
CA LEU D 948 1.81 29.83 -9.11
C LEU D 948 2.90 29.29 -8.20
N GLN D 949 3.26 30.05 -7.16
CA GLN D 949 4.31 29.61 -6.25
C GLN D 949 3.91 28.35 -5.51
N ASP D 950 2.61 28.15 -5.27
CA ASP D 950 2.15 27.00 -4.51
C ASP D 950 2.48 25.69 -5.22
N VAL D 951 2.31 25.65 -6.54
CA VAL D 951 2.57 24.42 -7.28
C VAL D 951 4.03 24.01 -7.14
N VAL D 952 4.93 24.96 -7.36
CA VAL D 952 6.35 24.67 -7.24
C VAL D 952 6.71 24.28 -5.81
N ASN D 953 6.16 25.00 -4.83
CA ASN D 953 6.45 24.68 -3.44
C ASN D 953 6.01 23.26 -3.09
N GLN D 954 4.80 22.89 -3.52
CA GLN D 954 4.29 21.57 -3.20
C GLN D 954 5.14 20.48 -3.86
N ASN D 955 5.48 20.67 -5.14
CA ASN D 955 6.29 19.67 -5.82
C ASN D 955 7.65 19.51 -5.16
N ALA D 956 8.28 20.65 -4.83
CA ALA D 956 9.60 20.59 -4.20
C ALA D 956 9.51 19.89 -2.84
N GLN D 957 8.50 20.21 -2.05
CA GLN D 957 8.37 19.59 -0.74
C GLN D 957 8.14 18.10 -0.86
N ALA D 958 7.33 17.68 -1.84
CA ALA D 958 7.12 16.25 -2.04
C ALA D 958 8.42 15.55 -2.39
N LEU D 959 9.22 16.14 -3.28
CA LEU D 959 10.48 15.52 -3.64
C LEU D 959 11.44 15.48 -2.46
N ASN D 960 11.49 16.55 -1.65
CA ASN D 960 12.34 16.52 -0.48
C ASN D 960 11.92 15.42 0.48
N THR D 961 10.62 15.24 0.69
CA THR D 961 10.17 14.18 1.57
C THR D 961 10.55 12.81 1.01
N LEU D 962 10.38 12.63 -0.30
CA LEU D 962 10.75 11.35 -0.91
C LEU D 962 12.22 11.05 -0.74
N VAL D 963 13.08 12.07 -0.92
CA VAL D 963 14.51 11.86 -0.74
C VAL D 963 14.82 11.55 0.71
N LYS D 964 14.26 12.32 1.64
CA LYS D 964 14.53 12.10 3.05
C LYS D 964 14.04 10.74 3.53
N GLN D 965 13.07 10.16 2.83
CA GLN D 965 12.59 8.84 3.21
C GLN D 965 13.69 7.79 3.15
N LEU D 966 14.74 8.02 2.38
CA LEU D 966 15.82 7.04 2.29
C LEU D 966 16.49 6.83 3.64
N SER D 967 16.68 7.90 4.42
CA SER D 967 17.26 7.78 5.75
C SER D 967 16.19 7.27 6.71
N SER D 968 15.89 5.98 6.57
CA SER D 968 14.89 5.34 7.41
C SER D 968 15.20 3.86 7.48
N ASN D 969 15.55 3.37 8.66
CA ASN D 969 15.97 1.99 8.82
C ASN D 969 14.83 1.00 8.69
N PHE D 970 13.57 1.46 8.80
CA PHE D 970 12.41 0.59 8.62
C PHE D 970 12.47 -0.63 9.52
N GLY D 971 13.09 -0.50 10.67
CA GLY D 971 13.29 -1.63 11.56
C GLY D 971 14.47 -2.51 11.24
N ALA D 972 15.20 -2.22 10.17
CA ALA D 972 16.37 -3.00 9.84
C ALA D 972 17.56 -2.54 10.69
N ILE D 973 18.66 -3.29 10.58
CA ILE D 973 19.88 -2.98 11.33
C ILE D 973 20.46 -1.63 10.95
N SER D 974 20.40 -1.25 9.67
CA SER D 974 20.97 0.02 9.24
C SER D 974 20.12 0.57 8.11
N SER D 975 20.30 1.85 7.83
CA SER D 975 19.57 2.52 6.76
C SER D 975 20.37 2.60 5.46
N VAL D 976 21.56 2.01 5.42
CA VAL D 976 22.37 1.98 4.21
C VAL D 976 22.54 0.52 3.79
N LEU D 977 22.08 0.20 2.59
CA LEU D 977 22.10 -1.19 2.14
C LEU D 977 23.53 -1.71 1.99
N ASN D 978 24.47 -0.82 1.68
CA ASN D 978 25.86 -1.23 1.57
C ASN D 978 26.37 -1.75 2.91
N ASP D 979 25.98 -1.10 4.00
CA ASP D 979 26.33 -1.60 5.32
C ASP D 979 25.76 -2.99 5.55
N ILE D 980 24.51 -3.21 5.12
CA ILE D 980 23.89 -4.51 5.28
C ILE D 980 24.67 -5.56 4.50
N LEU D 981 25.04 -5.24 3.27
CA LEU D 981 25.78 -6.19 2.44
C LEU D 981 27.14 -6.51 3.06
N SER D 982 27.85 -5.49 3.54
CA SER D 982 29.17 -5.69 4.09
C SER D 982 29.13 -6.33 5.47
N ARG D 983 28.00 -6.29 6.15
CA ARG D 983 27.87 -6.81 7.50
C ARG D 983 27.26 -8.20 7.55
N LEU D 984 26.21 -8.45 6.78
CA LEU D 984 25.48 -9.70 6.83
C LEU D 984 25.62 -10.46 5.52
N ASP D 985 25.90 -11.75 5.62
CA ASP D 985 26.00 -12.60 4.45
C ASP D 985 24.62 -12.83 3.84
N PRO D 986 24.57 -13.19 2.55
CA PRO D 986 23.28 -13.31 1.85
C PRO D 986 22.30 -14.27 2.50
N PRO D 987 22.75 -15.40 3.08
CA PRO D 987 21.76 -16.37 3.59
C PRO D 987 20.71 -15.79 4.53
N GLU D 988 21.02 -14.74 5.28
CA GLU D 988 20.02 -14.12 6.15
C GLU D 988 19.96 -12.60 5.99
N ALA D 989 20.57 -12.06 4.93
CA ALA D 989 20.42 -10.64 4.64
C ALA D 989 19.21 -10.33 3.78
N GLU D 990 18.64 -11.36 3.14
CA GLU D 990 17.51 -11.15 2.25
C GLU D 990 16.30 -10.64 3.02
N VAL D 991 16.14 -11.02 4.28
CA VAL D 991 15.01 -10.52 5.07
C VAL D 991 15.11 -9.00 5.19
N GLN D 992 16.28 -8.51 5.58
CA GLN D 992 16.47 -7.08 5.73
C GLN D 992 16.28 -6.36 4.40
N ILE D 993 16.85 -6.93 3.34
CA ILE D 993 16.72 -6.32 2.02
C ILE D 993 15.25 -6.23 1.64
N ASP D 994 14.50 -7.29 1.90
CA ASP D 994 13.09 -7.31 1.53
C ASP D 994 12.31 -6.25 2.31
N ARG D 995 12.60 -6.11 3.60
CA ARG D 995 11.92 -5.08 4.38
C ARG D 995 12.17 -3.71 3.78
N LEU D 996 13.43 -3.40 3.47
CA LEU D 996 13.75 -2.12 2.88
C LEU D 996 13.02 -1.92 1.57
N ILE D 997 12.97 -2.96 0.74
CA ILE D 997 12.32 -2.85 -0.57
C ILE D 997 10.84 -2.57 -0.40
N THR D 998 10.17 -3.28 0.50
CA THR D 998 8.75 -3.03 0.70
C THR D 998 8.50 -1.60 1.14
N GLY D 999 9.29 -1.12 2.10
CA GLY D 999 9.07 0.23 2.59
C GLY D 999 9.27 1.28 1.50
N ARG D 1000 10.40 1.18 0.80
CA ARG D 1000 10.67 2.17 -0.23
C ARG D 1000 9.65 2.07 -1.35
N LEU D 1001 9.25 0.86 -1.72
CA LEU D 1001 8.20 0.71 -2.73
C LEU D 1001 6.95 1.47 -2.32
N GLN D 1002 6.46 1.19 -1.10
CA GLN D 1002 5.26 1.88 -0.62
C GLN D 1002 5.42 3.38 -0.75
N SER D 1003 6.62 3.89 -0.44
CA SER D 1003 6.87 5.31 -0.65
C SER D 1003 6.68 5.69 -2.10
N LEU D 1004 7.19 4.86 -3.03
CA LEU D 1004 7.00 5.17 -4.45
C LEU D 1004 5.53 5.23 -4.84
N GLN D 1005 4.75 4.23 -4.45
CA GLN D 1005 3.35 4.29 -4.87
C GLN D 1005 2.64 5.48 -4.25
N THR D 1006 2.98 5.83 -3.01
CA THR D 1006 2.36 7.01 -2.40
C THR D 1006 2.69 8.25 -3.22
N TYR D 1007 3.96 8.43 -3.56
CA TYR D 1007 4.37 9.61 -4.31
C TYR D 1007 3.71 9.65 -5.69
N VAL D 1008 3.65 8.51 -6.35
CA VAL D 1008 3.07 8.45 -7.69
C VAL D 1008 1.59 8.77 -7.64
N THR D 1009 0.88 8.23 -6.64
CA THR D 1009 -0.53 8.52 -6.52
C THR D 1009 -0.78 10.01 -6.30
N GLN D 1010 0.02 10.62 -5.41
CA GLN D 1010 -0.16 12.05 -5.18
C GLN D 1010 0.13 12.84 -6.45
N GLN D 1011 1.17 12.46 -7.19
CA GLN D 1011 1.48 13.16 -8.43
C GLN D 1011 0.35 13.01 -9.43
N LEU D 1012 -0.24 11.81 -9.53
CA LEU D 1012 -1.35 11.60 -10.44
C LEU D 1012 -2.51 12.52 -10.11
N ILE D 1013 -2.85 12.61 -8.82
CA ILE D 1013 -3.96 13.48 -8.43
C ILE D 1013 -3.65 14.93 -8.80
N ARG D 1014 -2.46 15.40 -8.45
CA ARG D 1014 -2.09 16.78 -8.76
C ARG D 1014 -2.15 17.02 -10.26
N ALA D 1015 -1.76 16.03 -11.05
CA ALA D 1015 -1.90 16.14 -12.50
C ALA D 1015 -3.36 16.30 -12.88
N ALA D 1016 -4.25 15.62 -12.17
CA ALA D 1016 -5.67 15.78 -12.47
C ALA D 1016 -6.13 17.21 -12.24
N GLU D 1017 -5.76 17.79 -11.08
CA GLU D 1017 -6.19 19.17 -10.85
C GLU D 1017 -5.57 20.12 -11.87
N ILE D 1018 -4.31 19.92 -12.22
CA ILE D 1018 -3.69 20.85 -13.17
C ILE D 1018 -4.33 20.69 -14.54
N ARG D 1019 -4.76 19.47 -14.89
CA ARG D 1019 -5.49 19.27 -16.14
C ARG D 1019 -6.79 20.05 -16.13
N ALA D 1020 -7.53 19.98 -15.04
CA ALA D 1020 -8.78 20.74 -14.96
C ALA D 1020 -8.51 22.24 -15.11
N SER D 1021 -7.49 22.73 -14.42
CA SER D 1021 -7.16 24.15 -14.51
C SER D 1021 -6.75 24.55 -15.91
N ALA D 1022 -5.97 23.69 -16.58
CA ALA D 1022 -5.54 23.99 -17.93
C ALA D 1022 -6.72 24.03 -18.88
N ASN D 1023 -7.66 23.11 -18.74
CA ASN D 1023 -8.85 23.16 -19.59
C ASN D 1023 -9.63 24.45 -19.35
N LEU D 1024 -9.79 24.84 -18.08
CA LEU D 1024 -10.46 26.10 -17.79
C LEU D 1024 -9.74 27.27 -18.44
N ALA D 1025 -8.42 27.28 -18.35
CA ALA D 1025 -7.64 28.35 -18.96
C ALA D 1025 -7.80 28.36 -20.47
N ALA D 1026 -7.83 27.19 -21.08
CA ALA D 1026 -8.00 27.12 -22.53
C ALA D 1026 -9.34 27.71 -22.93
N THR D 1027 -10.40 27.37 -22.20
CA THR D 1027 -11.70 27.95 -22.51
C THR D 1027 -11.68 29.47 -22.31
N LYS D 1028 -11.01 29.93 -21.25
CA LYS D 1028 -10.92 31.37 -21.03
C LYS D 1028 -10.22 32.06 -22.18
N MET D 1029 -9.11 31.48 -22.65
CA MET D 1029 -8.36 32.07 -23.75
C MET D 1029 -9.17 32.09 -25.02
N SER D 1030 -9.88 31.00 -25.30
CA SER D 1030 -10.61 30.91 -26.55
C SER D 1030 -11.90 31.70 -26.54
N GLU D 1031 -12.45 32.02 -25.37
CA GLU D 1031 -13.70 32.75 -25.30
C GLU D 1031 -13.53 34.24 -25.00
N CYS D 1032 -12.44 34.64 -24.34
CA CYS D 1032 -12.19 36.05 -24.10
C CYS D 1032 -11.37 36.67 -25.23
N VAL D 1033 -10.14 36.17 -25.42
CA VAL D 1033 -9.18 36.85 -26.28
C VAL D 1033 -9.67 36.88 -27.72
N LEU D 1034 -10.09 35.73 -28.24
CA LEU D 1034 -10.46 35.59 -29.64
C LEU D 1034 -11.86 36.07 -29.93
N GLY D 1035 -12.45 36.84 -29.03
CA GLY D 1035 -13.82 37.29 -29.23
C GLY D 1035 -14.27 38.16 -28.09
N GLN D 1036 -15.57 38.10 -27.80
CA GLN D 1036 -16.15 38.80 -26.67
C GLN D 1036 -17.24 37.92 -26.09
N SER D 1037 -17.13 37.61 -24.79
CA SER D 1037 -18.02 36.66 -24.16
C SER D 1037 -19.10 37.39 -23.38
N LYS D 1038 -20.35 37.10 -23.72
CA LYS D 1038 -21.48 37.71 -23.03
C LYS D 1038 -21.70 37.13 -21.64
N ARG D 1039 -20.99 36.07 -21.28
CA ARG D 1039 -21.07 35.56 -19.92
C ARG D 1039 -20.48 36.56 -18.94
N VAL D 1040 -20.95 36.49 -17.70
CA VAL D 1040 -20.44 37.34 -16.64
C VAL D 1040 -19.67 36.49 -15.66
N ASP D 1041 -18.71 37.11 -14.97
CA ASP D 1041 -17.81 36.43 -14.04
C ASP D 1041 -16.98 35.36 -14.74
N PHE D 1042 -16.82 35.47 -16.06
CA PHE D 1042 -15.93 34.60 -16.80
C PHE D 1042 -14.79 35.36 -17.46
N CYS D 1043 -15.11 36.35 -18.28
CA CYS D 1043 -14.10 37.25 -18.82
C CYS D 1043 -14.06 38.54 -18.00
N GLY D 1044 -13.70 38.39 -16.74
CA GLY D 1044 -13.57 39.53 -15.85
C GLY D 1044 -14.88 39.92 -15.20
N LYS D 1045 -14.79 40.90 -14.31
CA LYS D 1045 -15.92 41.33 -13.50
C LYS D 1045 -16.61 42.50 -14.17
N GLY D 1046 -17.86 42.31 -14.54
CA GLY D 1046 -18.62 43.32 -15.24
C GLY D 1046 -18.68 43.06 -16.72
N TYR D 1047 -19.26 44.02 -17.44
CA TYR D 1047 -19.33 43.94 -18.89
C TYR D 1047 -17.93 43.91 -19.46
N HIS D 1048 -17.59 42.84 -20.16
CA HIS D 1048 -16.22 42.59 -20.61
C HIS D 1048 -15.97 43.25 -21.98
N LEU D 1049 -14.71 43.62 -22.24
CA LEU D 1049 -14.36 44.13 -23.56
C LEU D 1049 -13.40 43.23 -24.33
N MET D 1050 -12.23 42.92 -23.77
CA MET D 1050 -11.26 42.08 -24.48
C MET D 1050 -10.26 41.58 -23.45
N SER D 1051 -9.15 41.04 -23.92
CA SER D 1051 -8.15 40.50 -23.03
C SER D 1051 -6.78 40.61 -23.68
N PHE D 1052 -5.76 40.30 -22.90
CA PHE D 1052 -4.38 40.27 -23.33
C PHE D 1052 -3.62 39.26 -22.48
N PRO D 1053 -3.07 38.20 -23.04
CA PRO D 1053 -2.37 37.20 -22.25
C PRO D 1053 -0.90 37.51 -22.08
N GLN D 1054 -0.33 36.94 -21.01
CA GLN D 1054 1.10 36.99 -20.77
C GLN D 1054 1.55 35.63 -20.27
N SER D 1055 2.78 35.27 -20.61
CA SER D 1055 3.37 34.02 -20.19
C SER D 1055 4.09 34.20 -18.86
N ALA D 1056 4.21 33.10 -18.12
CA ALA D 1056 4.91 33.11 -16.84
C ALA D 1056 5.35 31.70 -16.53
N PRO D 1057 6.34 31.52 -15.66
CA PRO D 1057 6.81 30.17 -15.36
C PRO D 1057 5.67 29.25 -14.97
N HIS D 1058 5.40 28.25 -15.81
CA HIS D 1058 4.35 27.27 -15.55
C HIS D 1058 3.00 27.94 -15.34
N GLY D 1059 2.69 28.95 -16.14
CA GLY D 1059 1.38 29.56 -15.99
C GLY D 1059 1.17 30.71 -16.94
N VAL D 1060 -0.06 31.22 -16.93
CA VAL D 1060 -0.44 32.34 -17.76
C VAL D 1060 -1.15 33.37 -16.89
N VAL D 1061 -1.10 34.61 -17.37
CA VAL D 1061 -1.70 35.74 -16.66
C VAL D 1061 -2.55 36.52 -17.65
N PHE D 1062 -3.81 36.71 -17.31
CA PHE D 1062 -4.76 37.43 -18.15
C PHE D 1062 -5.02 38.81 -17.55
N LEU D 1063 -5.11 39.82 -18.41
CA LEU D 1063 -5.48 41.16 -18.02
C LEU D 1063 -6.87 41.46 -18.58
N HIS D 1064 -7.91 41.06 -17.88
CA HIS D 1064 -9.25 41.37 -18.33
C HIS D 1064 -9.47 42.88 -18.27
N VAL D 1065 -10.07 43.42 -19.32
CA VAL D 1065 -10.42 44.83 -19.39
C VAL D 1065 -11.95 44.90 -19.32
N THR D 1066 -12.46 45.52 -18.27
CA THR D 1066 -13.89 45.54 -18.02
C THR D 1066 -14.40 46.97 -17.91
N TYR D 1067 -15.70 47.11 -18.12
CA TYR D 1067 -16.40 48.39 -18.14
C TYR D 1067 -17.35 48.43 -16.95
N VAL D 1068 -17.20 49.44 -16.09
CA VAL D 1068 -17.95 49.51 -14.85
C VAL D 1068 -18.53 50.92 -14.69
N PRO D 1069 -19.85 51.07 -14.64
CA PRO D 1069 -20.43 52.38 -14.36
C PRO D 1069 -20.14 52.82 -12.94
N ALA D 1070 -20.03 54.15 -12.75
CA ALA D 1070 -19.65 54.64 -11.44
C ALA D 1070 -20.71 55.49 -10.76
N GLN D 1071 -21.06 56.63 -11.36
CA GLN D 1071 -21.98 57.54 -10.70
C GLN D 1071 -23.42 57.23 -11.10
N GLU D 1072 -24.35 57.56 -10.22
CA GLU D 1072 -25.74 57.15 -10.38
C GLU D 1072 -26.66 58.35 -10.27
N LYS D 1073 -27.78 58.31 -10.99
CA LYS D 1073 -28.72 59.42 -11.00
C LYS D 1073 -30.16 58.91 -11.00
N ASN D 1074 -31.04 59.67 -10.34
CA ASN D 1074 -32.44 59.34 -10.19
C ASN D 1074 -33.28 59.87 -11.35
N PHE D 1075 -34.33 59.13 -11.69
CA PHE D 1075 -35.32 59.58 -12.66
C PHE D 1075 -36.65 58.92 -12.34
N THR D 1076 -37.72 59.46 -12.93
CA THR D 1076 -39.07 58.94 -12.74
C THR D 1076 -39.50 58.14 -13.97
N THR D 1077 -39.94 56.90 -13.75
CA THR D 1077 -40.14 55.93 -14.83
C THR D 1077 -41.61 55.56 -15.00
N ALA D 1078 -41.90 55.00 -16.16
CA ALA D 1078 -43.23 54.49 -16.51
C ALA D 1078 -43.12 53.54 -17.70
N PRO D 1079 -43.62 52.31 -17.60
CA PRO D 1079 -43.30 51.31 -18.61
C PRO D 1079 -44.17 51.35 -19.85
N ALA D 1080 -44.91 52.43 -20.05
CA ALA D 1080 -45.74 52.56 -21.24
C ALA D 1080 -46.13 54.01 -21.41
N ILE D 1081 -46.60 54.34 -22.61
CA ILE D 1081 -47.08 55.69 -22.91
C ILE D 1081 -48.30 55.59 -23.81
N CYS D 1082 -49.31 56.39 -23.52
CA CYS D 1082 -50.50 56.52 -24.35
C CYS D 1082 -50.57 57.91 -24.94
N HIS D 1083 -50.78 57.99 -26.25
CA HIS D 1083 -50.86 59.27 -26.94
C HIS D 1083 -52.23 59.57 -27.51
N ASP D 1084 -52.78 58.67 -28.32
CA ASP D 1084 -54.06 58.89 -28.99
C ASP D 1084 -54.96 57.69 -28.81
N GLY D 1085 -55.08 57.22 -27.58
CA GLY D 1085 -55.88 56.05 -27.29
C GLY D 1085 -55.21 54.74 -27.65
N LYS D 1086 -53.96 54.78 -28.09
CA LYS D 1086 -53.20 53.58 -28.43
C LYS D 1086 -51.94 53.54 -27.59
N ALA D 1087 -51.60 52.36 -27.10
CA ALA D 1087 -50.41 52.22 -26.27
C ALA D 1087 -49.16 52.44 -27.12
N HIS D 1088 -48.06 52.74 -26.43
CA HIS D 1088 -46.75 52.85 -27.03
C HIS D 1088 -45.73 52.13 -26.15
N PHE D 1089 -44.76 51.52 -26.79
CA PHE D 1089 -43.68 50.88 -26.07
C PHE D 1089 -42.35 51.35 -26.65
N PRO D 1090 -41.33 51.47 -25.83
CA PRO D 1090 -40.04 51.96 -26.32
C PRO D 1090 -39.35 50.90 -27.15
N ARG D 1091 -38.60 51.33 -28.16
CA ARG D 1091 -37.91 50.37 -29.00
C ARG D 1091 -36.77 49.71 -28.24
N GLU D 1092 -35.77 50.49 -27.85
CA GLU D 1092 -34.59 49.95 -27.17
C GLU D 1092 -34.14 50.87 -26.04
N GLY D 1093 -35.09 51.31 -25.23
CA GLY D 1093 -34.78 52.09 -24.05
C GLY D 1093 -35.84 51.86 -23.00
N VAL D 1094 -35.72 52.58 -21.89
CA VAL D 1094 -36.75 52.57 -20.85
C VAL D 1094 -37.19 53.99 -20.61
N PHE D 1095 -38.50 54.20 -20.55
CA PHE D 1095 -39.04 55.56 -20.50
C PHE D 1095 -38.74 56.19 -19.14
N VAL D 1096 -37.93 57.25 -19.14
CA VAL D 1096 -37.58 57.98 -17.93
C VAL D 1096 -37.96 59.43 -18.12
N SER D 1097 -37.94 60.18 -17.03
CA SER D 1097 -38.17 61.62 -17.12
C SER D 1097 -37.62 62.30 -15.87
N ASN D 1098 -37.42 63.60 -15.98
CA ASN D 1098 -36.96 64.42 -14.86
C ASN D 1098 -38.09 65.24 -14.27
N GLY D 1099 -39.32 65.05 -14.71
CA GLY D 1099 -40.45 65.71 -14.09
C GLY D 1099 -41.44 66.38 -15.03
N THR D 1100 -40.94 66.99 -16.10
CA THR D 1100 -41.82 67.77 -16.99
C THR D 1100 -41.73 67.30 -18.44
N HIS D 1101 -40.57 66.82 -18.86
CA HIS D 1101 -40.39 66.27 -20.20
C HIS D 1101 -39.97 64.82 -20.08
N TRP D 1102 -40.58 63.97 -20.90
CA TRP D 1102 -40.24 62.55 -20.89
C TRP D 1102 -39.24 62.24 -21.99
N PHE D 1103 -38.41 61.23 -21.75
CA PHE D 1103 -37.35 60.83 -22.66
C PHE D 1103 -37.20 59.32 -22.61
N VAL D 1104 -36.55 58.79 -23.63
CA VAL D 1104 -36.19 57.37 -23.69
C VAL D 1104 -34.67 57.29 -23.69
N THR D 1105 -34.13 56.33 -22.96
CA THR D 1105 -32.69 56.16 -22.91
C THR D 1105 -32.32 54.69 -22.92
N GLN D 1106 -31.09 54.44 -23.34
CA GLN D 1106 -30.46 53.15 -23.19
C GLN D 1106 -30.09 52.93 -21.72
N ARG D 1107 -29.76 51.70 -21.38
CA ARG D 1107 -29.78 51.26 -19.99
C ARG D 1107 -28.39 51.14 -19.38
N ASN D 1108 -27.37 51.77 -19.95
CA ASN D 1108 -26.08 51.79 -19.27
C ASN D 1108 -25.35 53.11 -19.45
N PHE D 1109 -26.00 54.14 -19.97
CA PHE D 1109 -25.44 55.47 -20.07
C PHE D 1109 -26.53 56.49 -20.31
N TYR D 1110 -26.71 57.43 -19.39
CA TYR D 1110 -27.78 58.41 -19.53
C TYR D 1110 -27.60 59.21 -20.82
N GLU D 1111 -28.54 59.07 -21.75
CA GLU D 1111 -28.46 59.75 -23.04
C GLU D 1111 -29.87 59.93 -23.57
N PRO D 1112 -30.57 60.96 -23.13
CA PRO D 1112 -31.97 61.12 -23.52
C PRO D 1112 -32.13 61.64 -24.95
N GLN D 1113 -33.27 61.31 -25.53
CA GLN D 1113 -33.70 61.87 -26.80
C GLN D 1113 -35.21 62.09 -26.75
N ILE D 1114 -35.69 62.93 -27.67
CA ILE D 1114 -37.13 63.14 -27.79
C ILE D 1114 -37.77 61.90 -28.41
N ILE D 1115 -38.94 61.52 -27.90
CA ILE D 1115 -39.63 60.33 -28.37
C ILE D 1115 -40.49 60.70 -29.57
N THR D 1116 -40.25 60.04 -30.70
CA THR D 1116 -41.10 60.15 -31.87
C THR D 1116 -41.46 58.74 -32.33
N THR D 1117 -42.14 58.66 -33.47
CA THR D 1117 -42.60 57.36 -33.97
C THR D 1117 -41.44 56.42 -34.22
N ASP D 1118 -40.27 56.94 -34.59
CA ASP D 1118 -39.12 56.09 -34.84
C ASP D 1118 -38.65 55.36 -33.60
N ASN D 1119 -38.99 55.86 -32.41
CA ASN D 1119 -38.50 55.29 -31.17
C ASN D 1119 -39.48 54.37 -30.48
N THR D 1120 -40.72 54.31 -30.95
CA THR D 1120 -41.76 53.55 -30.27
C THR D 1120 -42.51 52.67 -31.25
N PHE D 1121 -43.09 51.60 -30.72
CA PHE D 1121 -44.01 50.78 -31.51
C PHE D 1121 -45.28 50.57 -30.71
N VAL D 1122 -46.40 50.45 -31.41
CA VAL D 1122 -47.71 50.47 -30.78
C VAL D 1122 -48.23 49.05 -30.61
N SER D 1123 -49.14 48.88 -29.65
CA SER D 1123 -49.81 47.60 -29.43
C SER D 1123 -51.08 47.86 -28.64
N GLY D 1124 -52.23 47.75 -29.29
CA GLY D 1124 -53.51 47.84 -28.59
C GLY D 1124 -53.88 49.26 -28.15
N ASN D 1125 -54.85 49.31 -27.24
CA ASN D 1125 -55.39 50.55 -26.70
C ASN D 1125 -54.89 50.76 -25.26
N CYS D 1126 -55.46 51.77 -24.59
CA CYS D 1126 -54.90 52.30 -23.35
C CYS D 1126 -55.73 51.98 -22.12
N ASP D 1127 -56.26 50.76 -22.01
CA ASP D 1127 -56.94 50.31 -20.80
C ASP D 1127 -56.52 48.89 -20.42
N VAL D 1128 -55.25 48.56 -20.63
CA VAL D 1128 -54.82 47.17 -20.61
C VAL D 1128 -53.81 46.89 -19.50
N VAL D 1129 -52.99 47.89 -19.16
CA VAL D 1129 -51.92 47.69 -18.20
C VAL D 1129 -51.80 48.93 -17.31
N ILE D 1130 -51.24 48.72 -16.12
CA ILE D 1130 -51.03 49.81 -15.17
C ILE D 1130 -49.73 50.53 -15.51
N GLY D 1131 -49.60 51.76 -15.03
CA GLY D 1131 -48.42 52.56 -15.27
C GLY D 1131 -48.54 53.52 -16.44
N ILE D 1132 -49.65 53.46 -17.18
CA ILE D 1132 -49.84 54.36 -18.31
C ILE D 1132 -49.71 55.80 -17.85
N VAL D 1133 -49.03 56.60 -18.65
CA VAL D 1133 -48.82 58.02 -18.36
C VAL D 1133 -49.20 58.81 -19.59
N ASN D 1134 -50.13 59.75 -19.43
CA ASN D 1134 -50.53 60.60 -20.55
C ASN D 1134 -49.34 61.43 -21.01
N ASN D 1135 -49.16 61.51 -22.32
CA ASN D 1135 -48.00 62.16 -22.89
C ASN D 1135 -48.31 62.52 -24.33
N THR D 1136 -47.37 63.18 -24.99
CA THR D 1136 -47.49 63.51 -26.40
C THR D 1136 -46.24 63.06 -27.14
N VAL D 1137 -46.43 62.57 -28.36
CA VAL D 1137 -45.33 62.11 -29.19
C VAL D 1137 -45.32 62.96 -30.45
N TYR D 1138 -44.23 63.68 -30.66
CA TYR D 1138 -44.10 64.51 -31.84
C TYR D 1138 -43.97 63.64 -33.09
N ASP D 1139 -44.65 64.05 -34.16
CA ASP D 1139 -44.58 63.33 -35.42
C ASP D 1139 -43.53 63.97 -36.33
N PRO D 1140 -42.47 63.26 -36.71
CA PRO D 1140 -41.45 63.84 -37.60
C PRO D 1140 -41.74 63.71 -39.08
N LEU D 1141 -42.96 63.35 -39.48
CA LEU D 1141 -43.25 63.03 -40.87
C LEU D 1141 -44.19 64.03 -41.53
N GLN D 1142 -45.39 64.23 -40.98
CA GLN D 1142 -46.39 65.02 -41.69
C GLN D 1142 -46.25 66.54 -41.53
N PRO D 1143 -46.02 67.09 -40.32
CA PRO D 1143 -46.06 68.55 -40.19
C PRO D 1143 -44.99 69.28 -40.98
N GLU D 1144 -43.91 68.59 -41.36
CA GLU D 1144 -42.80 69.26 -42.03
C GLU D 1144 -43.19 69.74 -43.43
N LEU D 1145 -43.95 68.92 -44.16
CA LEU D 1145 -44.26 69.22 -45.56
C LEU D 1145 -45.50 70.09 -45.63
N ASP D 1146 -45.31 71.38 -45.92
CA ASP D 1146 -46.45 72.27 -46.12
C ASP D 1146 -47.11 72.03 -47.47
N SER D 1147 -46.31 71.85 -48.52
CA SER D 1147 -46.83 71.67 -49.87
C SER D 1147 -47.48 70.31 -50.04
N GLN E 1 74.17 40.44 36.78
CA GLN E 1 74.52 41.85 36.78
C GLN E 1 74.08 42.55 35.51
N VAL E 2 72.76 42.57 35.27
CA VAL E 2 72.21 43.31 34.14
C VAL E 2 72.10 44.78 34.52
N GLN E 3 72.62 45.65 33.65
CA GLN E 3 72.55 47.08 33.87
C GLN E 3 71.92 47.75 32.66
N LEU E 4 71.26 48.88 32.90
CA LEU E 4 70.63 49.64 31.83
C LEU E 4 71.12 51.07 31.89
N GLN E 5 71.63 51.58 30.76
CA GLN E 5 72.25 52.89 30.70
C GLN E 5 71.55 53.72 29.62
N GLN E 6 71.29 54.99 29.92
CA GLN E 6 70.40 55.79 29.08
C GLN E 6 71.18 56.78 28.22
N SER E 7 70.76 56.92 26.97
CA SER E 7 71.24 57.95 26.06
C SER E 7 70.07 58.83 25.64
N GLY E 8 70.16 60.11 25.96
CA GLY E 8 69.13 61.07 25.63
C GLY E 8 69.71 62.41 25.19
N PRO E 9 68.84 63.32 24.73
CA PRO E 9 69.32 64.64 24.34
C PRO E 9 69.47 65.59 25.52
N GLY E 10 68.70 65.32 26.59
CA GLY E 10 68.74 66.16 27.77
C GLY E 10 67.88 67.40 27.68
N LEU E 11 67.76 67.96 26.49
CA LEU E 11 66.97 69.17 26.27
C LEU E 11 66.23 69.05 24.94
N VAL E 12 64.98 69.50 24.93
CA VAL E 12 64.12 69.46 23.75
C VAL E 12 63.27 70.70 23.73
N LYS E 13 63.24 71.40 22.59
CA LYS E 13 62.45 72.61 22.46
C LYS E 13 60.96 72.28 22.54
N PRO E 14 60.14 73.23 22.99
CA PRO E 14 58.69 72.99 23.05
C PRO E 14 58.13 72.62 21.69
N SER E 15 57.17 71.68 21.70
CA SER E 15 56.46 71.21 20.52
C SER E 15 57.35 70.41 19.58
N GLN E 16 58.47 69.89 20.08
CA GLN E 16 59.33 69.00 19.31
C GLN E 16 59.27 67.59 19.90
N THR E 17 59.82 66.64 19.16
CA THR E 17 59.74 65.23 19.52
C THR E 17 60.94 64.84 20.36
N LEU E 18 60.68 64.42 21.61
CA LEU E 18 61.73 63.91 22.47
C LEU E 18 62.02 62.45 22.13
N SER E 19 63.29 62.14 21.89
CA SER E 19 63.72 60.77 21.61
C SER E 19 64.70 60.33 22.67
N LEU E 20 64.45 59.17 23.27
CA LEU E 20 65.32 58.59 24.28
C LEU E 20 65.65 57.16 23.89
N THR E 21 66.76 56.64 24.41
CA THR E 21 67.13 55.26 24.17
C THR E 21 67.77 54.68 25.42
N CYS E 22 67.48 53.41 25.70
CA CYS E 22 68.04 52.72 26.85
C CYS E 22 68.78 51.49 26.36
N THR E 23 70.09 51.47 26.60
CA THR E 23 70.98 50.38 26.22
C THR E 23 71.02 49.35 27.35
N VAL E 24 70.69 48.11 27.03
CA VAL E 24 70.66 47.03 28.01
C VAL E 24 71.94 46.21 27.88
N ALA E 25 72.67 46.05 28.98
CA ALA E 25 73.89 45.27 28.99
C ALA E 25 73.81 44.23 30.11
N GLY E 26 74.59 43.17 29.95
CA GLY E 26 74.50 42.02 30.83
C GLY E 26 73.52 40.96 30.37
N GLY E 27 72.95 41.10 29.18
CA GLY E 27 72.00 40.14 28.65
C GLY E 27 71.21 40.69 27.49
N SER E 28 70.65 39.81 26.66
CA SER E 28 69.90 40.21 25.48
C SER E 28 68.45 40.49 25.85
N ILE E 29 67.90 41.57 25.27
CA ILE E 29 66.50 41.91 25.51
C ILE E 29 65.54 40.97 24.80
N SER E 30 66.04 40.13 23.89
CA SER E 30 65.16 39.23 23.15
C SER E 30 64.65 38.07 23.99
N SER E 31 65.04 37.99 25.26
CA SER E 31 64.49 36.96 26.15
C SER E 31 63.03 37.28 26.40
N GLY E 32 62.17 36.26 26.25
CA GLY E 32 60.75 36.46 26.45
C GLY E 32 60.30 36.59 27.89
N THR E 33 61.23 36.54 28.84
CA THR E 33 60.87 36.61 30.25
C THR E 33 60.68 38.02 30.77
N TYR E 34 61.02 39.05 29.98
CA TYR E 34 61.03 40.41 30.52
C TYR E 34 60.06 41.31 29.77
N TYR E 35 59.58 42.31 30.49
CA TYR E 35 58.83 43.45 29.97
C TYR E 35 59.67 44.70 30.16
N TRP E 36 59.90 45.48 29.11
CA TRP E 36 60.79 46.62 29.25
C TRP E 36 59.93 47.88 29.29
N SER E 37 60.14 48.71 30.30
CA SER E 37 59.28 49.87 30.51
C SER E 37 60.06 51.16 30.60
N TRP E 38 59.42 52.24 30.16
CA TRP E 38 59.79 53.59 30.52
C TRP E 38 58.90 54.14 31.63
N ILE E 39 59.53 54.80 32.60
CA ILE E 39 58.90 55.41 33.76
C ILE E 39 59.50 56.81 33.88
N ARG E 40 58.76 57.74 34.51
CA ARG E 40 59.31 59.08 34.73
C ARG E 40 58.93 59.60 36.10
N GLN E 41 59.74 60.54 36.59
CA GLN E 41 59.57 61.20 37.88
C GLN E 41 59.87 62.69 37.76
N PRO E 42 58.87 63.56 37.91
CA PRO E 42 59.14 64.99 37.88
C PRO E 42 59.96 65.43 39.09
N ALA E 43 60.70 66.53 38.92
CA ALA E 43 61.52 67.07 39.99
C ALA E 43 60.67 67.38 41.22
N GLY E 44 60.88 66.63 42.30
CA GLY E 44 60.16 66.83 43.54
C GLY E 44 58.83 66.13 43.64
N LYS E 45 58.40 65.44 42.59
CA LYS E 45 57.13 64.74 42.56
C LYS E 45 57.35 63.23 42.71
N GLY E 46 56.25 62.49 42.77
CA GLY E 46 56.32 61.05 42.88
C GLY E 46 56.64 60.40 41.55
N LEU E 47 56.45 59.09 41.52
CA LEU E 47 56.74 58.29 40.33
C LEU E 47 55.46 58.03 39.55
N GLU E 48 55.56 58.14 38.23
CA GLU E 48 54.45 57.85 37.31
C GLU E 48 54.97 56.95 36.20
N TRP E 49 54.42 55.75 36.12
CA TRP E 49 54.80 54.81 35.06
C TRP E 49 54.20 55.26 33.74
N ILE E 50 55.02 55.22 32.69
CA ILE E 50 54.62 55.70 31.37
C ILE E 50 54.16 54.56 30.48
N GLY E 51 54.93 53.49 30.39
CA GLY E 51 54.48 52.37 29.60
C GLY E 51 55.47 51.23 29.63
N ARG E 52 55.00 50.10 29.12
CA ARG E 52 55.82 48.92 28.89
C ARG E 52 55.73 48.46 27.44
N ILE E 53 56.63 47.57 27.09
CA ILE E 53 56.62 46.86 25.81
C ILE E 53 57.14 45.45 26.07
N TYR E 54 56.38 44.45 25.63
CA TYR E 54 56.89 43.09 25.66
C TYR E 54 57.95 42.91 24.57
N THR E 55 58.84 41.95 24.79
CA THR E 55 59.92 41.70 23.85
C THR E 55 59.42 41.28 22.48
N SER E 56 58.17 40.81 22.38
CA SER E 56 57.64 40.42 21.08
C SER E 56 57.24 41.62 20.24
N GLY E 57 57.04 42.79 20.87
CA GLY E 57 56.69 43.99 20.13
C GLY E 57 55.45 44.66 20.67
N SER E 58 54.62 43.90 21.39
CA SER E 58 53.40 44.45 21.96
C SER E 58 53.72 45.55 22.95
N ALA E 59 53.01 46.68 22.84
CA ALA E 59 53.25 47.85 23.66
C ALA E 59 51.99 48.27 24.39
N ASN E 60 52.18 48.92 25.54
CA ASN E 60 51.10 49.39 26.38
C ASN E 60 51.56 50.64 27.10
N TYR E 61 50.65 51.59 27.28
CA TYR E 61 51.02 52.91 27.79
C TYR E 61 49.97 53.37 28.81
N ASN E 62 50.39 54.28 29.67
CA ASN E 62 49.43 55.00 30.50
C ASN E 62 48.42 55.69 29.60
N PRO E 63 47.12 55.50 29.81
CA PRO E 63 46.13 56.09 28.89
C PRO E 63 46.24 57.59 28.77
N SER E 64 46.65 58.30 29.84
CA SER E 64 46.73 59.75 29.79
C SER E 64 47.75 60.25 28.78
N LEU E 65 48.63 59.36 28.30
CA LEU E 65 49.71 59.73 27.39
C LEU E 65 49.79 58.82 26.18
N LYS E 66 48.84 57.87 26.04
CA LYS E 66 48.93 56.87 24.98
C LYS E 66 49.06 57.49 23.60
N SER E 67 48.39 58.63 23.37
CA SER E 67 48.40 59.24 22.05
C SER E 67 49.78 59.76 21.67
N ARG E 68 50.56 60.25 22.63
CA ARG E 68 51.80 60.94 22.33
C ARG E 68 53.05 60.09 22.49
N VAL E 69 52.98 58.97 23.21
CA VAL E 69 54.15 58.17 23.54
C VAL E 69 54.23 56.97 22.60
N THR E 70 55.45 56.59 22.23
CA THR E 70 55.70 55.42 21.42
C THR E 70 56.97 54.75 21.93
N ILE E 71 56.86 53.49 22.33
CA ILE E 71 58.01 52.70 22.79
C ILE E 71 58.28 51.60 21.77
N SER E 72 59.56 51.45 21.41
CA SER E 72 59.98 50.44 20.47
C SER E 72 61.15 49.66 21.04
N VAL E 73 61.37 48.45 20.51
CA VAL E 73 62.48 47.60 20.92
C VAL E 73 63.31 47.19 19.71
N ASP E 74 64.61 47.02 19.93
CA ASP E 74 65.58 46.60 18.92
C ASP E 74 66.42 45.53 19.59
N THR E 75 66.02 44.27 19.40
CA THR E 75 66.69 43.13 20.00
C THR E 75 67.98 42.77 19.27
N SER E 76 68.07 43.08 17.98
CA SER E 76 69.30 42.83 17.22
C SER E 76 70.44 43.71 17.69
N LYS E 77 70.13 44.74 18.48
CA LYS E 77 71.12 45.66 19.02
C LYS E 77 70.89 45.87 20.51
N ASN E 78 69.87 45.22 21.08
CA ASN E 78 69.66 45.14 22.53
C ASN E 78 69.45 46.51 23.18
N GLN E 79 68.70 47.37 22.50
CA GLN E 79 68.28 48.63 23.09
C GLN E 79 66.77 48.79 22.91
N PHE E 80 66.16 49.66 23.71
CA PHE E 80 64.80 50.07 23.37
C PHE E 80 64.67 51.58 23.50
N SER E 81 63.72 52.13 22.75
CA SER E 81 63.65 53.57 22.58
C SER E 81 62.27 54.11 22.90
N LEU E 82 62.25 55.39 23.25
CA LEU E 82 61.04 56.14 23.55
C LEU E 82 60.96 57.34 22.62
N ARG E 83 59.74 57.65 22.18
CA ARG E 83 59.48 58.88 21.42
C ARG E 83 58.24 59.52 22.02
N LEU E 84 58.41 60.72 22.58
CA LEU E 84 57.32 61.47 23.20
C LEU E 84 57.14 62.78 22.45
N SER E 85 55.98 62.95 21.83
CA SER E 85 55.71 64.13 21.03
C SER E 85 54.98 65.18 21.86
N SER E 86 54.87 66.37 21.27
CA SER E 86 54.17 67.51 21.88
C SER E 86 54.63 67.75 23.32
N VAL E 87 55.95 67.90 23.47
CA VAL E 87 56.52 68.07 24.80
C VAL E 87 56.01 69.35 25.44
N THR E 88 55.71 69.29 26.73
CA THR E 88 55.15 70.41 27.47
C THR E 88 55.98 70.65 28.72
N ALA E 89 55.62 71.70 29.47
CA ALA E 89 56.37 72.08 30.65
C ALA E 89 56.36 71.01 31.73
N GLU E 90 55.37 70.13 31.73
CA GLU E 90 55.31 69.04 32.69
C GLU E 90 56.15 67.83 32.28
N ASP E 91 56.73 67.84 31.07
CA ASP E 91 57.56 66.75 30.60
C ASP E 91 58.97 66.81 31.15
N THR E 92 59.32 67.86 31.88
CA THR E 92 60.62 67.92 32.54
C THR E 92 60.62 66.94 33.71
N ALA E 93 61.49 65.94 33.64
CA ALA E 93 61.50 64.88 34.65
C ALA E 93 62.74 64.01 34.42
N VAL E 94 63.03 63.14 35.37
CA VAL E 94 63.99 62.08 35.13
C VAL E 94 63.27 60.87 34.57
N TYR E 95 63.78 60.32 33.47
CA TYR E 95 63.17 59.20 32.79
C TYR E 95 64.03 57.95 33.00
N TYR E 96 63.44 56.94 33.60
CA TYR E 96 64.12 55.68 33.89
C TYR E 96 63.65 54.61 32.91
N CYS E 97 64.57 53.74 32.50
CA CYS E 97 64.16 52.49 31.85
C CYS E 97 64.39 51.32 32.79
N ALA E 98 63.52 50.32 32.69
CA ALA E 98 63.56 49.25 33.67
C ALA E 98 63.08 47.93 33.08
N ARG E 99 63.59 46.82 33.61
CA ARG E 99 63.07 45.50 33.24
C ARG E 99 62.12 44.99 34.32
N GLU E 100 61.00 44.44 33.88
CA GLU E 100 59.97 43.76 34.64
C GLU E 100 60.06 42.26 34.37
N TYR E 101 59.88 41.46 35.42
CA TYR E 101 59.86 40.01 35.25
C TYR E 101 58.63 39.45 35.93
N SER E 102 58.04 38.44 35.30
CA SER E 102 56.79 37.85 35.75
C SER E 102 56.76 36.37 35.42
N SER E 103 55.96 35.63 36.18
CA SER E 103 55.68 34.23 35.91
C SER E 103 54.22 34.06 35.51
N SER E 104 53.92 32.92 34.89
CA SER E 104 52.56 32.65 34.43
C SER E 104 51.75 31.87 35.45
N TYR E 105 52.39 30.91 36.13
CA TYR E 105 51.71 30.20 37.20
C TYR E 105 51.30 31.17 38.29
N TYR E 106 52.07 32.23 38.49
CA TYR E 106 51.78 33.28 39.46
C TYR E 106 52.04 34.61 38.77
N TYR E 107 50.96 35.27 38.34
CA TYR E 107 51.08 36.53 37.60
C TYR E 107 51.33 37.71 38.53
N PHE E 108 52.44 37.63 39.28
CA PHE E 108 52.93 38.79 40.01
C PHE E 108 53.81 39.58 39.04
N TYR E 109 53.94 40.88 39.26
CA TYR E 109 54.62 41.76 38.32
C TYR E 109 55.37 42.85 39.08
N TYR E 110 56.67 42.98 38.83
CA TYR E 110 57.51 43.83 39.66
C TYR E 110 58.73 44.28 38.85
N MET E 111 59.33 45.39 39.26
CA MET E 111 60.46 45.98 38.55
C MET E 111 61.75 45.51 39.23
N ASP E 112 62.45 44.53 38.66
CA ASP E 112 63.53 43.93 39.42
C ASP E 112 64.88 44.61 39.12
N VAL E 113 64.94 45.38 38.04
CA VAL E 113 66.11 46.19 37.70
C VAL E 113 65.64 47.53 37.15
N TRP E 114 66.35 48.59 37.51
CA TRP E 114 66.03 49.96 37.13
C TRP E 114 67.23 50.61 36.47
N GLY E 115 66.96 51.57 35.59
CA GLY E 115 68.01 52.37 34.99
C GLY E 115 68.43 53.52 35.89
N LYS E 116 69.34 54.33 35.36
CA LYS E 116 69.87 55.46 36.10
C LYS E 116 69.03 56.72 35.89
N GLY E 117 68.29 56.81 34.79
CA GLY E 117 67.47 57.96 34.52
C GLY E 117 68.18 59.01 33.66
N THR E 118 67.37 59.86 33.03
CA THR E 118 67.89 60.95 32.22
C THR E 118 66.98 62.16 32.35
N THR E 119 67.56 63.33 32.60
CA THR E 119 66.77 64.52 32.83
C THR E 119 66.32 65.11 31.50
N VAL E 120 65.01 65.27 31.32
CA VAL E 120 64.42 65.91 30.17
C VAL E 120 63.85 67.25 30.60
N THR E 121 64.31 68.32 29.97
CA THR E 121 63.79 69.65 30.19
C THR E 121 63.18 70.17 28.89
N VAL E 122 62.03 70.83 29.00
CA VAL E 122 61.32 71.37 27.85
C VAL E 122 61.39 72.89 27.95
N SER E 123 62.25 73.50 27.15
CA SER E 123 62.43 74.95 27.15
C SER E 123 62.86 75.38 25.76
N SER E 124 62.61 76.65 25.46
CA SER E 124 63.01 77.22 24.18
C SER E 124 64.48 77.62 24.21
N ALA F 1 41.89 55.06 37.67
CA ALA F 1 43.05 54.39 38.22
C ALA F 1 42.90 54.14 39.72
N ILE F 2 43.62 53.15 40.23
CA ILE F 2 43.60 52.87 41.66
C ILE F 2 44.53 53.85 42.37
N ARG F 3 43.98 54.56 43.36
CA ARG F 3 44.77 55.46 44.18
C ARG F 3 45.36 54.68 45.35
N MET F 4 46.59 55.01 45.72
CA MET F 4 47.25 54.46 46.88
C MET F 4 47.54 55.58 47.87
N THR F 5 47.15 55.36 49.13
CA THR F 5 47.28 56.36 50.17
C THR F 5 48.08 55.78 51.33
N GLN F 6 49.19 56.42 51.67
CA GLN F 6 50.01 55.98 52.78
C GLN F 6 49.68 56.88 53.95
N SER F 7 49.66 56.32 55.16
CA SER F 7 49.38 57.14 56.33
C SER F 7 50.43 58.23 56.56
N PRO F 8 51.72 57.93 56.64
CA PRO F 8 52.71 59.00 56.76
C PRO F 8 53.27 59.45 55.42
N SER F 9 53.40 60.76 55.27
CA SER F 9 54.14 61.34 54.16
C SER F 9 55.57 61.69 54.54
N SER F 10 55.84 61.97 55.80
CA SER F 10 57.16 62.30 56.31
C SER F 10 57.20 61.83 57.76
N LEU F 11 58.39 61.39 58.19
CA LEU F 11 58.54 61.04 59.59
C LEU F 11 60.01 61.13 59.99
N SER F 12 60.24 61.43 61.26
CA SER F 12 61.56 61.44 61.88
C SER F 12 61.58 60.39 62.98
N ALA F 13 62.59 59.53 62.96
CA ALA F 13 62.72 58.48 63.96
C ALA F 13 64.18 58.35 64.37
N SER F 14 64.40 57.62 65.45
CA SER F 14 65.74 57.41 65.99
C SER F 14 66.27 56.04 65.60
N VAL F 15 67.58 55.88 65.76
CA VAL F 15 68.24 54.63 65.39
C VAL F 15 67.81 53.51 66.33
N GLY F 16 67.33 52.41 65.75
CA GLY F 16 66.97 51.22 66.50
C GLY F 16 65.49 51.02 66.75
N ASP F 17 64.66 52.02 66.52
CA ASP F 17 63.23 51.84 66.74
C ASP F 17 62.60 51.08 65.58
N ARG F 18 61.45 50.47 65.85
CA ARG F 18 60.66 49.79 64.82
C ARG F 18 59.67 50.79 64.23
N VAL F 19 59.75 50.99 62.92
CA VAL F 19 58.89 51.93 62.20
C VAL F 19 57.96 51.14 61.30
N THR F 20 56.68 51.52 61.29
CA THR F 20 55.67 50.87 60.47
C THR F 20 54.92 51.92 59.65
N ILE F 21 54.82 51.67 58.35
CA ILE F 21 54.11 52.54 57.42
C ILE F 21 53.00 51.72 56.78
N THR F 22 51.80 52.28 56.70
CA THR F 22 50.69 51.59 56.07
C THR F 22 50.37 52.18 54.69
N CYS F 23 49.80 51.33 53.84
CA CYS F 23 49.32 51.71 52.52
C CYS F 23 47.95 51.11 52.33
N GLN F 24 47.02 51.90 51.80
CA GLN F 24 45.66 51.48 51.53
C GLN F 24 45.25 51.90 50.13
N ALA F 25 44.81 50.93 49.33
CA ALA F 25 44.40 51.17 47.96
C ALA F 25 42.89 51.36 47.89
N SER F 26 42.45 52.06 46.83
CA SER F 26 41.03 52.39 46.70
C SER F 26 40.14 51.16 46.59
N GLN F 27 40.67 50.00 46.21
CA GLN F 27 39.87 48.79 46.12
C GLN F 27 40.73 47.58 46.41
N ASP F 28 40.06 46.44 46.62
CA ASP F 28 40.76 45.19 46.88
C ASP F 28 41.71 44.88 45.72
N ILE F 29 42.99 44.73 46.05
CA ILE F 29 44.04 44.42 45.09
C ILE F 29 44.70 43.09 45.40
N SER F 30 44.03 42.25 46.20
CA SER F 30 44.56 40.98 46.67
C SER F 30 45.87 41.23 47.42
N ASN F 31 46.97 40.70 46.90
CA ASN F 31 48.29 40.93 47.47
C ASN F 31 49.24 41.53 46.44
N TYR F 32 48.71 42.12 45.37
CA TYR F 32 49.51 42.68 44.29
C TYR F 32 50.09 44.03 44.73
N LEU F 33 51.01 43.96 45.68
CA LEU F 33 51.62 45.16 46.24
C LEU F 33 53.13 45.02 46.25
N ASN F 34 53.80 46.03 45.70
CA ASN F 34 55.25 46.05 45.57
C ASN F 34 55.74 47.26 46.37
N TRP F 35 56.97 47.17 46.88
CA TRP F 35 57.57 48.22 47.68
C TRP F 35 58.91 48.65 47.09
N TYR F 36 59.06 49.97 46.92
CA TYR F 36 60.22 50.66 46.36
C TYR F 36 60.85 51.61 47.37
N GLN F 37 62.17 51.76 47.22
CA GLN F 37 63.02 52.64 48.01
C GLN F 37 63.64 53.69 47.10
N GLN F 38 63.57 54.95 47.52
CA GLN F 38 64.15 56.08 46.80
C GLN F 38 65.13 56.75 47.75
N LYS F 39 66.40 56.45 47.55
CA LYS F 39 67.47 57.10 48.27
C LYS F 39 67.69 58.50 47.70
N PRO F 40 68.20 59.43 48.50
CA PRO F 40 68.44 60.78 48.00
C PRO F 40 69.39 60.78 46.80
N GLY F 41 68.93 61.33 45.69
CA GLY F 41 69.74 61.38 44.49
C GLY F 41 69.99 60.05 43.83
N LYS F 42 69.23 59.01 44.17
CA LYS F 42 69.44 57.68 43.61
C LYS F 42 68.24 57.24 42.79
N ALA F 43 68.47 56.19 41.99
CA ALA F 43 67.45 55.57 41.17
C ALA F 43 66.53 54.71 42.02
N PRO F 44 65.29 54.48 41.58
CA PRO F 44 64.39 53.59 42.33
C PRO F 44 64.96 52.19 42.44
N LYS F 45 64.76 51.59 43.61
CA LYS F 45 65.28 50.26 43.94
C LYS F 45 64.16 49.44 44.53
N LEU F 46 63.97 48.23 44.00
CA LEU F 46 62.92 47.32 44.47
C LEU F 46 63.31 46.76 45.82
N LEU F 47 62.39 46.81 46.78
CA LEU F 47 62.68 46.26 48.10
C LEU F 47 61.82 45.04 48.36
N ILE F 48 60.51 45.15 48.18
CA ILE F 48 59.60 44.06 48.50
C ILE F 48 58.72 43.81 47.28
N TYR F 49 59.14 42.89 46.41
CA TYR F 49 58.31 42.52 45.27
C TYR F 49 57.03 41.83 45.74
N VAL F 50 57.14 40.94 46.73
CA VAL F 50 56.00 40.35 47.39
C VAL F 50 56.27 40.38 48.88
N ALA F 51 55.20 40.61 49.66
CA ALA F 51 55.34 40.77 51.10
C ALA F 51 56.06 39.58 51.73
N SER F 52 55.87 38.38 51.18
CA SER F 52 56.44 37.18 51.78
C SER F 52 57.96 37.19 51.76
N ASN F 53 58.57 37.59 50.65
CA ASN F 53 60.00 37.45 50.46
C ASN F 53 60.65 38.81 50.24
N LEU F 54 61.95 38.86 50.50
CA LEU F 54 62.74 40.06 50.27
C LEU F 54 63.60 39.91 49.02
N GLU F 55 63.75 41.01 48.29
CA GLU F 55 64.57 41.02 47.09
C GLU F 55 66.06 40.93 47.45
N THR F 56 66.85 40.49 46.46
CA THR F 56 68.30 40.44 46.62
C THR F 56 68.86 41.79 47.05
N GLY F 57 69.77 41.76 48.02
CA GLY F 57 70.42 42.96 48.49
C GLY F 57 69.58 43.85 49.37
N VAL F 58 68.36 43.45 49.69
CA VAL F 58 67.46 44.20 50.55
C VAL F 58 67.78 43.83 52.00
N PRO F 59 68.05 44.80 52.86
CA PRO F 59 68.33 44.47 54.27
C PRO F 59 67.19 43.70 54.92
N SER F 60 67.56 42.74 55.77
CA SER F 60 66.58 41.86 56.42
C SER F 60 65.61 42.61 57.31
N ARG F 61 65.92 43.85 57.70
CA ARG F 61 65.07 44.57 58.63
C ARG F 61 63.73 44.94 58.00
N PHE F 62 63.60 44.77 56.69
CA PHE F 62 62.35 45.12 56.02
C PHE F 62 61.43 43.89 55.95
N SER F 63 60.18 44.09 56.35
CA SER F 63 59.16 43.04 56.32
C SER F 63 57.82 43.67 55.97
N GLY F 64 56.88 42.84 55.53
CA GLY F 64 55.55 43.30 55.19
C GLY F 64 54.48 42.32 55.65
N SER F 65 53.31 42.88 55.97
CA SER F 65 52.16 42.12 56.43
C SER F 65 50.89 42.86 56.03
N GLY F 66 49.75 42.25 56.30
CA GLY F 66 48.47 42.86 55.99
C GLY F 66 47.74 42.14 54.87
N PHE F 67 46.42 42.43 54.79
CA PHE F 67 45.53 41.69 53.88
C PHE F 67 44.65 42.59 53.04
N GLY F 68 43.98 42.05 52.04
CA GLY F 68 43.03 42.85 51.28
C GLY F 68 43.60 44.21 50.91
N THR F 69 42.96 45.29 51.38
CA THR F 69 43.26 46.62 50.85
C THR F 69 44.30 47.34 51.70
N ASP F 70 44.51 46.88 52.93
CA ASP F 70 45.44 47.56 53.84
C ASP F 70 46.67 46.69 54.08
N PHE F 71 47.84 47.29 53.94
CA PHE F 71 49.13 46.62 54.00
C PHE F 71 50.10 47.46 54.80
N THR F 72 51.01 46.78 55.50
CA THR F 72 51.97 47.40 56.40
C THR F 72 53.37 46.97 56.02
N PHE F 73 54.29 47.93 56.01
CA PHE F 73 55.72 47.71 55.82
C PHE F 73 56.39 48.12 57.11
N THR F 74 57.22 47.23 57.66
CA THR F 74 57.90 47.49 58.92
C THR F 74 59.41 47.33 58.79
N ILE F 75 60.12 48.22 59.49
CA ILE F 75 61.56 48.12 59.71
C ILE F 75 61.76 47.89 61.19
N SER F 76 62.22 46.69 61.54
CA SER F 76 62.31 46.29 62.95
C SER F 76 63.32 47.12 63.72
N SER F 77 64.37 47.61 63.05
CA SER F 77 65.40 48.42 63.72
C SER F 77 65.97 49.41 62.72
N LEU F 78 65.59 50.68 62.88
CA LEU F 78 66.04 51.73 61.98
C LEU F 78 67.53 52.01 62.13
N GLN F 79 68.17 52.24 60.99
CA GLN F 79 69.57 52.61 60.88
C GLN F 79 69.67 53.91 60.10
N PRO F 80 70.74 54.68 60.30
CA PRO F 80 70.87 55.97 59.57
C PRO F 80 70.80 55.82 58.06
N GLU F 81 71.27 54.70 57.51
CA GLU F 81 71.23 54.51 56.06
C GLU F 81 69.82 54.30 55.52
N ASP F 82 68.83 54.13 56.39
CA ASP F 82 67.44 53.94 55.96
C ASP F 82 66.71 55.24 55.64
N ILE F 83 67.34 56.40 55.78
CA ILE F 83 66.68 57.63 55.37
C ILE F 83 66.39 57.56 53.89
N ALA F 84 65.10 57.58 53.54
CA ALA F 84 64.71 57.41 52.13
C ALA F 84 63.21 57.58 51.98
N THR F 85 62.70 57.49 50.76
CA THR F 85 61.26 57.56 50.53
C THR F 85 60.77 56.20 50.06
N TYR F 86 59.76 55.67 50.76
CA TYR F 86 59.21 54.36 50.49
C TYR F 86 57.88 54.50 49.78
N TYR F 87 57.73 53.80 48.66
CA TYR F 87 56.50 53.85 47.88
C TYR F 87 55.90 52.47 47.74
N CYS F 88 54.59 52.38 47.95
CA CYS F 88 53.84 51.17 47.64
C CYS F 88 53.26 51.32 46.24
N GLN F 89 53.02 50.20 45.56
CA GLN F 89 52.50 50.21 44.20
C GLN F 89 51.67 48.97 43.90
N GLN F 90 50.45 49.18 43.43
CA GLN F 90 49.56 48.10 43.04
C GLN F 90 49.80 47.80 41.56
N PHE F 91 49.49 46.58 41.15
CA PHE F 91 49.39 46.31 39.72
C PHE F 91 48.08 45.60 39.40
N ASP F 92 47.05 45.82 40.22
CA ASP F 92 45.75 45.20 39.97
C ASP F 92 45.06 45.88 38.79
N ASN F 93 45.05 47.21 38.77
CA ASN F 93 44.59 47.93 37.59
C ASN F 93 45.68 47.86 36.51
N LEU F 94 45.27 48.15 35.27
CA LEU F 94 46.22 48.05 34.16
C LEU F 94 47.45 48.93 34.31
N PRO F 95 47.39 50.17 34.81
CA PRO F 95 48.63 50.93 34.98
C PRO F 95 49.39 50.47 36.22
N TYR F 96 50.72 50.44 36.11
CA TYR F 96 51.57 50.14 37.25
C TYR F 96 51.71 51.40 38.08
N THR F 97 50.63 51.76 38.78
CA THR F 97 50.56 53.00 39.53
C THR F 97 51.33 52.89 40.84
N PHE F 98 51.87 54.03 41.27
CA PHE F 98 52.66 54.11 42.49
C PHE F 98 51.98 55.05 43.49
N GLY F 99 52.32 54.86 44.76
CA GLY F 99 51.83 55.72 45.83
C GLY F 99 52.46 57.10 45.82
N GLN F 100 52.05 57.91 46.79
CA GLN F 100 52.57 59.27 46.95
C GLN F 100 53.91 59.32 47.67
N GLY F 101 54.31 58.25 48.34
CA GLY F 101 55.59 58.17 48.99
C GLY F 101 55.53 58.52 50.47
N THR F 102 56.43 57.92 51.25
CA THR F 102 56.59 58.21 52.67
C THR F 102 58.07 58.48 52.93
N LYS F 103 58.41 59.70 53.33
CA LYS F 103 59.80 60.03 53.62
C LYS F 103 60.15 59.64 55.05
N LEU F 104 61.07 58.70 55.19
CA LEU F 104 61.55 58.19 56.49
C LEU F 104 62.90 58.82 56.80
N GLU F 105 62.94 59.63 57.87
CA GLU F 105 64.13 60.32 58.31
C GLU F 105 64.63 59.73 59.62
N ILE F 106 65.93 59.87 59.87
CA ILE F 106 66.61 59.31 61.03
C ILE F 106 67.05 60.44 61.95
N LYS F 107 66.68 60.34 63.22
CA LYS F 107 67.14 61.28 64.23
C LYS F 107 68.44 60.80 64.86
N CYS G 15 -36.54 -47.91 36.30
CA CYS G 15 -36.17 -46.91 35.31
C CYS G 15 -36.08 -47.52 33.91
N VAL G 16 -35.11 -47.04 33.13
CA VAL G 16 -35.01 -47.30 31.69
C VAL G 16 -36.39 -47.44 31.06
N ASN G 17 -36.83 -48.67 30.84
CA ASN G 17 -38.18 -48.92 30.34
C ASN G 17 -38.54 -50.37 30.62
N LEU G 18 -39.84 -50.66 30.55
CA LEU G 18 -40.34 -52.02 30.63
C LEU G 18 -40.51 -52.66 29.26
N THR G 19 -39.71 -52.23 28.28
CA THR G 19 -39.77 -52.61 26.87
C THR G 19 -41.21 -52.71 26.38
N THR G 20 -42.07 -51.80 26.86
CA THR G 20 -43.47 -51.75 26.45
C THR G 20 -43.62 -50.90 25.18
N ARG G 21 -42.93 -51.33 24.14
CA ARG G 21 -42.91 -50.61 22.86
C ARG G 21 -44.12 -51.03 22.03
N THR G 22 -45.29 -50.55 22.47
CA THR G 22 -46.56 -50.94 21.84
C THR G 22 -46.65 -50.40 20.43
N GLN G 23 -46.41 -49.11 20.24
CA GLN G 23 -46.56 -48.50 18.93
C GLN G 23 -45.78 -47.19 18.89
N LEU G 24 -45.31 -46.84 17.70
CA LEU G 24 -44.45 -45.66 17.50
C LEU G 24 -45.00 -44.80 16.37
N PRO G 25 -45.90 -43.87 16.65
CA PRO G 25 -46.39 -42.97 15.61
C PRO G 25 -45.48 -41.76 15.46
N PRO G 26 -44.79 -41.63 14.32
CA PRO G 26 -43.91 -40.48 14.12
C PRO G 26 -44.65 -39.28 13.54
N ALA G 27 -44.66 -38.17 14.26
CA ALA G 27 -45.31 -36.95 13.81
C ALA G 27 -44.27 -35.84 13.59
N TYR G 28 -44.48 -35.05 12.53
CA TYR G 28 -43.58 -33.97 12.18
C TYR G 28 -44.31 -32.64 12.34
N THR G 29 -43.61 -31.66 12.89
CA THR G 29 -44.16 -30.33 13.15
C THR G 29 -43.22 -29.26 12.65
N ASN G 30 -43.79 -28.19 12.11
CA ASN G 30 -43.01 -27.08 11.59
C ASN G 30 -42.56 -26.18 12.74
N SER G 31 -41.26 -26.13 12.97
CA SER G 31 -40.71 -25.21 13.96
C SER G 31 -40.79 -23.80 13.41
N PHE G 32 -41.39 -22.90 14.18
CA PHE G 32 -41.44 -21.49 13.82
C PHE G 32 -40.23 -20.80 14.42
N THR G 33 -40.21 -19.47 14.40
CA THR G 33 -39.06 -18.73 14.91
C THR G 33 -38.88 -19.03 16.39
N ARG G 34 -37.81 -19.75 16.73
CA ARG G 34 -37.57 -20.24 18.07
C ARG G 34 -36.06 -20.38 18.26
N GLY G 35 -35.66 -20.68 19.50
CA GLY G 35 -34.30 -21.06 19.80
C GLY G 35 -33.23 -20.01 19.57
N VAL G 36 -33.47 -18.79 20.04
CA VAL G 36 -32.47 -17.72 19.99
C VAL G 36 -31.89 -17.55 21.38
N TYR G 37 -30.56 -17.62 21.48
CA TYR G 37 -29.88 -17.58 22.77
C TYR G 37 -28.70 -16.62 22.70
N TYR G 38 -28.26 -16.19 23.87
CA TYR G 38 -27.16 -15.24 23.95
C TYR G 38 -25.83 -15.94 23.66
N PRO G 39 -25.06 -15.48 22.69
CA PRO G 39 -23.83 -16.20 22.33
C PRO G 39 -22.73 -16.03 23.37
N ASP G 40 -22.50 -14.80 23.82
CA ASP G 40 -21.42 -14.49 24.74
C ASP G 40 -21.91 -13.50 25.79
N LYS G 41 -21.24 -13.53 26.95
CA LYS G 41 -21.67 -12.73 28.11
C LYS G 41 -21.01 -11.34 28.07
N VAL G 42 -21.33 -10.59 27.03
CA VAL G 42 -20.87 -9.21 26.88
C VAL G 42 -22.08 -8.34 26.56
N PHE G 43 -22.20 -7.22 27.26
CA PHE G 43 -23.36 -6.37 27.09
C PHE G 43 -23.29 -5.60 25.78
N ARG G 44 -24.42 -5.51 25.10
CA ARG G 44 -24.58 -4.66 23.92
C ARG G 44 -25.98 -4.07 23.97
N SER G 45 -26.19 -2.98 23.22
CA SER G 45 -27.50 -2.36 23.23
C SER G 45 -27.68 -1.51 21.98
N SER G 46 -28.85 -1.63 21.35
CA SER G 46 -29.24 -0.82 20.20
C SER G 46 -28.23 -0.94 19.06
N VAL G 47 -27.78 -2.16 18.79
CA VAL G 47 -26.85 -2.45 17.71
C VAL G 47 -27.47 -3.53 16.82
N LEU G 48 -26.73 -3.93 15.79
CA LEU G 48 -27.15 -4.95 14.85
C LEU G 48 -26.01 -5.92 14.58
N HIS G 49 -25.36 -6.37 15.66
CA HIS G 49 -24.22 -7.26 15.53
C HIS G 49 -24.64 -8.59 14.94
N SER G 50 -23.84 -9.10 14.02
CA SER G 50 -24.11 -10.36 13.31
C SER G 50 -22.97 -11.33 13.54
N THR G 51 -23.29 -12.59 13.77
CA THR G 51 -22.26 -13.57 14.07
C THR G 51 -22.71 -14.96 13.66
N GLN G 52 -21.74 -15.87 13.52
CA GLN G 52 -22.00 -17.25 13.15
C GLN G 52 -21.73 -18.14 14.35
N ASP G 53 -22.59 -19.13 14.57
CA ASP G 53 -22.44 -19.99 15.73
C ASP G 53 -23.44 -21.15 15.62
N LEU G 54 -23.40 -22.03 16.59
CA LEU G 54 -24.33 -23.15 16.65
C LEU G 54 -25.75 -22.61 16.87
N PHE G 55 -26.67 -23.05 16.02
CA PHE G 55 -28.05 -22.59 16.10
C PHE G 55 -28.95 -23.67 15.51
N LEU G 56 -30.25 -23.40 15.49
CA LEU G 56 -31.17 -24.20 14.71
C LEU G 56 -31.96 -23.31 13.76
N PRO G 57 -32.31 -23.82 12.57
CA PRO G 57 -32.96 -22.97 11.57
C PRO G 57 -34.33 -22.51 12.04
N PHE G 58 -34.79 -21.40 11.46
CA PHE G 58 -36.09 -20.84 11.83
C PHE G 58 -37.23 -21.78 11.45
N PHE G 59 -37.14 -22.40 10.28
CA PHE G 59 -38.21 -23.27 9.80
C PHE G 59 -37.59 -24.62 9.42
N SER G 60 -37.51 -25.51 10.40
CA SER G 60 -37.04 -26.87 10.17
C SER G 60 -38.00 -27.84 10.83
N ASN G 61 -38.42 -28.86 10.08
CA ASN G 61 -39.33 -29.86 10.61
C ASN G 61 -38.69 -30.60 11.77
N VAL G 62 -39.46 -30.80 12.84
CA VAL G 62 -38.96 -31.46 14.04
C VAL G 62 -39.96 -32.53 14.47
N THR G 63 -39.50 -33.46 15.29
CA THR G 63 -40.36 -34.52 15.75
C THR G 63 -41.30 -34.01 16.85
N TRP G 64 -42.49 -34.60 16.89
CA TRP G 64 -43.47 -34.35 17.95
C TRP G 64 -43.71 -35.70 18.61
N PHE G 65 -42.89 -36.01 19.60
CA PHE G 65 -42.95 -37.31 20.27
C PHE G 65 -44.15 -37.32 21.20
N HIS G 66 -45.31 -37.70 20.67
CA HIS G 66 -46.56 -37.72 21.43
C HIS G 66 -46.51 -38.89 22.39
N ALA G 67 -45.71 -38.74 23.44
CA ALA G 67 -45.57 -39.75 24.47
C ALA G 67 -46.11 -39.27 25.80
N ILE G 68 -46.99 -38.27 25.78
CA ILE G 68 -47.57 -37.75 27.02
C ILE G 68 -48.75 -38.64 27.38
N HIS G 69 -48.46 -39.78 27.99
CA HIS G 69 -49.51 -40.70 28.41
C HIS G 69 -49.82 -40.50 29.89
N VAL G 70 -50.37 -39.34 30.21
CA VAL G 70 -50.76 -39.07 31.60
C VAL G 70 -51.89 -40.02 31.91
N SER G 71 -51.61 -41.07 32.67
CA SER G 71 -52.60 -42.14 32.92
C SER G 71 -53.09 -42.62 31.58
N GLY G 72 -52.15 -42.96 30.69
CA GLY G 72 -52.52 -43.48 29.39
C GLY G 72 -53.07 -42.52 28.37
N THR G 73 -52.95 -42.89 27.10
CA THR G 73 -53.55 -42.06 26.07
C THR G 73 -54.92 -42.67 25.87
N ASN G 74 -54.97 -44.00 25.71
CA ASN G 74 -56.24 -44.71 25.55
C ASN G 74 -56.00 -46.15 25.94
N GLY G 75 -56.52 -46.55 27.09
CA GLY G 75 -56.23 -47.87 27.63
C GLY G 75 -54.75 -48.02 27.94
N THR G 76 -54.28 -47.22 28.90
CA THR G 76 -52.88 -47.15 29.33
C THR G 76 -51.91 -47.25 28.15
N LYS G 77 -52.21 -46.51 27.09
CA LYS G 77 -51.37 -46.47 25.90
C LYS G 77 -50.14 -45.62 26.22
N ARG G 78 -49.06 -46.30 26.63
CA ARG G 78 -47.84 -45.64 27.06
C ARG G 78 -46.80 -45.74 25.94
N PHE G 79 -46.07 -44.67 25.72
CA PHE G 79 -45.04 -44.64 24.69
C PHE G 79 -43.66 -44.51 25.33
N ASP G 80 -42.72 -45.33 24.85
CA ASP G 80 -41.37 -45.32 25.40
C ASP G 80 -40.48 -44.34 24.63
N ASN G 81 -39.25 -44.19 25.11
CA ASN G 81 -38.26 -43.30 24.51
C ASN G 81 -36.84 -43.86 24.65
N PRO G 82 -36.57 -45.05 24.14
CA PRO G 82 -35.29 -45.69 24.47
C PRO G 82 -34.08 -45.04 23.83
N VAL G 83 -34.12 -44.73 22.54
CA VAL G 83 -32.94 -44.29 21.79
C VAL G 83 -33.20 -42.89 21.25
N LEU G 84 -32.24 -41.99 21.50
CA LEU G 84 -32.27 -40.62 21.00
C LEU G 84 -30.84 -40.14 20.85
N PRO G 85 -30.31 -40.07 19.64
CA PRO G 85 -28.91 -39.72 19.45
C PRO G 85 -28.66 -38.22 19.62
N PHE G 86 -27.49 -37.91 20.19
CA PHE G 86 -27.15 -36.53 20.50
C PHE G 86 -27.08 -35.67 19.24
N ASN G 87 -26.32 -36.11 18.24
CA ASN G 87 -26.20 -35.41 16.96
C ASN G 87 -25.69 -33.98 17.14
N ASP G 88 -24.51 -33.86 17.75
CA ASP G 88 -23.71 -32.64 17.84
C ASP G 88 -24.43 -31.48 18.51
N GLY G 89 -25.52 -31.71 19.21
CA GLY G 89 -26.28 -30.65 19.85
C GLY G 89 -27.74 -31.03 19.83
N VAL G 90 -28.49 -30.50 20.79
CA VAL G 90 -29.85 -30.97 21.05
C VAL G 90 -30.75 -29.80 21.38
N TYR G 91 -32.01 -29.91 21.00
CA TYR G 91 -33.08 -29.05 21.47
C TYR G 91 -33.94 -29.82 22.46
N PHE G 92 -34.72 -29.10 23.25
CA PHE G 92 -35.68 -29.75 24.11
C PHE G 92 -36.81 -28.79 24.47
N ALA G 93 -37.99 -29.35 24.66
CA ALA G 93 -39.14 -28.61 25.18
C ALA G 93 -40.15 -29.61 25.69
N SER G 94 -41.02 -29.13 26.57
CA SER G 94 -42.12 -29.93 27.10
C SER G 94 -43.12 -29.00 27.77
N THR G 95 -44.33 -29.50 27.97
CA THR G 95 -45.36 -28.74 28.67
C THR G 95 -46.32 -29.71 29.35
N GLU G 96 -46.54 -29.51 30.65
CA GLU G 96 -47.44 -30.34 31.44
C GLU G 96 -47.63 -29.70 32.79
N LYS G 97 -48.84 -29.80 33.34
CA LYS G 97 -49.08 -29.30 34.69
C LYS G 97 -48.23 -30.03 35.71
N SER G 98 -48.29 -31.36 35.70
CA SER G 98 -47.56 -32.15 36.68
C SER G 98 -46.07 -32.01 36.44
N ASN G 99 -45.31 -31.82 37.51
CA ASN G 99 -43.86 -31.68 37.38
C ASN G 99 -43.24 -33.06 37.19
N ILE G 100 -43.74 -33.80 36.21
CA ILE G 100 -43.26 -35.17 35.99
C ILE G 100 -41.87 -35.15 35.40
N ILE G 101 -41.51 -34.08 34.70
CA ILE G 101 -40.19 -33.94 34.10
C ILE G 101 -39.14 -34.07 35.19
N ARG G 102 -38.19 -35.00 35.01
CA ARG G 102 -37.16 -35.26 36.01
C ARG G 102 -35.88 -35.64 35.28
N GLY G 103 -35.03 -34.66 35.06
CA GLY G 103 -33.65 -34.90 34.64
C GLY G 103 -33.52 -35.33 33.20
N TRP G 104 -32.26 -35.44 32.78
CA TRP G 104 -31.89 -35.90 31.46
C TRP G 104 -30.68 -36.81 31.58
N ILE G 105 -30.49 -37.67 30.58
CA ILE G 105 -29.39 -38.60 30.55
C ILE G 105 -28.64 -38.42 29.24
N PHE G 106 -27.31 -38.44 29.33
CA PHE G 106 -26.46 -38.27 28.15
C PHE G 106 -25.35 -39.30 28.20
N GLY G 107 -24.89 -39.70 27.02
CA GLY G 107 -23.77 -40.60 26.90
C GLY G 107 -23.91 -41.46 25.66
N THR G 108 -22.88 -42.26 25.41
CA THR G 108 -22.83 -43.12 24.22
C THR G 108 -23.30 -44.53 24.51
N THR G 109 -22.65 -45.23 25.44
CA THR G 109 -22.99 -46.61 25.77
C THR G 109 -23.89 -46.73 26.97
N LEU G 110 -23.69 -45.89 28.00
CA LEU G 110 -24.48 -45.92 29.22
C LEU G 110 -24.43 -47.28 29.90
N ASP G 111 -23.26 -47.91 29.90
CA ASP G 111 -23.06 -49.20 30.55
C ASP G 111 -21.72 -49.22 31.27
N SER G 112 -21.44 -48.14 32.01
CA SER G 112 -20.18 -47.98 32.74
C SER G 112 -18.98 -48.01 31.79
N LYS G 113 -19.18 -47.52 30.56
CA LYS G 113 -18.10 -47.36 29.60
C LYS G 113 -17.78 -45.91 29.29
N THR G 114 -18.76 -45.02 29.34
CA THR G 114 -18.54 -43.60 29.23
C THR G 114 -19.30 -42.91 30.36
N GLN G 115 -18.72 -41.82 30.87
CA GLN G 115 -19.37 -41.05 31.92
C GLN G 115 -20.70 -40.51 31.41
N SER G 116 -21.74 -40.68 32.21
CA SER G 116 -23.09 -40.29 31.83
C SER G 116 -23.58 -39.16 32.72
N LEU G 117 -24.25 -38.18 32.11
CA LEU G 117 -24.76 -37.02 32.82
C LEU G 117 -26.15 -37.35 33.36
N LEU G 118 -26.28 -37.38 34.67
CA LEU G 118 -27.55 -37.66 35.33
C LEU G 118 -27.98 -36.44 36.12
N ILE G 119 -29.26 -36.10 36.02
CA ILE G 119 -29.83 -34.93 36.67
C ILE G 119 -30.99 -35.39 37.55
N VAL G 120 -30.99 -34.95 38.81
CA VAL G 120 -32.12 -35.13 39.70
C VAL G 120 -32.59 -33.74 40.12
N ASN G 121 -33.88 -33.49 39.96
CA ASN G 121 -34.46 -32.18 40.21
C ASN G 121 -35.43 -32.26 41.39
N ASN G 122 -36.07 -31.13 41.68
CA ASN G 122 -37.05 -31.01 42.75
C ASN G 122 -36.48 -31.50 44.06
N ALA G 123 -37.32 -32.12 44.88
CA ALA G 123 -36.93 -32.68 46.19
C ALA G 123 -36.20 -31.58 46.97
N THR G 124 -34.98 -31.85 47.46
CA THR G 124 -34.28 -30.82 48.23
C THR G 124 -33.65 -29.78 47.31
N ASN G 125 -32.70 -30.19 46.47
CA ASN G 125 -32.01 -29.29 45.57
C ASN G 125 -31.56 -30.08 44.34
N VAL G 126 -31.36 -29.37 43.24
CA VAL G 126 -30.98 -30.05 42.00
C VAL G 126 -29.55 -30.57 42.12
N VAL G 127 -29.34 -31.81 41.70
CA VAL G 127 -28.04 -32.45 41.75
C VAL G 127 -27.70 -33.01 40.37
N ILE G 128 -26.50 -32.70 39.92
CA ILE G 128 -25.98 -33.14 38.62
C ILE G 128 -24.75 -34.00 38.90
N LYS G 129 -24.72 -35.18 38.29
CA LYS G 129 -23.62 -36.11 38.50
C LYS G 129 -23.14 -36.66 37.16
N VAL G 130 -21.86 -37.02 37.11
CA VAL G 130 -21.25 -37.54 35.90
C VAL G 130 -20.64 -38.91 36.20
N CYS G 131 -21.31 -39.66 37.08
CA CYS G 131 -20.83 -40.95 37.52
C CYS G 131 -20.52 -41.87 36.34
N GLU G 132 -19.68 -42.87 36.58
CA GLU G 132 -19.44 -43.94 35.62
C GLU G 132 -20.31 -45.14 35.90
N PHE G 133 -21.51 -44.93 36.44
CA PHE G 133 -22.37 -46.02 36.84
C PHE G 133 -22.79 -46.84 35.61
N GLN G 134 -23.05 -48.12 35.85
CA GLN G 134 -23.42 -49.00 34.76
C GLN G 134 -24.79 -48.63 34.18
N PHE G 135 -25.79 -48.45 35.02
CA PHE G 135 -27.13 -48.11 34.56
C PHE G 135 -27.82 -47.30 35.64
N CYS G 136 -28.99 -46.76 35.28
CA CYS G 136 -29.81 -46.00 36.21
C CYS G 136 -30.04 -46.77 37.52
N ASN G 137 -29.50 -46.23 38.61
CA ASN G 137 -29.55 -46.93 39.89
C ASN G 137 -30.95 -46.95 40.46
N ASP G 138 -31.64 -45.81 40.40
CA ASP G 138 -32.92 -45.61 41.07
C ASP G 138 -32.84 -46.06 42.52
N PRO G 139 -31.90 -45.53 43.32
CA PRO G 139 -31.75 -46.04 44.69
C PRO G 139 -32.83 -45.52 45.62
N PHE G 140 -33.22 -44.26 45.46
CA PHE G 140 -34.17 -43.60 46.35
C PHE G 140 -35.14 -42.72 45.58
N LEU G 141 -35.28 -42.97 44.27
CA LEU G 141 -36.09 -42.10 43.44
C LEU G 141 -37.55 -42.06 43.86
N GLY G 142 -38.06 -43.12 44.48
CA GLY G 142 -39.37 -43.06 45.09
C GLY G 142 -39.26 -42.98 46.59
N VAL G 143 -39.47 -41.79 47.15
CA VAL G 143 -39.25 -41.58 48.58
C VAL G 143 -40.20 -40.54 49.15
N TYR G 144 -40.87 -40.89 50.24
CA TYR G 144 -41.66 -39.95 51.05
C TYR G 144 -42.62 -39.16 50.18
N TYR G 145 -43.25 -39.82 49.23
CA TYR G 145 -44.10 -39.13 48.27
C TYR G 145 -45.57 -39.24 48.68
N HIS G 146 -46.39 -38.35 48.11
CA HIS G 146 -47.81 -38.19 48.44
C HIS G 146 -47.89 -37.90 49.94
N LYS G 147 -48.66 -38.68 50.71
CA LYS G 147 -48.73 -38.49 52.15
C LYS G 147 -48.59 -39.83 52.87
N ASN G 148 -47.57 -40.59 52.48
CA ASN G 148 -47.21 -41.78 53.24
C ASN G 148 -46.78 -41.43 54.66
N ASN G 149 -46.16 -40.25 54.83
CA ASN G 149 -45.86 -39.62 56.12
C ASN G 149 -45.29 -40.60 57.15
N LYS G 150 -44.51 -41.58 56.68
CA LYS G 150 -43.76 -42.46 57.56
C LYS G 150 -42.41 -42.75 56.93
N SER G 151 -41.36 -42.67 57.73
CA SER G 151 -39.99 -42.77 57.24
C SER G 151 -39.43 -44.19 57.47
N TRP G 152 -39.94 -45.13 56.69
CA TRP G 152 -39.46 -46.51 56.82
C TRP G 152 -38.04 -46.65 56.30
N MET G 153 -37.78 -46.14 55.10
CA MET G 153 -36.47 -46.13 54.46
C MET G 153 -35.98 -47.56 54.18
N GLU G 154 -36.76 -48.56 54.59
CA GLU G 154 -36.35 -49.94 54.39
C GLU G 154 -36.56 -50.37 52.94
N SER G 155 -37.62 -49.89 52.30
CA SER G 155 -37.92 -50.31 50.94
C SER G 155 -36.97 -49.65 49.94
N GLU G 156 -36.86 -50.28 48.78
CA GLU G 156 -36.01 -49.79 47.69
C GLU G 156 -36.67 -50.11 46.37
N PHE G 157 -36.20 -49.45 45.31
CA PHE G 157 -36.76 -49.67 43.98
C PHE G 157 -36.44 -51.09 43.54
N ARG G 158 -37.46 -51.81 43.06
CA ARG G 158 -37.38 -53.26 42.97
C ARG G 158 -36.63 -53.71 41.72
N VAL G 159 -37.14 -53.34 40.54
CA VAL G 159 -36.82 -54.10 39.33
C VAL G 159 -35.36 -53.97 38.93
N TYR G 160 -34.62 -53.01 39.48
CA TYR G 160 -33.24 -52.81 39.08
C TYR G 160 -32.36 -52.53 40.29
N SER G 161 -31.06 -52.78 40.10
CA SER G 161 -30.04 -52.61 41.13
C SER G 161 -29.40 -51.22 41.02
N SER G 162 -28.30 -51.02 41.73
CA SER G 162 -27.61 -49.73 41.80
C SER G 162 -26.11 -49.92 41.63
N ALA G 163 -25.44 -48.85 41.19
CA ALA G 163 -23.98 -48.84 41.09
C ALA G 163 -23.40 -47.90 42.15
N ASN G 164 -22.07 -47.76 42.16
CA ASN G 164 -21.40 -46.97 43.18
C ASN G 164 -20.40 -45.95 42.64
N ASN G 165 -19.78 -46.18 41.49
CA ASN G 165 -18.73 -45.29 40.99
C ASN G 165 -19.31 -43.93 40.63
N CYS G 166 -18.70 -42.87 41.12
CA CYS G 166 -19.08 -41.50 40.77
C CYS G 166 -17.89 -40.56 40.91
N THR G 167 -18.06 -39.40 40.26
CA THR G 167 -17.13 -38.28 40.37
C THR G 167 -17.89 -37.02 40.02
N PHE G 168 -17.40 -35.89 40.54
CA PHE G 168 -17.91 -34.57 40.20
C PHE G 168 -19.41 -34.45 40.51
N GLU G 169 -19.72 -34.51 41.80
CA GLU G 169 -21.07 -34.20 42.27
C GLU G 169 -21.26 -32.69 42.31
N TYR G 170 -22.39 -32.22 41.78
CA TYR G 170 -22.70 -30.81 41.78
C TYR G 170 -24.11 -30.60 42.32
N VAL G 171 -24.27 -29.63 43.22
CA VAL G 171 -25.56 -29.36 43.85
C VAL G 171 -25.84 -27.87 43.75
N SER G 172 -27.09 -27.52 43.45
CA SER G 172 -27.49 -26.12 43.39
C SER G 172 -29.00 -26.03 43.58
N GLN G 173 -29.50 -24.80 43.57
CA GLN G 173 -30.93 -24.58 43.65
C GLN G 173 -31.61 -25.17 42.42
N PRO G 174 -32.73 -25.89 42.58
CA PRO G 174 -33.38 -26.52 41.42
C PRO G 174 -33.77 -25.54 40.34
N PHE G 175 -33.11 -25.66 39.18
CA PHE G 175 -33.45 -24.81 38.04
C PHE G 175 -34.66 -25.31 37.27
N LEU G 176 -35.03 -26.58 37.45
CA LEU G 176 -36.23 -27.10 36.83
C LEU G 176 -37.44 -26.58 37.59
N MET G 177 -37.71 -25.29 37.47
CA MET G 177 -38.71 -24.60 38.27
C MET G 177 -40.10 -24.90 37.71
N ASP G 178 -41.02 -25.32 38.57
CA ASP G 178 -42.38 -25.57 38.12
C ASP G 178 -43.21 -24.29 38.05
N LEU G 179 -42.62 -23.16 38.44
CA LEU G 179 -43.30 -21.86 38.50
C LEU G 179 -44.51 -22.02 39.40
N GLU G 180 -45.73 -21.81 38.92
CA GLU G 180 -46.92 -21.93 39.72
C GLU G 180 -47.75 -23.08 39.16
N GLY G 181 -47.69 -24.23 39.84
CA GLY G 181 -48.39 -25.41 39.35
C GLY G 181 -49.83 -25.39 39.79
N LYS G 182 -50.72 -24.98 38.89
CA LYS G 182 -52.15 -24.90 39.22
C LYS G 182 -52.98 -25.40 38.06
N GLN G 183 -54.29 -25.25 38.14
CA GLN G 183 -55.15 -25.65 37.04
C GLN G 183 -55.56 -24.43 36.25
N GLY G 184 -54.60 -23.58 35.89
CA GLY G 184 -54.87 -22.39 35.09
C GLY G 184 -54.96 -22.73 33.63
N ASN G 185 -54.51 -21.81 32.79
CA ASN G 185 -54.46 -22.11 31.37
C ASN G 185 -53.13 -22.79 31.19
N PHE G 186 -52.76 -23.09 29.96
CA PHE G 186 -51.44 -23.65 29.77
C PHE G 186 -50.48 -22.55 30.22
N LYS G 187 -49.65 -22.84 31.21
CA LYS G 187 -48.72 -21.86 31.75
C LYS G 187 -47.24 -22.28 31.79
N ASN G 188 -46.94 -23.52 31.46
CA ASN G 188 -45.56 -23.98 31.59
C ASN G 188 -45.02 -24.39 30.23
N LEU G 189 -43.89 -23.79 29.84
CA LEU G 189 -43.11 -24.21 28.69
C LEU G 189 -41.64 -24.04 29.01
N ARG G 190 -40.91 -25.15 29.08
CA ARG G 190 -39.48 -25.13 29.37
C ARG G 190 -38.69 -25.39 28.10
N GLU G 191 -37.64 -24.60 27.89
CA GLU G 191 -36.84 -24.73 26.67
C GLU G 191 -35.42 -25.03 27.08
N PHE G 192 -35.23 -26.17 27.72
CA PHE G 192 -33.90 -26.52 28.18
C PHE G 192 -33.01 -26.89 27.00
N VAL G 193 -32.12 -25.98 26.63
CA VAL G 193 -31.25 -26.23 25.49
C VAL G 193 -29.88 -26.67 25.96
N PHE G 194 -29.42 -27.82 25.46
CA PHE G 194 -28.14 -28.36 25.88
C PHE G 194 -27.15 -28.29 24.72
N LYS G 195 -25.95 -27.79 24.99
CA LYS G 195 -24.88 -27.71 24.01
C LYS G 195 -23.64 -28.37 24.59
N ASN G 196 -22.84 -28.98 23.72
CA ASN G 196 -21.59 -29.63 24.13
C ASN G 196 -20.43 -28.99 23.38
N ILE G 197 -19.52 -28.37 24.13
CA ILE G 197 -18.25 -27.92 23.60
C ILE G 197 -17.15 -28.37 24.56
N ASP G 198 -15.91 -28.31 24.08
CA ASP G 198 -14.78 -28.79 24.88
C ASP G 198 -14.65 -28.00 26.17
N GLY G 199 -14.87 -26.68 26.11
CA GLY G 199 -14.71 -25.86 27.29
C GLY G 199 -15.66 -26.26 28.41
N TYR G 200 -16.93 -26.44 28.09
CA TYR G 200 -17.93 -26.75 29.11
C TYR G 200 -19.26 -27.11 28.46
N PHE G 201 -20.00 -28.00 29.10
CA PHE G 201 -21.36 -28.31 28.70
C PHE G 201 -22.26 -27.14 29.03
N LYS G 202 -22.87 -26.54 28.02
CA LYS G 202 -23.61 -25.30 28.20
C LYS G 202 -25.10 -25.58 28.24
N ILE G 203 -25.82 -24.85 29.09
CA ILE G 203 -27.24 -25.07 29.31
C ILE G 203 -27.97 -23.75 29.25
N TYR G 204 -29.15 -23.75 28.63
CA TYR G 204 -30.00 -22.58 28.57
C TYR G 204 -31.42 -22.96 28.96
N SER G 205 -32.18 -21.98 29.43
CA SER G 205 -33.55 -22.22 29.83
C SER G 205 -34.37 -20.96 29.60
N LYS G 206 -35.68 -21.14 29.47
CA LYS G 206 -36.60 -20.02 29.38
C LYS G 206 -38.00 -20.54 29.69
N HIS G 207 -38.59 -20.07 30.79
CA HIS G 207 -39.91 -20.50 31.22
C HIS G 207 -40.93 -19.51 30.70
N THR G 208 -41.82 -19.96 29.82
CA THR G 208 -42.77 -19.08 29.16
C THR G 208 -44.19 -19.61 29.28
N PRO G 209 -45.15 -18.74 29.57
CA PRO G 209 -46.56 -19.14 29.51
C PRO G 209 -47.16 -18.92 28.13
N ILE G 210 -47.70 -19.98 27.54
CA ILE G 210 -48.33 -19.92 26.22
C ILE G 210 -49.68 -20.63 26.32
N ASN G 211 -50.67 -20.12 25.58
CA ASN G 211 -52.03 -20.65 25.71
C ASN G 211 -52.34 -21.77 24.73
N LEU G 212 -51.37 -22.24 23.94
CA LEU G 212 -51.58 -23.35 23.04
C LEU G 212 -50.72 -24.54 23.47
N VAL G 213 -51.28 -25.74 23.45
CA VAL G 213 -50.53 -26.93 23.83
C VAL G 213 -50.00 -27.66 22.59
N ARG G 214 -50.86 -27.87 21.59
CA ARG G 214 -50.43 -28.60 20.40
C ARG G 214 -49.55 -27.72 19.51
N ASP G 215 -49.87 -26.44 19.41
CA ASP G 215 -49.16 -25.52 18.54
C ASP G 215 -47.97 -24.91 19.28
N LEU G 216 -46.78 -25.11 18.74
CA LEU G 216 -45.61 -24.47 19.31
C LEU G 216 -45.73 -22.95 19.15
N PRO G 217 -45.47 -22.17 20.19
CA PRO G 217 -45.64 -20.72 20.09
C PRO G 217 -44.73 -20.11 19.03
N GLN G 218 -45.26 -19.11 18.34
CA GLN G 218 -44.53 -18.42 17.28
C GLN G 218 -43.92 -17.10 17.76
N GLY G 219 -44.08 -16.77 19.04
CA GLY G 219 -43.47 -15.56 19.57
C GLY G 219 -41.97 -15.66 19.64
N PHE G 220 -41.32 -14.50 19.65
CA PHE G 220 -39.87 -14.43 19.59
C PHE G 220 -39.29 -14.27 20.99
N SER G 221 -39.01 -15.41 21.61
CA SER G 221 -38.39 -15.44 22.92
C SER G 221 -36.89 -15.72 22.81
N ALA G 222 -36.17 -15.45 23.89
CA ALA G 222 -34.73 -15.63 23.93
C ALA G 222 -34.34 -16.47 25.13
N LEU G 223 -33.19 -17.12 25.02
CA LEU G 223 -32.67 -17.95 26.10
C LEU G 223 -31.64 -17.19 26.93
N GLU G 224 -31.37 -17.72 28.12
CA GLU G 224 -30.39 -17.15 29.03
C GLU G 224 -29.52 -18.27 29.57
N PRO G 225 -28.23 -18.03 29.77
CA PRO G 225 -27.36 -19.08 30.28
C PRO G 225 -27.72 -19.44 31.72
N LEU G 226 -27.44 -20.68 32.08
CA LEU G 226 -27.78 -21.20 33.40
C LEU G 226 -26.56 -21.57 34.22
N VAL G 227 -25.67 -22.41 33.71
CA VAL G 227 -24.55 -22.92 34.48
C VAL G 227 -23.36 -23.12 33.54
N ASP G 228 -22.16 -23.14 34.13
CA ASP G 228 -20.90 -23.34 33.42
C ASP G 228 -20.20 -24.53 34.07
N LEU G 229 -20.51 -25.74 33.59
CA LEU G 229 -19.90 -26.95 34.12
C LEU G 229 -18.85 -27.43 33.14
N PRO G 230 -17.58 -27.49 33.53
CA PRO G 230 -16.52 -27.87 32.59
C PRO G 230 -16.40 -29.38 32.51
N ILE G 231 -16.57 -29.91 31.29
CA ILE G 231 -16.38 -31.34 31.04
C ILE G 231 -16.06 -31.51 29.57
N GLY G 232 -15.29 -32.54 29.26
CA GLY G 232 -14.91 -32.81 27.88
C GLY G 232 -15.19 -34.23 27.46
N ILE G 233 -16.21 -34.85 28.03
CA ILE G 233 -16.56 -36.23 27.73
C ILE G 233 -17.44 -36.27 26.48
N ASN G 234 -17.37 -37.40 25.78
CA ASN G 234 -18.09 -37.57 24.53
C ASN G 234 -19.53 -37.98 24.79
N ILE G 235 -20.47 -37.34 24.10
CA ILE G 235 -21.89 -37.65 24.19
C ILE G 235 -22.41 -37.95 22.79
N THR G 236 -23.02 -39.11 22.62
CA THR G 236 -23.59 -39.52 21.35
C THR G 236 -25.09 -39.76 21.40
N ARG G 237 -25.66 -39.98 22.57
CA ARG G 237 -27.08 -40.23 22.70
C ARG G 237 -27.60 -39.51 23.95
N PHE G 238 -28.88 -39.14 23.91
CA PHE G 238 -29.52 -38.52 25.06
C PHE G 238 -30.85 -39.22 25.31
N GLN G 239 -31.45 -38.89 26.44
CA GLN G 239 -32.71 -39.48 26.86
C GLN G 239 -33.20 -38.70 28.07
N THR G 240 -34.37 -39.09 28.58
CA THR G 240 -34.85 -38.57 29.85
C THR G 240 -35.65 -39.66 30.54
N LEU G 241 -35.37 -39.88 31.82
CA LEU G 241 -36.06 -40.89 32.60
C LEU G 241 -37.01 -40.20 33.57
N LEU G 242 -38.29 -40.20 33.21
CA LEU G 242 -39.38 -39.85 34.11
C LEU G 242 -39.98 -41.10 34.76
N ALA G 243 -39.32 -42.24 34.55
CA ALA G 243 -39.80 -43.55 34.99
C ALA G 243 -39.54 -43.81 36.48
N LEU G 244 -39.07 -42.82 37.23
CA LEU G 244 -39.07 -42.97 38.68
C LEU G 244 -40.50 -42.93 39.19
N HIS G 245 -40.72 -43.54 40.35
CA HIS G 245 -42.02 -43.87 40.91
C HIS G 245 -42.95 -44.52 39.90
N ARG G 246 -42.41 -45.21 38.88
CA ARG G 246 -43.25 -45.93 37.94
C ARG G 246 -43.88 -47.16 38.56
N SER G 247 -43.24 -47.72 39.58
CA SER G 247 -43.82 -48.85 40.30
C SER G 247 -45.10 -48.42 41.00
N TYR G 248 -46.02 -49.37 41.16
CA TYR G 248 -47.32 -49.12 41.76
C TYR G 248 -47.24 -48.94 43.27
N LEU G 249 -46.03 -48.81 43.82
CA LEU G 249 -45.75 -48.99 45.25
C LEU G 249 -46.20 -50.41 45.58
N THR G 250 -47.17 -50.62 46.45
CA THR G 250 -47.73 -51.95 46.60
C THR G 250 -48.56 -52.28 45.36
N PRO G 251 -48.47 -53.50 44.82
CA PRO G 251 -49.28 -53.82 43.64
C PRO G 251 -50.78 -53.59 43.85
N GLY G 252 -51.29 -53.89 45.05
CA GLY G 252 -52.65 -53.53 45.36
C GLY G 252 -52.83 -52.04 45.53
N ASP G 253 -51.78 -51.35 46.00
CA ASP G 253 -51.86 -49.90 46.21
C ASP G 253 -52.10 -49.19 44.88
N SER G 254 -51.37 -49.58 43.84
CA SER G 254 -51.62 -49.11 42.47
C SER G 254 -51.56 -47.59 42.37
N SER G 255 -50.42 -47.02 42.79
CA SER G 255 -50.18 -45.58 42.72
C SER G 255 -48.73 -45.37 42.30
N SER G 256 -48.52 -45.14 41.00
CA SER G 256 -47.21 -44.73 40.48
C SER G 256 -47.25 -43.22 40.27
N GLY G 257 -47.06 -42.49 41.36
CA GLY G 257 -47.45 -41.09 41.35
C GLY G 257 -48.96 -41.06 41.26
N TRP G 258 -49.49 -40.72 40.09
CA TRP G 258 -50.88 -41.06 39.78
C TRP G 258 -50.92 -42.50 39.25
N THR G 259 -50.34 -42.73 38.08
CA THR G 259 -50.17 -44.03 37.43
C THR G 259 -49.13 -43.88 36.34
N ALA G 260 -48.07 -44.69 36.40
CA ALA G 260 -46.99 -44.70 35.40
C ALA G 260 -46.46 -43.27 35.28
N GLY G 261 -46.35 -42.72 34.07
CA GLY G 261 -45.88 -41.36 33.89
C GLY G 261 -46.28 -40.79 32.54
N ALA G 262 -45.67 -39.67 32.14
CA ALA G 262 -45.93 -39.05 30.85
C ALA G 262 -44.81 -38.07 30.54
N ALA G 263 -44.53 -37.91 29.24
CA ALA G 263 -43.44 -37.01 28.83
C ALA G 263 -43.64 -36.61 27.37
N ALA G 264 -43.40 -35.34 27.09
CA ALA G 264 -43.42 -34.81 25.73
C ALA G 264 -42.07 -34.92 25.04
N TYR G 265 -41.02 -34.41 25.69
CA TYR G 265 -39.66 -34.32 25.18
C TYR G 265 -39.64 -34.01 23.68
N TYR G 266 -40.36 -32.95 23.31
CA TYR G 266 -40.23 -32.33 22.00
C TYR G 266 -38.77 -31.98 21.74
N VAL G 267 -38.19 -32.53 20.66
CA VAL G 267 -36.75 -32.41 20.43
C VAL G 267 -36.47 -31.96 19.00
N GLY G 268 -35.17 -31.76 18.73
CA GLY G 268 -34.68 -31.37 17.42
C GLY G 268 -33.17 -31.23 17.43
N TYR G 269 -32.62 -31.04 16.24
CA TYR G 269 -31.18 -30.94 16.04
C TYR G 269 -30.79 -29.57 15.49
N LEU G 270 -29.52 -29.24 15.60
CA LEU G 270 -29.06 -27.86 15.43
C LEU G 270 -28.82 -27.44 13.98
N GLN G 271 -27.83 -28.05 13.31
CA GLN G 271 -27.41 -27.60 11.98
C GLN G 271 -26.94 -26.15 12.03
N PRO G 272 -25.76 -25.89 12.59
CA PRO G 272 -25.33 -24.50 12.82
C PRO G 272 -25.30 -23.64 11.56
N ARG G 273 -25.33 -22.33 11.76
CA ARG G 273 -25.37 -21.37 10.67
C ARG G 273 -24.89 -20.01 11.19
N THR G 274 -25.16 -18.96 10.41
CA THR G 274 -24.82 -17.59 10.75
C THR G 274 -26.10 -16.79 10.93
N PHE G 275 -26.23 -16.12 12.06
CA PHE G 275 -27.41 -15.32 12.37
C PHE G 275 -27.04 -13.84 12.49
N LEU G 276 -28.08 -13.02 12.43
CA LEU G 276 -27.98 -11.58 12.67
C LEU G 276 -28.96 -11.24 13.77
N LEU G 277 -28.45 -10.85 14.93
CA LEU G 277 -29.24 -10.57 16.12
C LEU G 277 -29.28 -9.08 16.34
N LYS G 278 -30.46 -8.54 16.68
CA LYS G 278 -30.61 -7.12 16.95
C LYS G 278 -30.94 -6.92 18.42
N TYR G 279 -29.96 -6.50 19.20
CA TYR G 279 -30.21 -6.15 20.59
C TYR G 279 -31.05 -4.89 20.67
N ASN G 280 -31.95 -4.84 21.66
CA ASN G 280 -32.84 -3.70 21.81
C ASN G 280 -32.17 -2.59 22.61
N GLU G 281 -32.95 -1.59 23.00
CA GLU G 281 -32.40 -0.51 23.81
C GLU G 281 -31.97 -1.00 25.18
N ASN G 282 -32.78 -1.85 25.81
CA ASN G 282 -32.48 -2.27 27.18
C ASN G 282 -31.36 -3.30 27.23
N GLY G 283 -31.30 -4.19 26.25
CA GLY G 283 -30.24 -5.19 26.24
C GLY G 283 -30.70 -6.61 25.94
N THR G 284 -31.93 -6.76 25.47
CA THR G 284 -32.47 -8.06 25.11
C THR G 284 -32.52 -8.19 23.58
N ILE G 285 -32.93 -9.37 23.12
CA ILE G 285 -33.00 -9.68 21.70
C ILE G 285 -34.43 -9.50 21.23
N THR G 286 -34.63 -8.59 20.28
CA THR G 286 -35.96 -8.28 19.76
C THR G 286 -36.23 -8.93 18.42
N ASP G 287 -35.20 -9.08 17.58
CA ASP G 287 -35.38 -9.73 16.29
C ASP G 287 -34.09 -10.38 15.83
N ALA G 288 -34.20 -11.62 15.37
CA ALA G 288 -33.09 -12.35 14.80
C ALA G 288 -33.46 -12.80 13.41
N VAL G 289 -32.51 -12.71 12.49
CA VAL G 289 -32.74 -13.06 11.10
C VAL G 289 -31.65 -14.00 10.60
N ASP G 290 -32.05 -14.97 9.80
CA ASP G 290 -31.13 -15.92 9.21
C ASP G 290 -30.51 -15.34 7.95
N CYS G 291 -29.48 -16.02 7.44
CA CYS G 291 -28.79 -15.62 6.23
C CYS G 291 -29.08 -16.54 5.05
N ALA G 292 -28.90 -17.84 5.22
CA ALA G 292 -29.07 -18.79 4.12
C ALA G 292 -30.50 -19.30 3.99
N LEU G 293 -31.44 -18.76 4.77
CA LEU G 293 -32.82 -19.22 4.70
C LEU G 293 -33.42 -18.95 3.32
N ASP G 294 -33.17 -17.77 2.78
CA ASP G 294 -33.75 -17.38 1.50
C ASP G 294 -32.87 -16.31 0.88
N PRO G 295 -33.00 -16.06 -0.42
CA PRO G 295 -32.25 -14.94 -1.01
C PRO G 295 -32.55 -13.61 -0.34
N LEU G 296 -33.79 -13.39 0.09
CA LEU G 296 -34.08 -12.20 0.86
C LEU G 296 -33.31 -12.19 2.17
N SER G 297 -33.15 -13.36 2.79
CA SER G 297 -32.35 -13.45 4.01
C SER G 297 -30.89 -13.11 3.73
N GLU G 298 -30.35 -13.59 2.61
CA GLU G 298 -28.98 -13.24 2.27
C GLU G 298 -28.84 -11.74 2.05
N THR G 299 -29.83 -11.13 1.39
CA THR G 299 -29.79 -9.68 1.19
C THR G 299 -29.82 -8.94 2.51
N LYS G 300 -30.69 -9.36 3.43
CA LYS G 300 -30.77 -8.73 4.74
C LYS G 300 -29.45 -8.85 5.49
N CYS G 301 -28.83 -10.03 5.43
CA CYS G 301 -27.55 -10.21 6.12
C CYS G 301 -26.48 -9.32 5.51
N THR G 302 -26.39 -9.26 4.18
CA THR G 302 -25.34 -8.46 3.56
C THR G 302 -25.53 -6.97 3.84
N LEU G 303 -26.76 -6.48 3.77
CA LEU G 303 -26.98 -5.07 4.06
C LEU G 303 -26.93 -4.74 5.54
N LYS G 304 -26.93 -5.73 6.42
CA LYS G 304 -26.94 -5.51 7.87
C LYS G 304 -28.12 -4.66 8.30
N SER G 305 -29.29 -4.93 7.74
CA SER G 305 -30.48 -4.14 8.01
C SER G 305 -31.70 -5.06 8.07
N PHE G 306 -32.85 -4.46 8.34
CA PHE G 306 -34.12 -5.17 8.42
C PHE G 306 -35.10 -4.81 7.32
N THR G 307 -34.85 -3.73 6.58
CA THR G 307 -35.72 -3.32 5.48
C THR G 307 -34.85 -2.95 4.30
N VAL G 308 -34.82 -3.79 3.28
CA VAL G 308 -34.06 -3.52 2.07
C VAL G 308 -34.87 -2.59 1.18
N GLU G 309 -34.26 -1.49 0.75
CA GLU G 309 -35.00 -0.44 0.04
C GLU G 309 -35.59 -0.94 -1.27
N LYS G 310 -34.74 -1.21 -2.26
CA LYS G 310 -35.17 -1.68 -3.58
C LYS G 310 -33.96 -1.87 -4.47
N GLY G 311 -34.17 -2.39 -5.68
CA GLY G 311 -33.11 -2.39 -6.66
C GLY G 311 -32.50 -3.75 -6.92
N ILE G 312 -31.18 -3.79 -7.04
CA ILE G 312 -30.45 -5.03 -7.33
C ILE G 312 -29.20 -5.06 -6.45
N TYR G 313 -28.89 -6.24 -5.92
CA TYR G 313 -27.76 -6.40 -5.02
C TYR G 313 -26.99 -7.66 -5.41
N GLN G 314 -25.68 -7.64 -5.18
CA GLN G 314 -24.82 -8.78 -5.46
C GLN G 314 -24.35 -9.34 -4.12
N THR G 315 -24.96 -10.45 -3.70
CA THR G 315 -24.61 -11.04 -2.42
C THR G 315 -23.33 -11.86 -2.51
N SER G 316 -23.33 -12.91 -3.32
CA SER G 316 -22.19 -13.80 -3.39
C SER G 316 -22.18 -14.46 -4.78
N ASN G 317 -21.32 -15.48 -4.92
CA ASN G 317 -21.16 -16.20 -6.16
C ASN G 317 -21.35 -17.68 -5.92
N PHE G 318 -21.81 -18.38 -6.94
CA PHE G 318 -22.04 -19.82 -6.87
C PHE G 318 -21.07 -20.53 -7.79
N ARG G 319 -20.58 -21.67 -7.32
CA ARG G 319 -19.64 -22.51 -8.05
C ARG G 319 -20.09 -23.96 -7.96
N VAL G 320 -19.79 -24.74 -8.99
CA VAL G 320 -20.16 -26.14 -9.00
C VAL G 320 -19.15 -26.92 -8.16
N GLN G 321 -19.65 -27.66 -7.16
CA GLN G 321 -18.77 -28.40 -6.30
C GLN G 321 -18.20 -29.62 -7.04
N PRO G 322 -16.97 -30.02 -6.72
CA PRO G 322 -16.39 -31.20 -7.36
C PRO G 322 -17.15 -32.47 -6.98
N THR G 323 -17.19 -33.41 -7.94
CA THR G 323 -17.95 -34.63 -7.76
C THR G 323 -17.10 -35.76 -7.15
N GLU G 324 -16.03 -36.14 -7.82
CA GLU G 324 -15.19 -37.25 -7.38
C GLU G 324 -13.74 -36.90 -7.64
N SER G 325 -12.87 -37.89 -7.53
CA SER G 325 -11.42 -37.70 -7.67
C SER G 325 -10.89 -38.56 -8.81
N ILE G 326 -9.84 -38.06 -9.46
CA ILE G 326 -9.21 -38.73 -10.60
C ILE G 326 -7.72 -38.79 -10.31
N VAL G 327 -7.26 -39.95 -9.83
CA VAL G 327 -5.85 -40.18 -9.56
C VAL G 327 -5.27 -40.99 -10.72
N ARG G 328 -4.21 -40.48 -11.34
CA ARG G 328 -3.66 -41.09 -12.54
C ARG G 328 -2.14 -41.06 -12.44
N PHE G 329 -1.55 -42.23 -12.22
CA PHE G 329 -0.11 -42.38 -12.06
C PHE G 329 0.42 -43.43 -13.02
N PRO G 330 1.67 -43.30 -13.45
CA PRO G 330 2.28 -44.35 -14.27
C PRO G 330 2.42 -45.66 -13.50
N ASN G 331 2.41 -46.76 -14.25
CA ASN G 331 2.40 -48.11 -13.68
C ASN G 331 3.81 -48.68 -13.55
N ILE G 332 4.36 -48.60 -12.34
CA ILE G 332 5.66 -49.16 -12.00
C ILE G 332 5.56 -49.81 -10.63
N THR G 333 6.23 -50.96 -10.45
CA THR G 333 6.25 -51.66 -9.18
C THR G 333 7.67 -51.84 -8.64
N ASN G 334 8.63 -51.08 -9.14
CA ASN G 334 10.01 -51.23 -8.70
C ASN G 334 10.20 -50.66 -7.30
N LEU G 335 11.21 -51.17 -6.60
CA LEU G 335 11.54 -50.74 -5.25
C LEU G 335 12.97 -50.24 -5.21
N CYS G 336 13.24 -49.36 -4.24
CA CYS G 336 14.58 -48.80 -4.09
C CYS G 336 14.92 -48.53 -2.62
N PRO G 337 15.02 -49.57 -1.78
CA PRO G 337 15.37 -49.37 -0.36
C PRO G 337 16.87 -49.47 -0.11
N PHE G 338 17.64 -48.65 -0.81
CA PHE G 338 19.09 -48.71 -0.72
C PHE G 338 19.63 -47.86 0.45
N GLY G 339 19.06 -48.07 1.63
CA GLY G 339 19.50 -47.40 2.83
C GLY G 339 20.11 -48.30 3.87
N GLU G 340 20.40 -49.56 3.55
CA GLU G 340 20.96 -50.53 4.48
C GLU G 340 20.06 -50.75 5.69
N VAL G 341 18.76 -50.50 5.53
CA VAL G 341 17.77 -50.67 6.60
C VAL G 341 18.17 -49.89 7.85
N ALA G 344 27.93 -52.49 7.07
CA ALA G 344 28.31 -53.44 6.03
C ALA G 344 29.28 -52.82 5.04
N THR G 345 29.02 -51.57 4.65
CA THR G 345 29.88 -50.85 3.73
C THR G 345 30.64 -49.70 4.36
N ARG G 346 30.22 -49.24 5.55
CA ARG G 346 30.90 -48.17 6.29
C ARG G 346 31.00 -46.88 5.51
N PHE G 347 30.19 -46.75 4.45
CA PHE G 347 30.20 -45.58 3.57
C PHE G 347 31.60 -45.19 3.14
N ALA G 348 31.92 -43.90 3.23
CA ALA G 348 33.21 -43.38 2.84
C ALA G 348 33.42 -42.04 3.54
N SER G 349 34.43 -41.30 3.09
CA SER G 349 34.75 -40.02 3.69
C SER G 349 33.80 -38.93 3.18
N VAL G 350 33.82 -37.79 3.88
CA VAL G 350 32.92 -36.69 3.53
C VAL G 350 33.32 -36.06 2.21
N TYR G 351 34.61 -35.86 1.98
CA TYR G 351 35.07 -35.23 0.75
C TYR G 351 34.88 -36.13 -0.46
N ALA G 352 34.56 -37.41 -0.27
CA ALA G 352 34.44 -38.37 -1.35
C ALA G 352 33.08 -39.06 -1.30
N TRP G 353 32.01 -38.28 -1.19
CA TRP G 353 30.68 -38.84 -1.12
C TRP G 353 30.27 -39.42 -2.47
N ASN G 354 29.32 -40.36 -2.41
CA ASN G 354 28.80 -41.03 -3.59
C ASN G 354 27.42 -40.47 -3.93
N ARG G 355 27.17 -40.30 -5.22
CA ARG G 355 25.90 -39.80 -5.74
C ARG G 355 25.20 -40.94 -6.48
N LYS G 356 24.21 -41.54 -5.84
CA LYS G 356 23.42 -42.60 -6.45
C LYS G 356 22.09 -42.01 -6.91
N ARG G 357 21.85 -42.05 -8.22
CA ARG G 357 20.63 -41.51 -8.79
C ARG G 357 19.60 -42.62 -8.90
N ILE G 358 18.42 -42.37 -8.32
CA ILE G 358 17.35 -43.36 -8.26
C ILE G 358 16.16 -42.84 -9.06
N SER G 359 15.66 -43.66 -9.97
CA SER G 359 14.50 -43.30 -10.78
C SER G 359 13.70 -44.55 -11.09
N ASN G 360 12.45 -44.32 -11.50
CA ASN G 360 11.53 -45.40 -11.87
C ASN G 360 11.33 -46.37 -10.72
N CYS G 361 11.02 -45.80 -9.55
CA CYS G 361 10.85 -46.58 -8.34
C CYS G 361 9.56 -46.19 -7.64
N VAL G 362 8.95 -47.16 -6.98
CA VAL G 362 7.73 -46.96 -6.20
C VAL G 362 7.96 -47.64 -4.85
N ALA G 363 8.36 -46.86 -3.85
CA ALA G 363 8.69 -47.40 -2.53
C ALA G 363 7.87 -46.71 -1.47
N ASP G 364 7.61 -47.44 -0.38
CA ASP G 364 6.86 -46.93 0.76
C ASP G 364 7.68 -45.87 1.47
N TYR G 365 7.35 -44.60 1.23
CA TYR G 365 8.05 -43.52 1.93
C TYR G 365 7.41 -43.29 3.29
N SER G 366 7.21 -44.37 4.04
CA SER G 366 6.73 -44.31 5.41
C SER G 366 7.70 -44.91 6.41
N VAL G 367 8.28 -46.07 6.10
CA VAL G 367 9.28 -46.67 6.97
C VAL G 367 10.55 -45.84 7.06
N LEU G 368 10.75 -44.90 6.13
CA LEU G 368 11.93 -44.06 6.17
C LEU G 368 11.99 -43.19 7.42
N TYR G 369 10.85 -42.96 8.07
CA TYR G 369 10.83 -42.33 9.38
C TYR G 369 10.36 -43.25 10.48
N ASN G 370 9.70 -44.37 10.16
CA ASN G 370 9.33 -45.34 11.16
C ASN G 370 10.54 -46.05 11.76
N SER G 371 11.71 -45.94 11.13
CA SER G 371 12.92 -46.55 11.65
C SER G 371 13.32 -45.86 12.94
N ALA G 372 13.11 -46.54 14.08
CA ALA G 372 13.47 -45.98 15.37
C ALA G 372 14.98 -45.90 15.55
N SER G 373 15.76 -46.64 14.76
CA SER G 373 17.21 -46.57 14.85
C SER G 373 17.72 -45.18 14.48
N PHE G 374 16.95 -44.43 13.69
CA PHE G 374 17.35 -43.09 13.28
C PHE G 374 17.30 -42.17 14.49
N SER G 375 18.44 -41.55 14.81
CA SER G 375 18.51 -40.72 16.02
C SER G 375 17.55 -39.54 15.94
N THR G 376 17.52 -38.84 14.80
CA THR G 376 16.63 -37.71 14.62
C THR G 376 16.40 -37.51 13.14
N PHE G 377 15.15 -37.25 12.76
CA PHE G 377 14.73 -37.11 11.37
C PHE G 377 14.43 -35.65 11.10
N LYS G 378 15.00 -35.10 10.04
CA LYS G 378 14.87 -33.69 9.69
C LYS G 378 14.41 -33.55 8.25
N CYS G 379 13.45 -32.65 8.02
CA CYS G 379 13.04 -32.26 6.68
C CYS G 379 12.99 -30.74 6.61
N TYR G 380 13.47 -30.19 5.48
CA TYR G 380 13.59 -28.76 5.31
C TYR G 380 12.78 -28.20 4.15
N GLY G 381 12.32 -29.05 3.23
CA GLY G 381 11.65 -28.54 2.05
C GLY G 381 10.20 -28.97 1.92
N VAL G 382 9.85 -30.11 2.49
CA VAL G 382 8.50 -30.65 2.40
C VAL G 382 8.06 -31.14 3.77
N SER G 383 6.76 -31.29 3.92
CA SER G 383 6.22 -31.84 5.16
C SER G 383 6.54 -33.33 5.23
N PRO G 384 7.09 -33.82 6.34
CA PRO G 384 7.47 -35.24 6.41
C PRO G 384 6.32 -36.20 6.18
N THR G 385 5.12 -35.86 6.67
CA THR G 385 3.99 -36.75 6.48
C THR G 385 3.54 -36.77 5.02
N LYS G 386 3.68 -35.66 4.31
CA LYS G 386 3.26 -35.58 2.92
C LYS G 386 4.41 -35.91 1.97
N LEU G 387 5.04 -37.06 2.17
CA LEU G 387 6.10 -37.51 1.29
C LEU G 387 5.61 -38.41 0.16
N ASN G 388 4.48 -39.08 0.35
CA ASN G 388 3.99 -39.99 -0.67
C ASN G 388 3.32 -39.27 -1.82
N ASP G 389 2.65 -38.14 -1.56
CA ASP G 389 1.85 -37.49 -2.59
C ASP G 389 2.71 -36.92 -3.72
N LEU G 390 3.82 -36.30 -3.37
CA LEU G 390 4.59 -35.54 -4.35
C LEU G 390 5.25 -36.45 -5.37
N CYS G 391 5.62 -35.86 -6.51
CA CYS G 391 6.34 -36.55 -7.57
C CYS G 391 7.76 -36.02 -7.64
N PHE G 392 8.74 -36.92 -7.70
CA PHE G 392 10.14 -36.58 -7.58
C PHE G 392 10.82 -36.68 -8.94
N THR G 393 12.09 -36.26 -8.98
CA THR G 393 12.88 -36.27 -10.21
C THR G 393 14.34 -36.36 -9.86
N ASN G 394 15.00 -37.46 -10.23
CA ASN G 394 16.43 -37.65 -10.04
C ASN G 394 16.82 -37.52 -8.57
N VAL G 395 16.28 -38.43 -7.76
CA VAL G 395 16.56 -38.44 -6.34
C VAL G 395 18.03 -38.79 -6.11
N TYR G 396 18.67 -38.11 -5.17
CA TYR G 396 20.06 -38.32 -4.84
C TYR G 396 20.19 -39.02 -3.50
N ALA G 397 21.29 -39.75 -3.33
CA ALA G 397 21.50 -40.61 -2.16
C ALA G 397 22.90 -40.44 -1.59
N ASP G 398 23.30 -39.19 -1.38
CA ASP G 398 24.62 -38.92 -0.81
C ASP G 398 24.69 -39.43 0.62
N SER G 399 25.90 -39.82 1.03
CA SER G 399 26.09 -40.39 2.36
C SER G 399 27.48 -40.05 2.88
N PHE G 400 27.53 -39.51 4.10
CA PHE G 400 28.79 -39.23 4.76
C PHE G 400 28.53 -39.17 6.26
N VAL G 401 29.60 -39.29 7.04
CA VAL G 401 29.49 -39.40 8.49
C VAL G 401 30.36 -38.34 9.14
N ILE G 402 29.91 -37.84 10.30
CA ILE G 402 30.63 -36.83 11.06
C ILE G 402 30.62 -37.27 12.53
N ARG G 403 31.62 -36.82 13.29
CA ARG G 403 31.77 -37.20 14.68
C ARG G 403 30.97 -36.25 15.58
N GLY G 404 29.70 -36.57 15.75
CA GLY G 404 28.88 -35.89 16.75
C GLY G 404 28.31 -34.54 16.34
N ASP G 405 29.15 -33.51 16.31
CA ASP G 405 28.70 -32.14 16.06
C ASP G 405 28.35 -32.01 14.57
N GLU G 406 27.18 -32.55 14.22
CA GLU G 406 26.73 -32.57 12.84
C GLU G 406 25.70 -31.48 12.55
N VAL G 407 24.57 -31.52 13.26
CA VAL G 407 23.45 -30.62 12.98
C VAL G 407 23.87 -29.17 13.16
N ARG G 408 24.84 -28.92 14.05
CA ARG G 408 25.35 -27.56 14.22
C ARG G 408 26.00 -27.05 12.94
N GLN G 409 26.49 -27.95 12.09
CA GLN G 409 27.15 -27.55 10.86
C GLN G 409 26.36 -27.87 9.59
N ILE G 410 25.59 -28.95 9.58
CA ILE G 410 24.86 -29.34 8.37
C ILE G 410 23.49 -28.67 8.42
N ALA G 411 23.31 -27.66 7.57
CA ALA G 411 22.06 -26.91 7.41
C ALA G 411 22.22 -25.94 6.26
N PRO G 412 21.12 -25.55 5.60
CA PRO G 412 21.24 -24.57 4.52
C PRO G 412 21.75 -23.24 5.05
N GLY G 413 22.77 -22.71 4.39
CA GLY G 413 23.38 -21.46 4.82
C GLY G 413 23.97 -21.54 6.21
N GLN G 414 24.57 -22.68 6.56
CA GLN G 414 25.17 -22.89 7.86
C GLN G 414 26.69 -23.03 7.70
N THR G 415 27.44 -22.25 8.47
CA THR G 415 28.89 -22.34 8.45
C THR G 415 29.33 -23.56 9.23
N GLY G 416 30.64 -23.72 9.35
CA GLY G 416 31.23 -24.84 10.06
C GLY G 416 32.46 -25.31 9.31
N LYS G 417 33.54 -25.57 10.06
CA LYS G 417 34.82 -25.85 9.44
C LYS G 417 34.75 -27.05 8.51
N ILE G 418 34.22 -28.17 9.00
CA ILE G 418 34.01 -29.33 8.14
C ILE G 418 33.01 -29.01 7.04
N ALA G 419 31.91 -28.36 7.41
CA ALA G 419 30.88 -28.01 6.44
C ALA G 419 31.39 -27.02 5.39
N ASP G 420 32.17 -26.02 5.80
CA ASP G 420 32.67 -25.03 4.86
C ASP G 420 33.91 -25.46 4.12
N TYR G 421 34.52 -26.58 4.51
CA TYR G 421 35.71 -27.07 3.83
C TYR G 421 35.46 -28.34 3.04
N ASN G 422 34.34 -29.03 3.29
CA ASN G 422 34.06 -30.29 2.60
C ASN G 422 32.87 -30.16 1.66
N TYR G 423 31.70 -29.75 2.15
CA TYR G 423 30.49 -29.82 1.32
C TYR G 423 29.42 -28.95 1.96
N LYS G 424 29.03 -27.88 1.28
CA LYS G 424 27.89 -27.07 1.74
C LYS G 424 26.64 -27.42 0.94
N LEU G 425 25.50 -27.16 1.54
CA LEU G 425 24.23 -27.34 0.84
C LEU G 425 23.85 -26.05 0.10
N PRO G 426 23.09 -26.15 -0.98
CA PRO G 426 22.62 -24.93 -1.66
C PRO G 426 21.72 -24.13 -0.75
N ASP G 427 21.73 -22.81 -0.94
CA ASP G 427 20.86 -21.94 -0.15
C ASP G 427 19.40 -22.29 -0.39
N ASP G 428 19.03 -22.52 -1.65
CA ASP G 428 17.71 -23.04 -1.99
C ASP G 428 17.85 -24.56 -2.09
N PHE G 429 17.51 -25.23 -1.01
CA PHE G 429 17.68 -26.67 -0.89
C PHE G 429 16.34 -27.32 -0.53
N THR G 430 16.12 -28.52 -1.05
CA THR G 430 14.87 -29.26 -0.78
C THR G 430 15.25 -30.73 -0.58
N GLY G 431 15.45 -31.11 0.68
CA GLY G 431 15.80 -32.48 0.99
C GLY G 431 15.50 -32.80 2.44
N CYS G 432 15.77 -34.06 2.79
CA CYS G 432 15.48 -34.56 4.14
C CYS G 432 16.69 -35.39 4.60
N VAL G 433 17.52 -34.79 5.43
CA VAL G 433 18.71 -35.46 5.94
C VAL G 433 18.35 -36.27 7.17
N ILE G 434 18.98 -37.44 7.32
CA ILE G 434 18.77 -38.32 8.46
C ILE G 434 20.12 -38.60 9.10
N ALA G 435 20.09 -38.89 10.40
CA ALA G 435 21.29 -39.15 11.17
C ALA G 435 21.01 -40.22 12.21
N TRP G 436 21.99 -41.10 12.42
CA TRP G 436 21.88 -42.12 13.46
C TRP G 436 23.25 -42.68 13.79
N ASN G 437 23.44 -43.01 15.06
CA ASN G 437 24.75 -43.46 15.54
C ASN G 437 25.13 -44.79 14.93
N SER G 438 26.41 -44.94 14.62
CA SER G 438 26.97 -46.18 14.09
C SER G 438 28.28 -46.50 14.77
N ASN G 439 28.42 -46.13 16.05
CA ASN G 439 29.65 -46.37 16.78
C ASN G 439 29.91 -47.86 16.96
N ASN G 440 28.85 -48.64 17.21
CA ASN G 440 29.01 -50.07 17.40
C ASN G 440 29.56 -50.73 16.15
N LEU G 441 29.22 -50.21 14.98
CA LEU G 441 29.68 -50.77 13.72
C LEU G 441 31.11 -50.33 13.42
N GLY G 447 38.93 -46.98 18.71
CA GLY G 447 38.99 -48.41 18.48
C GLY G 447 38.98 -48.77 17.01
N ASN G 448 38.34 -47.92 16.20
CA ASN G 448 38.25 -48.10 14.75
C ASN G 448 38.63 -46.78 14.08
N TYR G 449 39.91 -46.63 13.77
CA TYR G 449 40.44 -45.43 13.13
C TYR G 449 40.44 -45.56 11.61
N ASN G 450 39.30 -45.93 11.04
CA ASN G 450 39.17 -46.12 9.61
C ASN G 450 38.37 -45.04 8.92
N TYR G 451 37.60 -44.24 9.67
CA TYR G 451 36.81 -43.16 9.09
C TYR G 451 37.71 -41.93 8.96
N LEU G 452 38.55 -41.96 7.91
CA LEU G 452 39.50 -40.88 7.69
C LEU G 452 38.80 -39.65 7.15
N TYR G 453 39.14 -38.49 7.70
CA TYR G 453 38.52 -37.22 7.32
C TYR G 453 39.56 -36.27 6.74
N ARG G 454 39.09 -35.36 5.89
CA ARG G 454 39.93 -34.28 5.42
C ARG G 454 40.27 -33.35 6.59
N LEU G 455 41.48 -32.80 6.56
CA LEU G 455 41.98 -31.98 7.66
C LEU G 455 41.70 -30.49 7.43
N PHE G 456 42.20 -29.94 6.34
CA PHE G 456 41.96 -28.53 6.01
C PHE G 456 42.04 -28.34 4.51
N ARG G 457 41.30 -27.34 4.01
CA ARG G 457 41.34 -26.95 2.61
C ARG G 457 41.56 -25.44 2.52
N LYS G 458 42.45 -25.03 1.62
CA LYS G 458 42.82 -23.63 1.53
C LYS G 458 41.65 -22.77 1.06
N SER G 459 40.87 -23.27 0.12
CA SER G 459 39.77 -22.51 -0.47
C SER G 459 38.44 -23.14 -0.12
N ASN G 460 37.40 -22.31 -0.05
CA ASN G 460 36.07 -22.81 0.23
C ASN G 460 35.60 -23.71 -0.90
N LEU G 461 34.71 -24.63 -0.56
CA LEU G 461 34.17 -25.59 -1.54
C LEU G 461 32.79 -25.15 -2.00
N LYS G 462 32.62 -25.06 -3.31
CA LYS G 462 31.31 -24.78 -3.90
C LYS G 462 30.36 -25.95 -3.62
N PRO G 463 29.09 -25.68 -3.30
CA PRO G 463 28.14 -26.78 -3.04
C PRO G 463 28.02 -27.70 -4.24
N PHE G 464 28.00 -29.00 -3.95
CA PHE G 464 27.86 -30.06 -4.96
C PHE G 464 29.09 -30.13 -5.87
N GLU G 465 30.27 -30.06 -5.28
CA GLU G 465 31.51 -30.43 -5.96
C GLU G 465 32.38 -31.23 -5.02
N ARG G 466 32.98 -32.29 -5.55
CA ARG G 466 33.75 -33.24 -4.76
C ARG G 466 35.21 -33.18 -5.21
N ASP G 467 36.12 -33.02 -4.25
CA ASP G 467 37.55 -32.92 -4.51
C ASP G 467 38.27 -34.08 -3.82
N ILE G 468 38.72 -35.05 -4.62
CA ILE G 468 39.46 -36.19 -4.08
C ILE G 468 40.93 -35.86 -3.88
N SER G 469 41.48 -34.92 -4.65
CA SER G 469 42.90 -34.62 -4.60
C SER G 469 43.33 -34.22 -3.20
N THR G 470 44.41 -34.84 -2.73
CA THR G 470 44.95 -34.61 -1.39
C THR G 470 46.43 -34.25 -1.53
N GLU G 471 46.71 -32.95 -1.62
CA GLU G 471 48.06 -32.44 -1.69
C GLU G 471 48.35 -31.61 -0.44
N ILE G 472 49.53 -31.83 0.14
CA ILE G 472 49.91 -31.13 1.36
C ILE G 472 50.07 -29.65 1.03
N TYR G 473 49.16 -28.83 1.54
CA TYR G 473 49.19 -27.41 1.26
C TYR G 473 50.38 -26.74 1.92
N GLN G 474 50.81 -25.61 1.35
CA GLN G 474 51.98 -24.88 1.82
C GLN G 474 51.59 -23.96 2.97
N ALA G 475 51.32 -24.58 4.12
CA ALA G 475 50.98 -23.80 5.32
C ALA G 475 52.15 -22.92 5.74
N GLY G 476 53.37 -23.44 5.66
CA GLY G 476 54.54 -22.68 5.99
C GLY G 476 54.94 -21.74 4.87
N SER G 477 55.96 -20.92 5.16
CA SER G 477 56.43 -19.94 4.18
C SER G 477 57.11 -20.62 2.99
N THR G 478 57.72 -21.78 3.19
CA THR G 478 58.48 -22.43 2.14
C THR G 478 57.55 -23.16 1.18
N PRO G 479 57.53 -22.82 -0.10
CA PRO G 479 56.75 -23.57 -1.08
C PRO G 479 57.57 -24.66 -1.74
N CYS G 480 56.95 -25.82 -1.93
CA CYS G 480 57.61 -26.96 -2.56
C CYS G 480 56.63 -27.68 -3.46
N ASN G 481 57.17 -28.30 -4.51
CA ASN G 481 56.38 -29.06 -5.48
C ASN G 481 56.81 -30.52 -5.40
N GLY G 482 55.92 -31.37 -4.90
CA GLY G 482 56.22 -32.78 -4.76
C GLY G 482 57.08 -33.14 -3.56
N VAL G 483 57.43 -32.18 -2.73
CA VAL G 483 58.26 -32.41 -1.55
C VAL G 483 57.54 -31.84 -0.35
N GLU G 484 57.47 -32.63 0.73
CA GLU G 484 56.84 -32.17 1.96
C GLU G 484 57.61 -30.98 2.52
N GLY G 485 57.00 -29.80 2.47
CA GLY G 485 57.67 -28.59 2.87
C GLY G 485 57.67 -28.38 4.37
N PHE G 486 58.32 -27.29 4.77
CA PHE G 486 58.40 -26.95 6.19
C PHE G 486 57.05 -26.44 6.69
N ASN G 487 56.62 -26.97 7.83
CA ASN G 487 55.33 -26.63 8.43
C ASN G 487 54.16 -26.90 7.48
N CYS G 488 54.33 -27.85 6.58
CA CYS G 488 53.27 -28.23 5.64
C CYS G 488 52.39 -29.27 6.33
N TYR G 489 51.24 -28.83 6.82
CA TYR G 489 50.35 -29.70 7.57
C TYR G 489 49.80 -30.78 6.66
N PHE G 490 50.03 -32.04 7.02
CA PHE G 490 49.55 -33.15 6.20
C PHE G 490 48.04 -33.26 6.31
N PRO G 491 47.32 -33.33 5.20
CA PRO G 491 45.86 -33.42 5.27
C PRO G 491 45.39 -34.86 5.40
N LEU G 492 44.07 -35.06 5.41
CA LEU G 492 43.45 -36.39 5.47
C LEU G 492 43.89 -37.13 6.74
N GLN G 493 43.46 -36.59 7.87
CA GLN G 493 43.78 -37.13 9.18
C GLN G 493 42.62 -37.98 9.70
N SER G 494 42.93 -39.15 10.25
CA SER G 494 41.91 -40.03 10.80
C SER G 494 41.51 -39.56 12.19
N TYR G 495 40.21 -39.38 12.40
CA TYR G 495 39.71 -38.77 13.63
C TYR G 495 39.45 -39.84 14.69
N GLY G 496 39.54 -39.42 15.95
CA GLY G 496 39.42 -40.36 17.05
C GLY G 496 38.02 -40.94 17.13
N PHE G 497 37.95 -42.27 17.19
CA PHE G 497 36.68 -42.99 17.31
C PHE G 497 36.78 -44.11 18.33
N GLN G 498 37.31 -43.79 19.50
CA GLN G 498 37.32 -44.77 20.59
C GLN G 498 35.89 -45.11 20.99
N PRO G 499 35.56 -46.39 21.16
CA PRO G 499 34.19 -46.76 21.52
C PRO G 499 33.71 -46.14 22.82
N THR G 500 34.61 -45.96 23.80
CA THR G 500 34.22 -45.37 25.08
C THR G 500 34.18 -43.85 25.06
N ASN G 501 34.53 -43.23 23.93
CA ASN G 501 34.49 -41.77 23.83
C ASN G 501 33.05 -41.28 23.92
N GLY G 502 32.88 -40.09 24.50
CA GLY G 502 31.55 -39.54 24.71
C GLY G 502 30.96 -38.92 23.46
N VAL G 503 29.77 -38.35 23.64
CA VAL G 503 29.07 -37.71 22.53
C VAL G 503 29.87 -36.52 22.03
N GLY G 504 29.71 -36.21 20.75
CA GLY G 504 30.52 -35.22 20.09
C GLY G 504 31.85 -35.74 19.58
N TYR G 505 32.18 -36.99 19.88
CA TYR G 505 33.41 -37.62 19.40
C TYR G 505 33.13 -39.00 18.81
N GLN G 506 31.86 -39.44 18.76
CA GLN G 506 31.42 -40.73 18.28
C GLN G 506 30.99 -40.65 16.83
N PRO G 507 31.20 -41.72 16.06
CA PRO G 507 30.78 -41.72 14.66
C PRO G 507 29.27 -41.92 14.53
N TYR G 508 28.79 -41.68 13.31
CA TYR G 508 27.38 -41.83 13.01
C TYR G 508 27.18 -42.54 11.68
N ARG G 509 25.97 -42.51 11.15
CA ARG G 509 25.65 -43.07 9.84
C ARG G 509 24.75 -42.10 9.07
N VAL G 510 25.15 -40.83 9.04
CA VAL G 510 24.33 -39.77 8.45
C VAL G 510 24.16 -40.02 6.96
N VAL G 511 22.92 -39.84 6.48
CA VAL G 511 22.61 -39.93 5.06
C VAL G 511 21.73 -38.75 4.68
N VAL G 512 22.15 -37.98 3.68
CA VAL G 512 21.41 -36.83 3.20
C VAL G 512 20.70 -37.22 1.91
N LEU G 513 19.42 -36.88 1.82
CA LEU G 513 18.57 -37.23 0.68
C LEU G 513 18.07 -35.95 0.04
N SER G 514 18.65 -35.59 -1.11
CA SER G 514 18.31 -34.38 -1.84
C SER G 514 17.61 -34.75 -3.14
N PHE G 515 16.72 -33.87 -3.60
CA PHE G 515 15.91 -34.17 -4.76
C PHE G 515 15.50 -32.88 -5.45
N GLU G 516 15.00 -33.01 -6.67
CA GLU G 516 14.54 -31.90 -7.48
C GLU G 516 13.05 -32.02 -7.74
N LEU G 517 12.34 -30.92 -7.58
CA LEU G 517 10.91 -30.90 -7.83
C LEU G 517 10.58 -30.24 -9.17
N PRO G 521 7.62 -34.58 -16.25
CA PRO G 521 8.87 -35.34 -16.34
C PRO G 521 9.39 -35.78 -14.98
N ALA G 522 8.61 -36.61 -14.29
CA ALA G 522 8.94 -37.03 -12.94
C ALA G 522 9.26 -38.51 -12.83
N THR G 523 8.36 -39.38 -13.28
CA THR G 523 8.53 -40.84 -13.31
C THR G 523 9.09 -41.41 -12.00
N VAL G 524 8.86 -40.70 -10.90
CA VAL G 524 9.21 -41.18 -9.57
C VAL G 524 7.93 -41.17 -8.74
N CYS G 525 7.25 -42.31 -8.70
CA CYS G 525 5.97 -42.40 -8.04
C CYS G 525 6.11 -42.88 -6.60
N GLY G 526 5.06 -42.62 -5.82
CA GLY G 526 4.99 -43.11 -4.46
C GLY G 526 3.96 -44.21 -4.33
N PRO G 527 3.64 -44.59 -3.10
CA PRO G 527 2.71 -45.70 -2.85
C PRO G 527 1.23 -45.30 -2.92
N LYS G 528 0.86 -44.64 -4.00
CA LYS G 528 -0.53 -44.27 -4.26
C LYS G 528 -1.03 -45.05 -5.48
N LYS G 529 -2.17 -45.72 -5.33
CA LYS G 529 -2.67 -46.58 -6.38
C LYS G 529 -3.39 -45.76 -7.45
N SER G 530 -3.07 -46.04 -8.71
CA SER G 530 -3.70 -45.34 -9.82
C SER G 530 -5.18 -45.68 -9.90
N THR G 531 -5.96 -44.74 -10.44
CA THR G 531 -7.40 -44.93 -10.53
C THR G 531 -7.88 -44.76 -11.96
N ASN G 532 -9.19 -44.76 -12.17
CA ASN G 532 -9.78 -44.66 -13.49
C ASN G 532 -10.03 -43.20 -13.86
N LEU G 533 -10.41 -43.00 -15.11
CA LEU G 533 -10.56 -41.67 -15.69
C LEU G 533 -12.03 -41.39 -15.98
N VAL G 534 -12.43 -40.14 -15.76
CA VAL G 534 -13.79 -39.68 -16.03
C VAL G 534 -13.71 -38.44 -16.91
N LYS G 535 -14.54 -38.40 -17.94
CA LYS G 535 -14.53 -37.32 -18.91
C LYS G 535 -15.75 -36.43 -18.73
N ASN G 536 -15.58 -35.14 -19.06
CA ASN G 536 -16.67 -34.17 -19.12
C ASN G 536 -17.44 -34.06 -17.81
N LYS G 537 -16.73 -34.10 -16.69
CA LYS G 537 -17.35 -33.93 -15.38
C LYS G 537 -16.43 -33.11 -14.48
N CYS G 538 -17.04 -32.36 -13.56
CA CYS G 538 -16.29 -31.53 -12.63
C CYS G 538 -15.71 -32.41 -11.53
N VAL G 539 -14.40 -32.64 -11.58
CA VAL G 539 -13.72 -33.56 -10.68
C VAL G 539 -12.44 -32.94 -10.16
N ASN G 540 -11.91 -33.54 -9.10
CA ASN G 540 -10.62 -33.20 -8.53
C ASN G 540 -9.57 -34.12 -9.16
N PHE G 541 -8.84 -33.57 -10.12
CA PHE G 541 -7.86 -34.37 -10.86
C PHE G 541 -6.46 -34.14 -10.31
N ASN G 542 -5.74 -35.25 -10.13
CA ASN G 542 -4.36 -35.19 -9.69
C ASN G 542 -3.65 -36.00 -10.75
N PHE G 543 -3.20 -35.33 -11.79
CA PHE G 543 -2.49 -36.02 -12.85
C PHE G 543 -1.02 -35.92 -12.56
N ASN G 544 -0.40 -37.04 -12.23
CA ASN G 544 1.02 -37.04 -11.84
C ASN G 544 1.29 -35.97 -10.77
N GLY G 545 2.19 -35.05 -11.05
CA GLY G 545 2.53 -34.03 -10.08
C GLY G 545 1.45 -32.99 -9.89
N LEU G 546 0.92 -32.46 -10.98
CA LEU G 546 -0.06 -31.38 -10.87
C LEU G 546 -1.45 -31.80 -10.44
N THR G 547 -1.98 -31.18 -9.39
CA THR G 547 -3.35 -31.46 -9.01
C THR G 547 -4.15 -30.17 -9.10
N GLY G 548 -5.47 -30.32 -9.19
CA GLY G 548 -6.37 -29.20 -9.31
C GLY G 548 -7.79 -29.70 -9.45
N THR G 549 -8.70 -28.77 -9.70
CA THR G 549 -10.11 -29.10 -9.87
C THR G 549 -10.63 -28.50 -11.15
N GLY G 550 -11.56 -29.20 -11.81
CA GLY G 550 -12.13 -28.70 -13.03
C GLY G 550 -12.76 -29.81 -13.83
N VAL G 551 -13.09 -29.51 -15.08
CA VAL G 551 -13.71 -30.45 -15.99
C VAL G 551 -12.73 -30.77 -17.10
N LEU G 552 -12.68 -32.04 -17.48
CA LEU G 552 -11.75 -32.54 -18.48
C LEU G 552 -12.52 -32.80 -19.76
N THR G 553 -12.15 -32.11 -20.83
CA THR G 553 -12.82 -32.20 -22.12
C THR G 553 -11.82 -32.68 -23.18
N GLU G 554 -12.31 -32.77 -24.41
CA GLU G 554 -11.50 -33.19 -25.54
C GLU G 554 -11.04 -31.97 -26.34
N SER G 555 -9.76 -31.96 -26.71
CA SER G 555 -9.21 -30.92 -27.56
C SER G 555 -8.22 -31.56 -28.51
N ASN G 556 -8.12 -31.00 -29.72
CA ASN G 556 -7.36 -31.61 -30.81
C ASN G 556 -6.42 -30.56 -31.41
N LYS G 557 -5.17 -30.56 -30.94
CA LYS G 557 -4.09 -29.80 -31.53
C LYS G 557 -2.89 -30.71 -31.69
N LYS G 558 -1.77 -30.14 -32.15
CA LYS G 558 -0.52 -30.89 -32.20
C LYS G 558 0.26 -30.70 -30.89
N PHE G 559 0.71 -31.82 -30.31
CA PHE G 559 1.40 -31.79 -29.01
C PHE G 559 2.64 -32.68 -29.04
N LEU G 560 3.49 -32.51 -30.05
CA LEU G 560 4.78 -33.19 -30.02
C LEU G 560 5.60 -32.91 -28.76
N PRO G 561 5.70 -31.67 -28.26
CA PRO G 561 6.38 -31.48 -26.96
C PRO G 561 5.63 -32.21 -25.86
N PHE G 562 6.39 -32.71 -24.89
CA PHE G 562 5.85 -33.55 -23.85
C PHE G 562 5.07 -32.71 -22.83
N GLN G 563 4.05 -33.33 -22.24
CA GLN G 563 3.16 -32.77 -21.22
C GLN G 563 2.42 -31.49 -21.59
N GLN G 564 2.36 -30.54 -20.64
CA GLN G 564 1.47 -29.38 -20.73
C GLN G 564 2.05 -28.39 -21.73
N ARG G 567 1.04 -22.53 -19.61
CA ARG G 567 0.41 -22.92 -20.86
C ARG G 567 -0.64 -21.91 -21.28
N ASP G 568 -0.79 -20.86 -20.47
CA ASP G 568 -1.73 -19.77 -20.72
C ASP G 568 -1.01 -18.45 -20.51
N ILE G 569 -1.75 -17.34 -20.67
CA ILE G 569 -1.21 -16.04 -20.29
C ILE G 569 -0.88 -16.03 -18.80
N ALA G 570 -1.80 -16.54 -17.98
CA ALA G 570 -1.56 -16.67 -16.55
C ALA G 570 -0.79 -17.93 -16.20
N ASP G 571 -0.28 -18.65 -17.19
CA ASP G 571 0.44 -19.91 -17.04
C ASP G 571 -0.45 -21.02 -16.49
N THR G 572 -1.76 -20.85 -16.50
CA THR G 572 -2.66 -21.90 -16.07
C THR G 572 -2.65 -23.05 -17.07
N THR G 573 -2.69 -24.26 -16.55
CA THR G 573 -2.59 -25.45 -17.39
C THR G 573 -3.84 -25.61 -18.24
N ASP G 574 -3.65 -25.98 -19.50
CA ASP G 574 -4.75 -26.18 -20.42
C ASP G 574 -4.80 -27.56 -21.06
N ALA G 575 -3.77 -28.37 -20.89
CA ALA G 575 -3.75 -29.73 -21.43
C ALA G 575 -2.76 -30.55 -20.65
N VAL G 576 -3.04 -31.85 -20.53
CA VAL G 576 -2.20 -32.76 -19.76
C VAL G 576 -2.00 -34.05 -20.55
N ARG G 577 -0.78 -34.57 -20.49
CA ARG G 577 -0.43 -35.85 -21.10
C ARG G 577 -0.72 -36.95 -20.09
N ASP G 578 -1.66 -37.83 -20.42
CA ASP G 578 -2.03 -38.90 -19.52
C ASP G 578 -0.86 -39.85 -19.33
N PRO G 579 -0.45 -40.15 -18.10
CA PRO G 579 0.65 -41.09 -17.89
C PRO G 579 0.41 -42.45 -18.53
N GLN G 580 -0.83 -42.92 -18.49
CA GLN G 580 -1.22 -44.15 -19.16
C GLN G 580 -2.29 -43.81 -20.19
N THR G 581 -2.31 -44.59 -21.28
CA THR G 581 -3.12 -44.27 -22.46
C THR G 581 -2.82 -42.84 -22.91
N LEU G 582 -1.58 -42.65 -23.34
CA LEU G 582 -1.09 -41.31 -23.64
C LEU G 582 -1.95 -40.61 -24.68
N GLU G 583 -2.67 -39.58 -24.24
CA GLU G 583 -3.50 -38.77 -25.11
C GLU G 583 -3.47 -37.35 -24.57
N ILE G 584 -4.37 -36.51 -25.06
CA ILE G 584 -4.43 -35.11 -24.67
C ILE G 584 -5.83 -34.79 -24.20
N LEU G 585 -5.93 -34.25 -22.99
CA LEU G 585 -7.17 -33.76 -22.42
C LEU G 585 -7.08 -32.26 -22.24
N ASP G 586 -8.22 -31.63 -21.99
CA ASP G 586 -8.30 -30.20 -21.79
C ASP G 586 -8.93 -29.91 -20.44
N ILE G 587 -8.44 -28.86 -19.78
CA ILE G 587 -8.88 -28.49 -18.45
C ILE G 587 -9.67 -27.19 -18.57
N THR G 588 -10.91 -27.19 -18.06
CA THR G 588 -11.76 -26.01 -18.06
C THR G 588 -12.30 -25.82 -16.65
N PRO G 589 -12.26 -24.61 -16.11
CA PRO G 589 -12.74 -24.40 -14.73
C PRO G 589 -14.22 -24.69 -14.60
N CYS G 590 -14.60 -25.10 -13.40
CA CYS G 590 -16.01 -25.37 -13.12
C CYS G 590 -16.84 -24.11 -13.34
N SER G 591 -18.02 -24.29 -13.90
CA SER G 591 -18.90 -23.16 -14.17
C SER G 591 -19.26 -22.45 -12.88
N PHE G 592 -18.87 -21.19 -12.76
CA PHE G 592 -19.21 -20.38 -11.60
C PHE G 592 -19.59 -18.99 -12.05
N GLY G 593 -20.32 -18.29 -11.19
CA GLY G 593 -20.73 -16.93 -11.55
C GLY G 593 -21.38 -16.22 -10.40
N GLY G 594 -21.53 -14.91 -10.56
CA GLY G 594 -22.14 -14.09 -9.54
C GLY G 594 -23.65 -14.21 -9.53
N VAL G 595 -24.23 -13.94 -8.37
CA VAL G 595 -25.66 -14.06 -8.14
C VAL G 595 -26.20 -12.69 -7.78
N SER G 596 -27.23 -12.26 -8.50
CA SER G 596 -27.89 -10.98 -8.24
C SER G 596 -29.26 -11.26 -7.67
N VAL G 597 -29.56 -10.70 -6.51
CA VAL G 597 -30.83 -10.94 -5.82
C VAL G 597 -31.71 -9.72 -6.06
N ILE G 598 -32.57 -9.80 -7.07
CA ILE G 598 -33.49 -8.70 -7.34
C ILE G 598 -34.66 -8.80 -6.39
N THR G 599 -35.03 -7.67 -5.78
CA THR G 599 -36.12 -7.57 -4.85
C THR G 599 -36.84 -6.24 -5.00
N PRO G 600 -38.13 -6.19 -4.74
CA PRO G 600 -38.80 -4.90 -4.59
C PRO G 600 -38.74 -4.44 -3.15
N GLY G 601 -39.37 -3.31 -2.85
CA GLY G 601 -39.39 -2.83 -1.48
C GLY G 601 -40.02 -3.83 -0.54
N THR G 602 -39.42 -4.00 0.63
CA THR G 602 -39.97 -4.91 1.62
C THR G 602 -41.36 -4.49 2.05
N ASN G 603 -41.65 -3.19 1.99
CA ASN G 603 -43.00 -2.71 2.31
C ASN G 603 -44.03 -3.27 1.34
N THR G 604 -43.70 -3.29 0.05
CA THR G 604 -44.67 -3.76 -0.94
C THR G 604 -44.88 -5.27 -0.84
N SER G 605 -43.80 -6.03 -0.74
CA SER G 605 -43.89 -7.49 -0.76
C SER G 605 -42.60 -8.08 -0.19
N ASN G 606 -42.43 -9.39 -0.37
CA ASN G 606 -41.21 -10.07 0.02
C ASN G 606 -40.71 -11.02 -1.05
N GLN G 607 -41.30 -11.03 -2.24
CA GLN G 607 -40.93 -11.98 -3.28
C GLN G 607 -39.64 -11.55 -3.95
N VAL G 608 -38.64 -12.41 -3.90
CA VAL G 608 -37.34 -12.12 -4.47
C VAL G 608 -37.12 -13.04 -5.67
N ALA G 609 -36.34 -12.57 -6.63
CA ALA G 609 -35.97 -13.38 -7.77
C ALA G 609 -34.47 -13.38 -7.91
N VAL G 610 -33.92 -14.45 -8.48
CA VAL G 610 -32.48 -14.60 -8.57
C VAL G 610 -32.06 -14.46 -10.02
N LEU G 611 -30.83 -13.98 -10.21
CA LEU G 611 -30.22 -13.81 -11.51
C LEU G 611 -28.85 -14.45 -11.48
N TYR G 612 -28.59 -15.34 -12.41
CA TYR G 612 -27.29 -15.97 -12.56
C TYR G 612 -26.57 -15.29 -13.72
N GLN G 613 -25.40 -14.73 -13.46
CA GLN G 613 -24.73 -13.88 -14.43
C GLN G 613 -24.08 -14.71 -15.51
N ASP G 614 -24.54 -14.53 -16.75
CA ASP G 614 -23.90 -15.11 -17.93
C ASP G 614 -23.77 -16.62 -17.82
N VAL G 615 -24.79 -17.26 -17.23
CA VAL G 615 -24.85 -18.71 -17.15
C VAL G 615 -25.96 -19.17 -18.09
N ASN G 616 -25.63 -20.09 -18.97
CA ASN G 616 -26.57 -20.53 -20.00
C ASN G 616 -27.81 -21.13 -19.36
N CYS G 617 -28.98 -20.58 -19.70
CA CYS G 617 -30.23 -21.15 -19.23
C CYS G 617 -30.40 -22.59 -19.68
N THR G 618 -29.73 -22.97 -20.78
CA THR G 618 -29.73 -24.36 -21.21
C THR G 618 -28.82 -25.23 -20.35
N GLU G 619 -27.98 -24.62 -19.51
CA GLU G 619 -27.07 -25.35 -18.64
C GLU G 619 -27.33 -25.10 -17.16
N VAL G 620 -28.28 -24.24 -16.82
CA VAL G 620 -28.62 -23.98 -15.42
C VAL G 620 -29.13 -25.22 -14.69
N PRO G 621 -29.65 -26.28 -15.36
CA PRO G 621 -29.88 -27.53 -14.62
C PRO G 621 -28.65 -28.00 -13.87
N VAL G 622 -27.46 -27.83 -14.43
CA VAL G 622 -26.24 -28.03 -13.67
C VAL G 622 -26.16 -27.02 -12.53
N ALA G 623 -26.48 -25.76 -12.82
CA ALA G 623 -26.47 -24.74 -11.77
C ALA G 623 -27.54 -25.00 -10.73
N ILE G 624 -28.73 -25.43 -11.16
CA ILE G 624 -29.82 -25.70 -10.24
C ILE G 624 -30.23 -27.16 -10.31
N VAL G 635 -36.16 -23.58 -2.99
CA VAL G 635 -37.54 -23.47 -3.44
C VAL G 635 -37.58 -22.72 -4.77
N TYR G 636 -36.53 -21.93 -5.03
CA TYR G 636 -36.43 -21.20 -6.29
C TYR G 636 -35.70 -21.98 -7.38
N SER G 637 -35.11 -23.12 -7.04
CA SER G 637 -34.42 -23.94 -8.05
C SER G 637 -35.39 -24.64 -8.98
N THR G 638 -36.69 -24.61 -8.70
CA THR G 638 -37.67 -25.22 -9.58
C THR G 638 -37.84 -24.40 -10.85
N GLY G 639 -38.28 -25.07 -11.91
CA GLY G 639 -38.55 -24.38 -13.16
C GLY G 639 -39.98 -23.89 -13.23
N SER G 640 -40.19 -22.62 -12.88
CA SER G 640 -41.50 -22.01 -12.90
C SER G 640 -41.64 -20.99 -14.03
N ASN G 641 -40.76 -20.00 -14.07
CA ASN G 641 -40.71 -19.06 -15.19
C ASN G 641 -39.25 -18.66 -15.35
N VAL G 642 -38.53 -19.37 -16.21
CA VAL G 642 -37.11 -19.18 -16.42
C VAL G 642 -36.93 -18.40 -17.71
N PHE G 643 -36.29 -17.24 -17.62
CA PHE G 643 -36.11 -16.38 -18.78
C PHE G 643 -34.62 -16.26 -19.07
N GLN G 644 -34.28 -16.06 -20.34
CA GLN G 644 -32.89 -15.97 -20.77
C GLN G 644 -32.59 -14.58 -21.31
N THR G 645 -31.58 -13.94 -20.75
CA THR G 645 -31.10 -12.63 -21.19
C THR G 645 -29.62 -12.75 -21.54
N ARG G 646 -29.14 -11.80 -22.32
CA ARG G 646 -27.71 -11.76 -22.61
C ARG G 646 -26.90 -11.57 -21.34
N ALA G 647 -27.52 -11.09 -20.27
CA ALA G 647 -26.85 -10.94 -18.98
C ALA G 647 -26.87 -12.21 -18.15
N GLY G 648 -27.68 -13.20 -18.50
CA GLY G 648 -27.66 -14.46 -17.78
C GLY G 648 -29.03 -15.11 -17.76
N CYS G 649 -29.26 -15.89 -16.71
CA CYS G 649 -30.47 -16.67 -16.56
C CYS G 649 -31.26 -16.12 -15.38
N LEU G 650 -32.52 -15.75 -15.61
CA LEU G 650 -33.36 -15.11 -14.62
C LEU G 650 -34.40 -16.11 -14.14
N ILE G 651 -34.41 -16.38 -12.83
CA ILE G 651 -35.29 -17.39 -12.25
C ILE G 651 -36.09 -16.76 -11.12
N GLY G 652 -37.41 -16.90 -11.19
CA GLY G 652 -38.30 -16.33 -10.20
C GLY G 652 -39.14 -15.17 -10.68
N ALA G 653 -39.13 -14.87 -11.97
CA ALA G 653 -39.95 -13.79 -12.50
C ALA G 653 -40.50 -14.20 -13.85
N GLU G 654 -41.78 -13.95 -14.06
CA GLU G 654 -42.40 -14.26 -15.34
C GLU G 654 -42.03 -13.20 -16.37
N HIS G 655 -42.21 -13.54 -17.63
CA HIS G 655 -41.89 -12.65 -18.73
C HIS G 655 -43.14 -11.97 -19.26
N VAL G 656 -43.01 -10.68 -19.56
CA VAL G 656 -44.11 -9.88 -20.08
C VAL G 656 -43.65 -9.24 -21.38
N ASN G 657 -44.63 -8.94 -22.24
CA ASN G 657 -44.32 -8.48 -23.60
C ASN G 657 -44.57 -7.01 -23.83
N ASN G 658 -45.20 -6.30 -22.89
CA ASN G 658 -45.51 -4.90 -23.10
C ASN G 658 -44.26 -4.05 -22.85
N SER G 659 -44.42 -2.73 -22.85
CA SER G 659 -43.31 -1.80 -22.72
C SER G 659 -43.56 -0.87 -21.55
N TYR G 660 -42.58 -0.75 -20.66
CA TYR G 660 -42.66 0.13 -19.51
C TYR G 660 -41.31 0.81 -19.32
N GLU G 661 -41.32 1.85 -18.48
CA GLU G 661 -40.09 2.52 -18.11
C GLU G 661 -39.27 1.64 -17.16
N CYS G 662 -37.97 1.86 -17.15
CA CYS G 662 -37.09 1.04 -16.33
C CYS G 662 -37.23 1.40 -14.86
N ASP G 663 -37.30 0.36 -14.02
CA ASP G 663 -37.34 0.53 -12.58
C ASP G 663 -36.15 -0.11 -11.89
N ILE G 664 -35.81 -1.35 -12.24
CA ILE G 664 -34.60 -1.98 -11.73
C ILE G 664 -33.84 -2.55 -12.92
N PRO G 665 -32.71 -1.97 -13.30
CA PRO G 665 -31.98 -2.48 -14.48
C PRO G 665 -31.44 -3.87 -14.24
N ILE G 666 -31.28 -4.60 -15.34
CA ILE G 666 -30.74 -5.97 -15.33
C ILE G 666 -29.54 -6.11 -16.25
N GLY G 667 -29.71 -5.78 -17.51
CA GLY G 667 -28.67 -5.93 -18.50
C GLY G 667 -29.30 -6.10 -19.87
N ALA G 668 -28.56 -5.69 -20.90
CA ALA G 668 -28.97 -5.86 -22.29
C ALA G 668 -30.34 -5.26 -22.55
N GLY G 669 -30.70 -4.24 -21.78
CA GLY G 669 -31.97 -3.56 -21.96
C GLY G 669 -33.15 -4.17 -21.25
N ILE G 670 -32.99 -5.33 -20.61
CA ILE G 670 -34.08 -5.96 -19.90
C ILE G 670 -34.28 -5.22 -18.58
N CYS G 671 -35.47 -4.66 -18.37
CA CYS G 671 -35.79 -3.94 -17.15
C CYS G 671 -36.93 -4.64 -16.44
N ALA G 672 -36.81 -4.76 -15.12
CA ALA G 672 -37.76 -5.50 -14.31
C ALA G 672 -38.54 -4.55 -13.42
N SER G 673 -39.74 -4.96 -13.05
CA SER G 673 -40.62 -4.15 -12.21
C SER G 673 -41.53 -5.06 -11.42
N TYR G 674 -42.30 -4.43 -10.52
CA TYR G 674 -43.25 -5.13 -9.66
C TYR G 674 -44.64 -4.54 -9.90
N GLN G 675 -45.52 -5.34 -10.48
CA GLN G 675 -46.85 -4.89 -10.81
C GLN G 675 -47.83 -6.04 -10.64
N THR G 676 -48.99 -5.75 -10.07
CA THR G 676 -50.02 -6.76 -9.88
C THR G 676 -50.90 -6.88 -11.12
N SER G 689 -50.94 -13.18 -8.81
CA SER G 689 -51.51 -11.87 -8.55
C SER G 689 -50.43 -10.82 -8.36
N GLN G 690 -49.50 -11.08 -7.43
CA GLN G 690 -48.40 -10.17 -7.13
C GLN G 690 -47.09 -10.91 -7.36
N SER G 691 -46.33 -10.47 -8.36
CA SER G 691 -45.10 -11.14 -8.74
C SER G 691 -44.22 -10.14 -9.48
N ILE G 692 -43.02 -10.58 -9.85
CA ILE G 692 -42.02 -9.74 -10.50
C ILE G 692 -42.06 -9.99 -11.99
N ILE G 693 -41.89 -8.94 -12.79
CA ILE G 693 -41.90 -9.07 -14.24
C ILE G 693 -40.61 -8.47 -14.81
N ALA G 694 -40.23 -8.97 -15.99
CA ALA G 694 -39.09 -8.45 -16.75
C ALA G 694 -39.53 -8.22 -18.19
N TYR G 695 -39.04 -7.15 -18.80
CA TYR G 695 -39.56 -6.74 -20.09
C TYR G 695 -38.51 -5.94 -20.84
N THR G 696 -38.79 -5.71 -22.12
CA THR G 696 -37.94 -4.82 -22.91
C THR G 696 -38.16 -3.38 -22.48
N MET G 697 -37.07 -2.67 -22.22
CA MET G 697 -37.17 -1.31 -21.74
C MET G 697 -37.73 -0.41 -22.84
N SER G 698 -38.63 0.48 -22.46
CA SER G 698 -39.34 1.32 -23.43
C SER G 698 -38.63 2.66 -23.55
N LEU G 699 -38.04 2.91 -24.72
CA LEU G 699 -37.36 4.18 -24.95
C LEU G 699 -38.31 5.36 -24.78
N GLY G 700 -39.59 5.14 -24.97
CA GLY G 700 -40.58 6.19 -24.83
C GLY G 700 -41.69 6.01 -25.83
N ALA G 701 -42.74 6.81 -25.64
CA ALA G 701 -43.86 6.76 -26.58
C ALA G 701 -43.41 7.22 -27.95
N GLU G 702 -43.90 6.53 -28.97
CA GLU G 702 -43.58 6.92 -30.34
C GLU G 702 -44.21 8.25 -30.69
N ASN G 703 -43.52 9.02 -31.52
CA ASN G 703 -44.07 10.27 -32.04
C ASN G 703 -43.52 10.51 -33.42
N SER G 704 -44.31 11.17 -34.26
CA SER G 704 -43.90 11.57 -35.59
C SER G 704 -44.42 12.97 -35.86
N VAL G 705 -43.72 13.69 -36.73
CA VAL G 705 -44.06 15.07 -37.05
C VAL G 705 -44.15 15.21 -38.56
N ALA G 706 -45.22 15.85 -39.03
CA ALA G 706 -45.53 15.93 -40.45
C ALA G 706 -44.69 17.04 -41.10
N TYR G 707 -43.48 16.67 -41.49
CA TYR G 707 -42.64 17.57 -42.27
C TYR G 707 -43.28 17.93 -43.59
N SER G 708 -43.18 19.20 -43.96
CA SER G 708 -43.65 19.66 -45.26
C SER G 708 -43.14 21.07 -45.47
N ASN G 709 -42.81 21.41 -46.72
CA ASN G 709 -42.06 22.63 -46.97
C ASN G 709 -42.94 23.86 -47.11
N ASN G 710 -44.24 23.76 -46.87
CA ASN G 710 -45.10 24.93 -46.97
C ASN G 710 -46.02 25.05 -45.76
N SER G 711 -45.56 24.60 -44.60
CA SER G 711 -46.35 24.67 -43.38
C SER G 711 -45.46 25.13 -42.24
N ILE G 712 -46.09 25.73 -41.23
CA ILE G 712 -45.39 26.16 -40.03
C ILE G 712 -46.29 25.92 -38.83
N ALA G 713 -45.69 25.47 -37.73
CA ALA G 713 -46.41 25.22 -36.48
C ALA G 713 -45.89 26.17 -35.41
N ILE G 714 -46.78 27.01 -34.88
CA ILE G 714 -46.38 28.07 -33.95
C ILE G 714 -47.17 27.95 -32.65
N PRO G 715 -46.54 28.13 -31.50
CA PRO G 715 -47.29 28.15 -30.24
C PRO G 715 -48.18 29.37 -30.14
N THR G 716 -49.27 29.23 -29.39
CA THR G 716 -50.20 30.34 -29.12
C THR G 716 -50.44 30.58 -27.64
N ASN G 717 -49.83 29.81 -26.76
CA ASN G 717 -49.98 30.01 -25.32
C ASN G 717 -48.76 29.42 -24.63
N PHE G 718 -48.44 29.95 -23.46
CA PHE G 718 -47.22 29.57 -22.79
C PHE G 718 -47.50 29.11 -21.38
N THR G 719 -46.42 28.77 -20.66
CA THR G 719 -46.51 28.23 -19.31
C THR G 719 -45.20 28.51 -18.60
N ILE G 720 -45.28 29.11 -17.42
CA ILE G 720 -44.09 29.41 -16.62
C ILE G 720 -43.89 28.27 -15.64
N SER G 721 -42.92 27.41 -15.92
CA SER G 721 -42.67 26.29 -15.04
C SER G 721 -41.46 26.60 -14.17
N VAL G 722 -41.27 25.80 -13.13
CA VAL G 722 -40.19 25.99 -12.17
C VAL G 722 -39.64 24.65 -11.74
N THR G 723 -38.33 24.47 -11.86
CA THR G 723 -37.70 23.19 -11.60
C THR G 723 -36.53 23.36 -10.65
N THR G 724 -36.27 22.31 -9.87
CA THR G 724 -35.28 22.36 -8.80
C THR G 724 -34.03 21.61 -9.20
N GLU G 725 -32.87 22.23 -8.95
CA GLU G 725 -31.57 21.62 -9.19
C GLU G 725 -30.79 21.62 -7.89
N ILE G 726 -30.18 20.49 -7.55
CA ILE G 726 -29.53 20.31 -6.26
C ILE G 726 -28.04 20.07 -6.48
N LEU G 727 -27.20 20.88 -5.85
CA LEU G 727 -25.76 20.75 -6.01
C LEU G 727 -25.09 20.63 -4.65
N PRO G 728 -24.32 19.56 -4.42
CA PRO G 728 -23.45 19.54 -3.24
C PRO G 728 -22.39 20.61 -3.36
N VAL G 729 -21.90 21.08 -2.21
CA VAL G 729 -20.88 22.12 -2.16
C VAL G 729 -19.65 21.65 -1.41
N SER G 730 -19.81 21.23 -0.16
CA SER G 730 -18.67 20.82 0.64
C SER G 730 -19.04 19.62 1.48
N MET G 731 -18.04 18.83 1.84
CA MET G 731 -18.24 17.69 2.71
C MET G 731 -17.81 18.04 4.12
N THR G 732 -18.00 17.10 5.04
CA THR G 732 -17.71 17.35 6.44
C THR G 732 -16.21 17.49 6.66
N LYS G 733 -15.81 18.63 7.21
CA LYS G 733 -14.39 18.91 7.40
C LYS G 733 -13.80 17.98 8.46
N THR G 734 -13.21 16.88 8.03
CA THR G 734 -12.75 15.84 8.92
C THR G 734 -11.25 15.98 9.16
N SER G 735 -10.82 15.64 10.37
CA SER G 735 -9.41 15.58 10.72
C SER G 735 -9.14 14.27 11.44
N VAL G 736 -7.88 13.84 11.40
CA VAL G 736 -7.48 12.56 11.97
C VAL G 736 -6.20 12.75 12.76
N ASP G 737 -6.13 12.16 13.93
CA ASP G 737 -4.92 12.11 14.74
C ASP G 737 -4.20 10.81 14.43
N CYS G 738 -2.99 10.92 13.88
CA CYS G 738 -2.26 9.74 13.44
C CYS G 738 -1.80 8.89 14.62
N THR G 739 -0.98 9.48 15.50
CA THR G 739 -0.36 8.69 16.55
C THR G 739 -1.40 8.10 17.50
N MET G 740 -2.42 8.89 17.85
CA MET G 740 -3.44 8.39 18.77
C MET G 740 -4.16 7.18 18.17
N TYR G 741 -4.55 7.28 16.90
CA TYR G 741 -5.30 6.22 16.26
C TYR G 741 -4.46 4.99 15.98
N ILE G 742 -3.15 5.15 15.81
CA ILE G 742 -2.31 4.02 15.49
C ILE G 742 -1.66 3.39 16.72
N CYS G 743 -1.60 4.10 17.84
CA CYS G 743 -0.89 3.59 19.00
C CYS G 743 -1.60 3.79 20.32
N GLY G 744 -2.67 4.57 20.39
CA GLY G 744 -3.31 4.81 21.66
C GLY G 744 -2.39 5.56 22.60
N ASP G 745 -2.18 4.98 23.79
CA ASP G 745 -1.39 5.65 24.81
C ASP G 745 -0.23 4.78 25.28
N SER G 746 0.53 4.23 24.34
CA SER G 746 1.68 3.39 24.64
C SER G 746 2.95 4.06 24.15
N THR G 747 3.96 4.12 25.02
CA THR G 747 5.22 4.75 24.63
C THR G 747 6.00 3.87 23.66
N GLU G 748 5.89 2.54 23.82
CA GLU G 748 6.61 1.63 22.92
C GLU G 748 6.12 1.77 21.49
N CYS G 749 4.81 1.85 21.30
CA CYS G 749 4.25 2.04 19.97
C CYS G 749 4.69 3.37 19.37
N SER G 750 4.71 4.42 20.19
CA SER G 750 5.17 5.72 19.71
C SER G 750 6.62 5.66 19.27
N ASN G 751 7.47 4.97 20.03
CA ASN G 751 8.85 4.82 19.63
C ASN G 751 8.97 4.03 18.34
N LEU G 752 8.22 2.94 18.20
CA LEU G 752 8.32 2.10 17.03
C LEU G 752 7.79 2.78 15.77
N LEU G 753 6.86 3.71 15.90
CA LEU G 753 6.45 4.46 14.72
C LEU G 753 7.53 5.40 14.22
N LEU G 754 8.47 5.81 15.08
CA LEU G 754 9.48 6.78 14.69
C LEU G 754 10.41 6.25 13.60
N GLN G 755 10.41 4.95 13.34
CA GLN G 755 11.27 4.38 12.32
C GLN G 755 10.62 4.33 10.95
N TYR G 756 9.53 5.06 10.73
CA TYR G 756 8.80 4.99 9.47
C TYR G 756 8.72 6.34 8.75
N GLY G 757 9.77 7.15 8.84
CA GLY G 757 9.75 8.40 8.11
C GLY G 757 8.69 9.34 8.66
N SER G 758 8.04 10.06 7.77
CA SER G 758 7.06 11.09 8.13
C SER G 758 5.68 10.78 7.54
N PHE G 759 5.24 9.53 7.66
CA PHE G 759 3.92 9.16 7.17
C PHE G 759 2.84 10.00 7.84
N CYS G 760 2.90 10.11 9.17
CA CYS G 760 1.87 10.82 9.90
C CYS G 760 1.80 12.28 9.48
N THR G 761 2.96 12.91 9.30
CA THR G 761 2.96 14.31 8.87
C THR G 761 2.34 14.45 7.49
N GLN G 762 2.66 13.53 6.58
CA GLN G 762 2.07 13.58 5.24
C GLN G 762 0.56 13.50 5.31
N LEU G 763 0.04 12.52 6.06
CA LEU G 763 -1.41 12.36 6.14
C LEU G 763 -2.06 13.57 6.77
N ASN G 764 -1.47 14.10 7.84
CA ASN G 764 -2.05 15.26 8.50
C ASN G 764 -2.07 16.46 7.56
N ARG G 765 -0.98 16.67 6.81
CA ARG G 765 -0.95 17.79 5.88
C ARG G 765 -2.00 17.62 4.79
N ALA G 766 -2.16 16.40 4.27
CA ALA G 766 -3.17 16.18 3.24
C ALA G 766 -4.56 16.48 3.76
N LEU G 767 -4.87 16.00 4.96
CA LEU G 767 -6.20 16.21 5.51
C LEU G 767 -6.46 17.68 5.83
N THR G 768 -5.44 18.38 6.32
CA THR G 768 -5.59 19.81 6.56
C THR G 768 -5.84 20.56 5.26
N GLY G 769 -5.12 20.19 4.18
CA GLY G 769 -5.39 20.81 2.90
C GLY G 769 -6.82 20.56 2.44
N ILE G 770 -7.31 19.34 2.66
CA ILE G 770 -8.71 19.03 2.34
C ILE G 770 -9.63 19.97 3.09
N ALA G 771 -9.43 20.07 4.41
CA ALA G 771 -10.31 20.88 5.24
C ALA G 771 -10.30 22.34 4.80
N VAL G 772 -9.13 22.85 4.41
CA VAL G 772 -9.06 24.22 3.91
C VAL G 772 -9.86 24.35 2.62
N GLU G 773 -9.72 23.38 1.71
CA GLU G 773 -10.31 23.61 0.40
C GLU G 773 -11.84 23.52 0.44
N GLN G 774 -12.44 22.76 1.36
CA GLN G 774 -13.91 22.84 1.39
C GLN G 774 -14.40 24.23 1.76
N ASP G 775 -13.83 24.84 2.81
CA ASP G 775 -14.34 26.16 3.17
C ASP G 775 -14.02 27.18 2.10
N LYS G 776 -12.91 26.98 1.39
CA LYS G 776 -12.64 27.83 0.23
C LYS G 776 -13.74 27.67 -0.81
N ASN G 777 -14.20 26.44 -1.05
CA ASN G 777 -15.31 26.22 -1.97
C ASN G 777 -16.53 27.01 -1.53
N THR G 778 -16.86 26.94 -0.24
CA THR G 778 -18.05 27.62 0.26
C THR G 778 -17.94 29.12 0.04
N GLN G 779 -16.80 29.70 0.41
CA GLN G 779 -16.62 31.15 0.26
C GLN G 779 -16.72 31.54 -1.21
N GLU G 780 -16.20 30.70 -2.10
CA GLU G 780 -16.22 31.03 -3.52
C GLU G 780 -17.63 30.98 -4.08
N VAL G 781 -18.39 29.93 -3.72
CA VAL G 781 -19.70 29.76 -4.34
C VAL G 781 -20.72 30.75 -3.76
N PHE G 782 -20.61 31.06 -2.48
CA PHE G 782 -21.62 31.90 -1.83
C PHE G 782 -21.27 33.38 -1.90
N ALA G 783 -20.12 33.76 -1.34
CA ALA G 783 -19.78 35.17 -1.14
C ALA G 783 -19.19 35.74 -2.42
N GLN G 784 -20.07 36.27 -3.26
CA GLN G 784 -19.65 36.90 -4.50
C GLN G 784 -19.90 38.39 -4.54
N VAL G 785 -20.69 38.92 -3.61
CA VAL G 785 -20.93 40.36 -3.50
C VAL G 785 -20.62 40.79 -2.07
N LYS G 786 -19.91 41.92 -1.94
CA LYS G 786 -19.48 42.40 -0.63
C LYS G 786 -20.31 43.58 -0.15
N GLN G 787 -21.60 43.55 -0.43
CA GLN G 787 -22.53 44.57 0.07
C GLN G 787 -23.79 43.84 0.51
N ILE G 788 -23.89 43.55 1.81
CA ILE G 788 -25.04 42.82 2.32
C ILE G 788 -26.27 43.72 2.18
N TYR G 789 -27.15 43.38 1.25
CA TYR G 789 -28.34 44.18 1.01
C TYR G 789 -29.42 43.86 2.04
N LYS G 790 -30.28 44.85 2.27
CA LYS G 790 -31.37 44.72 3.23
C LYS G 790 -32.67 44.49 2.49
N THR G 791 -33.42 43.48 2.91
CA THR G 791 -34.68 43.16 2.26
C THR G 791 -35.66 44.31 2.46
N PRO G 792 -36.19 44.88 1.39
CA PRO G 792 -37.19 45.94 1.54
C PRO G 792 -38.51 45.35 2.00
N PRO G 793 -39.31 46.10 2.75
CA PRO G 793 -40.65 45.61 3.10
C PRO G 793 -41.46 45.29 1.86
N ILE G 794 -41.86 44.03 1.71
CA ILE G 794 -42.55 43.59 0.49
C ILE G 794 -43.95 44.20 0.48
N LYS G 795 -44.19 45.12 -0.44
CA LYS G 795 -45.53 45.65 -0.59
C LYS G 795 -46.09 45.47 -2.00
N ASP G 796 -45.36 45.93 -3.02
CA ASP G 796 -45.91 45.95 -4.37
C ASP G 796 -45.53 44.70 -5.16
N PHE G 797 -44.23 44.54 -5.43
CA PHE G 797 -43.71 43.46 -6.27
C PHE G 797 -44.61 43.18 -7.47
N GLY G 798 -45.12 44.24 -8.10
CA GLY G 798 -45.93 44.13 -9.30
C GLY G 798 -47.03 43.10 -9.28
N GLY G 799 -47.41 42.62 -8.10
CA GLY G 799 -48.41 41.59 -7.96
C GLY G 799 -47.87 40.20 -7.73
N PHE G 800 -46.57 39.98 -7.94
CA PHE G 800 -46.00 38.67 -7.67
C PHE G 800 -45.87 38.47 -6.17
N ASN G 801 -45.84 37.22 -5.74
CA ASN G 801 -45.71 36.90 -4.33
C ASN G 801 -44.42 36.15 -4.07
N PHE G 802 -43.82 36.43 -2.90
CA PHE G 802 -42.52 35.88 -2.57
C PHE G 802 -42.42 35.43 -1.11
N SER G 803 -43.54 35.36 -0.40
CA SER G 803 -43.47 35.16 1.04
C SER G 803 -42.87 33.81 1.42
N GLN G 804 -42.74 32.90 0.48
CA GLN G 804 -42.28 31.56 0.82
C GLN G 804 -40.77 31.44 0.83
N ILE G 805 -40.05 32.24 0.05
CA ILE G 805 -38.61 32.07 -0.08
C ILE G 805 -37.82 33.19 0.59
N LEU G 806 -38.39 34.38 0.76
CA LEU G 806 -37.71 35.41 1.52
C LEU G 806 -37.60 34.97 2.98
N PRO G 807 -36.55 35.41 3.68
CA PRO G 807 -36.45 35.08 5.11
C PRO G 807 -37.63 35.66 5.87
N ASP G 808 -38.07 34.92 6.87
CA ASP G 808 -39.24 35.34 7.64
C ASP G 808 -38.92 36.57 8.46
N PRO G 809 -39.62 37.69 8.27
CA PRO G 809 -39.39 38.85 9.14
C PRO G 809 -39.98 38.69 10.53
N SER G 810 -40.59 37.54 10.83
CA SER G 810 -41.22 37.30 12.12
C SER G 810 -40.27 36.59 13.09
N LYS G 811 -39.85 35.38 12.75
CA LYS G 811 -38.95 34.63 13.62
C LYS G 811 -37.57 35.25 13.57
N PRO G 812 -36.85 35.32 14.71
CA PRO G 812 -35.49 35.87 14.66
C PRO G 812 -34.55 35.11 13.74
N SER G 813 -34.70 33.80 13.64
CA SER G 813 -33.86 33.03 12.73
C SER G 813 -34.20 33.41 11.29
N LYS G 814 -33.21 33.91 10.57
CA LYS G 814 -33.42 34.43 9.22
C LYS G 814 -33.57 33.28 8.23
N ARG G 815 -34.71 32.58 8.28
CA ARG G 815 -34.96 31.45 7.42
C ARG G 815 -36.31 31.62 6.73
N SER G 816 -36.62 30.67 5.85
CA SER G 816 -37.88 30.67 5.12
C SER G 816 -38.50 29.28 5.18
N PRO G 817 -39.83 29.19 5.08
CA PRO G 817 -40.47 27.86 5.16
C PRO G 817 -39.90 26.86 4.17
N ILE G 818 -39.60 27.29 2.95
CA ILE G 818 -38.91 26.39 2.02
C ILE G 818 -37.57 25.99 2.60
N GLU G 819 -36.82 26.96 3.11
CA GLU G 819 -35.51 26.65 3.68
C GLU G 819 -35.63 25.75 4.90
N ASP G 820 -36.60 26.04 5.77
CA ASP G 820 -36.75 25.23 6.98
C ASP G 820 -37.16 23.81 6.65
N LEU G 821 -38.09 23.64 5.71
CA LEU G 821 -38.46 22.31 5.27
C LEU G 821 -37.28 21.58 4.65
N LEU G 822 -36.47 22.29 3.86
CA LEU G 822 -35.29 21.67 3.28
C LEU G 822 -34.33 21.21 4.35
N PHE G 823 -34.11 22.04 5.37
CA PHE G 823 -33.22 21.65 6.45
C PHE G 823 -33.76 20.45 7.22
N ASN G 824 -35.07 20.42 7.47
CA ASN G 824 -35.67 19.34 8.24
C ASN G 824 -35.76 18.02 7.49
N LYS G 825 -35.82 18.06 6.15
CA LYS G 825 -35.89 16.83 5.38
C LYS G 825 -34.57 16.07 5.34
N VAL G 826 -33.45 16.75 5.56
CA VAL G 826 -32.15 16.10 5.51
C VAL G 826 -31.86 15.48 6.88
N THR G 827 -31.53 14.20 6.88
CA THR G 827 -31.25 13.45 8.11
C THR G 827 -29.74 13.19 8.16
N LEU G 828 -29.04 14.01 8.93
CA LEU G 828 -27.59 13.87 9.08
C LEU G 828 -27.26 13.13 10.37
N GLY G 842 -21.40 14.06 23.77
CA GLY G 842 -22.23 13.17 22.95
C GLY G 842 -22.92 13.90 21.81
N ASP G 843 -22.30 14.98 21.34
CA ASP G 843 -22.87 15.75 20.24
C ASP G 843 -22.92 14.91 18.97
N ILE G 844 -24.05 14.95 18.28
CA ILE G 844 -24.27 14.12 17.10
C ILE G 844 -23.58 14.77 15.91
N ALA G 845 -22.82 13.96 15.17
CA ALA G 845 -22.11 14.43 13.99
C ALA G 845 -22.60 13.83 12.68
N ALA G 846 -23.29 12.69 12.72
CA ALA G 846 -23.82 12.06 11.52
C ALA G 846 -24.92 11.08 11.95
N ARG G 847 -25.38 10.26 11.00
CA ARG G 847 -26.45 9.32 11.29
C ARG G 847 -26.03 8.28 12.32
N ASP G 848 -24.89 7.64 12.11
CA ASP G 848 -24.38 6.62 13.01
C ASP G 848 -23.19 7.10 13.83
N LEU G 849 -22.89 8.40 13.79
CA LEU G 849 -21.74 8.95 14.48
C LEU G 849 -22.22 9.81 15.65
N ILE G 850 -21.87 9.40 16.87
CA ILE G 850 -22.23 10.20 18.02
C ILE G 850 -21.01 10.57 18.86
N CYS G 851 -20.38 9.60 19.54
CA CYS G 851 -19.27 9.94 20.42
C CYS G 851 -18.11 8.95 20.39
N ALA G 852 -18.27 7.74 19.86
CA ALA G 852 -17.15 6.80 19.86
C ALA G 852 -16.03 7.30 18.95
N GLN G 853 -16.38 7.80 17.77
CA GLN G 853 -15.40 8.37 16.86
C GLN G 853 -14.72 9.59 17.46
N LYS G 854 -15.49 10.44 18.14
CA LYS G 854 -14.89 11.62 18.78
C LYS G 854 -13.94 11.23 19.91
N PHE G 855 -13.96 9.98 20.34
CA PHE G 855 -13.10 9.50 21.43
C PHE G 855 -12.04 8.52 20.94
N ASN G 856 -11.65 8.61 19.67
CA ASN G 856 -10.56 7.81 19.13
C ASN G 856 -9.70 8.65 18.20
N GLY G 857 -9.46 9.90 18.57
CA GLY G 857 -8.66 10.79 17.76
C GLY G 857 -9.43 11.49 16.69
N LEU G 858 -10.49 10.86 16.20
CA LEU G 858 -11.27 11.41 15.10
C LEU G 858 -12.02 12.66 15.58
N THR G 859 -11.59 13.83 15.11
CA THR G 859 -12.25 15.08 15.43
C THR G 859 -12.98 15.60 14.20
N VAL G 860 -13.91 16.51 14.44
CA VAL G 860 -14.69 17.14 13.38
C VAL G 860 -14.58 18.64 13.57
N LEU G 861 -13.67 19.28 12.86
CA LEU G 861 -13.53 20.72 12.95
C LEU G 861 -14.78 21.38 12.39
N PRO G 862 -15.38 22.33 13.10
CA PRO G 862 -16.63 22.92 12.63
C PRO G 862 -16.40 23.75 11.37
N PRO G 863 -17.41 23.91 10.53
CA PRO G 863 -17.26 24.73 9.33
C PRO G 863 -16.99 26.18 9.67
N LEU G 864 -16.26 26.86 8.78
CA LEU G 864 -15.90 28.24 9.02
C LEU G 864 -17.11 29.16 9.04
N LEU G 865 -18.10 28.91 8.18
CA LEU G 865 -19.28 29.74 8.11
C LEU G 865 -20.44 29.06 8.82
N THR G 866 -21.13 29.81 9.68
CA THR G 866 -22.31 29.30 10.35
C THR G 866 -23.51 29.39 9.43
N ASP G 867 -24.57 28.67 9.79
CA ASP G 867 -25.75 28.61 8.94
C ASP G 867 -26.40 29.99 8.82
N GLU G 868 -26.37 30.78 9.90
CA GLU G 868 -27.01 32.09 9.87
C GLU G 868 -26.37 33.00 8.85
N MET G 869 -25.04 33.02 8.78
CA MET G 869 -24.37 33.89 7.81
C MET G 869 -24.64 33.43 6.38
N ILE G 870 -24.70 32.12 6.15
CA ILE G 870 -25.05 31.64 4.82
C ILE G 870 -26.45 32.09 4.46
N ALA G 871 -27.38 32.01 5.41
CA ALA G 871 -28.73 32.50 5.17
C ALA G 871 -28.72 33.99 4.87
N GLN G 872 -27.86 34.74 5.55
CA GLN G 872 -27.77 36.17 5.28
C GLN G 872 -27.26 36.44 3.86
N TYR G 873 -26.26 35.68 3.43
CA TYR G 873 -25.78 35.80 2.04
C TYR G 873 -26.88 35.49 1.04
N THR G 874 -27.63 34.40 1.27
CA THR G 874 -28.70 34.07 0.34
C THR G 874 -29.77 35.15 0.33
N SER G 875 -30.07 35.71 1.50
CA SER G 875 -31.02 36.81 1.55
C SER G 875 -30.51 38.01 0.77
N ALA G 876 -29.21 38.29 0.88
CA ALA G 876 -28.65 39.41 0.12
C ALA G 876 -28.74 39.16 -1.38
N LEU G 877 -28.42 37.95 -1.81
CA LEU G 877 -28.51 37.62 -3.23
C LEU G 877 -29.92 37.77 -3.73
N LEU G 878 -30.90 37.31 -2.94
CA LEU G 878 -32.29 37.46 -3.32
C LEU G 878 -32.68 38.93 -3.40
N ALA G 879 -32.22 39.74 -2.43
CA ALA G 879 -32.57 41.15 -2.44
C ALA G 879 -32.02 41.83 -3.69
N GLY G 880 -30.78 41.52 -4.05
CA GLY G 880 -30.21 42.09 -5.25
C GLY G 880 -30.91 41.62 -6.52
N THR G 881 -31.27 40.33 -6.56
CA THR G 881 -31.93 39.81 -7.75
C THR G 881 -33.34 40.38 -7.91
N ILE G 882 -33.97 40.78 -6.81
CA ILE G 882 -35.33 41.27 -6.89
C ILE G 882 -35.38 42.76 -7.13
N THR G 883 -34.70 43.56 -6.33
CA THR G 883 -34.82 45.01 -6.44
C THR G 883 -33.80 45.64 -7.37
N SER G 884 -32.91 44.86 -7.93
CA SER G 884 -31.86 45.52 -8.71
C SER G 884 -31.71 44.95 -10.11
N GLY G 885 -31.84 43.64 -10.29
CA GLY G 885 -31.59 43.03 -11.57
C GLY G 885 -30.22 42.40 -11.63
N TRP G 886 -29.59 42.40 -12.81
CA TRP G 886 -28.25 41.86 -12.96
C TRP G 886 -27.17 42.89 -12.69
N THR G 887 -27.53 44.12 -12.36
CA THR G 887 -26.53 45.15 -12.21
C THR G 887 -25.61 44.88 -11.02
N PHE G 888 -26.15 44.39 -9.90
CA PHE G 888 -25.33 44.35 -8.71
C PHE G 888 -24.18 43.34 -8.81
N GLY G 889 -24.18 42.51 -9.84
CA GLY G 889 -23.06 41.62 -10.05
C GLY G 889 -21.91 42.23 -10.80
N ALA G 890 -21.99 43.51 -11.14
CA ALA G 890 -20.97 44.21 -11.94
C ALA G 890 -20.62 45.55 -11.32
N GLY G 891 -20.51 45.59 -9.99
CA GLY G 891 -20.17 46.81 -9.31
C GLY G 891 -21.34 47.43 -8.59
N PRO G 892 -21.48 48.75 -8.69
CA PRO G 892 -22.62 49.43 -8.06
C PRO G 892 -23.94 48.98 -8.68
N ALA G 893 -24.97 48.93 -7.83
CA ALA G 893 -26.29 48.45 -8.21
C ALA G 893 -27.19 49.61 -8.61
N LEU G 894 -28.30 49.26 -9.25
CA LEU G 894 -29.30 50.22 -9.71
C LEU G 894 -30.65 49.75 -9.20
N GLN G 895 -31.58 50.68 -9.04
CA GLN G 895 -32.91 50.28 -8.61
C GLN G 895 -33.92 50.45 -9.74
N ILE G 896 -34.67 49.38 -10.00
CA ILE G 896 -35.65 49.30 -11.07
C ILE G 896 -36.77 48.38 -10.59
N PRO G 897 -38.03 48.69 -10.86
CA PRO G 897 -39.13 47.88 -10.33
C PRO G 897 -39.07 46.44 -10.81
N PHE G 898 -39.99 45.63 -10.31
CA PHE G 898 -40.00 44.23 -10.72
C PHE G 898 -40.69 43.98 -12.06
N PRO G 899 -41.93 44.46 -12.28
CA PRO G 899 -42.58 44.14 -13.56
C PRO G 899 -41.78 44.58 -14.76
N MET G 900 -41.16 45.74 -14.69
CA MET G 900 -40.30 46.14 -15.79
C MET G 900 -38.91 45.56 -15.68
N GLN G 901 -38.74 44.49 -14.88
CA GLN G 901 -37.55 43.65 -15.02
C GLN G 901 -37.87 42.40 -15.83
N MET G 902 -38.95 41.70 -15.52
CA MET G 902 -39.45 40.68 -16.44
C MET G 902 -39.71 41.26 -17.82
N ALA G 903 -40.17 42.51 -17.89
CA ALA G 903 -40.42 43.11 -19.19
C ALA G 903 -39.15 43.19 -20.02
N TYR G 904 -38.00 43.29 -19.38
CA TYR G 904 -36.76 43.23 -20.13
C TYR G 904 -36.25 41.81 -20.29
N ARG G 905 -36.52 40.93 -19.32
CA ARG G 905 -36.02 39.56 -19.43
C ARG G 905 -36.67 38.83 -20.58
N PHE G 906 -37.98 39.02 -20.81
CA PHE G 906 -38.59 38.48 -22.01
C PHE G 906 -37.98 39.03 -23.28
N ASN G 907 -37.35 40.19 -23.23
CA ASN G 907 -36.61 40.63 -24.41
C ASN G 907 -35.41 39.76 -24.69
N GLY G 908 -35.02 38.90 -23.74
CA GLY G 908 -33.86 38.04 -23.86
C GLY G 908 -34.09 36.62 -24.33
N ILE G 909 -35.30 36.25 -24.73
CA ILE G 909 -35.56 34.93 -25.28
C ILE G 909 -36.18 34.98 -26.66
N GLY G 910 -36.71 36.11 -27.09
CA GLY G 910 -37.33 36.21 -28.39
C GLY G 910 -38.79 36.62 -28.41
N VAL G 911 -39.31 37.18 -27.32
CA VAL G 911 -40.67 37.67 -27.26
C VAL G 911 -40.66 39.11 -26.76
N THR G 912 -41.33 39.99 -27.48
CA THR G 912 -41.27 41.41 -27.15
C THR G 912 -42.12 41.68 -25.91
N GLN G 913 -41.73 42.71 -25.15
CA GLN G 913 -42.24 42.87 -23.79
C GLN G 913 -43.74 43.13 -23.72
N ASN G 914 -44.38 43.59 -24.80
CA ASN G 914 -45.78 43.96 -24.71
C ASN G 914 -46.66 42.78 -24.30
N VAL G 915 -46.16 41.56 -24.53
CA VAL G 915 -46.88 40.37 -24.07
C VAL G 915 -47.08 40.41 -22.56
N LEU G 916 -46.01 40.71 -21.83
CA LEU G 916 -46.09 40.64 -20.37
C LEU G 916 -47.02 41.69 -19.80
N TYR G 917 -46.96 42.91 -20.32
CA TYR G 917 -47.87 43.95 -19.81
C TYR G 917 -49.30 43.68 -20.24
N GLU G 918 -49.49 42.92 -21.32
CA GLU G 918 -50.86 42.57 -21.63
C GLU G 918 -51.34 41.34 -20.89
N ASN G 919 -50.45 40.59 -20.23
CA ASN G 919 -50.87 39.39 -19.50
C ASN G 919 -50.33 39.40 -18.06
N GLN G 920 -50.16 40.59 -17.50
CA GLN G 920 -49.59 40.71 -16.15
C GLN G 920 -50.34 39.88 -15.13
N LYS G 921 -51.67 39.99 -15.09
CA LYS G 921 -52.44 39.31 -14.05
C LYS G 921 -52.28 37.79 -14.16
N LEU G 922 -52.41 37.27 -15.38
CA LEU G 922 -52.27 35.83 -15.57
C LEU G 922 -50.87 35.36 -15.20
N ILE G 923 -49.85 36.12 -15.58
CA ILE G 923 -48.49 35.71 -15.27
C ILE G 923 -48.26 35.70 -13.77
N ALA G 924 -48.80 36.70 -13.07
CA ALA G 924 -48.68 36.74 -11.62
C ALA G 924 -49.32 35.51 -10.99
N ASN G 925 -50.54 35.20 -11.41
CA ASN G 925 -51.21 34.03 -10.85
C ASN G 925 -50.43 32.77 -11.13
N GLN G 926 -49.90 32.64 -12.35
CA GLN G 926 -49.16 31.45 -12.72
C GLN G 926 -47.90 31.30 -11.89
N PHE G 927 -47.17 32.40 -11.69
CA PHE G 927 -45.95 32.33 -10.90
C PHE G 927 -46.24 31.96 -9.46
N ASN G 928 -47.30 32.55 -8.89
CA ASN G 928 -47.64 32.23 -7.50
C ASN G 928 -48.06 30.76 -7.37
N SER G 929 -48.85 30.27 -8.32
CA SER G 929 -49.24 28.86 -8.29
C SER G 929 -48.02 27.95 -8.45
N ALA G 930 -47.06 28.36 -9.27
CA ALA G 930 -45.85 27.57 -9.43
C ALA G 930 -45.06 27.48 -8.13
N ILE G 931 -44.95 28.61 -7.42
CA ILE G 931 -44.27 28.59 -6.13
C ILE G 931 -44.99 27.67 -5.17
N GLY G 932 -46.33 27.76 -5.13
CA GLY G 932 -47.10 26.87 -4.28
C GLY G 932 -46.89 25.41 -4.63
N LYS G 933 -46.78 25.12 -5.93
CA LYS G 933 -46.56 23.74 -6.36
C LYS G 933 -45.19 23.24 -5.89
N ILE G 934 -44.17 24.08 -5.98
CA ILE G 934 -42.88 23.69 -5.42
C ILE G 934 -43.02 23.40 -3.94
N GLN G 935 -43.73 24.27 -3.22
CA GLN G 935 -43.84 24.09 -1.78
C GLN G 935 -44.51 22.77 -1.45
N ASP G 936 -45.59 22.43 -2.15
CA ASP G 936 -46.31 21.21 -1.80
C ASP G 936 -45.55 19.97 -2.25
N SER G 937 -44.94 20.00 -3.43
CA SER G 937 -44.17 18.84 -3.88
C SER G 937 -42.99 18.57 -2.97
N LEU G 938 -42.31 19.63 -2.53
CA LEU G 938 -41.26 19.45 -1.54
C LEU G 938 -41.83 18.95 -0.22
N SER G 939 -43.03 19.41 0.13
CA SER G 939 -43.64 19.03 1.40
C SER G 939 -44.02 17.56 1.45
N SER G 940 -44.31 16.95 0.29
CA SER G 940 -44.84 15.60 0.23
C SER G 940 -44.00 14.72 -0.69
N THR G 941 -42.68 14.76 -0.51
CA THR G 941 -41.78 13.90 -1.27
C THR G 941 -40.91 13.10 -0.31
N PRO G 942 -40.91 11.76 -0.40
CA PRO G 942 -40.09 10.95 0.50
C PRO G 942 -38.59 11.05 0.23
N SER G 943 -38.19 10.83 -1.02
CA SER G 943 -36.79 10.79 -1.41
C SER G 943 -36.58 11.65 -2.64
N ALA G 944 -36.34 12.95 -2.43
CA ALA G 944 -35.98 13.86 -3.49
C ALA G 944 -34.63 14.52 -3.26
N LEU G 945 -33.95 14.18 -2.17
CA LEU G 945 -32.66 14.78 -1.85
C LEU G 945 -31.59 13.70 -1.74
N GLY G 946 -31.57 12.78 -2.70
CA GLY G 946 -30.51 11.79 -2.72
C GLY G 946 -29.15 12.40 -3.01
N LYS G 947 -29.11 13.41 -3.88
CA LYS G 947 -27.84 14.01 -4.28
C LYS G 947 -27.10 14.64 -3.12
N LEU G 948 -27.79 14.92 -2.01
CA LEU G 948 -27.14 15.43 -0.80
C LEU G 948 -26.97 14.35 0.24
N GLN G 949 -27.97 13.49 0.41
CA GLN G 949 -27.88 12.43 1.41
C GLN G 949 -26.76 11.46 1.10
N ASP G 950 -26.46 11.27 -0.19
CA ASP G 950 -25.44 10.30 -0.59
C ASP G 950 -24.07 10.68 -0.04
N VAL G 951 -23.73 11.96 -0.08
CA VAL G 951 -22.41 12.39 0.38
C VAL G 951 -22.23 12.06 1.86
N VAL G 952 -23.23 12.43 2.67
CA VAL G 952 -23.16 12.18 4.10
C VAL G 952 -23.13 10.68 4.36
N ASN G 953 -23.96 9.91 3.65
CA ASN G 953 -23.99 8.47 3.85
C ASN G 953 -22.64 7.85 3.54
N GLN G 954 -22.04 8.24 2.43
CA GLN G 954 -20.75 7.67 2.04
C GLN G 954 -19.68 8.01 3.06
N ASN G 955 -19.63 9.28 3.49
CA ASN G 955 -18.62 9.67 4.46
C ASN G 955 -18.79 8.89 5.76
N ALA G 956 -20.03 8.79 6.24
CA ALA G 956 -20.27 8.07 7.49
C ALA G 956 -19.89 6.60 7.36
N GLN G 957 -20.25 5.97 6.25
CA GLN G 957 -19.93 4.55 6.08
C GLN G 957 -18.43 4.34 6.02
N ALA G 958 -17.71 5.23 5.34
CA ALA G 958 -16.26 5.12 5.29
C ALA G 958 -15.66 5.22 6.68
N LEU G 959 -16.14 6.18 7.47
CA LEU G 959 -15.58 6.33 8.82
C LEU G 959 -15.91 5.13 9.70
N ASN G 960 -17.14 4.59 9.56
CA ASN G 960 -17.48 3.40 10.34
C ASN G 960 -16.58 2.24 9.96
N THR G 961 -16.31 2.06 8.66
CA THR G 961 -15.41 0.99 8.26
C THR G 961 -14.02 1.20 8.83
N LEU G 962 -13.53 2.43 8.80
CA LEU G 962 -12.21 2.72 9.35
C LEU G 962 -12.14 2.40 10.83
N VAL G 963 -13.19 2.76 11.58
CA VAL G 963 -13.21 2.45 13.00
C VAL G 963 -13.26 0.94 13.23
N LYS G 964 -14.15 0.25 12.50
CA LYS G 964 -14.28 -1.19 12.68
C LYS G 964 -13.00 -1.93 12.31
N GLN G 965 -12.17 -1.33 11.47
CA GLN G 965 -10.91 -1.97 11.11
C GLN G 965 -10.02 -2.22 12.31
N LEU G 966 -10.22 -1.48 13.41
CA LEU G 966 -9.39 -1.68 14.59
C LEU G 966 -9.56 -3.09 15.17
N SER G 967 -10.79 -3.61 15.17
CA SER G 967 -11.03 -4.97 15.63
C SER G 967 -10.61 -5.96 14.54
N SER G 968 -9.30 -6.08 14.40
CA SER G 968 -8.73 -6.98 13.40
C SER G 968 -7.34 -7.39 13.88
N ASN G 969 -7.18 -8.68 14.17
CA ASN G 969 -5.93 -9.17 14.73
C ASN G 969 -4.79 -9.20 13.73
N PHE G 970 -5.09 -9.13 12.43
CA PHE G 970 -4.06 -9.08 11.38
C PHE G 970 -3.07 -10.24 11.51
N GLY G 971 -3.54 -11.37 12.01
CA GLY G 971 -2.67 -12.50 12.22
C GLY G 971 -1.91 -12.47 13.54
N ALA G 972 -2.07 -11.42 14.34
CA ALA G 972 -1.40 -11.36 15.62
C ALA G 972 -2.18 -12.14 16.67
N ILE G 973 -1.58 -12.26 17.85
CA ILE G 973 -2.20 -12.99 18.95
C ILE G 973 -3.50 -12.35 19.41
N SER G 974 -3.56 -11.01 19.45
CA SER G 974 -4.77 -10.34 19.90
C SER G 974 -4.94 -9.07 19.10
N SER G 975 -6.15 -8.53 19.14
CA SER G 975 -6.47 -7.29 18.44
C SER G 975 -6.36 -6.06 19.33
N VAL G 976 -5.94 -6.22 20.58
CA VAL G 976 -5.74 -5.09 21.49
C VAL G 976 -4.27 -5.04 21.86
N LEU G 977 -3.64 -3.90 21.56
CA LEU G 977 -2.20 -3.77 21.79
C LEU G 977 -1.87 -3.85 23.28
N ASN G 978 -2.79 -3.41 24.13
CA ASN G 978 -2.55 -3.48 25.57
C ASN G 978 -2.40 -4.94 26.01
N ASP G 979 -3.22 -5.83 25.44
CA ASP G 979 -3.07 -7.24 25.73
C ASP G 979 -1.69 -7.74 25.29
N ILE G 980 -1.23 -7.30 24.12
CA ILE G 980 0.09 -7.70 23.65
C ILE G 980 1.17 -7.23 24.62
N LEU G 981 1.08 -5.98 25.07
CA LEU G 981 2.07 -5.45 25.98
C LEU G 981 2.06 -6.20 27.31
N SER G 982 0.87 -6.48 27.84
CA SER G 982 0.77 -7.16 29.12
C SER G 982 1.10 -8.64 29.03
N ARG G 983 1.06 -9.21 27.84
CA ARG G 983 1.29 -10.64 27.65
C ARG G 983 2.71 -10.96 27.21
N LEU G 984 3.28 -10.19 26.29
CA LEU G 984 4.57 -10.48 25.71
C LEU G 984 5.57 -9.38 26.05
N ASP G 985 6.77 -9.79 26.45
CA ASP G 985 7.83 -8.84 26.74
C ASP G 985 8.36 -8.20 25.45
N PRO G 986 8.98 -7.04 25.57
CA PRO G 986 9.42 -6.29 24.37
C PRO G 986 10.34 -7.08 23.45
N PRO G 987 11.25 -7.92 23.97
CA PRO G 987 12.22 -8.57 23.05
C PRO G 987 11.60 -9.28 21.86
N GLU G 988 10.37 -9.80 21.97
CA GLU G 988 9.72 -10.44 20.83
C GLU G 988 8.30 -9.93 20.61
N ALA G 989 7.91 -8.83 21.24
CA ALA G 989 6.62 -8.22 20.96
C ALA G 989 6.68 -7.24 19.81
N GLU G 990 7.88 -6.83 19.41
CA GLU G 990 8.02 -5.85 18.34
C GLU G 990 7.52 -6.39 17.01
N VAL G 991 7.65 -7.70 16.79
CA VAL G 991 7.13 -8.28 15.55
C VAL G 991 5.63 -8.06 15.45
N GLN G 992 4.91 -8.40 16.53
CA GLN G 992 3.47 -8.23 16.55
C GLN G 992 3.10 -6.76 16.39
N ILE G 993 3.82 -5.89 17.12
CA ILE G 993 3.54 -4.46 17.02
C ILE G 993 3.72 -3.99 15.59
N ASP G 994 4.78 -4.43 14.93
CA ASP G 994 5.05 -4.01 13.57
C ASP G 994 3.96 -4.47 12.62
N ARG G 995 3.49 -5.70 12.79
CA ARG G 995 2.39 -6.19 11.96
C ARG G 995 1.16 -5.30 12.12
N LEU G 996 0.78 -5.03 13.37
CA LEU G 996 -0.39 -4.20 13.60
C LEU G 996 -0.24 -2.82 12.99
N ILE G 997 0.94 -2.22 13.18
CA ILE G 997 1.17 -0.89 12.64
C ILE G 997 1.09 -0.91 11.12
N THR G 998 1.67 -1.93 10.49
CA THR G 998 1.64 -2.01 9.04
C THR G 998 0.21 -2.05 8.53
N GLY G 999 -0.61 -2.92 9.13
CA GLY G 999 -1.98 -3.05 8.67
C GLY G 999 -2.78 -1.77 8.87
N ARG G 1000 -2.69 -1.19 10.07
CA ARG G 1000 -3.45 0.02 10.32
C ARG G 1000 -2.97 1.15 9.42
N LEU G 1001 -1.66 1.24 9.19
CA LEU G 1001 -1.14 2.25 8.26
C LEU G 1001 -1.79 2.09 6.90
N GLN G 1002 -1.75 0.88 6.36
CA GLN G 1002 -2.37 0.61 5.06
C GLN G 1002 -3.81 1.12 5.05
N SER G 1003 -4.54 0.85 6.12
CA SER G 1003 -5.90 1.38 6.21
C SER G 1003 -5.90 2.89 6.11
N LEU G 1004 -4.94 3.53 6.78
CA LEU G 1004 -4.88 5.00 6.75
C LEU G 1004 -4.72 5.52 5.33
N GLN G 1005 -3.71 5.04 4.60
CA GLN G 1005 -3.55 5.67 3.28
C GLN G 1005 -4.69 5.28 2.36
N THR G 1006 -5.30 4.11 2.57
CA THR G 1006 -6.49 3.79 1.78
C THR G 1006 -7.59 4.82 2.01
N TYR G 1007 -7.89 5.11 3.28
CA TYR G 1007 -8.92 6.07 3.60
C TYR G 1007 -8.57 7.46 3.08
N VAL G 1008 -7.30 7.85 3.22
CA VAL G 1008 -6.89 9.17 2.77
C VAL G 1008 -7.02 9.30 1.27
N THR G 1009 -6.63 8.27 0.53
CA THR G 1009 -6.76 8.30 -0.92
C THR G 1009 -8.22 8.43 -1.33
N GLN G 1010 -9.10 7.65 -0.71
CA GLN G 1010 -10.51 7.75 -1.06
C GLN G 1010 -11.05 9.14 -0.75
N GLN G 1011 -10.66 9.71 0.39
CA GLN G 1011 -11.10 11.05 0.73
C GLN G 1011 -10.59 12.08 -0.28
N LEU G 1012 -9.34 11.93 -0.72
CA LEU G 1012 -8.80 12.84 -1.72
C LEU G 1012 -9.61 12.80 -3.00
N ILE G 1013 -9.92 11.59 -3.46
CA ILE G 1013 -10.69 11.48 -4.70
C ILE G 1013 -12.05 12.15 -4.53
N ARG G 1014 -12.75 11.83 -3.43
CA ARG G 1014 -14.06 12.42 -3.20
C ARG G 1014 -13.97 13.94 -3.14
N ALA G 1015 -12.89 14.46 -2.58
CA ALA G 1015 -12.66 15.90 -2.59
C ALA G 1015 -12.54 16.40 -4.01
N ALA G 1016 -11.92 15.62 -4.89
CA ALA G 1016 -11.83 16.03 -6.29
C ALA G 1016 -13.21 16.15 -6.92
N GLU G 1017 -14.06 15.14 -6.73
CA GLU G 1017 -15.39 15.25 -7.33
C GLU G 1017 -16.17 16.41 -6.75
N ILE G 1018 -16.08 16.62 -5.43
CA ILE G 1018 -16.84 17.72 -4.84
C ILE G 1018 -16.31 19.05 -5.33
N ARG G 1019 -15.00 19.15 -5.58
CA ARG G 1019 -14.44 20.37 -6.15
C ARG G 1019 -15.03 20.63 -7.53
N ALA G 1020 -15.11 19.60 -8.36
CA ALA G 1020 -15.69 19.77 -9.69
C ALA G 1020 -17.14 20.24 -9.58
N SER G 1021 -17.90 19.61 -8.69
CA SER G 1021 -19.30 19.99 -8.52
C SER G 1021 -19.43 21.41 -8.01
N ALA G 1022 -18.57 21.82 -7.09
CA ALA G 1022 -18.62 23.18 -6.57
C ALA G 1022 -18.31 24.19 -7.66
N ASN G 1023 -17.33 23.90 -8.50
CA ASN G 1023 -17.03 24.81 -9.60
C ASN G 1023 -18.22 24.93 -10.54
N LEU G 1024 -18.85 23.80 -10.85
CA LEU G 1024 -20.04 23.86 -11.70
C LEU G 1024 -21.13 24.70 -11.06
N ALA G 1025 -21.34 24.52 -9.75
CA ALA G 1025 -22.35 25.31 -9.05
C ALA G 1025 -22.01 26.78 -9.07
N ALA G 1026 -20.73 27.12 -8.92
CA ALA G 1026 -20.34 28.51 -8.94
C ALA G 1026 -20.64 29.13 -10.29
N THR G 1027 -20.33 28.41 -11.37
CA THR G 1027 -20.64 28.92 -12.70
C THR G 1027 -22.15 29.07 -12.88
N LYS G 1028 -22.92 28.11 -12.36
CA LYS G 1028 -24.37 28.21 -12.46
C LYS G 1028 -24.89 29.44 -11.74
N MET G 1029 -24.37 29.68 -10.54
CA MET G 1029 -24.81 30.83 -9.76
C MET G 1029 -24.45 32.14 -10.44
N SER G 1030 -23.24 32.21 -10.99
CA SER G 1030 -22.79 33.45 -11.60
C SER G 1030 -23.42 33.70 -12.96
N GLU G 1031 -23.88 32.66 -13.65
CA GLU G 1031 -24.44 32.84 -14.98
C GLU G 1031 -25.96 32.87 -15.01
N CYS G 1032 -26.63 32.25 -14.05
CA CYS G 1032 -28.08 32.31 -13.99
C CYS G 1032 -28.55 33.49 -13.14
N VAL G 1033 -28.19 33.49 -11.85
CA VAL G 1033 -28.78 34.43 -10.90
C VAL G 1033 -28.44 35.86 -11.27
N LEU G 1034 -27.16 36.13 -11.50
CA LEU G 1034 -26.67 37.49 -11.72
C LEU G 1034 -26.89 37.97 -13.13
N GLY G 1035 -27.76 37.30 -13.89
CA GLY G 1035 -27.96 37.70 -15.28
C GLY G 1035 -29.00 36.80 -15.92
N GLN G 1036 -28.84 36.60 -17.23
CA GLN G 1036 -29.68 35.68 -17.99
C GLN G 1036 -28.82 34.98 -19.01
N SER G 1037 -28.80 33.66 -18.99
CA SER G 1037 -27.90 32.87 -19.81
C SER G 1037 -28.62 32.35 -21.04
N LYS G 1038 -28.12 32.72 -22.21
CA LYS G 1038 -28.70 32.26 -23.46
C LYS G 1038 -28.42 30.79 -23.73
N ARG G 1039 -27.56 30.15 -22.95
CA ARG G 1039 -27.35 28.72 -23.09
C ARG G 1039 -28.61 27.96 -22.71
N VAL G 1040 -28.75 26.77 -23.26
CA VAL G 1040 -29.87 25.89 -22.95
C VAL G 1040 -29.35 24.69 -22.19
N ASP G 1041 -30.22 24.09 -21.37
CA ASP G 1041 -29.87 22.97 -20.50
C ASP G 1041 -28.80 23.36 -19.49
N PHE G 1042 -28.64 24.66 -19.23
CA PHE G 1042 -27.74 25.12 -18.18
C PHE G 1042 -28.48 25.86 -17.09
N CYS G 1043 -29.23 26.90 -17.44
CA CYS G 1043 -30.12 27.57 -16.49
C CYS G 1043 -31.55 27.06 -16.67
N GLY G 1044 -31.74 25.78 -16.40
CA GLY G 1044 -33.05 25.17 -16.49
C GLY G 1044 -33.39 24.70 -17.90
N LYS G 1045 -34.54 24.06 -18.00
CA LYS G 1045 -35.00 23.44 -19.24
C LYS G 1045 -35.90 24.39 -19.99
N GLY G 1046 -35.47 24.80 -21.18
CA GLY G 1046 -36.21 25.77 -21.97
C GLY G 1046 -35.61 27.15 -21.85
N TYR G 1047 -36.30 28.10 -22.48
CA TYR G 1047 -35.88 29.49 -22.41
C TYR G 1047 -35.91 29.97 -20.97
N HIS G 1048 -34.76 30.36 -20.43
CA HIS G 1048 -34.61 30.65 -19.02
C HIS G 1048 -34.98 32.09 -18.71
N LEU G 1049 -35.42 32.36 -17.48
CA LEU G 1049 -35.67 33.73 -17.07
C LEU G 1049 -34.75 34.20 -15.95
N MET G 1050 -34.73 33.52 -14.81
CA MET G 1050 -33.89 33.91 -13.68
C MET G 1050 -33.84 32.75 -12.70
N SER G 1051 -33.32 33.00 -11.51
CA SER G 1051 -33.16 31.92 -10.55
C SER G 1051 -33.32 32.48 -9.14
N PHE G 1052 -33.20 31.59 -8.17
CA PHE G 1052 -33.22 31.89 -6.74
C PHE G 1052 -32.44 30.82 -6.01
N PRO G 1053 -31.41 31.17 -5.26
CA PRO G 1053 -30.67 30.17 -4.49
C PRO G 1053 -31.29 29.93 -3.12
N GLN G 1054 -31.07 28.72 -2.62
CA GLN G 1054 -31.41 28.38 -1.25
C GLN G 1054 -30.29 27.56 -0.65
N SER G 1055 -30.03 27.77 0.63
CA SER G 1055 -28.99 27.04 1.35
C SER G 1055 -29.56 25.74 1.89
N ALA G 1056 -28.68 24.76 2.05
CA ALA G 1056 -29.07 23.48 2.61
C ALA G 1056 -27.83 22.82 3.18
N PRO G 1057 -27.99 21.87 4.10
CA PRO G 1057 -26.81 21.23 4.69
C PRO G 1057 -25.84 20.72 3.63
N HIS G 1058 -24.66 21.33 3.57
CA HIS G 1058 -23.63 20.94 2.61
C HIS G 1058 -24.14 20.97 1.18
N GLY G 1059 -24.91 21.98 0.83
CA GLY G 1059 -25.37 22.06 -0.55
C GLY G 1059 -26.24 23.27 -0.80
N VAL G 1060 -26.56 23.45 -2.08
CA VAL G 1060 -27.42 24.54 -2.51
C VAL G 1060 -28.51 23.97 -3.40
N VAL G 1061 -29.61 24.71 -3.46
CA VAL G 1061 -30.78 24.34 -4.26
C VAL G 1061 -31.19 25.53 -5.09
N PHE G 1062 -31.27 25.33 -6.40
CA PHE G 1062 -31.67 26.37 -7.33
C PHE G 1062 -33.09 26.11 -7.81
N LEU G 1063 -33.86 27.18 -7.93
CA LEU G 1063 -35.21 27.13 -8.49
C LEU G 1063 -35.19 27.84 -9.84
N HIS G 1064 -34.82 27.11 -10.89
CA HIS G 1064 -34.85 27.71 -12.21
C HIS G 1064 -36.29 28.01 -12.59
N VAL G 1065 -36.51 29.18 -13.14
CA VAL G 1065 -37.81 29.59 -13.66
C VAL G 1065 -37.69 29.64 -15.17
N THR G 1066 -38.45 28.80 -15.86
CA THR G 1066 -38.34 28.65 -17.29
C THR G 1066 -39.68 28.91 -17.97
N TYR G 1067 -39.60 29.26 -19.25
CA TYR G 1067 -40.74 29.60 -20.08
C TYR G 1067 -40.90 28.53 -21.13
N VAL G 1068 -42.07 27.90 -21.20
CA VAL G 1068 -42.31 26.76 -22.07
C VAL G 1068 -43.61 26.95 -22.83
N PRO G 1069 -43.59 27.01 -24.16
CA PRO G 1069 -44.84 27.07 -24.92
C PRO G 1069 -45.64 25.79 -24.79
N ALA G 1070 -46.97 25.92 -24.87
CA ALA G 1070 -47.79 24.74 -24.62
C ALA G 1070 -48.60 24.30 -25.83
N GLN G 1071 -49.53 25.15 -26.30
CA GLN G 1071 -50.42 24.73 -27.37
C GLN G 1071 -49.84 25.13 -28.72
N GLU G 1072 -50.24 24.41 -29.76
CA GLU G 1072 -49.64 24.56 -31.08
C GLU G 1072 -50.72 24.80 -32.13
N LYS G 1073 -50.37 25.57 -33.17
CA LYS G 1073 -51.33 25.88 -34.23
C LYS G 1073 -50.65 25.88 -35.59
N ASN G 1074 -51.41 25.47 -36.60
CA ASN G 1074 -50.93 25.34 -37.97
C ASN G 1074 -51.10 26.64 -38.74
N PHE G 1075 -50.17 26.88 -39.67
CA PHE G 1075 -50.28 27.98 -40.61
C PHE G 1075 -49.52 27.61 -41.88
N THR G 1076 -49.77 28.38 -42.95
CA THR G 1076 -49.12 28.17 -44.24
C THR G 1076 -48.03 29.22 -44.45
N THR G 1077 -46.82 28.76 -44.75
CA THR G 1077 -45.63 29.60 -44.74
C THR G 1077 -45.04 29.78 -46.13
N ALA G 1078 -44.20 30.81 -46.26
CA ALA G 1078 -43.45 31.11 -47.47
C ALA G 1078 -42.30 32.06 -47.15
N PRO G 1079 -41.07 31.72 -47.50
CA PRO G 1079 -39.93 32.44 -46.95
C PRO G 1079 -39.59 33.72 -47.69
N ALA G 1080 -40.49 34.21 -48.53
CA ALA G 1080 -40.24 35.45 -49.25
C ALA G 1080 -41.55 35.96 -49.81
N ILE G 1081 -41.55 37.23 -50.21
CA ILE G 1081 -42.73 37.85 -50.81
C ILE G 1081 -42.29 38.77 -51.93
N CYS G 1082 -42.99 38.72 -53.05
CA CYS G 1082 -42.77 39.61 -54.18
C CYS G 1082 -43.99 40.50 -54.36
N HIS G 1083 -43.76 41.81 -54.46
CA HIS G 1083 -44.84 42.77 -54.62
C HIS G 1083 -44.82 43.49 -55.97
N ASP G 1084 -43.71 44.11 -56.33
CA ASP G 1084 -43.60 44.89 -57.55
C ASP G 1084 -42.35 44.51 -58.31
N GLY G 1085 -42.15 43.21 -58.49
CA GLY G 1085 -40.96 42.73 -59.17
C GLY G 1085 -39.72 42.75 -58.32
N LYS G 1086 -39.83 43.09 -57.04
CA LYS G 1086 -38.71 43.13 -56.12
C LYS G 1086 -38.99 42.21 -54.94
N ALA G 1087 -37.99 41.46 -54.52
CA ALA G 1087 -38.18 40.55 -53.40
C ALA G 1087 -38.39 41.33 -52.11
N HIS G 1088 -38.97 40.65 -51.13
CA HIS G 1088 -39.12 41.18 -49.79
C HIS G 1088 -38.76 40.10 -48.79
N PHE G 1089 -38.16 40.52 -47.68
CA PHE G 1089 -37.87 39.59 -46.61
C PHE G 1089 -38.35 40.20 -45.30
N PRO G 1090 -38.80 39.37 -44.37
CA PRO G 1090 -39.33 39.89 -43.11
C PRO G 1090 -38.21 40.43 -42.26
N ARG G 1091 -38.52 41.43 -41.44
CA ARG G 1091 -37.50 41.98 -40.57
C ARG G 1091 -37.18 41.03 -39.44
N GLU G 1092 -38.15 40.75 -38.58
CA GLU G 1092 -37.93 39.88 -37.42
C GLU G 1092 -39.12 38.96 -37.19
N GLY G 1093 -39.61 38.35 -38.25
CA GLY G 1093 -40.65 37.35 -38.15
C GLY G 1093 -40.49 36.33 -39.26
N VAL G 1094 -41.44 35.40 -39.32
CA VAL G 1094 -41.49 34.45 -40.43
C VAL G 1094 -42.87 34.54 -41.07
N PHE G 1095 -42.89 34.59 -42.40
CA PHE G 1095 -44.13 34.92 -43.09
C PHE G 1095 -45.11 33.76 -43.00
N VAL G 1096 -46.24 33.96 -42.32
CA VAL G 1096 -47.25 32.94 -42.15
C VAL G 1096 -48.57 33.47 -42.68
N SER G 1097 -49.53 32.57 -42.84
CA SER G 1097 -50.88 32.98 -43.22
C SER G 1097 -51.86 31.88 -42.87
N ASN G 1098 -53.14 32.26 -42.82
CA ASN G 1098 -54.22 31.32 -42.58
C ASN G 1098 -55.00 30.99 -43.84
N GLY G 1099 -54.55 31.47 -45.00
CA GLY G 1099 -55.17 31.09 -46.24
C GLY G 1099 -55.51 32.21 -47.21
N THR G 1100 -55.95 33.36 -46.70
CA THR G 1100 -56.37 34.45 -47.57
C THR G 1100 -55.65 35.76 -47.29
N HIS G 1101 -55.24 35.98 -46.06
CA HIS G 1101 -54.44 37.15 -45.69
C HIS G 1101 -53.11 36.68 -45.12
N TRP G 1102 -52.04 37.35 -45.52
CA TRP G 1102 -50.72 37.00 -45.04
C TRP G 1102 -50.29 37.94 -43.91
N PHE G 1103 -49.48 37.41 -42.99
CA PHE G 1103 -49.04 38.14 -41.82
C PHE G 1103 -47.61 37.74 -41.51
N VAL G 1104 -46.95 38.57 -40.70
CA VAL G 1104 -45.63 38.28 -40.17
C VAL G 1104 -45.76 38.17 -38.67
N THR G 1105 -45.06 37.19 -38.10
CA THR G 1105 -45.10 37.00 -36.66
C THR G 1105 -43.73 36.66 -36.12
N GLN G 1106 -43.56 36.93 -34.84
CA GLN G 1106 -42.43 36.45 -34.08
C GLN G 1106 -42.57 34.95 -33.84
N ARG G 1107 -41.48 34.32 -33.42
CA ARG G 1107 -41.35 32.87 -33.51
C ARG G 1107 -41.54 32.16 -32.18
N ASN G 1108 -42.17 32.79 -31.20
CA ASN G 1108 -42.50 32.06 -29.98
C ASN G 1108 -43.85 32.47 -29.38
N PHE G 1109 -44.65 33.22 -30.13
CA PHE G 1109 -46.00 33.57 -29.71
C PHE G 1109 -46.77 34.11 -30.90
N TYR G 1110 -47.92 33.49 -31.20
CA TYR G 1110 -48.71 33.92 -32.35
C TYR G 1110 -49.21 35.35 -32.16
N GLU G 1111 -48.73 36.29 -32.97
CA GLU G 1111 -49.13 37.68 -32.85
C GLU G 1111 -48.99 38.33 -34.22
N PRO G 1112 -49.98 38.18 -35.08
CA PRO G 1112 -49.87 38.67 -36.45
C PRO G 1112 -50.05 40.18 -36.53
N GLN G 1113 -49.47 40.75 -37.58
CA GLN G 1113 -49.68 42.15 -37.95
C GLN G 1113 -49.72 42.28 -39.45
N ILE G 1114 -50.27 43.40 -39.92
CA ILE G 1114 -50.30 43.67 -41.35
C ILE G 1114 -48.89 44.02 -41.82
N ILE G 1115 -48.55 43.58 -43.02
CA ILE G 1115 -47.21 43.71 -43.56
C ILE G 1115 -47.12 45.04 -44.31
N THR G 1116 -46.21 45.92 -43.89
CA THR G 1116 -45.92 47.15 -44.61
C THR G 1116 -44.41 47.29 -44.75
N THR G 1117 -43.99 48.43 -45.30
CA THR G 1117 -42.56 48.63 -45.56
C THR G 1117 -41.74 48.62 -44.29
N ASP G 1118 -42.33 49.02 -43.17
CA ASP G 1118 -41.61 49.02 -41.90
C ASP G 1118 -41.23 47.61 -41.44
N ASN G 1119 -41.90 46.59 -41.98
CA ASN G 1119 -41.68 45.23 -41.53
C ASN G 1119 -40.80 44.41 -42.47
N THR G 1120 -40.48 44.93 -43.64
CA THR G 1120 -39.74 44.16 -44.64
C THR G 1120 -38.59 44.97 -45.20
N PHE G 1121 -37.59 44.25 -45.69
CA PHE G 1121 -36.51 44.88 -46.43
C PHE G 1121 -36.30 44.13 -47.74
N VAL G 1122 -35.90 44.86 -48.77
CA VAL G 1122 -35.89 44.33 -50.13
C VAL G 1122 -34.49 43.90 -50.51
N SER G 1123 -34.42 42.98 -51.47
CA SER G 1123 -33.13 42.53 -52.02
C SER G 1123 -33.38 41.90 -53.38
N GLY G 1124 -33.00 42.59 -54.45
CA GLY G 1124 -33.06 42.02 -55.79
C GLY G 1124 -34.47 41.93 -56.36
N ASN G 1125 -34.61 41.11 -57.40
CA ASN G 1125 -35.85 40.90 -58.12
C ASN G 1125 -36.42 39.53 -57.77
N CYS G 1126 -37.47 39.12 -58.51
CA CYS G 1126 -38.32 38.01 -58.14
C CYS G 1126 -38.16 36.79 -59.03
N ASP G 1127 -36.93 36.45 -59.43
CA ASP G 1127 -36.67 35.20 -60.15
C ASP G 1127 -35.43 34.51 -59.60
N VAL G 1128 -35.24 34.54 -58.29
CA VAL G 1128 -33.96 34.20 -57.70
C VAL G 1128 -34.06 33.00 -56.77
N VAL G 1129 -35.22 32.81 -56.13
CA VAL G 1129 -35.38 31.76 -55.14
C VAL G 1129 -36.78 31.18 -55.24
N ILE G 1130 -36.90 29.92 -54.82
CA ILE G 1130 -38.19 29.24 -54.81
C ILE G 1130 -38.97 29.63 -53.55
N GLY G 1131 -40.28 29.47 -53.61
CA GLY G 1131 -41.16 29.83 -52.51
C GLY G 1131 -41.80 31.18 -52.65
N ILE G 1132 -41.44 31.95 -53.67
CA ILE G 1132 -42.04 33.26 -53.88
C ILE G 1132 -43.55 33.12 -53.96
N VAL G 1133 -44.26 34.02 -53.29
CA VAL G 1133 -45.71 34.03 -53.27
C VAL G 1133 -46.18 35.43 -53.61
N ASN G 1134 -47.00 35.55 -54.64
CA ASN G 1134 -47.52 36.86 -55.03
C ASN G 1134 -48.39 37.41 -53.91
N ASN G 1135 -48.21 38.69 -53.62
CA ASN G 1135 -48.87 39.31 -52.49
C ASN G 1135 -48.88 40.82 -52.72
N THR G 1136 -49.51 41.54 -51.81
CA THR G 1136 -49.51 43.00 -51.84
C THR G 1136 -49.10 43.53 -50.47
N VAL G 1137 -48.32 44.61 -50.49
CA VAL G 1137 -47.83 45.25 -49.28
C VAL G 1137 -48.40 46.66 -49.24
N TYR G 1138 -49.20 46.96 -48.22
CA TYR G 1138 -49.75 48.30 -48.08
C TYR G 1138 -48.65 49.30 -47.75
N ASP G 1139 -48.74 50.48 -48.36
CA ASP G 1139 -47.77 51.54 -48.09
C ASP G 1139 -48.34 52.50 -47.06
N PRO G 1140 -47.72 52.64 -45.89
CA PRO G 1140 -48.22 53.56 -44.86
C PRO G 1140 -47.73 55.00 -44.99
N LEU G 1141 -47.14 55.38 -46.13
CA LEU G 1141 -46.49 56.68 -46.25
C LEU G 1141 -47.19 57.60 -47.23
N GLN G 1142 -47.34 57.20 -48.49
CA GLN G 1142 -47.82 58.13 -49.50
C GLN G 1142 -49.34 58.30 -49.55
N PRO G 1143 -50.16 57.24 -49.50
CA PRO G 1143 -51.60 57.45 -49.74
C PRO G 1143 -52.28 58.30 -48.68
N GLU G 1144 -51.67 58.45 -47.50
CA GLU G 1144 -52.32 59.17 -46.42
C GLU G 1144 -52.43 60.67 -46.72
N LEU G 1145 -51.39 61.24 -47.31
CA LEU G 1145 -51.32 62.70 -47.52
C LEU G 1145 -51.99 63.04 -48.85
N ASP G 1146 -53.20 63.60 -48.78
CA ASP G 1146 -53.87 64.07 -49.99
C ASP G 1146 -53.26 65.37 -50.49
N SER G 1147 -52.96 66.30 -49.59
CA SER G 1147 -52.44 67.60 -49.96
C SER G 1147 -50.98 67.51 -50.41
N GLN H 1 -56.82 -31.30 65.45
CA GLN H 1 -58.26 -31.09 65.56
C GLN H 1 -58.66 -29.67 65.17
N VAL H 2 -58.39 -29.31 63.92
CA VAL H 2 -58.80 -28.01 63.40
C VAL H 2 -60.29 -28.07 63.05
N GLN H 3 -61.05 -27.10 63.54
CA GLN H 3 -62.48 -27.04 63.29
C GLN H 3 -62.85 -25.66 62.77
N LEU H 4 -63.85 -25.61 61.89
CA LEU H 4 -64.26 -24.37 61.27
C LEU H 4 -65.73 -24.11 61.58
N GLN H 5 -66.02 -22.92 62.11
CA GLN H 5 -67.37 -22.59 62.58
C GLN H 5 -67.83 -21.32 61.87
N GLN H 6 -69.08 -21.31 61.45
CA GLN H 6 -69.55 -20.26 60.55
C GLN H 6 -70.43 -19.25 61.27
N SER H 7 -70.23 -17.98 60.96
CA SER H 7 -71.09 -16.89 61.41
C SER H 7 -71.70 -16.20 60.19
N GLY H 8 -73.02 -16.24 60.09
CA GLY H 8 -73.74 -15.65 58.99
C GLY H 8 -75.01 -14.95 59.44
N PRO H 9 -75.68 -14.26 58.53
CA PRO H 9 -76.94 -13.60 58.90
C PRO H 9 -78.13 -14.55 58.83
N GLY H 10 -78.00 -15.60 58.01
CA GLY H 10 -79.07 -16.58 57.85
C GLY H 10 -80.14 -16.15 56.87
N LEU H 11 -80.41 -14.86 56.80
CA LEU H 11 -81.43 -14.32 55.90
C LEU H 11 -80.92 -13.01 55.29
N VAL H 12 -81.19 -12.83 54.01
CA VAL H 12 -80.78 -11.63 53.27
C VAL H 12 -81.87 -11.27 52.28
N LYS H 13 -82.29 -10.00 52.29
CA LYS H 13 -83.33 -9.54 51.38
C LYS H 13 -82.84 -9.62 49.93
N PRO H 14 -83.75 -9.78 48.97
CA PRO H 14 -83.35 -9.82 47.57
C PRO H 14 -82.62 -8.53 47.16
N SER H 15 -81.59 -8.72 46.33
CA SER H 15 -80.79 -7.62 45.78
C SER H 15 -79.92 -6.94 46.83
N GLN H 16 -79.68 -7.60 47.95
CA GLN H 16 -78.76 -7.12 48.97
C GLN H 16 -77.51 -7.99 49.02
N THR H 17 -76.51 -7.52 49.74
CA THR H 17 -75.21 -8.19 49.79
C THR H 17 -75.17 -9.18 50.94
N LEU H 18 -75.00 -10.46 50.63
CA LEU H 18 -74.82 -11.49 51.65
C LEU H 18 -73.37 -11.50 52.13
N SER H 19 -73.19 -11.42 53.45
CA SER H 19 -71.87 -11.46 54.05
C SER H 19 -71.80 -12.67 54.98
N LEU H 20 -70.76 -13.49 54.80
CA LEU H 20 -70.54 -14.65 55.65
C LEU H 20 -69.11 -14.62 56.18
N THR H 21 -68.87 -15.32 57.28
CA THR H 21 -67.52 -15.42 57.83
C THR H 21 -67.32 -16.80 58.42
N CYS H 22 -66.12 -17.33 58.25
CA CYS H 22 -65.77 -18.65 58.78
C CYS H 22 -64.56 -18.51 59.69
N THR H 23 -64.77 -18.84 60.97
CA THR H 23 -63.75 -18.79 62.01
C THR H 23 -63.01 -20.11 62.05
N VAL H 24 -61.69 -20.07 61.90
CA VAL H 24 -60.85 -21.27 61.90
C VAL H 24 -60.22 -21.41 63.27
N ALA H 25 -60.33 -22.61 63.85
CA ALA H 25 -59.77 -22.89 65.16
C ALA H 25 -58.95 -24.17 65.09
N GLY H 26 -58.01 -24.30 66.03
CA GLY H 26 -57.05 -25.38 66.00
C GLY H 26 -55.79 -25.08 65.22
N GLY H 27 -55.63 -23.86 64.74
CA GLY H 27 -54.46 -23.47 63.97
C GLY H 27 -54.66 -22.17 63.23
N SER H 28 -53.56 -21.52 62.86
CA SER H 28 -53.62 -20.24 62.17
C SER H 28 -53.78 -20.44 60.68
N ILE H 29 -54.63 -19.60 60.06
CA ILE H 29 -54.83 -19.67 58.62
C ILE H 29 -53.64 -19.13 57.84
N SER H 30 -52.70 -18.46 58.50
CA SER H 30 -51.55 -17.89 57.81
C SER H 30 -50.55 -18.94 57.36
N SER H 31 -50.79 -20.22 57.65
CA SER H 31 -49.92 -21.27 57.15
C SER H 31 -50.08 -21.37 55.64
N GLY H 32 -48.96 -21.41 54.92
CA GLY H 32 -49.01 -21.48 53.47
C GLY H 32 -49.39 -22.82 52.89
N THR H 33 -49.68 -23.81 53.74
CA THR H 33 -49.99 -25.14 53.26
C THR H 33 -51.45 -25.31 52.85
N TYR H 34 -52.32 -24.34 53.13
CA TYR H 34 -53.75 -24.55 52.94
C TYR H 34 -54.33 -23.56 51.93
N TYR H 35 -55.39 -24.00 51.27
CA TYR H 35 -56.27 -23.20 50.45
C TYR H 35 -57.63 -23.15 51.11
N TRP H 36 -58.19 -21.97 51.33
CA TRP H 36 -59.44 -21.89 52.07
C TRP H 36 -60.55 -21.60 51.07
N SER H 37 -61.61 -22.41 51.10
CA SER H 37 -62.64 -22.29 50.09
C SER H 37 -64.03 -22.15 50.71
N TRP H 38 -64.89 -21.43 49.99
CA TRP H 38 -66.33 -21.51 50.16
C TRP H 38 -66.97 -22.42 49.12
N ILE H 39 -67.91 -23.25 49.59
CA ILE H 39 -68.66 -24.20 48.79
C ILE H 39 -70.13 -24.05 49.21
N ARG H 40 -71.06 -24.39 48.32
CA ARG H 40 -72.46 -24.34 48.70
C ARG H 40 -73.23 -25.53 48.13
N GLN H 41 -74.35 -25.84 48.78
CA GLN H 41 -75.24 -26.94 48.41
C GLN H 41 -76.70 -26.49 48.55
N PRO H 42 -77.44 -26.38 47.46
CA PRO H 42 -78.86 -26.05 47.56
C PRO H 42 -79.64 -27.18 48.20
N ALA H 43 -80.77 -26.81 48.82
CA ALA H 43 -81.63 -27.80 49.47
C ALA H 43 -82.08 -28.86 48.47
N GLY H 44 -81.62 -30.09 48.67
CA GLY H 44 -81.98 -31.21 47.82
C GLY H 44 -81.14 -31.37 46.58
N LYS H 45 -80.20 -30.47 46.33
CA LYS H 45 -79.35 -30.53 45.15
C LYS H 45 -77.96 -31.02 45.53
N GLY H 46 -77.10 -31.17 44.52
CA GLY H 46 -75.74 -31.61 44.73
C GLY H 46 -74.86 -30.48 45.26
N LEU H 47 -73.56 -30.74 45.22
CA LEU H 47 -72.57 -29.79 45.71
C LEU H 47 -71.97 -29.00 44.54
N GLU H 48 -71.82 -27.70 44.75
CA GLU H 48 -71.19 -26.80 43.78
C GLU H 48 -70.16 -25.95 44.49
N TRP H 49 -68.89 -26.10 44.09
CA TRP H 49 -67.81 -25.32 44.67
C TRP H 49 -67.89 -23.89 44.16
N ILE H 50 -67.72 -22.93 45.08
CA ILE H 50 -67.86 -21.52 44.76
C ILE H 50 -66.50 -20.88 44.50
N GLY H 51 -65.55 -21.09 45.41
CA GLY H 51 -64.24 -20.54 45.15
C GLY H 51 -63.27 -20.88 46.25
N ARG H 52 -62.00 -20.62 45.97
CA ARG H 52 -60.92 -20.71 46.94
C ARG H 52 -60.15 -19.39 47.02
N ILE H 53 -59.33 -19.32 48.06
CA ILE H 53 -58.37 -18.23 48.26
C ILE H 53 -57.13 -18.84 48.90
N TYR H 54 -55.97 -18.57 48.30
CA TYR H 54 -54.73 -18.95 48.97
C TYR H 54 -54.46 -18.00 50.13
N THR H 55 -53.70 -18.49 51.10
CA THR H 55 -53.40 -17.69 52.29
C THR H 55 -52.62 -16.42 51.96
N SER H 56 -51.99 -16.35 50.80
CA SER H 56 -51.26 -15.15 50.42
C SER H 56 -52.19 -14.03 49.98
N GLY H 57 -53.42 -14.36 49.60
CA GLY H 57 -54.37 -13.36 49.18
C GLY H 57 -54.98 -13.64 47.82
N SER H 58 -54.29 -14.47 47.02
CA SER H 58 -54.78 -14.82 45.70
C SER H 58 -56.12 -15.55 45.79
N ALA H 59 -57.08 -15.14 44.97
CA ALA H 59 -58.42 -15.69 45.00
C ALA H 59 -58.82 -16.23 43.64
N ASN H 60 -59.72 -17.21 43.65
CA ASN H 60 -60.20 -17.85 42.44
C ASN H 60 -61.63 -18.31 42.69
N TYR H 61 -62.47 -18.21 41.67
CA TYR H 61 -63.90 -18.43 41.82
C TYR H 61 -64.42 -19.25 40.64
N ASN H 62 -65.55 -19.91 40.87
CA ASN H 62 -66.30 -20.49 39.78
C ASN H 62 -66.65 -19.39 38.78
N PRO H 63 -66.32 -19.57 37.49
CA PRO H 63 -66.57 -18.48 36.53
C PRO H 63 -68.02 -18.04 36.47
N SER H 64 -68.98 -18.93 36.70
CA SER H 64 -70.38 -18.56 36.62
C SER H 64 -70.78 -17.53 37.67
N LEU H 65 -69.94 -17.33 38.68
CA LEU H 65 -70.25 -16.43 39.79
C LEU H 65 -69.10 -15.45 40.08
N LYS H 66 -68.04 -15.47 39.27
CA LYS H 66 -66.85 -14.68 39.56
C LYS H 66 -67.18 -13.20 39.75
N SER H 67 -68.14 -12.68 38.98
CA SER H 67 -68.45 -11.26 39.04
C SER H 67 -69.05 -10.87 40.38
N ARG H 68 -69.83 -11.74 41.00
CA ARG H 68 -70.60 -11.36 42.18
C ARG H 68 -69.98 -11.80 43.50
N VAL H 69 -69.04 -12.73 43.49
CA VAL H 69 -68.49 -13.31 44.71
C VAL H 69 -67.15 -12.67 45.02
N THR H 70 -66.86 -12.48 46.31
CA THR H 70 -65.58 -11.97 46.77
C THR H 70 -65.22 -12.69 48.04
N ILE H 71 -64.06 -13.37 48.04
CA ILE H 71 -63.55 -14.06 49.23
C ILE H 71 -62.30 -13.34 49.72
N SER H 72 -62.25 -13.11 51.02
CA SER H 72 -61.12 -12.43 51.66
C SER H 72 -60.65 -13.24 52.85
N VAL H 73 -59.40 -13.02 53.25
CA VAL H 73 -58.81 -13.67 54.41
C VAL H 73 -58.27 -12.64 55.39
N ASP H 74 -58.33 -12.98 56.68
CA ASP H 74 -57.83 -12.15 57.77
C ASP H 74 -57.04 -13.09 58.67
N THR H 75 -55.73 -13.17 58.43
CA THR H 75 -54.85 -14.06 59.18
C THR H 75 -54.52 -13.51 60.56
N SER H 76 -54.56 -12.19 60.73
CA SER H 76 -54.31 -11.59 62.04
C SER H 76 -55.41 -11.92 63.03
N LYS H 77 -56.53 -12.43 62.54
CA LYS H 77 -57.68 -12.81 63.35
C LYS H 77 -58.18 -14.20 62.97
N ASN H 78 -57.53 -14.84 61.98
CA ASN H 78 -57.74 -16.26 61.65
C ASN H 78 -59.16 -16.56 61.22
N GLN H 79 -59.76 -15.66 60.44
CA GLN H 79 -61.05 -15.92 59.82
C GLN H 79 -60.96 -15.62 58.33
N PHE H 80 -61.89 -16.15 57.56
CA PHE H 80 -62.04 -15.65 56.20
C PHE H 80 -63.50 -15.43 55.87
N SER H 81 -63.76 -14.51 54.94
CA SER H 81 -65.11 -14.02 54.73
C SER H 81 -65.50 -14.12 53.26
N LEU H 82 -66.82 -14.17 53.06
CA LEU H 82 -67.45 -14.23 51.75
C LEU H 82 -68.40 -13.05 51.62
N ARG H 83 -68.44 -12.46 50.42
CA ARG H 83 -69.43 -11.45 50.08
C ARG H 83 -70.02 -11.80 48.74
N LEU H 84 -71.32 -12.08 48.71
CA LEU H 84 -72.03 -12.45 47.50
C LEU H 84 -73.11 -11.42 47.24
N SER H 85 -73.00 -10.70 46.12
CA SER H 85 -73.93 -9.64 45.80
C SER H 85 -75.03 -10.15 44.87
N SER H 86 -76.05 -9.32 44.67
CA SER H 86 -77.18 -9.61 43.81
C SER H 86 -77.79 -10.98 44.10
N VAL H 87 -78.13 -11.18 45.37
CA VAL H 87 -78.66 -12.47 45.80
C VAL H 87 -79.97 -12.76 45.09
N THR H 88 -80.15 -14.02 44.68
CA THR H 88 -81.31 -14.45 43.94
C THR H 88 -81.93 -15.66 44.62
N ALA H 89 -83.06 -16.13 44.07
CA ALA H 89 -83.78 -17.24 44.66
C ALA H 89 -82.97 -18.53 44.68
N GLU H 90 -81.98 -18.67 43.79
CA GLU H 90 -81.13 -19.84 43.77
C GLU H 90 -79.99 -19.76 44.78
N ASP H 91 -79.83 -18.63 45.46
CA ASP H 91 -78.77 -18.47 46.45
C ASP H 91 -79.13 -19.08 47.80
N THR H 92 -80.35 -19.58 47.95
CA THR H 92 -80.73 -20.29 49.17
C THR H 92 -80.04 -21.65 49.17
N ALA H 93 -79.16 -21.87 50.16
CA ALA H 93 -78.36 -23.08 50.20
C ALA H 93 -77.64 -23.13 51.54
N VAL H 94 -77.04 -24.28 51.84
CA VAL H 94 -76.09 -24.34 52.95
C VAL H 94 -74.70 -24.02 52.41
N TYR H 95 -74.01 -23.11 53.08
CA TYR H 95 -72.69 -22.66 52.66
C TYR H 95 -71.64 -23.19 53.64
N TYR H 96 -70.70 -23.98 53.12
CA TYR H 96 -69.64 -24.58 53.92
C TYR H 96 -68.35 -23.84 53.66
N CYS H 97 -67.53 -23.70 54.70
CA CYS H 97 -66.14 -23.30 54.50
C CYS H 97 -65.24 -24.50 54.78
N ALA H 98 -64.14 -24.57 54.03
CA ALA H 98 -63.31 -25.78 54.11
C ALA H 98 -61.85 -25.45 53.85
N ARG H 99 -60.95 -26.26 54.43
CA ARG H 99 -59.53 -26.17 54.10
C ARG H 99 -59.14 -27.28 53.14
N GLU H 100 -58.38 -26.91 52.12
CA GLU H 100 -57.74 -27.74 51.11
C GLU H 100 -56.24 -27.82 51.39
N TYR H 101 -55.67 -29.02 51.23
CA TYR H 101 -54.23 -29.17 51.38
C TYR H 101 -53.67 -29.88 50.16
N SER H 102 -52.48 -29.45 49.75
CA SER H 102 -51.85 -29.93 48.54
C SER H 102 -50.34 -29.93 48.71
N SER H 103 -49.67 -30.78 47.93
CA SER H 103 -48.22 -30.79 47.84
C SER H 103 -47.78 -30.36 46.46
N SER H 104 -46.50 -30.00 46.34
CA SER H 104 -45.96 -29.51 45.09
C SER H 104 -45.33 -30.64 44.27
N TYR H 105 -44.62 -31.54 44.95
CA TYR H 105 -44.09 -32.72 44.26
C TYR H 105 -45.20 -33.53 43.63
N TYR H 106 -46.37 -33.53 44.27
CA TYR H 106 -47.55 -34.22 43.76
C TYR H 106 -48.73 -33.28 43.94
N TYR H 107 -49.17 -32.66 42.84
CA TYR H 107 -50.23 -31.66 42.88
C TYR H 107 -51.62 -32.30 42.91
N PHE H 108 -51.86 -33.10 43.96
CA PHE H 108 -53.21 -33.58 44.24
C PHE H 108 -53.87 -32.52 45.11
N TYR H 109 -55.20 -32.46 45.05
CA TYR H 109 -55.95 -31.39 45.73
C TYR H 109 -57.26 -31.95 46.26
N TYR H 110 -57.51 -31.78 47.56
CA TYR H 110 -58.62 -32.46 48.22
C TYR H 110 -59.05 -31.68 49.45
N MET H 111 -60.29 -31.89 49.88
CA MET H 111 -60.86 -31.17 51.03
C MET H 111 -60.71 -32.01 52.28
N ASP H 112 -59.72 -31.72 53.12
CA ASP H 112 -59.45 -32.67 54.20
C ASP H 112 -60.19 -32.29 55.48
N VAL H 113 -60.69 -31.05 55.56
CA VAL H 113 -61.53 -30.59 56.67
C VAL H 113 -62.63 -29.68 56.14
N TRP H 114 -63.82 -29.81 56.70
CA TRP H 114 -65.00 -29.06 56.29
C TRP H 114 -65.61 -28.34 57.48
N GLY H 115 -66.30 -27.24 57.19
CA GLY H 115 -67.09 -26.55 58.18
C GLY H 115 -68.45 -27.19 58.37
N LYS H 116 -69.28 -26.52 59.19
CA LYS H 116 -70.61 -27.03 59.50
C LYS H 116 -71.67 -26.53 58.51
N GLY H 117 -71.44 -25.41 57.86
CA GLY H 117 -72.40 -24.86 56.93
C GLY H 117 -73.33 -23.84 57.58
N THR H 118 -73.93 -23.01 56.73
CA THR H 118 -74.89 -22.01 57.19
C THR H 118 -75.96 -21.80 56.13
N THR H 119 -77.22 -21.82 56.55
CA THR H 119 -78.32 -21.73 55.61
C THR H 119 -78.53 -20.27 55.22
N VAL H 120 -78.48 -19.99 53.92
CA VAL H 120 -78.77 -18.67 53.38
C VAL H 120 -80.09 -18.76 52.61
N THR H 121 -81.05 -17.93 53.00
CA THR H 121 -82.33 -17.81 52.32
C THR H 121 -82.47 -16.40 51.79
N VAL H 122 -82.99 -16.27 50.57
CA VAL H 122 -83.18 -14.98 49.92
C VAL H 122 -84.68 -14.73 49.81
N SER H 123 -85.20 -13.88 50.70
CA SER H 123 -86.62 -13.56 50.71
C SER H 123 -86.80 -12.14 51.23
N SER H 124 -87.93 -11.55 50.88
CA SER H 124 -88.26 -10.20 51.35
C SER H 124 -88.88 -10.23 52.75
N ALA I 1 -66.70 -26.91 31.75
CA ALA I 1 -66.35 -27.70 32.92
C ALA I 1 -66.48 -29.19 32.63
N ILE I 2 -65.74 -30.00 33.39
CA ILE I 2 -65.80 -31.45 33.25
C ILE I 2 -67.04 -31.96 33.98
N ARG I 3 -67.88 -32.71 33.27
CA ARG I 3 -69.03 -33.35 33.87
C ARG I 3 -68.62 -34.70 34.44
N MET I 4 -69.21 -35.07 35.57
CA MET I 4 -69.01 -36.37 36.17
C MET I 4 -70.35 -37.09 36.24
N THR I 5 -70.36 -38.33 35.76
CA THR I 5 -71.58 -39.13 35.68
C THR I 5 -71.36 -40.44 36.42
N GLN I 6 -72.20 -40.71 37.40
CA GLN I 6 -72.10 -41.94 38.17
C GLN I 6 -73.18 -42.87 37.63
N SER I 7 -72.88 -44.16 37.55
CA SER I 7 -73.88 -45.11 37.08
C SER I 7 -75.13 -45.17 37.96
N PRO I 8 -75.03 -45.39 39.27
CA PRO I 8 -76.24 -45.31 40.10
C PRO I 8 -76.43 -43.93 40.72
N SER I 9 -77.68 -43.47 40.70
CA SER I 9 -78.10 -42.32 41.48
C SER I 9 -78.70 -42.71 42.82
N SER I 10 -79.25 -43.91 42.93
CA SER I 10 -79.86 -44.42 44.15
C SER I 10 -79.72 -45.94 44.12
N LEU I 11 -79.53 -46.54 45.29
CA LEU I 11 -79.50 -47.99 45.36
C LEU I 11 -79.87 -48.45 46.76
N SER I 12 -80.46 -49.65 46.82
CA SER I 12 -80.78 -50.33 48.06
C SER I 12 -80.00 -51.63 48.11
N ALA I 13 -79.31 -51.87 49.22
CA ALA I 13 -78.53 -53.09 49.39
C ALA I 13 -78.69 -53.60 50.81
N SER I 14 -78.25 -54.83 51.04
CA SER I 14 -78.36 -55.48 52.33
C SER I 14 -77.03 -55.44 53.07
N VAL I 15 -77.10 -55.71 54.37
CA VAL I 15 -75.89 -55.68 55.20
C VAL I 15 -74.98 -56.84 54.84
N GLY I 16 -73.72 -56.53 54.55
CA GLY I 16 -72.70 -57.53 54.27
C GLY I 16 -72.36 -57.72 52.81
N ASP I 17 -73.15 -57.19 51.88
CA ASP I 17 -72.82 -57.35 50.48
C ASP I 17 -71.75 -56.35 50.05
N ARG I 18 -71.08 -56.67 48.95
CA ARG I 18 -70.11 -55.78 48.33
C ARG I 18 -70.81 -54.92 47.28
N VAL I 19 -70.75 -53.59 47.45
CA VAL I 19 -71.39 -52.64 46.55
C VAL I 19 -70.31 -51.87 45.81
N THR I 20 -70.50 -51.70 44.50
CA THR I 20 -69.55 -50.96 43.67
C THR I 20 -70.29 -49.90 42.87
N ILE I 21 -69.77 -48.67 42.92
CA ILE I 21 -70.31 -47.53 42.19
C ILE I 21 -69.23 -47.01 41.26
N THR I 22 -69.59 -46.74 40.01
CA THR I 22 -68.64 -46.20 39.06
C THR I 22 -68.89 -44.71 38.80
N CYS I 23 -67.82 -44.02 38.42
CA CYS I 23 -67.85 -42.62 38.03
C CYS I 23 -67.03 -42.46 36.76
N GLN I 24 -67.57 -41.71 35.80
CA GLN I 24 -66.92 -41.46 34.52
C GLN I 24 -66.99 -39.98 34.20
N ALA I 25 -65.83 -39.38 33.96
CA ALA I 25 -65.71 -37.96 33.65
C ALA I 25 -65.66 -37.75 32.14
N SER I 26 -66.05 -36.55 31.70
CA SER I 26 -66.16 -36.26 30.27
C SER I 26 -64.83 -36.37 29.53
N GLN I 27 -63.70 -36.30 30.23
CA GLN I 27 -62.41 -36.42 29.56
C GLN I 27 -61.41 -37.03 30.53
N ASP I 28 -60.28 -37.46 29.97
CA ASP I 28 -59.22 -38.05 30.79
C ASP I 28 -58.79 -37.08 31.87
N ILE I 29 -58.91 -37.51 33.12
CA ILE I 29 -58.50 -36.73 34.28
C ILE I 29 -57.39 -37.44 35.04
N SER I 30 -56.76 -38.43 34.40
CA SER I 30 -55.72 -39.24 35.00
C SER I 30 -56.25 -39.92 36.26
N ASN I 31 -55.68 -39.57 37.40
CA ASN I 31 -56.11 -40.10 38.69
C ASN I 31 -56.59 -39.00 39.62
N TYR I 32 -56.86 -37.80 39.07
CA TYR I 32 -57.31 -36.65 39.86
C TYR I 32 -58.79 -36.80 40.17
N LEU I 33 -59.10 -37.82 40.97
CA LEU I 33 -60.47 -38.12 41.34
C LEU I 33 -60.54 -38.34 42.84
N ASN I 34 -61.45 -37.63 43.49
CA ASN I 34 -61.62 -37.64 44.93
C ASN I 34 -63.03 -38.14 45.24
N TRP I 35 -63.20 -38.75 46.41
CA TRP I 35 -64.49 -39.31 46.85
C TRP I 35 -64.90 -38.74 48.18
N TYR I 36 -66.14 -38.25 48.23
CA TYR I 36 -66.81 -37.62 49.37
C TYR I 36 -68.04 -38.40 49.80
N GLN I 37 -68.31 -38.34 51.11
CA GLN I 37 -69.46 -38.94 51.77
C GLN I 37 -70.30 -37.85 52.38
N GLN I 38 -71.60 -37.90 52.11
CA GLN I 38 -72.58 -36.97 52.66
C GLN I 38 -73.61 -37.77 53.44
N LYS I 39 -73.49 -37.71 54.77
CA LYS I 39 -74.43 -38.34 55.67
C LYS I 39 -75.70 -37.51 55.80
N PRO I 40 -76.82 -38.14 56.13
CA PRO I 40 -78.07 -37.37 56.34
C PRO I 40 -77.89 -36.34 57.46
N GLY I 41 -78.19 -35.08 57.14
CA GLY I 41 -78.09 -34.03 58.13
C GLY I 41 -76.69 -33.68 58.59
N LYS I 42 -75.67 -34.10 57.86
CA LYS I 42 -74.28 -33.88 58.24
C LYS I 42 -73.59 -32.99 57.21
N ALA I 43 -72.34 -32.62 57.52
CA ALA I 43 -71.50 -31.94 56.57
C ALA I 43 -70.86 -32.96 55.62
N PRO I 44 -70.52 -32.54 54.40
CA PRO I 44 -69.81 -33.46 53.49
C PRO I 44 -68.47 -33.87 54.10
N LYS I 45 -68.12 -35.14 53.90
CA LYS I 45 -66.94 -35.74 54.54
C LYS I 45 -66.09 -36.44 53.50
N LEU I 46 -64.79 -36.16 53.51
CA LEU I 46 -63.84 -36.75 52.57
C LEU I 46 -63.59 -38.20 52.96
N LEU I 47 -63.67 -39.09 51.97
CA LEU I 47 -63.42 -40.50 52.25
C LEU I 47 -62.15 -40.96 51.55
N ILE I 48 -62.06 -40.70 50.25
CA ILE I 48 -60.93 -41.18 49.46
C ILE I 48 -60.36 -39.99 48.70
N TYR I 49 -59.40 -39.29 49.32
CA TYR I 49 -58.74 -38.18 48.63
C TYR I 49 -58.00 -38.66 47.39
N VAL I 50 -57.33 -39.80 47.50
CA VAL I 50 -56.75 -40.48 46.35
C VAL I 50 -57.08 -41.96 46.47
N ALA I 51 -57.38 -42.58 45.33
CA ALA I 51 -57.82 -43.98 45.33
C ALA I 51 -56.85 -44.88 46.08
N SER I 52 -55.56 -44.54 46.04
CA SER I 52 -54.53 -45.40 46.61
C SER I 52 -54.69 -45.55 48.12
N ASN I 53 -54.98 -44.44 48.82
CA ASN I 53 -54.98 -44.44 50.28
C ASN I 53 -56.36 -44.08 50.82
N LEU I 54 -56.53 -44.28 52.12
CA LEU I 54 -57.76 -43.92 52.80
C LEU I 54 -57.51 -42.80 53.81
N GLU I 55 -58.43 -41.85 53.88
CA GLU I 55 -58.33 -40.73 54.80
C GLU I 55 -58.53 -41.19 56.24
N THR I 56 -58.02 -40.37 57.17
CA THR I 56 -58.20 -40.62 58.59
C THR I 56 -59.68 -40.77 58.95
N GLY I 57 -59.97 -41.77 59.79
CA GLY I 57 -61.33 -42.01 60.24
C GLY I 57 -62.25 -42.63 59.22
N VAL I 58 -61.75 -42.95 58.05
CA VAL I 58 -62.54 -43.58 56.98
C VAL I 58 -62.52 -45.08 57.21
N PRO I 59 -63.68 -45.73 57.28
CA PRO I 59 -63.69 -47.19 57.48
C PRO I 59 -62.92 -47.92 56.37
N SER I 60 -62.23 -48.98 56.77
CA SER I 60 -61.40 -49.75 55.86
C SER I 60 -62.19 -50.40 54.73
N ARG I 61 -63.51 -50.51 54.87
CA ARG I 61 -64.31 -51.21 53.87
C ARG I 61 -64.36 -50.42 52.56
N PHE I 62 -63.91 -49.17 52.57
CA PHE I 62 -63.93 -48.37 51.35
C PHE I 62 -62.61 -48.52 50.60
N SER I 63 -62.73 -48.78 49.30
CA SER I 63 -61.57 -48.93 48.43
C SER I 63 -61.92 -48.37 47.05
N GLY I 64 -60.90 -48.07 46.26
CA GLY I 64 -61.09 -47.54 44.91
C GLY I 64 -60.11 -48.15 43.93
N SER I 65 -60.55 -48.26 42.68
CA SER I 65 -59.76 -48.80 41.59
C SER I 65 -60.24 -48.16 40.28
N GLY I 66 -59.55 -48.48 39.20
CA GLY I 66 -59.90 -47.95 37.90
C GLY I 66 -58.88 -46.97 37.37
N PHE I 67 -59.15 -46.49 36.15
CA PHE I 67 -58.13 -45.88 35.31
C PHE I 67 -58.73 -44.79 34.44
N GLY I 68 -57.88 -43.86 34.00
CA GLY I 68 -58.27 -42.91 32.97
C GLY I 68 -59.50 -42.11 33.34
N THR I 69 -60.60 -42.40 32.65
CA THR I 69 -61.83 -41.64 32.86
C THR I 69 -62.83 -42.38 33.73
N ASP I 70 -62.66 -43.69 33.88
CA ASP I 70 -63.62 -44.50 34.62
C ASP I 70 -62.98 -45.04 35.90
N PHE I 71 -63.69 -44.86 37.01
CA PHE I 71 -63.21 -45.19 38.35
C PHE I 71 -64.33 -45.87 39.12
N THR I 72 -63.93 -46.76 40.01
CA THR I 72 -64.86 -47.57 40.79
C THR I 72 -64.53 -47.40 42.26
N PHE I 73 -65.58 -47.23 43.06
CA PHE I 73 -65.51 -47.19 44.52
C PHE I 73 -66.28 -48.39 45.02
N THR I 74 -65.65 -49.18 45.88
CA THR I 74 -66.26 -50.40 46.41
C THR I 74 -66.27 -50.41 47.93
N ILE I 75 -67.38 -50.91 48.47
CA ILE I 75 -67.53 -51.23 49.89
C ILE I 75 -67.65 -52.75 49.98
N SER I 76 -66.63 -53.39 50.53
CA SER I 76 -66.57 -54.85 50.56
C SER I 76 -67.69 -55.46 51.40
N SER I 77 -68.13 -54.76 52.44
CA SER I 77 -69.20 -55.26 53.30
C SER I 77 -69.98 -54.08 53.84
N LEU I 78 -71.18 -53.87 53.31
CA LEU I 78 -72.03 -52.77 53.73
C LEU I 78 -72.56 -52.97 55.14
N GLN I 79 -72.64 -51.87 55.88
CA GLN I 79 -73.18 -51.80 57.23
C GLN I 79 -74.28 -50.76 57.22
N PRO I 80 -75.23 -50.84 58.17
CA PRO I 80 -76.33 -49.86 58.18
C PRO I 80 -75.86 -48.42 58.25
N GLU I 81 -74.73 -48.13 58.91
CA GLU I 81 -74.22 -46.77 59.01
C GLU I 81 -73.70 -46.23 57.68
N ASP I 82 -73.58 -47.06 56.65
CA ASP I 82 -73.11 -46.61 55.35
C ASP I 82 -74.19 -45.96 54.49
N ILE I 83 -75.43 -45.87 54.95
CA ILE I 83 -76.45 -45.15 54.18
C ILE I 83 -76.01 -43.69 54.04
N ALA I 84 -75.77 -43.26 52.81
CA ALA I 84 -75.26 -41.91 52.58
C ALA I 84 -75.19 -41.61 51.10
N THR I 85 -74.77 -40.41 50.72
CA THR I 85 -74.61 -40.07 49.31
C THR I 85 -73.13 -39.91 49.01
N TYR I 86 -72.65 -40.64 48.00
CA TYR I 86 -71.24 -40.65 47.63
C TYR I 86 -71.07 -39.82 46.36
N TYR I 87 -70.12 -38.90 46.39
CA TYR I 87 -69.84 -38.04 45.24
C TYR I 87 -68.39 -38.18 44.80
N CYS I 88 -68.19 -38.29 43.50
CA CYS I 88 -66.85 -38.21 42.93
C CYS I 88 -66.62 -36.78 42.49
N GLN I 89 -65.36 -36.36 42.44
CA GLN I 89 -65.00 -35.00 42.08
C GLN I 89 -63.64 -34.93 41.41
N GLN I 90 -63.58 -34.32 40.23
CA GLN I 90 -62.33 -34.13 39.51
C GLN I 90 -61.74 -32.79 39.93
N PHE I 91 -60.43 -32.65 39.78
CA PHE I 91 -59.83 -31.33 39.83
C PHE I 91 -58.91 -31.10 38.63
N ASP I 92 -59.19 -31.79 37.52
CA ASP I 92 -58.38 -31.61 36.32
C ASP I 92 -58.69 -30.27 35.67
N ASN I 93 -59.98 -29.94 35.54
CA ASN I 93 -60.36 -28.60 35.11
C ASN I 93 -60.20 -27.63 36.28
N LEU I 94 -60.21 -26.34 35.97
CA LEU I 94 -60.00 -25.34 37.02
C LEU I 94 -61.01 -25.41 38.17
N PRO I 95 -62.32 -25.62 37.94
CA PRO I 95 -63.23 -25.71 39.09
C PRO I 95 -63.11 -27.06 39.76
N TYR I 96 -63.24 -27.06 41.09
CA TYR I 96 -63.29 -28.31 41.86
C TYR I 96 -64.71 -28.84 41.77
N THR I 97 -65.08 -29.31 40.58
CA THR I 97 -66.44 -29.76 40.31
C THR I 97 -66.72 -31.11 40.96
N PHE I 98 -67.98 -31.31 41.33
CA PHE I 98 -68.43 -32.52 41.98
C PHE I 98 -69.45 -33.23 41.10
N GLY I 99 -69.60 -34.54 41.34
CA GLY I 99 -70.58 -35.35 40.64
C GLY I 99 -72.00 -35.08 41.10
N GLN I 100 -72.94 -35.81 40.51
CA GLN I 100 -74.35 -35.68 40.86
C GLN I 100 -74.74 -36.46 42.11
N GLY I 101 -73.90 -37.37 42.58
CA GLY I 101 -74.15 -38.10 43.79
C GLY I 101 -74.80 -39.45 43.55
N THR I 102 -74.52 -40.39 44.45
CA THR I 102 -75.12 -41.72 44.45
C THR I 102 -75.63 -42.01 45.86
N LYS I 103 -76.94 -42.15 46.01
CA LYS I 103 -77.50 -42.46 47.32
C LYS I 103 -77.48 -43.97 47.58
N LEU I 104 -76.71 -44.37 48.58
CA LEU I 104 -76.55 -45.77 49.00
C LEU I 104 -77.42 -46.04 50.23
N GLU I 105 -78.41 -46.89 50.07
CA GLU I 105 -79.35 -47.25 51.13
C GLU I 105 -79.11 -48.70 51.57
N ILE I 106 -79.47 -48.99 52.81
CA ILE I 106 -79.25 -50.29 53.43
C ILE I 106 -80.60 -50.97 53.63
N LYS I 107 -80.71 -52.21 53.17
CA LYS I 107 -81.89 -53.03 53.40
C LYS I 107 -81.73 -53.83 54.69
#